data_2PON
#
_entry.id   2PON
#
loop_
_entity.id
_entity.type
_entity.pdbx_description
1 polymer Beclin-1
2 polymer 'Apoptosis regulator Bcl-X'
#
loop_
_entity_poly.entity_id
_entity_poly.type
_entity_poly.pdbx_seq_one_letter_code
_entity_poly.pdbx_strand_id
1 'polypeptide(L)' GGTMENLSRRLKVTGDLFDIMSG A
2 'polypeptide(L)'
;MSQSNRELVVDFLSYKLSQKGYSWSQFSDVEENRTEAPEGTESEAVKQALREAGDEFELRYRRAFSDLTSQLHITPGTAY
QSFEQVVNELFRDGVNWGRIVAFFSFGGALCVESVDKEMQVLVSRIAAWMATYLNDHLEPWIQENGGWDTFVELYG
;
B
#
# COMPACT_ATOMS: atom_id res chain seq x y z
N GLY A 1 -18.43 -1.54 -10.24
CA GLY A 1 -19.33 -0.96 -9.26
C GLY A 1 -19.34 -1.72 -7.95
N GLY A 2 -19.57 -3.03 -8.03
CA GLY A 2 -19.60 -3.85 -6.84
C GLY A 2 -18.31 -4.63 -6.63
N THR A 3 -17.18 -3.95 -6.84
CA THR A 3 -15.88 -4.60 -6.69
C THR A 3 -15.01 -3.82 -5.71
N MET A 4 -14.86 -2.52 -5.97
CA MET A 4 -14.04 -1.66 -5.13
C MET A 4 -14.65 -1.50 -3.74
N GLU A 5 -15.95 -1.26 -3.68
CA GLU A 5 -16.64 -1.09 -2.41
C GLU A 5 -16.44 -2.30 -1.51
N ASN A 6 -16.71 -3.48 -2.06
CA ASN A 6 -16.54 -4.72 -1.31
C ASN A 6 -15.09 -4.89 -0.90
N LEU A 7 -14.18 -4.56 -1.81
CA LEU A 7 -12.75 -4.66 -1.54
C LEU A 7 -12.38 -3.86 -0.30
N SER A 8 -12.72 -2.57 -0.32
CA SER A 8 -12.42 -1.68 0.80
C SER A 8 -12.93 -2.27 2.11
N ARG A 9 -14.13 -2.83 2.08
CA ARG A 9 -14.72 -3.43 3.27
C ARG A 9 -13.80 -4.50 3.85
N ARG A 10 -13.27 -5.36 2.98
CA ARG A 10 -12.37 -6.44 3.40
C ARG A 10 -11.08 -5.87 3.99
N LEU A 11 -10.56 -4.81 3.38
CA LEU A 11 -9.33 -4.20 3.86
C LEU A 11 -9.59 -3.51 5.19
N LYS A 12 -10.80 -2.97 5.34
CA LYS A 12 -11.18 -2.27 6.57
C LYS A 12 -11.11 -3.20 7.77
N VAL A 13 -11.80 -4.33 7.70
CA VAL A 13 -11.81 -5.29 8.78
C VAL A 13 -10.39 -5.77 9.10
N THR A 14 -9.64 -6.11 8.06
CA THR A 14 -8.26 -6.55 8.24
C THR A 14 -7.47 -5.48 9.00
N GLY A 15 -7.86 -4.23 8.80
CA GLY A 15 -7.19 -3.13 9.47
C GLY A 15 -7.43 -3.16 10.97
N ASP A 16 -8.70 -3.28 11.35
CA ASP A 16 -9.08 -3.33 12.76
C ASP A 16 -8.28 -4.41 13.49
N LEU A 17 -8.11 -5.56 12.83
CA LEU A 17 -7.37 -6.67 13.40
C LEU A 17 -5.87 -6.37 13.41
N PHE A 18 -5.41 -5.58 12.44
CA PHE A 18 -4.00 -5.23 12.34
C PHE A 18 -3.83 -3.71 12.36
N ASP A 19 -4.20 -3.09 13.46
CA ASP A 19 -4.09 -1.65 13.61
C ASP A 19 -3.32 -1.29 14.87
N ILE A 20 -4.01 -1.32 16.01
CA ILE A 20 -3.38 -1.00 17.29
C ILE A 20 -2.81 0.42 17.29
N MET A 21 -2.57 0.96 18.48
CA MET A 21 -2.03 2.30 18.60
C MET A 21 -0.51 2.25 18.75
N SER A 22 -0.05 1.80 19.90
CA SER A 22 1.39 1.70 20.16
C SER A 22 1.68 0.62 21.20
N GLY A 23 2.49 -0.35 20.81
CA GLY A 23 2.84 -1.43 21.71
C GLY A 23 1.66 -2.35 21.99
N MET B 1 12.11 11.35 11.55
CA MET B 1 10.67 11.34 11.38
C MET B 1 10.27 11.91 10.02
N SER B 2 9.82 11.03 9.13
CA SER B 2 9.40 11.46 7.79
C SER B 2 10.57 12.07 7.03
N GLN B 3 11.09 11.35 6.05
CA GLN B 3 12.20 11.82 5.24
C GLN B 3 11.90 11.64 3.76
N SER B 4 11.41 10.46 3.40
CA SER B 4 11.07 10.14 2.02
C SER B 4 10.03 9.05 1.96
N ASN B 5 8.81 9.39 2.36
CA ASN B 5 7.70 8.43 2.38
C ASN B 5 7.56 7.73 1.03
N ARG B 6 7.95 8.42 -0.04
CA ARG B 6 7.87 7.85 -1.38
C ARG B 6 8.70 6.58 -1.47
N GLU B 7 9.86 6.60 -0.85
CA GLU B 7 10.75 5.44 -0.86
C GLU B 7 10.02 4.24 -0.25
N LEU B 8 9.15 4.53 0.71
CA LEU B 8 8.35 3.49 1.36
C LEU B 8 7.29 2.99 0.41
N VAL B 9 6.77 3.90 -0.42
CA VAL B 9 5.75 3.54 -1.39
C VAL B 9 6.35 2.70 -2.51
N VAL B 10 7.50 3.14 -3.01
CA VAL B 10 8.19 2.44 -4.08
C VAL B 10 8.69 1.07 -3.61
N ASP B 11 9.13 1.01 -2.36
CA ASP B 11 9.64 -0.24 -1.80
C ASP B 11 8.55 -1.30 -1.68
N PHE B 12 7.53 -1.01 -0.88
CA PHE B 12 6.44 -1.96 -0.69
C PHE B 12 5.86 -2.41 -2.03
N LEU B 13 5.55 -1.46 -2.89
CA LEU B 13 4.99 -1.76 -4.20
C LEU B 13 5.95 -2.63 -5.01
N SER B 14 7.24 -2.32 -4.93
CA SER B 14 8.26 -3.07 -5.66
C SER B 14 8.44 -4.47 -5.08
N TYR B 15 8.32 -4.59 -3.77
CA TYR B 15 8.48 -5.88 -3.11
C TYR B 15 7.32 -6.81 -3.45
N LYS B 16 6.10 -6.37 -3.17
CA LYS B 16 4.92 -7.17 -3.45
C LYS B 16 4.91 -7.62 -4.91
N LEU B 17 5.08 -6.66 -5.81
CA LEU B 17 5.11 -6.96 -7.23
C LEU B 17 6.24 -7.94 -7.54
N SER B 18 7.32 -7.85 -6.78
CA SER B 18 8.46 -8.75 -6.96
C SER B 18 8.11 -10.16 -6.50
N GLN B 19 7.14 -10.26 -5.60
CA GLN B 19 6.70 -11.55 -5.08
C GLN B 19 5.75 -12.20 -6.09
N LYS B 20 5.02 -11.38 -6.84
CA LYS B 20 4.08 -11.90 -7.83
C LYS B 20 4.85 -12.31 -9.08
N GLY B 21 5.99 -11.68 -9.29
CA GLY B 21 6.81 -11.98 -10.45
C GLY B 21 6.98 -10.77 -11.36
N TYR B 22 6.80 -9.58 -10.80
CA TYR B 22 6.93 -8.36 -11.57
C TYR B 22 8.09 -7.50 -11.07
N SER B 23 8.68 -6.72 -11.96
CA SER B 23 9.80 -5.85 -11.59
C SER B 23 9.36 -4.40 -11.54
N TRP B 24 9.70 -3.72 -10.44
CA TRP B 24 9.34 -2.32 -10.26
C TRP B 24 10.04 -1.43 -11.28
N SER B 25 11.37 -1.33 -11.16
CA SER B 25 12.17 -0.51 -12.05
C SER B 25 11.89 -0.83 -13.53
N GLN B 26 11.36 -2.02 -13.79
CA GLN B 26 11.06 -2.43 -15.15
C GLN B 26 10.08 -1.47 -15.81
N PHE B 27 9.18 -0.91 -15.00
CA PHE B 27 8.18 0.02 -15.50
C PHE B 27 7.67 0.93 -14.40
N SER B 28 8.57 1.41 -13.56
CA SER B 28 8.20 2.29 -12.46
C SER B 28 8.90 3.64 -12.55
N ASP B 29 10.18 3.61 -12.89
CA ASP B 29 10.97 4.83 -12.98
C ASP B 29 11.29 5.37 -11.59
N VAL B 30 10.49 4.97 -10.60
CA VAL B 30 10.65 5.38 -9.22
C VAL B 30 10.87 6.88 -9.08
N GLU B 31 10.47 7.62 -10.12
CA GLU B 31 10.59 9.07 -10.12
C GLU B 31 11.97 9.54 -9.67
N GLU B 32 13.00 8.75 -9.92
CA GLU B 32 14.36 9.13 -9.55
C GLU B 32 15.39 8.08 -9.99
N ASN B 33 15.43 6.96 -9.27
CA ASN B 33 16.38 5.90 -9.59
C ASN B 33 16.34 4.81 -8.51
N ARG B 34 16.08 3.58 -8.94
CA ARG B 34 16.01 2.45 -8.01
C ARG B 34 17.31 2.30 -7.23
N THR B 35 17.24 2.56 -5.92
CA THR B 35 18.42 2.45 -5.07
C THR B 35 18.06 1.80 -3.74
N GLU B 36 17.21 2.46 -2.95
CA GLU B 36 16.79 1.94 -1.66
C GLU B 36 17.98 1.74 -0.73
N ALA B 37 17.87 2.30 0.47
CA ALA B 37 18.92 2.20 1.47
C ALA B 37 19.35 0.74 1.68
N PRO B 38 20.66 0.51 1.86
CA PRO B 38 21.19 -0.83 2.08
C PRO B 38 20.70 -1.46 3.37
N GLU B 39 21.23 -1.00 4.50
CA GLU B 39 20.83 -1.52 5.80
C GLU B 39 21.28 -0.57 6.92
N GLY B 40 20.51 -0.54 7.98
CA GLY B 40 20.83 0.32 9.11
C GLY B 40 20.27 1.72 8.94
N THR B 41 19.37 1.88 7.99
CA THR B 41 18.76 3.17 7.71
C THR B 41 17.40 3.28 8.39
N GLU B 42 17.08 4.48 8.87
CA GLU B 42 15.80 4.71 9.54
C GLU B 42 14.64 4.36 8.61
N SER B 43 14.62 5.03 7.45
CA SER B 43 13.59 4.79 6.46
C SER B 43 13.59 3.33 6.04
N GLU B 44 14.78 2.72 6.07
CA GLU B 44 14.93 1.31 5.72
C GLU B 44 14.07 0.45 6.62
N ALA B 45 14.20 0.67 7.93
CA ALA B 45 13.42 -0.09 8.90
C ALA B 45 11.94 0.11 8.67
N VAL B 46 11.57 1.32 8.25
CA VAL B 46 10.17 1.66 7.98
C VAL B 46 9.59 0.70 6.94
N LYS B 47 10.28 0.58 5.81
CA LYS B 47 9.83 -0.32 4.74
C LYS B 47 9.76 -1.76 5.25
N GLN B 48 10.70 -2.09 6.12
CA GLN B 48 10.77 -3.44 6.70
C GLN B 48 9.48 -3.76 7.45
N ALA B 49 8.96 -2.78 8.18
CA ALA B 49 7.73 -2.97 8.93
C ALA B 49 6.53 -3.01 7.98
N LEU B 50 6.59 -2.19 6.93
CA LEU B 50 5.52 -2.15 5.94
C LEU B 50 5.47 -3.46 5.18
N ARG B 51 6.63 -4.05 4.95
CA ARG B 51 6.72 -5.32 4.24
C ARG B 51 6.22 -6.46 5.12
N GLU B 52 6.57 -6.39 6.40
CA GLU B 52 6.15 -7.40 7.37
C GLU B 52 4.67 -7.26 7.68
N ALA B 53 4.20 -6.01 7.74
CA ALA B 53 2.80 -5.72 8.02
C ALA B 53 1.93 -6.10 6.82
N GLY B 54 2.33 -5.64 5.65
CA GLY B 54 1.58 -5.95 4.43
C GLY B 54 1.51 -7.44 4.19
N ASP B 55 2.57 -8.14 4.54
CA ASP B 55 2.63 -9.59 4.36
C ASP B 55 1.58 -10.26 5.25
N GLU B 56 1.54 -9.87 6.51
CA GLU B 56 0.57 -10.43 7.45
C GLU B 56 -0.83 -9.93 7.14
N PHE B 57 -0.92 -8.71 6.63
CA PHE B 57 -2.21 -8.12 6.27
C PHE B 57 -2.83 -8.84 5.08
N GLU B 58 -2.07 -8.92 3.99
CA GLU B 58 -2.54 -9.58 2.78
C GLU B 58 -2.76 -11.07 3.02
N LEU B 59 -2.01 -11.64 3.96
CA LEU B 59 -2.15 -13.06 4.27
C LEU B 59 -3.52 -13.34 4.87
N ARG B 60 -3.88 -12.59 5.90
CA ARG B 60 -5.18 -12.76 6.56
C ARG B 60 -6.30 -12.58 5.54
N TYR B 61 -6.16 -11.56 4.70
CA TYR B 61 -7.13 -11.28 3.66
C TYR B 61 -7.13 -12.40 2.63
N ARG B 62 -5.93 -12.89 2.31
CA ARG B 62 -5.76 -13.97 1.33
C ARG B 62 -6.32 -15.28 1.87
N ARG B 63 -6.21 -15.48 3.18
CA ARG B 63 -6.69 -16.69 3.82
C ARG B 63 -8.20 -16.63 4.07
N ALA B 64 -8.72 -15.42 4.26
CA ALA B 64 -10.14 -15.24 4.52
C ALA B 64 -10.91 -14.84 3.26
N PHE B 65 -10.59 -13.66 2.73
CA PHE B 65 -11.27 -13.17 1.54
C PHE B 65 -10.43 -13.34 0.28
N SER B 66 -9.61 -14.40 0.26
CA SER B 66 -8.75 -14.69 -0.88
C SER B 66 -7.91 -13.48 -1.28
N ASP B 67 -7.04 -13.68 -2.26
CA ASP B 67 -6.15 -12.61 -2.74
C ASP B 67 -6.94 -11.37 -3.13
N LEU B 68 -6.23 -10.37 -3.63
CA LEU B 68 -6.86 -9.12 -4.04
C LEU B 68 -6.82 -8.96 -5.56
N THR B 69 -5.68 -9.29 -6.15
CA THR B 69 -5.51 -9.18 -7.60
C THR B 69 -6.58 -9.98 -8.34
N SER B 70 -7.03 -11.07 -7.71
CA SER B 70 -8.06 -11.91 -8.31
C SER B 70 -9.44 -11.57 -7.76
N GLN B 71 -9.81 -10.29 -7.86
CA GLN B 71 -11.10 -9.83 -7.37
C GLN B 71 -11.43 -8.45 -7.92
N LEU B 72 -10.51 -7.51 -7.74
CA LEU B 72 -10.71 -6.14 -8.21
C LEU B 72 -10.89 -6.11 -9.72
N HIS B 73 -10.91 -4.90 -10.29
CA HIS B 73 -11.09 -4.73 -11.72
C HIS B 73 -10.73 -3.30 -12.15
N ILE B 74 -9.48 -3.11 -12.53
CA ILE B 74 -9.01 -1.80 -12.97
C ILE B 74 -8.80 -1.76 -14.47
N THR B 75 -8.95 -0.57 -15.05
CA THR B 75 -8.77 -0.39 -16.49
C THR B 75 -7.98 0.90 -16.75
N PRO B 76 -7.61 1.15 -18.01
CA PRO B 76 -6.85 2.34 -18.39
C PRO B 76 -7.61 3.63 -18.11
N GLY B 77 -8.90 3.53 -17.77
CA GLY B 77 -9.68 4.72 -17.51
C GLY B 77 -10.45 4.65 -16.19
N THR B 78 -10.13 3.68 -15.34
CA THR B 78 -10.82 3.55 -14.06
C THR B 78 -9.86 3.10 -12.95
N ALA B 79 -8.56 3.18 -13.22
CA ALA B 79 -7.56 2.79 -12.24
C ALA B 79 -7.47 3.80 -11.10
N TYR B 80 -7.36 5.07 -11.47
CA TYR B 80 -7.29 6.16 -10.49
C TYR B 80 -8.56 6.24 -9.67
N GLN B 81 -9.67 5.78 -10.25
CA GLN B 81 -10.95 5.80 -9.57
C GLN B 81 -11.09 4.60 -8.65
N SER B 82 -10.69 3.44 -9.15
CA SER B 82 -10.77 2.21 -8.36
C SER B 82 -9.94 2.36 -7.10
N PHE B 83 -8.78 3.00 -7.22
CA PHE B 83 -7.91 3.22 -6.08
C PHE B 83 -8.52 4.25 -5.13
N GLU B 84 -8.87 5.41 -5.67
CA GLU B 84 -9.47 6.47 -4.89
C GLU B 84 -10.74 5.99 -4.19
N GLN B 85 -11.47 5.13 -4.88
CA GLN B 85 -12.71 4.58 -4.35
C GLN B 85 -12.50 3.68 -3.15
N VAL B 86 -11.53 2.79 -3.24
CA VAL B 86 -11.24 1.87 -2.14
C VAL B 86 -10.51 2.60 -1.03
N VAL B 87 -9.62 3.51 -1.40
CA VAL B 87 -8.87 4.26 -0.41
C VAL B 87 -9.76 5.27 0.28
N ASN B 88 -10.76 5.78 -0.44
CA ASN B 88 -11.68 6.75 0.12
C ASN B 88 -12.57 6.11 1.18
N GLU B 89 -13.30 5.07 0.79
CA GLU B 89 -14.19 4.37 1.70
C GLU B 89 -13.42 3.74 2.85
N LEU B 90 -12.17 3.36 2.58
CA LEU B 90 -11.31 2.75 3.59
C LEU B 90 -10.89 3.76 4.65
N PHE B 91 -10.51 4.95 4.22
CA PHE B 91 -10.09 6.00 5.14
C PHE B 91 -11.23 6.95 5.44
N ARG B 92 -12.42 6.62 4.94
CA ARG B 92 -13.60 7.43 5.18
C ARG B 92 -14.07 7.26 6.61
N ASP B 93 -14.15 6.01 7.03
CA ASP B 93 -14.56 5.68 8.38
C ASP B 93 -13.55 6.24 9.37
N GLY B 94 -12.34 6.54 8.90
CA GLY B 94 -11.32 7.07 9.78
C GLY B 94 -9.96 6.46 9.54
N VAL B 95 -8.99 7.31 9.21
CA VAL B 95 -7.63 6.86 8.96
C VAL B 95 -7.09 6.06 10.14
N ASN B 96 -6.06 5.26 9.89
CA ASN B 96 -5.45 4.43 10.93
C ASN B 96 -4.47 3.42 10.32
N TRP B 97 -3.53 2.92 11.15
CA TRP B 97 -2.56 1.94 10.67
C TRP B 97 -3.23 0.85 9.84
N GLY B 98 -4.25 0.22 10.42
CA GLY B 98 -4.97 -0.83 9.72
C GLY B 98 -5.44 -0.37 8.36
N ARG B 99 -5.83 0.89 8.27
CA ARG B 99 -6.29 1.47 7.02
C ARG B 99 -5.11 1.71 6.10
N ILE B 100 -3.96 2.06 6.70
CA ILE B 100 -2.75 2.31 5.94
C ILE B 100 -2.12 0.99 5.47
N VAL B 101 -2.23 -0.04 6.30
CA VAL B 101 -1.70 -1.34 5.93
C VAL B 101 -2.42 -1.85 4.69
N ALA B 102 -3.71 -1.53 4.62
CA ALA B 102 -4.53 -1.92 3.48
C ALA B 102 -4.27 -0.98 2.32
N PHE B 103 -4.04 0.29 2.64
CA PHE B 103 -3.76 1.29 1.62
C PHE B 103 -2.56 0.86 0.79
N PHE B 104 -1.53 0.39 1.48
CA PHE B 104 -0.31 -0.08 0.82
C PHE B 104 -0.56 -1.44 0.18
N SER B 105 -1.39 -2.27 0.82
CA SER B 105 -1.69 -3.60 0.30
C SER B 105 -2.45 -3.49 -1.02
N PHE B 106 -3.39 -2.56 -1.07
CA PHE B 106 -4.20 -2.35 -2.26
C PHE B 106 -3.35 -1.75 -3.38
N GLY B 107 -2.47 -0.82 -3.02
CA GLY B 107 -1.61 -0.19 -4.00
C GLY B 107 -0.80 -1.21 -4.78
N GLY B 108 -0.08 -2.06 -4.06
CA GLY B 108 0.72 -3.08 -4.70
C GLY B 108 -0.13 -4.10 -5.45
N ALA B 109 -1.31 -4.39 -4.89
CA ALA B 109 -2.22 -5.34 -5.51
C ALA B 109 -2.71 -4.82 -6.85
N LEU B 110 -3.12 -3.56 -6.88
CA LEU B 110 -3.61 -2.94 -8.11
C LEU B 110 -2.54 -2.99 -9.19
N CYS B 111 -1.31 -2.65 -8.80
CA CYS B 111 -0.19 -2.67 -9.74
C CYS B 111 -0.04 -4.05 -10.38
N VAL B 112 -0.14 -5.08 -9.57
CA VAL B 112 -0.02 -6.46 -10.05
C VAL B 112 -1.18 -6.80 -10.97
N GLU B 113 -2.37 -6.31 -10.64
CA GLU B 113 -3.55 -6.56 -11.44
C GLU B 113 -3.51 -5.79 -12.75
N SER B 114 -2.94 -4.59 -12.69
CA SER B 114 -2.83 -3.74 -13.86
C SER B 114 -1.77 -4.29 -14.82
N VAL B 115 -0.70 -4.85 -14.25
CA VAL B 115 0.37 -5.42 -15.04
C VAL B 115 -0.07 -6.74 -15.65
N ASP B 116 -0.87 -7.48 -14.88
CA ASP B 116 -1.36 -8.78 -15.35
C ASP B 116 -2.40 -8.59 -16.44
N LYS B 117 -3.12 -7.48 -16.38
CA LYS B 117 -4.15 -7.18 -17.36
C LYS B 117 -3.52 -6.64 -18.64
N GLU B 118 -3.00 -5.42 -18.57
CA GLU B 118 -2.36 -4.77 -19.72
C GLU B 118 -2.10 -3.29 -19.46
N MET B 119 -1.62 -2.99 -18.26
CA MET B 119 -1.32 -1.62 -17.88
C MET B 119 -0.14 -1.57 -16.91
N GLN B 120 1.03 -2.01 -17.39
CA GLN B 120 2.23 -2.02 -16.57
C GLN B 120 2.53 -0.60 -16.10
N VAL B 121 2.20 0.36 -16.95
CA VAL B 121 2.42 1.77 -16.65
C VAL B 121 1.62 2.20 -15.42
N LEU B 122 0.46 1.59 -15.23
CA LEU B 122 -0.39 1.92 -14.09
C LEU B 122 0.36 1.70 -12.77
N VAL B 123 1.40 0.87 -12.80
CA VAL B 123 2.18 0.61 -11.60
C VAL B 123 2.74 1.92 -11.05
N SER B 124 3.33 2.70 -11.94
CA SER B 124 3.90 3.99 -11.56
C SER B 124 2.79 5.01 -11.30
N ARG B 125 1.68 4.87 -12.03
CA ARG B 125 0.55 5.76 -11.87
C ARG B 125 0.01 5.63 -10.45
N ILE B 126 -0.28 4.39 -10.07
CA ILE B 126 -0.76 4.11 -8.73
C ILE B 126 0.31 4.50 -7.73
N ALA B 127 1.56 4.31 -8.13
CA ALA B 127 2.68 4.66 -7.28
C ALA B 127 2.61 6.11 -6.86
N ALA B 128 2.09 6.96 -7.75
CA ALA B 128 1.96 8.38 -7.46
C ALA B 128 0.66 8.67 -6.72
N TRP B 129 -0.36 7.85 -6.93
CA TRP B 129 -1.63 8.04 -6.26
C TRP B 129 -1.51 7.61 -4.81
N MET B 130 -0.76 6.52 -4.60
CA MET B 130 -0.54 5.99 -3.27
C MET B 130 0.37 6.88 -2.46
N ALA B 131 1.53 7.19 -3.03
CA ALA B 131 2.50 8.05 -2.34
C ALA B 131 1.86 9.41 -2.02
N THR B 132 1.23 10.00 -3.03
CA THR B 132 0.56 11.29 -2.86
C THR B 132 -0.46 11.24 -1.73
N TYR B 133 -1.27 10.18 -1.70
CA TYR B 133 -2.28 10.04 -0.65
C TYR B 133 -1.59 9.81 0.68
N LEU B 134 -0.49 9.06 0.64
CA LEU B 134 0.27 8.75 1.83
C LEU B 134 0.86 10.02 2.46
N ASN B 135 1.46 10.86 1.62
CA ASN B 135 2.10 12.10 2.09
C ASN B 135 1.10 13.24 2.29
N ASP B 136 0.07 13.29 1.46
CA ASP B 136 -0.89 14.38 1.52
C ASP B 136 -2.21 14.02 2.24
N HIS B 137 -2.62 12.75 2.19
CA HIS B 137 -3.90 12.37 2.80
C HIS B 137 -3.76 11.74 4.19
N LEU B 138 -2.82 10.81 4.38
CA LEU B 138 -2.70 10.14 5.68
C LEU B 138 -1.40 10.49 6.42
N GLU B 139 -0.45 11.09 5.72
CA GLU B 139 0.83 11.46 6.34
C GLU B 139 0.61 12.14 7.69
N PRO B 140 -0.27 13.15 7.74
CA PRO B 140 -0.57 13.87 8.97
C PRO B 140 -0.98 12.92 10.08
N TRP B 141 -1.75 11.90 9.72
CA TRP B 141 -2.19 10.91 10.69
C TRP B 141 -1.00 10.12 11.19
N ILE B 142 -0.04 9.91 10.30
CA ILE B 142 1.16 9.16 10.64
C ILE B 142 1.85 9.82 11.83
N GLN B 143 2.37 11.02 11.59
CA GLN B 143 3.06 11.76 12.64
C GLN B 143 2.14 12.03 13.83
N GLU B 144 0.83 11.97 13.58
CA GLU B 144 -0.16 12.23 14.62
C GLU B 144 -0.11 11.20 15.75
N ASN B 145 -0.16 9.92 15.38
CA ASN B 145 -0.18 8.84 16.36
C ASN B 145 1.19 8.21 16.57
N GLY B 146 2.24 8.96 16.31
CA GLY B 146 3.59 8.45 16.52
C GLY B 146 4.42 8.40 15.26
N GLY B 147 3.76 8.16 14.12
CA GLY B 147 4.47 8.09 12.86
C GLY B 147 4.95 6.69 12.53
N TRP B 148 5.88 6.62 11.58
CA TRP B 148 6.43 5.35 11.14
C TRP B 148 7.19 4.64 12.26
N ASP B 149 7.46 5.37 13.35
CA ASP B 149 8.16 4.79 14.48
C ASP B 149 7.22 3.90 15.26
N THR B 150 5.97 4.31 15.33
CA THR B 150 4.95 3.54 16.02
C THR B 150 4.58 2.33 15.19
N PHE B 151 4.29 2.56 13.91
CA PHE B 151 3.95 1.47 13.01
C PHE B 151 5.03 0.40 13.09
N VAL B 152 6.27 0.87 13.20
CA VAL B 152 7.42 -0.03 13.32
C VAL B 152 7.48 -0.64 14.71
N GLU B 153 6.95 0.08 15.70
CA GLU B 153 6.96 -0.39 17.06
C GLU B 153 5.91 -1.50 17.25
N LEU B 154 4.81 -1.38 16.53
CA LEU B 154 3.73 -2.36 16.63
C LEU B 154 4.02 -3.60 15.79
N TYR B 155 4.52 -3.40 14.58
CA TYR B 155 4.83 -4.50 13.69
C TYR B 155 6.27 -4.97 13.86
N GLY B 156 7.15 -4.03 14.21
CA GLY B 156 8.55 -4.36 14.40
C GLY B 156 8.87 -4.74 15.83
N GLY A 1 -19.20 -3.08 -10.86
CA GLY A 1 -20.21 -3.11 -9.82
C GLY A 1 -19.62 -3.05 -8.43
N GLY A 2 -19.96 -4.04 -7.60
CA GLY A 2 -19.43 -4.08 -6.25
C GLY A 2 -18.06 -4.70 -6.17
N THR A 3 -17.11 -4.14 -6.91
CA THR A 3 -15.75 -4.64 -6.93
C THR A 3 -14.86 -3.86 -5.96
N MET A 4 -14.78 -2.55 -6.17
CA MET A 4 -13.97 -1.69 -5.32
C MET A 4 -14.53 -1.61 -3.91
N GLU A 5 -15.84 -1.42 -3.80
CA GLU A 5 -16.50 -1.33 -2.50
C GLU A 5 -16.22 -2.56 -1.64
N ASN A 6 -16.45 -3.74 -2.22
CA ASN A 6 -16.22 -4.99 -1.51
C ASN A 6 -14.75 -5.13 -1.12
N LEU A 7 -13.87 -4.66 -2.01
CA LEU A 7 -12.44 -4.72 -1.76
C LEU A 7 -12.08 -3.88 -0.53
N SER A 8 -12.41 -2.60 -0.60
CA SER A 8 -12.12 -1.68 0.51
C SER A 8 -12.75 -2.19 1.80
N ARG A 9 -14.02 -2.60 1.71
CA ARG A 9 -14.75 -3.10 2.87
C ARG A 9 -13.99 -4.25 3.53
N ARG A 10 -13.57 -5.23 2.73
CA ARG A 10 -12.84 -6.39 3.24
C ARG A 10 -11.50 -5.99 3.84
N LEU A 11 -10.68 -5.30 3.05
CA LEU A 11 -9.37 -4.87 3.51
C LEU A 11 -9.49 -3.94 4.72
N LYS A 12 -10.57 -3.17 4.77
CA LYS A 12 -10.78 -2.24 5.88
C LYS A 12 -10.96 -2.98 7.19
N VAL A 13 -11.79 -4.02 7.18
CA VAL A 13 -12.02 -4.80 8.39
C VAL A 13 -10.72 -5.48 8.82
N THR A 14 -9.92 -5.88 7.83
CA THR A 14 -8.64 -6.51 8.12
C THR A 14 -7.73 -5.53 8.84
N GLY A 15 -7.87 -4.25 8.49
CA GLY A 15 -7.07 -3.21 9.11
C GLY A 15 -7.40 -3.05 10.58
N ASP A 16 -8.69 -2.95 10.88
CA ASP A 16 -9.14 -2.80 12.26
C ASP A 16 -8.65 -3.97 13.11
N LEU A 17 -8.61 -5.15 12.51
CA LEU A 17 -8.16 -6.35 13.21
C LEU A 17 -6.64 -6.38 13.30
N PHE A 18 -5.97 -5.79 12.32
CA PHE A 18 -4.51 -5.75 12.29
C PHE A 18 -3.99 -4.35 12.55
N ASP A 19 -4.76 -3.56 13.29
CA ASP A 19 -4.38 -2.19 13.61
C ASP A 19 -3.52 -2.14 14.88
N ILE A 20 -4.14 -2.44 16.02
CA ILE A 20 -3.43 -2.43 17.29
C ILE A 20 -2.86 -1.04 17.59
N MET A 21 -2.59 -0.78 18.87
CA MET A 21 -2.04 0.51 19.29
C MET A 21 -1.01 0.31 20.39
N SER A 22 -1.36 -0.50 21.39
CA SER A 22 -0.46 -0.76 22.50
C SER A 22 -0.44 -2.24 22.86
N GLY A 23 0.29 -2.59 23.91
CA GLY A 23 0.38 -3.97 24.33
C GLY A 23 1.61 -4.68 23.78
N MET B 1 9.14 16.39 9.87
CA MET B 1 8.23 15.82 8.88
C MET B 1 8.91 15.74 7.52
N SER B 2 8.28 15.01 6.60
CA SER B 2 8.82 14.86 5.25
C SER B 2 10.19 14.19 5.28
N GLN B 3 10.19 12.87 5.26
CA GLN B 3 11.43 12.11 5.30
C GLN B 3 11.69 11.44 3.94
N SER B 4 10.86 10.47 3.61
CA SER B 4 11.00 9.75 2.34
C SER B 4 9.80 8.83 2.11
N ASN B 5 8.62 9.43 1.98
CA ASN B 5 7.39 8.68 1.76
C ASN B 5 7.42 7.96 0.41
N ARG B 6 8.01 8.60 -0.58
CA ARG B 6 8.10 8.01 -1.92
C ARG B 6 8.96 6.76 -1.91
N GLU B 7 10.07 6.80 -1.18
CA GLU B 7 10.96 5.65 -1.09
C GLU B 7 10.19 4.46 -0.53
N LEU B 8 9.24 4.74 0.37
CA LEU B 8 8.42 3.70 0.95
C LEU B 8 7.40 3.21 -0.06
N VAL B 9 6.97 4.11 -0.94
CA VAL B 9 6.01 3.77 -1.97
C VAL B 9 6.67 2.91 -3.06
N VAL B 10 7.87 3.33 -3.46
CA VAL B 10 8.63 2.62 -4.48
C VAL B 10 9.10 1.27 -3.96
N ASP B 11 9.49 1.22 -2.69
CA ASP B 11 9.97 -0.02 -2.09
C ASP B 11 8.84 -1.03 -1.87
N PHE B 12 7.85 -0.64 -1.09
CA PHE B 12 6.71 -1.51 -0.80
C PHE B 12 6.10 -2.04 -2.09
N LEU B 13 5.84 -1.13 -3.02
CA LEU B 13 5.24 -1.49 -4.30
C LEU B 13 6.14 -2.47 -5.05
N SER B 14 7.44 -2.21 -5.01
CA SER B 14 8.41 -3.06 -5.70
C SER B 14 8.50 -4.43 -5.04
N TYR B 15 8.41 -4.47 -3.72
CA TYR B 15 8.50 -5.73 -2.99
C TYR B 15 7.29 -6.61 -3.28
N LYS B 16 6.09 -6.10 -3.01
CA LYS B 16 4.87 -6.84 -3.24
C LYS B 16 4.84 -7.39 -4.66
N LEU B 17 5.06 -6.50 -5.63
CA LEU B 17 5.07 -6.89 -7.03
C LEU B 17 6.13 -7.96 -7.29
N SER B 18 7.22 -7.89 -6.54
CA SER B 18 8.30 -8.86 -6.68
C SER B 18 7.87 -10.22 -6.17
N GLN B 19 6.91 -10.23 -5.25
CA GLN B 19 6.41 -11.47 -4.68
C GLN B 19 5.36 -12.07 -5.62
N LYS B 20 4.70 -11.21 -6.39
CA LYS B 20 3.68 -11.64 -7.32
C LYS B 20 4.32 -12.16 -8.61
N GLY B 21 5.53 -11.69 -8.90
CA GLY B 21 6.23 -12.13 -10.09
C GLY B 21 6.54 -10.97 -11.02
N TYR B 22 6.53 -9.75 -10.49
CA TYR B 22 6.82 -8.57 -11.30
C TYR B 22 8.00 -7.81 -10.73
N SER B 23 8.30 -6.65 -11.32
CA SER B 23 9.41 -5.83 -10.87
C SER B 23 9.12 -4.34 -11.05
N TRP B 24 9.55 -3.54 -10.08
CA TRP B 24 9.34 -2.09 -10.11
C TRP B 24 10.11 -1.46 -11.26
N SER B 25 11.43 -1.61 -11.23
CA SER B 25 12.29 -1.05 -12.27
C SER B 25 11.89 -1.55 -13.66
N GLN B 26 11.18 -2.68 -13.70
CA GLN B 26 10.75 -3.27 -14.96
C GLN B 26 9.71 -2.40 -15.65
N PHE B 27 8.85 -1.74 -14.87
CA PHE B 27 7.82 -0.89 -15.42
C PHE B 27 7.58 0.36 -14.57
N SER B 28 8.65 0.92 -14.00
CA SER B 28 8.53 2.11 -13.19
C SER B 28 8.97 3.33 -13.98
N ASP B 29 8.01 4.21 -14.31
CA ASP B 29 8.30 5.42 -15.06
C ASP B 29 9.48 6.16 -14.45
N VAL B 30 9.67 5.97 -13.15
CA VAL B 30 10.75 6.63 -12.43
C VAL B 30 12.03 5.79 -12.48
N GLU B 31 11.90 4.50 -12.18
CA GLU B 31 13.02 3.56 -12.21
C GLU B 31 14.26 4.09 -11.49
N GLU B 32 14.07 4.85 -10.41
CA GLU B 32 15.20 5.39 -9.65
C GLU B 32 14.74 6.27 -8.49
N ASN B 33 13.87 7.23 -8.80
CA ASN B 33 13.36 8.15 -7.79
C ASN B 33 14.46 9.08 -7.29
N ARG B 34 14.07 10.26 -6.83
CA ARG B 34 15.01 11.27 -6.32
C ARG B 34 16.14 10.62 -5.52
N THR B 35 15.81 9.68 -4.67
CA THR B 35 16.81 9.00 -3.86
C THR B 35 16.26 7.73 -3.23
N GLU B 36 17.17 6.93 -2.68
CA GLU B 36 16.80 5.67 -2.04
C GLU B 36 17.59 5.45 -0.77
N ALA B 37 17.35 4.33 -0.11
CA ALA B 37 18.03 4.00 1.13
C ALA B 37 18.96 2.80 0.94
N PRO B 38 20.20 2.88 1.45
CA PRO B 38 21.18 1.78 1.33
C PRO B 38 20.73 0.55 2.10
N GLU B 39 20.77 0.63 3.43
CA GLU B 39 20.38 -0.48 4.28
C GLU B 39 20.45 -0.10 5.75
N GLY B 40 19.54 -0.68 6.55
CA GLY B 40 19.51 -0.40 7.97
C GLY B 40 19.29 1.06 8.29
N THR B 41 18.80 1.83 7.34
CA THR B 41 18.55 3.25 7.55
C THR B 41 17.18 3.50 8.17
N GLU B 42 16.76 4.76 8.17
CA GLU B 42 15.46 5.13 8.73
C GLU B 42 14.32 4.54 7.90
N SER B 43 14.29 4.89 6.62
CA SER B 43 13.28 4.38 5.71
C SER B 43 13.33 2.87 5.65
N GLU B 44 14.49 2.31 5.97
CA GLU B 44 14.69 0.87 5.97
C GLU B 44 13.81 0.17 6.98
N ALA B 45 13.95 0.56 8.25
CA ALA B 45 13.14 -0.04 9.29
C ALA B 45 11.67 0.27 9.08
N VAL B 46 11.39 1.43 8.50
CA VAL B 46 10.02 1.83 8.22
C VAL B 46 9.41 0.91 7.17
N LYS B 47 10.10 0.79 6.03
CA LYS B 47 9.64 -0.07 4.96
C LYS B 47 9.58 -1.51 5.45
N GLN B 48 10.54 -1.86 6.30
CA GLN B 48 10.62 -3.19 6.88
C GLN B 48 9.31 -3.54 7.58
N ALA B 49 8.78 -2.59 8.35
CA ALA B 49 7.53 -2.80 9.07
C ALA B 49 6.37 -2.95 8.10
N LEU B 50 6.37 -2.11 7.07
CA LEU B 50 5.32 -2.14 6.05
C LEU B 50 5.39 -3.44 5.27
N ARG B 51 6.60 -3.93 5.04
CA ARG B 51 6.80 -5.17 4.30
C ARG B 51 6.29 -6.35 5.13
N GLU B 52 6.58 -6.32 6.43
CA GLU B 52 6.16 -7.37 7.33
C GLU B 52 4.65 -7.27 7.59
N ALA B 53 4.16 -6.04 7.69
CA ALA B 53 2.75 -5.80 7.92
C ALA B 53 1.93 -6.18 6.70
N GLY B 54 2.33 -5.66 5.55
CA GLY B 54 1.63 -5.96 4.31
C GLY B 54 1.61 -7.44 4.01
N ASP B 55 2.71 -8.11 4.30
CA ASP B 55 2.81 -9.55 4.07
C ASP B 55 1.77 -10.29 4.90
N GLU B 56 1.70 -9.96 6.19
CA GLU B 56 0.74 -10.59 7.08
C GLU B 56 -0.68 -10.10 6.77
N PHE B 57 -0.79 -8.86 6.31
CA PHE B 57 -2.08 -8.28 5.98
C PHE B 57 -2.72 -9.04 4.82
N GLU B 58 -1.93 -9.27 3.77
CA GLU B 58 -2.42 -9.98 2.60
C GLU B 58 -2.58 -11.47 2.88
N LEU B 59 -1.78 -11.98 3.82
CA LEU B 59 -1.83 -13.39 4.18
C LEU B 59 -3.17 -13.72 4.84
N ARG B 60 -3.52 -12.98 5.88
CA ARG B 60 -4.78 -13.19 6.58
C ARG B 60 -5.95 -12.82 5.67
N TYR B 61 -5.74 -11.79 4.86
CA TYR B 61 -6.75 -11.32 3.92
C TYR B 61 -7.02 -12.36 2.85
N ARG B 62 -5.95 -12.93 2.30
CA ARG B 62 -6.07 -13.94 1.25
C ARG B 62 -6.62 -15.26 1.81
N ARG B 63 -6.31 -15.54 3.08
CA ARG B 63 -6.76 -16.76 3.73
C ARG B 63 -8.18 -16.59 4.26
N ALA B 64 -8.54 -15.36 4.62
CA ALA B 64 -9.86 -15.08 5.16
C ALA B 64 -10.86 -14.79 4.04
N PHE B 65 -10.40 -14.09 3.00
CA PHE B 65 -11.26 -13.74 1.88
C PHE B 65 -10.67 -14.24 0.56
N SER B 66 -9.65 -13.56 0.09
CA SER B 66 -8.99 -13.93 -1.17
C SER B 66 -7.93 -12.91 -1.55
N ASP B 67 -7.15 -13.23 -2.57
CA ASP B 67 -6.08 -12.34 -3.04
C ASP B 67 -6.66 -10.99 -3.47
N LEU B 68 -6.03 -9.91 -3.03
CA LEU B 68 -6.48 -8.56 -3.38
C LEU B 68 -6.54 -8.38 -4.89
N THR B 69 -5.54 -8.90 -5.60
CA THR B 69 -5.48 -8.79 -7.05
C THR B 69 -6.69 -9.47 -7.70
N SER B 70 -7.17 -10.53 -7.05
CA SER B 70 -8.32 -11.27 -7.57
C SER B 70 -9.61 -10.82 -6.90
N GLN B 71 -9.70 -9.53 -6.62
CA GLN B 71 -10.89 -8.97 -5.98
C GLN B 71 -11.13 -7.52 -6.44
N LEU B 72 -10.59 -7.18 -7.60
CA LEU B 72 -10.75 -5.84 -8.15
C LEU B 72 -10.78 -5.87 -9.67
N HIS B 73 -10.73 -4.69 -10.28
CA HIS B 73 -10.76 -4.59 -11.74
C HIS B 73 -10.44 -3.16 -12.20
N ILE B 74 -9.25 -2.99 -12.79
CA ILE B 74 -8.83 -1.68 -13.28
C ILE B 74 -8.66 -1.69 -14.78
N THR B 75 -8.87 -0.54 -15.40
CA THR B 75 -8.73 -0.40 -16.84
C THR B 75 -8.27 1.01 -17.20
N PRO B 76 -7.69 1.18 -18.40
CA PRO B 76 -7.20 2.50 -18.85
C PRO B 76 -8.30 3.56 -18.84
N GLY B 77 -8.55 4.11 -17.66
CA GLY B 77 -9.59 5.12 -17.52
C GLY B 77 -10.29 5.07 -16.18
N THR B 78 -10.21 3.93 -15.50
CA THR B 78 -10.85 3.77 -14.20
C THR B 78 -9.84 3.28 -13.15
N ALA B 79 -8.56 3.33 -13.48
CA ALA B 79 -7.52 2.90 -12.56
C ALA B 79 -7.39 3.87 -11.38
N TYR B 80 -7.28 5.16 -11.70
CA TYR B 80 -7.18 6.18 -10.66
C TYR B 80 -8.50 6.34 -9.93
N GLN B 81 -9.58 6.01 -10.63
CA GLN B 81 -10.91 6.10 -10.06
C GLN B 81 -11.12 4.94 -9.08
N SER B 82 -10.72 3.75 -9.52
CA SER B 82 -10.85 2.57 -8.68
C SER B 82 -10.11 2.75 -7.37
N PHE B 83 -8.88 3.25 -7.45
CA PHE B 83 -8.06 3.49 -6.28
C PHE B 83 -8.74 4.48 -5.34
N GLU B 84 -9.23 5.57 -5.90
CA GLU B 84 -9.90 6.61 -5.11
C GLU B 84 -11.06 6.04 -4.30
N GLN B 85 -11.78 5.07 -4.86
CA GLN B 85 -12.90 4.46 -4.15
C GLN B 85 -12.43 3.55 -3.03
N VAL B 86 -11.32 2.86 -3.25
CA VAL B 86 -10.77 1.96 -2.26
C VAL B 86 -10.09 2.74 -1.14
N VAL B 87 -9.44 3.83 -1.50
CA VAL B 87 -8.75 4.65 -0.54
C VAL B 87 -9.70 5.52 0.26
N ASN B 88 -10.73 6.05 -0.39
CA ASN B 88 -11.69 6.89 0.31
C ASN B 88 -12.59 6.08 1.23
N GLU B 89 -13.05 4.93 0.73
CA GLU B 89 -13.91 4.06 1.52
C GLU B 89 -13.17 3.49 2.72
N LEU B 90 -11.92 3.10 2.50
CA LEU B 90 -11.09 2.55 3.56
C LEU B 90 -10.90 3.55 4.70
N PHE B 91 -10.38 4.73 4.35
CA PHE B 91 -10.15 5.78 5.34
C PHE B 91 -11.41 6.61 5.59
N ARG B 92 -12.51 6.24 4.93
CA ARG B 92 -13.77 6.94 5.11
C ARG B 92 -14.24 6.79 6.54
N ASP B 93 -14.30 5.53 6.98
CA ASP B 93 -14.71 5.23 8.35
C ASP B 93 -13.72 5.83 9.34
N GLY B 94 -12.52 6.15 8.85
CA GLY B 94 -11.52 6.74 9.73
C GLY B 94 -10.13 6.17 9.51
N VAL B 95 -9.14 7.06 9.44
CA VAL B 95 -7.76 6.66 9.22
C VAL B 95 -7.18 5.93 10.45
N ASN B 96 -6.07 5.24 10.24
CA ASN B 96 -5.37 4.49 11.29
C ASN B 96 -4.43 3.45 10.68
N TRP B 97 -3.46 2.98 11.46
CA TRP B 97 -2.50 1.98 10.96
C TRP B 97 -3.18 0.87 10.17
N GLY B 98 -4.25 0.31 10.74
CA GLY B 98 -4.97 -0.76 10.07
C GLY B 98 -5.39 -0.39 8.66
N ARG B 99 -5.88 0.84 8.50
CA ARG B 99 -6.31 1.31 7.19
C ARG B 99 -5.11 1.57 6.28
N ILE B 100 -4.02 2.02 6.89
CA ILE B 100 -2.80 2.30 6.14
C ILE B 100 -2.20 1.01 5.61
N VAL B 101 -2.33 -0.07 6.38
CA VAL B 101 -1.82 -1.37 5.96
C VAL B 101 -2.55 -1.79 4.69
N ALA B 102 -3.85 -1.53 4.67
CA ALA B 102 -4.69 -1.85 3.52
C ALA B 102 -4.41 -0.89 2.39
N PHE B 103 -4.06 0.35 2.74
CA PHE B 103 -3.75 1.36 1.73
C PHE B 103 -2.65 0.85 0.81
N PHE B 104 -1.54 0.48 1.42
CA PHE B 104 -0.40 -0.06 0.68
C PHE B 104 -0.72 -1.44 0.15
N SER B 105 -1.64 -2.14 0.81
CA SER B 105 -2.04 -3.49 0.40
C SER B 105 -2.68 -3.48 -0.98
N PHE B 106 -3.79 -2.77 -1.12
CA PHE B 106 -4.49 -2.73 -2.40
C PHE B 106 -3.66 -1.98 -3.45
N GLY B 107 -2.92 -0.97 -3.03
CA GLY B 107 -2.09 -0.23 -3.97
C GLY B 107 -1.16 -1.13 -4.74
N GLY B 108 -0.38 -1.93 -4.01
CA GLY B 108 0.54 -2.85 -4.65
C GLY B 108 -0.19 -3.90 -5.45
N ALA B 109 -1.31 -4.37 -4.91
CA ALA B 109 -2.13 -5.38 -5.57
C ALA B 109 -2.65 -4.86 -6.90
N LEU B 110 -3.05 -3.58 -6.92
CA LEU B 110 -3.57 -2.97 -8.13
C LEU B 110 -2.51 -2.99 -9.22
N CYS B 111 -1.30 -2.58 -8.86
CA CYS B 111 -0.19 -2.57 -9.81
C CYS B 111 0.01 -3.94 -10.41
N VAL B 112 -0.07 -4.97 -9.57
CA VAL B 112 0.09 -6.34 -10.01
C VAL B 112 -1.04 -6.74 -10.97
N GLU B 113 -2.25 -6.29 -10.66
CA GLU B 113 -3.42 -6.59 -11.49
C GLU B 113 -3.35 -5.86 -12.81
N SER B 114 -2.82 -4.64 -12.78
CA SER B 114 -2.70 -3.83 -13.99
C SER B 114 -1.61 -4.38 -14.89
N VAL B 115 -0.55 -4.91 -14.27
CA VAL B 115 0.55 -5.47 -15.02
C VAL B 115 0.16 -6.83 -15.58
N ASP B 116 -0.62 -7.57 -14.81
CA ASP B 116 -1.07 -8.89 -15.22
C ASP B 116 -2.04 -8.77 -16.39
N LYS B 117 -2.81 -7.69 -16.41
CA LYS B 117 -3.77 -7.45 -17.47
C LYS B 117 -3.08 -6.91 -18.73
N GLU B 118 -2.63 -5.67 -18.65
CA GLU B 118 -1.96 -5.02 -19.78
C GLU B 118 -1.79 -3.53 -19.53
N MET B 119 -1.41 -3.18 -18.31
CA MET B 119 -1.20 -1.78 -17.93
C MET B 119 -0.07 -1.67 -16.92
N GLN B 120 1.12 -2.07 -17.33
CA GLN B 120 2.29 -2.01 -16.46
C GLN B 120 2.53 -0.58 -16.01
N VAL B 121 2.19 0.36 -16.89
CA VAL B 121 2.34 1.78 -16.62
C VAL B 121 1.53 2.19 -15.40
N LEU B 122 0.39 1.52 -15.20
CA LEU B 122 -0.47 1.83 -14.07
C LEU B 122 0.27 1.65 -12.74
N VAL B 123 1.35 0.88 -12.76
CA VAL B 123 2.14 0.66 -11.56
C VAL B 123 2.66 1.99 -11.04
N SER B 124 3.25 2.77 -11.94
CA SER B 124 3.77 4.09 -11.59
C SER B 124 2.64 5.08 -11.34
N ARG B 125 1.53 4.88 -12.07
CA ARG B 125 0.38 5.75 -11.93
C ARG B 125 -0.19 5.62 -10.53
N ILE B 126 -0.44 4.38 -10.13
CA ILE B 126 -0.95 4.11 -8.80
C ILE B 126 0.10 4.50 -7.79
N ALA B 127 1.37 4.32 -8.17
CA ALA B 127 2.47 4.67 -7.30
C ALA B 127 2.41 6.14 -6.91
N ALA B 128 1.89 6.96 -7.83
CA ALA B 128 1.77 8.39 -7.57
C ALA B 128 0.48 8.71 -6.83
N TRP B 129 -0.56 7.90 -7.05
CA TRP B 129 -1.83 8.12 -6.38
C TRP B 129 -1.71 7.68 -4.93
N MET B 130 -0.93 6.64 -4.71
CA MET B 130 -0.72 6.10 -3.39
C MET B 130 0.23 6.98 -2.59
N ALA B 131 1.42 7.23 -3.15
CA ALA B 131 2.41 8.06 -2.47
C ALA B 131 1.86 9.46 -2.20
N THR B 132 1.03 9.95 -3.11
CA THR B 132 0.45 11.28 -2.96
C THR B 132 -0.65 11.27 -1.90
N TYR B 133 -1.52 10.27 -1.97
CA TYR B 133 -2.61 10.15 -1.01
C TYR B 133 -2.07 9.81 0.37
N LEU B 134 -0.99 9.05 0.39
CA LEU B 134 -0.37 8.62 1.65
C LEU B 134 0.35 9.79 2.33
N ASN B 135 0.95 10.67 1.53
CA ASN B 135 1.70 11.79 2.07
C ASN B 135 0.78 12.94 2.51
N ASP B 136 -0.38 13.06 1.87
CA ASP B 136 -1.30 14.14 2.19
C ASP B 136 -2.47 13.71 3.08
N HIS B 137 -2.85 12.44 3.02
CA HIS B 137 -3.99 11.96 3.80
C HIS B 137 -3.61 11.26 5.12
N LEU B 138 -2.78 10.23 5.04
CA LEU B 138 -2.41 9.50 6.26
C LEU B 138 -1.11 10.01 6.87
N GLU B 139 -0.19 10.47 6.03
CA GLU B 139 1.09 10.99 6.51
C GLU B 139 0.91 11.83 7.78
N PRO B 140 0.05 12.85 7.74
CA PRO B 140 -0.21 13.68 8.92
C PRO B 140 -0.66 12.83 10.10
N TRP B 141 -1.52 11.85 9.81
CA TRP B 141 -2.01 10.95 10.85
C TRP B 141 -0.86 10.14 11.40
N ILE B 142 0.09 9.82 10.54
CA ILE B 142 1.25 9.04 10.94
C ILE B 142 2.00 9.74 12.06
N GLN B 143 2.53 10.92 11.77
CA GLN B 143 3.28 11.70 12.75
C GLN B 143 2.51 11.91 14.04
N GLU B 144 1.20 12.09 13.94
CA GLU B 144 0.34 12.31 15.11
C GLU B 144 0.46 11.19 16.12
N ASN B 145 0.23 9.98 15.66
CA ASN B 145 0.27 8.80 16.53
C ASN B 145 1.68 8.28 16.75
N GLY B 146 2.65 9.15 16.56
CA GLY B 146 4.04 8.77 16.77
C GLY B 146 4.82 8.67 15.47
N GLY B 147 4.12 8.41 14.38
CA GLY B 147 4.78 8.30 13.09
C GLY B 147 5.18 6.88 12.71
N TRP B 148 6.01 6.78 11.68
CA TRP B 148 6.49 5.49 11.20
C TRP B 148 7.29 4.77 12.27
N ASP B 149 7.69 5.51 13.31
CA ASP B 149 8.45 4.92 14.41
C ASP B 149 7.53 4.06 15.25
N THR B 150 6.26 4.48 15.32
CA THR B 150 5.27 3.75 16.07
C THR B 150 4.89 2.49 15.30
N PHE B 151 4.57 2.66 14.01
CA PHE B 151 4.21 1.52 13.17
C PHE B 151 5.29 0.46 13.29
N VAL B 152 6.53 0.92 13.36
CA VAL B 152 7.67 0.02 13.50
C VAL B 152 7.75 -0.52 14.92
N GLU B 153 7.24 0.25 15.88
CA GLU B 153 7.27 -0.18 17.26
C GLU B 153 6.24 -1.27 17.53
N LEU B 154 5.11 -1.20 16.82
CA LEU B 154 4.04 -2.17 16.98
C LEU B 154 4.19 -3.34 16.00
N TYR B 155 4.60 -3.02 14.78
CA TYR B 155 4.77 -4.05 13.76
C TYR B 155 6.21 -4.53 13.70
N GLY B 156 7.15 -3.59 13.84
CA GLY B 156 8.56 -3.95 13.79
C GLY B 156 9.08 -4.42 15.14
N GLY A 1 -20.99 -3.69 -10.26
CA GLY A 1 -21.87 -3.93 -9.13
C GLY A 1 -21.11 -4.02 -7.82
N GLY A 2 -20.00 -3.31 -7.73
CA GLY A 2 -19.20 -3.32 -6.52
C GLY A 2 -17.72 -3.44 -6.80
N THR A 3 -17.14 -4.59 -6.44
CA THR A 3 -15.72 -4.84 -6.65
C THR A 3 -14.87 -3.95 -5.75
N MET A 4 -14.89 -2.65 -6.02
CA MET A 4 -14.11 -1.70 -5.24
C MET A 4 -14.69 -1.54 -3.84
N GLU A 5 -15.99 -1.28 -3.75
CA GLU A 5 -16.65 -1.10 -2.46
C GLU A 5 -16.46 -2.33 -1.58
N ASN A 6 -16.74 -3.50 -2.13
CA ASN A 6 -16.58 -4.74 -1.40
C ASN A 6 -15.12 -4.98 -1.05
N LEU A 7 -14.22 -4.54 -1.93
CA LEU A 7 -12.80 -4.69 -1.70
C LEU A 7 -12.35 -3.87 -0.51
N SER A 8 -12.59 -2.56 -0.58
CA SER A 8 -12.23 -1.64 0.49
C SER A 8 -12.81 -2.13 1.82
N ARG A 9 -13.97 -2.77 1.74
CA ARG A 9 -14.64 -3.29 2.93
C ARG A 9 -13.82 -4.42 3.53
N ARG A 10 -13.34 -5.33 2.66
CA ARG A 10 -12.54 -6.45 3.10
C ARG A 10 -11.25 -5.96 3.77
N LEU A 11 -10.58 -5.00 3.14
CA LEU A 11 -9.35 -4.46 3.71
C LEU A 11 -9.65 -3.79 5.05
N LYS A 12 -10.81 -3.16 5.13
CA LYS A 12 -11.22 -2.49 6.36
C LYS A 12 -11.26 -3.46 7.52
N VAL A 13 -11.77 -4.67 7.25
CA VAL A 13 -11.85 -5.71 8.26
C VAL A 13 -10.46 -6.11 8.73
N THR A 14 -9.62 -6.50 7.78
CA THR A 14 -8.25 -6.90 8.09
C THR A 14 -7.50 -5.76 8.79
N GLY A 15 -7.87 -4.54 8.44
CA GLY A 15 -7.24 -3.38 9.04
C GLY A 15 -7.49 -3.29 10.53
N ASP A 16 -8.76 -3.36 10.91
CA ASP A 16 -9.14 -3.30 12.32
C ASP A 16 -8.50 -4.44 13.10
N LEU A 17 -8.34 -5.58 12.45
CA LEU A 17 -7.74 -6.75 13.08
C LEU A 17 -6.22 -6.60 13.16
N PHE A 18 -5.66 -5.82 12.24
CA PHE A 18 -4.22 -5.60 12.21
C PHE A 18 -3.89 -4.11 12.29
N ASP A 19 -4.60 -3.39 13.15
CA ASP A 19 -4.38 -1.97 13.34
C ASP A 19 -3.46 -1.70 14.52
N ILE A 20 -3.98 -1.93 15.72
CA ILE A 20 -3.20 -1.72 16.93
C ILE A 20 -2.74 -0.26 17.06
N MET A 21 -2.46 0.15 18.29
CA MET A 21 -2.00 1.51 18.57
C MET A 21 -0.85 1.50 19.58
N SER A 22 -0.88 0.53 20.49
CA SER A 22 0.15 0.40 21.51
C SER A 22 0.02 -0.94 22.23
N GLY A 23 1.14 -1.64 22.38
CA GLY A 23 1.13 -2.93 23.04
C GLY A 23 2.37 -3.20 23.84
N MET B 1 11.22 12.16 11.75
CA MET B 1 9.84 11.96 11.31
C MET B 1 9.67 12.41 9.86
N SER B 2 9.06 11.56 9.05
CA SER B 2 8.84 11.88 7.64
C SER B 2 10.17 12.10 6.92
N GLN B 3 10.75 11.02 6.43
CA GLN B 3 12.02 11.09 5.72
C GLN B 3 11.80 11.05 4.22
N SER B 4 11.32 9.90 3.74
CA SER B 4 11.05 9.71 2.31
C SER B 4 9.88 8.76 2.12
N ASN B 5 8.67 9.27 2.31
CA ASN B 5 7.47 8.47 2.18
C ASN B 5 7.41 7.77 0.82
N ARG B 6 7.95 8.44 -0.21
CA ARG B 6 7.96 7.88 -1.56
C ARG B 6 8.80 6.62 -1.61
N GLU B 7 9.94 6.63 -0.92
CA GLU B 7 10.82 5.46 -0.88
C GLU B 7 10.04 4.28 -0.31
N LEU B 8 9.14 4.58 0.62
CA LEU B 8 8.33 3.56 1.24
C LEU B 8 7.29 3.06 0.25
N VAL B 9 6.84 3.97 -0.63
CA VAL B 9 5.85 3.61 -1.63
C VAL B 9 6.49 2.75 -2.73
N VAL B 10 7.68 3.16 -3.15
CA VAL B 10 8.42 2.44 -4.18
C VAL B 10 8.86 1.06 -3.69
N ASP B 11 9.22 0.99 -2.41
CA ASP B 11 9.68 -0.27 -1.83
C ASP B 11 8.55 -1.28 -1.68
N PHE B 12 7.54 -0.93 -0.89
CA PHE B 12 6.40 -1.83 -0.68
C PHE B 12 5.81 -2.29 -2.00
N LEU B 13 5.52 -1.34 -2.88
CA LEU B 13 4.97 -1.65 -4.19
C LEU B 13 5.90 -2.59 -4.95
N SER B 14 7.19 -2.33 -4.85
CA SER B 14 8.19 -3.15 -5.52
C SER B 14 8.27 -4.55 -4.91
N TYR B 15 8.11 -4.62 -3.59
CA TYR B 15 8.16 -5.89 -2.90
C TYR B 15 6.97 -6.78 -3.24
N LYS B 16 5.77 -6.26 -3.00
CA LYS B 16 4.54 -7.02 -3.31
C LYS B 16 4.58 -7.54 -4.74
N LEU B 17 4.90 -6.63 -5.67
CA LEU B 17 4.99 -7.00 -7.08
C LEU B 17 6.05 -8.08 -7.29
N SER B 18 7.12 -8.00 -6.49
CA SER B 18 8.20 -8.97 -6.58
C SER B 18 7.75 -10.34 -6.07
N GLN B 19 6.77 -10.34 -5.17
CA GLN B 19 6.23 -11.57 -4.62
C GLN B 19 5.24 -12.19 -5.59
N LYS B 20 4.62 -11.35 -6.43
CA LYS B 20 3.66 -11.83 -7.41
C LYS B 20 4.36 -12.33 -8.66
N GLY B 21 5.57 -11.83 -8.89
CA GLY B 21 6.33 -12.25 -10.06
C GLY B 21 6.64 -11.09 -10.99
N TYR B 22 6.59 -9.86 -10.46
CA TYR B 22 6.87 -8.68 -11.26
C TYR B 22 8.05 -7.91 -10.69
N SER B 23 8.41 -6.81 -11.33
CA SER B 23 9.53 -5.98 -10.89
C SER B 23 9.19 -4.50 -11.01
N TRP B 24 9.55 -3.75 -9.97
CA TRP B 24 9.29 -2.31 -9.94
C TRP B 24 10.08 -1.58 -11.03
N SER B 25 11.40 -1.80 -11.04
CA SER B 25 12.27 -1.17 -12.02
C SER B 25 11.85 -1.55 -13.45
N GLN B 26 11.25 -2.72 -13.59
CA GLN B 26 10.80 -3.20 -14.90
C GLN B 26 9.81 -2.22 -15.52
N PHE B 27 9.01 -1.58 -14.68
CA PHE B 27 8.02 -0.63 -15.15
C PHE B 27 8.03 0.65 -14.30
N SER B 28 9.22 1.04 -13.88
CA SER B 28 9.39 2.25 -13.07
C SER B 28 10.59 3.05 -13.52
N ASP B 29 11.77 2.44 -13.40
CA ASP B 29 13.01 3.11 -13.80
C ASP B 29 13.29 4.33 -12.92
N VAL B 30 12.56 4.42 -11.81
CA VAL B 30 12.71 5.53 -10.88
C VAL B 30 13.44 5.10 -9.62
N GLU B 31 12.98 3.99 -9.06
CA GLU B 31 13.56 3.45 -7.85
C GLU B 31 13.62 4.51 -6.75
N GLU B 32 12.47 5.08 -6.42
CA GLU B 32 12.36 6.12 -5.40
C GLU B 32 13.45 7.15 -5.58
N ASN B 33 13.53 7.71 -6.78
CA ASN B 33 14.52 8.72 -7.12
C ASN B 33 15.85 8.07 -7.51
N ARG B 34 16.85 8.90 -7.76
CA ARG B 34 18.16 8.41 -8.16
C ARG B 34 19.09 8.28 -6.95
N THR B 35 18.58 7.70 -5.87
CA THR B 35 19.37 7.53 -4.66
C THR B 35 19.13 6.15 -4.04
N GLU B 36 17.95 5.95 -3.47
CA GLU B 36 17.60 4.68 -2.84
C GLU B 36 18.53 4.42 -1.66
N ALA B 37 17.93 4.11 -0.52
CA ALA B 37 18.69 3.84 0.70
C ALA B 37 19.87 2.90 0.43
N PRO B 38 21.11 3.39 0.62
CA PRO B 38 22.31 2.58 0.40
C PRO B 38 22.37 1.41 1.37
N GLU B 39 22.06 1.68 2.63
CA GLU B 39 22.06 0.66 3.66
C GLU B 39 20.85 0.79 4.58
N GLY B 40 20.73 -0.13 5.52
CA GLY B 40 19.62 -0.13 6.44
C GLY B 40 19.52 1.16 7.26
N THR B 41 18.97 2.19 6.64
CA THR B 41 18.82 3.48 7.29
C THR B 41 17.49 3.56 8.02
N GLU B 42 17.10 4.77 8.44
CA GLU B 42 15.85 4.97 9.16
C GLU B 42 14.67 4.62 8.28
N SER B 43 14.56 5.29 7.14
CA SER B 43 13.49 5.03 6.19
C SER B 43 13.49 3.55 5.81
N GLU B 44 14.67 2.96 5.81
CA GLU B 44 14.84 1.55 5.49
C GLU B 44 14.02 0.69 6.44
N ALA B 45 14.22 0.91 7.73
CA ALA B 45 13.50 0.16 8.75
C ALA B 45 11.99 0.34 8.56
N VAL B 46 11.59 1.52 8.15
CA VAL B 46 10.18 1.82 7.93
C VAL B 46 9.59 0.84 6.91
N LYS B 47 10.26 0.69 5.77
CA LYS B 47 9.80 -0.22 4.74
C LYS B 47 9.72 -1.64 5.27
N GLN B 48 10.67 -1.99 6.13
CA GLN B 48 10.70 -3.34 6.71
C GLN B 48 9.39 -3.62 7.45
N ALA B 49 8.92 -2.64 8.22
CA ALA B 49 7.69 -2.80 8.98
C ALA B 49 6.50 -2.92 8.03
N LEU B 50 6.54 -2.16 6.93
CA LEU B 50 5.48 -2.18 5.95
C LEU B 50 5.47 -3.49 5.18
N ARG B 51 6.65 -3.97 4.81
CA ARG B 51 6.77 -5.22 4.07
C ARG B 51 6.25 -6.38 4.91
N GLU B 52 6.75 -6.48 6.14
CA GLU B 52 6.33 -7.53 7.05
C GLU B 52 4.84 -7.40 7.36
N ALA B 53 4.40 -6.16 7.55
CA ALA B 53 2.99 -5.90 7.83
C ALA B 53 2.13 -6.25 6.64
N GLY B 54 2.63 -5.96 5.44
CA GLY B 54 1.90 -6.26 4.23
C GLY B 54 1.79 -7.75 3.99
N ASP B 55 2.86 -8.47 4.31
CA ASP B 55 2.88 -9.92 4.15
C ASP B 55 1.80 -10.57 5.00
N GLU B 56 1.68 -10.10 6.24
CA GLU B 56 0.67 -10.62 7.15
C GLU B 56 -0.71 -10.10 6.79
N PHE B 57 -0.75 -8.89 6.23
CA PHE B 57 -2.02 -8.28 5.82
C PHE B 57 -2.63 -9.03 4.65
N GLU B 58 -1.84 -9.20 3.60
CA GLU B 58 -2.30 -9.91 2.40
C GLU B 58 -2.68 -11.35 2.74
N LEU B 59 -1.82 -12.03 3.48
CA LEU B 59 -2.07 -13.41 3.86
C LEU B 59 -3.38 -13.52 4.63
N ARG B 60 -3.54 -12.68 5.64
CA ARG B 60 -4.75 -12.67 6.45
C ARG B 60 -5.96 -12.31 5.59
N TYR B 61 -5.73 -11.49 4.57
CA TYR B 61 -6.79 -11.08 3.66
C TYR B 61 -7.34 -12.27 2.90
N ARG B 62 -6.44 -13.15 2.46
CA ARG B 62 -6.83 -14.35 1.72
C ARG B 62 -7.54 -15.34 2.64
N ARG B 63 -7.09 -15.39 3.89
CA ARG B 63 -7.68 -16.29 4.88
C ARG B 63 -9.07 -15.80 5.31
N ALA B 64 -9.27 -14.50 5.26
CA ALA B 64 -10.54 -13.90 5.64
C ALA B 64 -11.54 -13.95 4.49
N PHE B 65 -11.06 -13.66 3.29
CA PHE B 65 -11.92 -13.67 2.11
C PHE B 65 -11.26 -14.41 0.95
N SER B 66 -10.29 -13.76 0.31
CA SER B 66 -9.58 -14.36 -0.81
C SER B 66 -8.49 -13.43 -1.33
N ASP B 67 -7.97 -13.73 -2.52
CA ASP B 67 -6.92 -12.92 -3.12
C ASP B 67 -7.41 -11.48 -3.35
N LEU B 68 -6.47 -10.57 -3.59
CA LEU B 68 -6.80 -9.18 -3.82
C LEU B 68 -6.88 -8.88 -5.31
N THR B 69 -5.75 -9.01 -6.00
CA THR B 69 -5.69 -8.75 -7.43
C THR B 69 -6.71 -9.59 -8.19
N SER B 70 -7.01 -10.77 -7.66
CA SER B 70 -7.97 -11.67 -8.29
C SER B 70 -9.41 -11.32 -7.89
N GLN B 71 -9.58 -10.20 -7.19
CA GLN B 71 -10.90 -9.78 -6.75
C GLN B 71 -11.38 -8.58 -7.57
N LEU B 72 -10.47 -7.68 -7.88
CA LEU B 72 -10.80 -6.48 -8.65
C LEU B 72 -10.37 -6.64 -10.11
N HIS B 73 -10.51 -5.58 -10.89
CA HIS B 73 -10.14 -5.61 -12.30
C HIS B 73 -9.95 -4.21 -12.87
N ILE B 74 -8.86 -3.54 -12.47
CA ILE B 74 -8.56 -2.20 -12.96
C ILE B 74 -8.34 -2.22 -14.46
N THR B 75 -8.62 -1.10 -15.11
CA THR B 75 -8.45 -0.96 -16.54
C THR B 75 -8.06 0.47 -16.89
N PRO B 76 -7.35 0.67 -18.02
CA PRO B 76 -6.92 2.00 -18.44
C PRO B 76 -8.09 2.99 -18.52
N GLY B 77 -8.46 3.54 -17.37
CA GLY B 77 -9.56 4.48 -17.32
C GLY B 77 -10.28 4.48 -15.98
N THR B 78 -10.18 3.38 -15.24
CA THR B 78 -10.83 3.28 -13.94
C THR B 78 -9.84 2.97 -12.82
N ALA B 79 -8.54 2.96 -13.15
CA ALA B 79 -7.51 2.67 -12.16
C ALA B 79 -7.47 3.76 -11.10
N TYR B 80 -7.41 5.01 -11.54
CA TYR B 80 -7.38 6.15 -10.63
C TYR B 80 -8.67 6.25 -9.84
N GLN B 81 -9.75 5.73 -10.43
CA GLN B 81 -11.04 5.76 -9.78
C GLN B 81 -11.12 4.66 -8.72
N SER B 82 -10.72 3.46 -9.10
CA SER B 82 -10.74 2.33 -8.18
C SER B 82 -9.91 2.63 -6.95
N PHE B 83 -8.81 3.35 -7.14
CA PHE B 83 -7.94 3.72 -6.05
C PHE B 83 -8.65 4.70 -5.13
N GLU B 84 -9.20 5.76 -5.71
CA GLU B 84 -9.89 6.79 -4.95
C GLU B 84 -11.04 6.21 -4.13
N GLN B 85 -11.76 5.25 -4.71
CA GLN B 85 -12.90 4.65 -4.02
C GLN B 85 -12.45 3.71 -2.90
N VAL B 86 -11.31 3.06 -3.10
CA VAL B 86 -10.79 2.14 -2.11
C VAL B 86 -10.09 2.91 -0.98
N VAL B 87 -9.42 3.99 -1.35
CA VAL B 87 -8.72 4.81 -0.37
C VAL B 87 -9.70 5.64 0.43
N ASN B 88 -10.75 6.10 -0.22
CA ASN B 88 -11.75 6.92 0.43
C ASN B 88 -12.62 6.08 1.36
N GLU B 89 -13.23 5.03 0.81
CA GLU B 89 -14.10 4.15 1.58
C GLU B 89 -13.33 3.49 2.71
N LEU B 90 -12.06 3.25 2.49
CA LEU B 90 -11.21 2.62 3.50
C LEU B 90 -10.96 3.57 4.68
N PHE B 91 -10.61 4.81 4.36
CA PHE B 91 -10.34 5.81 5.39
C PHE B 91 -11.58 6.65 5.67
N ARG B 92 -12.72 6.24 5.12
CA ARG B 92 -13.97 6.98 5.33
C ARG B 92 -14.43 6.79 6.77
N ASP B 93 -14.39 5.55 7.23
CA ASP B 93 -14.77 5.22 8.59
C ASP B 93 -13.74 5.75 9.57
N GLY B 94 -12.52 6.00 9.07
CA GLY B 94 -11.48 6.51 9.93
C GLY B 94 -10.11 5.97 9.57
N VAL B 95 -9.12 6.85 9.59
CA VAL B 95 -7.75 6.47 9.27
C VAL B 95 -7.09 5.76 10.45
N ASN B 96 -6.02 5.02 10.17
CA ASN B 96 -5.29 4.28 11.19
C ASN B 96 -4.31 3.27 10.56
N TRP B 97 -3.34 2.78 11.34
CA TRP B 97 -2.37 1.81 10.82
C TRP B 97 -3.07 0.73 10.01
N GLY B 98 -4.05 0.08 10.62
CA GLY B 98 -4.80 -0.98 9.95
C GLY B 98 -5.33 -0.53 8.61
N ARG B 99 -5.74 0.74 8.53
CA ARG B 99 -6.25 1.31 7.30
C ARG B 99 -5.11 1.54 6.32
N ILE B 100 -3.99 2.01 6.84
CA ILE B 100 -2.81 2.28 6.02
C ILE B 100 -2.22 0.98 5.50
N VAL B 101 -2.30 -0.08 6.30
CA VAL B 101 -1.78 -1.37 5.88
C VAL B 101 -2.54 -1.84 4.65
N ALA B 102 -3.84 -1.53 4.62
CA ALA B 102 -4.67 -1.88 3.49
C ALA B 102 -4.41 -0.92 2.34
N PHE B 103 -4.13 0.33 2.69
CA PHE B 103 -3.82 1.35 1.70
C PHE B 103 -2.65 0.89 0.84
N PHE B 104 -1.57 0.53 1.50
CA PHE B 104 -0.38 0.05 0.83
C PHE B 104 -0.65 -1.32 0.22
N SER B 105 -1.53 -2.10 0.85
CA SER B 105 -1.88 -3.43 0.36
C SER B 105 -2.53 -3.36 -1.01
N PHE B 106 -3.67 -2.68 -1.09
CA PHE B 106 -4.39 -2.55 -2.35
C PHE B 106 -3.50 -1.89 -3.40
N GLY B 107 -2.68 -0.94 -2.97
CA GLY B 107 -1.79 -0.26 -3.90
C GLY B 107 -0.93 -1.24 -4.68
N GLY B 108 -0.23 -2.10 -3.97
CA GLY B 108 0.61 -3.10 -4.63
C GLY B 108 -0.21 -4.04 -5.48
N ALA B 109 -1.42 -4.34 -5.02
CA ALA B 109 -2.32 -5.23 -5.75
C ALA B 109 -2.70 -4.63 -7.10
N LEU B 110 -3.11 -3.36 -7.08
CA LEU B 110 -3.50 -2.67 -8.31
C LEU B 110 -2.35 -2.70 -9.32
N CYS B 111 -1.14 -2.45 -8.83
CA CYS B 111 0.04 -2.45 -9.69
C CYS B 111 0.20 -3.79 -10.38
N VAL B 112 -0.03 -4.86 -9.63
CA VAL B 112 0.07 -6.21 -10.16
C VAL B 112 -1.02 -6.47 -11.19
N GLU B 113 -2.25 -6.07 -10.86
CA GLU B 113 -3.38 -6.25 -11.76
C GLU B 113 -3.20 -5.43 -13.03
N SER B 114 -2.50 -4.30 -12.90
CA SER B 114 -2.24 -3.43 -14.03
C SER B 114 -1.23 -4.06 -14.97
N VAL B 115 -0.23 -4.69 -14.37
CA VAL B 115 0.80 -5.36 -15.13
C VAL B 115 0.28 -6.67 -15.71
N ASP B 116 -0.62 -7.30 -14.97
CA ASP B 116 -1.21 -8.56 -15.40
C ASP B 116 -2.15 -8.33 -16.58
N LYS B 117 -2.87 -7.21 -16.53
CA LYS B 117 -3.80 -6.86 -17.60
C LYS B 117 -3.05 -6.40 -18.84
N GLU B 118 -2.45 -5.21 -18.75
CA GLU B 118 -1.70 -4.63 -19.86
C GLU B 118 -1.50 -3.14 -19.66
N MET B 119 -1.18 -2.73 -18.44
CA MET B 119 -0.97 -1.33 -18.14
C MET B 119 0.08 -1.16 -17.05
N GLN B 120 1.30 -1.61 -17.36
CA GLN B 120 2.41 -1.52 -16.42
C GLN B 120 2.62 -0.07 -16.00
N VAL B 121 2.30 0.84 -16.92
CA VAL B 121 2.43 2.27 -16.67
C VAL B 121 1.59 2.68 -15.46
N LEU B 122 0.43 2.06 -15.31
CA LEU B 122 -0.45 2.36 -14.19
C LEU B 122 0.22 2.04 -12.86
N VAL B 123 1.27 1.21 -12.91
CA VAL B 123 1.99 0.87 -11.70
C VAL B 123 2.59 2.13 -11.07
N SER B 124 3.25 2.92 -11.90
CA SER B 124 3.87 4.17 -11.46
C SER B 124 2.79 5.21 -11.19
N ARG B 125 1.70 5.15 -11.95
CA ARG B 125 0.60 6.08 -11.79
C ARG B 125 -0.02 5.90 -10.41
N ILE B 126 -0.36 4.65 -10.09
CA ILE B 126 -0.90 4.32 -8.78
C ILE B 126 0.13 4.65 -7.72
N ALA B 127 1.39 4.44 -8.08
CA ALA B 127 2.49 4.72 -7.17
C ALA B 127 2.48 6.19 -6.77
N ALA B 128 1.98 7.05 -7.67
CA ALA B 128 1.89 8.47 -7.41
C ALA B 128 0.61 8.81 -6.67
N TRP B 129 -0.44 8.02 -6.89
CA TRP B 129 -1.71 8.25 -6.22
C TRP B 129 -1.61 7.81 -4.77
N MET B 130 -0.91 6.71 -4.57
CA MET B 130 -0.72 6.16 -3.23
C MET B 130 0.26 7.02 -2.43
N ALA B 131 1.42 7.29 -3.02
CA ALA B 131 2.41 8.12 -2.36
C ALA B 131 1.84 9.48 -2.04
N THR B 132 1.26 10.12 -3.05
CA THR B 132 0.67 11.44 -2.89
C THR B 132 -0.41 11.43 -1.81
N TYR B 133 -1.29 10.44 -1.84
CA TYR B 133 -2.34 10.34 -0.85
C TYR B 133 -1.75 10.03 0.52
N LEU B 134 -0.69 9.23 0.50
CA LEU B 134 0.00 8.85 1.73
C LEU B 134 0.63 10.05 2.42
N ASN B 135 1.22 10.96 1.65
CA ASN B 135 1.87 12.14 2.20
C ASN B 135 0.89 13.26 2.51
N ASP B 136 -0.18 13.35 1.74
CA ASP B 136 -1.15 14.43 1.93
C ASP B 136 -2.41 14.02 2.71
N HIS B 137 -2.81 12.75 2.61
CA HIS B 137 -4.04 12.32 3.29
C HIS B 137 -3.82 11.60 4.63
N LEU B 138 -2.92 10.63 4.68
CA LEU B 138 -2.71 9.89 5.93
C LEU B 138 -1.42 10.28 6.64
N GLU B 139 -0.49 10.90 5.91
CA GLU B 139 0.78 11.33 6.50
C GLU B 139 0.56 12.03 7.84
N PRO B 140 -0.31 13.05 7.89
CA PRO B 140 -0.58 13.79 9.13
C PRO B 140 -0.98 12.84 10.25
N TRP B 141 -1.71 11.79 9.90
CA TRP B 141 -2.13 10.81 10.89
C TRP B 141 -0.92 10.05 11.40
N ILE B 142 0.03 9.82 10.50
CA ILE B 142 1.25 9.11 10.84
C ILE B 142 1.97 9.84 11.95
N GLN B 143 2.45 11.04 11.65
CA GLN B 143 3.17 11.85 12.63
C GLN B 143 2.29 12.11 13.85
N GLU B 144 0.99 12.01 13.68
CA GLU B 144 0.05 12.25 14.77
C GLU B 144 0.28 11.31 15.94
N ASN B 145 0.24 10.00 15.67
CA ASN B 145 0.42 9.00 16.73
C ASN B 145 1.87 8.57 16.87
N GLY B 146 2.79 9.42 16.41
CA GLY B 146 4.20 9.11 16.52
C GLY B 146 4.89 9.01 15.17
N GLY B 147 4.18 8.48 14.19
CA GLY B 147 4.76 8.35 12.86
C GLY B 147 5.17 6.94 12.50
N TRP B 148 6.04 6.84 11.50
CA TRP B 148 6.54 5.56 11.04
C TRP B 148 7.35 4.85 12.12
N ASP B 149 7.71 5.59 13.17
CA ASP B 149 8.46 5.02 14.28
C ASP B 149 7.52 4.18 15.12
N THR B 150 6.28 4.62 15.18
CA THR B 150 5.26 3.90 15.92
C THR B 150 4.88 2.64 15.17
N PHE B 151 4.65 2.77 13.86
CA PHE B 151 4.31 1.61 13.05
C PHE B 151 5.37 0.54 13.24
N VAL B 152 6.62 0.96 13.27
CA VAL B 152 7.73 0.05 13.50
C VAL B 152 7.68 -0.45 14.94
N GLU B 153 7.11 0.37 15.81
CA GLU B 153 6.99 0.03 17.22
C GLU B 153 6.17 -1.23 17.42
N LEU B 154 4.99 -1.26 16.80
CA LEU B 154 4.09 -2.40 16.94
C LEU B 154 4.29 -3.44 15.83
N TYR B 155 4.64 -2.99 14.63
CA TYR B 155 4.85 -3.89 13.51
C TYR B 155 6.32 -4.30 13.39
N GLY B 156 7.20 -3.31 13.52
CA GLY B 156 8.62 -3.58 13.44
C GLY B 156 9.02 -4.18 12.09
N GLY A 1 -19.85 -2.01 -9.79
CA GLY A 1 -20.50 -1.47 -8.60
C GLY A 1 -20.56 -2.48 -7.46
N GLY A 2 -19.60 -3.40 -7.45
CA GLY A 2 -19.56 -4.41 -6.40
C GLY A 2 -18.17 -4.98 -6.20
N THR A 3 -17.16 -4.19 -6.52
CA THR A 3 -15.77 -4.63 -6.37
C THR A 3 -14.99 -3.67 -5.47
N MET A 4 -14.83 -2.43 -5.93
CA MET A 4 -14.10 -1.42 -5.18
C MET A 4 -14.66 -1.26 -3.77
N GLU A 5 -15.96 -0.96 -3.68
CA GLU A 5 -16.61 -0.77 -2.39
C GLU A 5 -16.44 -2.00 -1.51
N ASN A 6 -16.76 -3.17 -2.05
CA ASN A 6 -16.64 -4.42 -1.31
C ASN A 6 -15.20 -4.64 -0.84
N LEU A 7 -14.26 -4.34 -1.72
CA LEU A 7 -12.85 -4.50 -1.40
C LEU A 7 -12.46 -3.65 -0.19
N SER A 8 -12.79 -2.36 -0.25
CA SER A 8 -12.49 -1.44 0.83
C SER A 8 -12.99 -1.98 2.17
N ARG A 9 -14.21 -2.52 2.17
CA ARG A 9 -14.80 -3.08 3.37
C ARG A 9 -13.93 -4.20 3.93
N ARG A 10 -13.45 -5.07 3.04
CA ARG A 10 -12.62 -6.19 3.43
C ARG A 10 -11.32 -5.70 4.09
N LEU A 11 -10.59 -4.85 3.38
CA LEU A 11 -9.34 -4.32 3.91
C LEU A 11 -9.59 -3.59 5.23
N LYS A 12 -10.76 -2.97 5.34
CA LYS A 12 -11.13 -2.23 6.53
C LYS A 12 -11.12 -3.17 7.75
N VAL A 13 -11.73 -4.33 7.59
CA VAL A 13 -11.79 -5.31 8.67
C VAL A 13 -10.38 -5.74 9.08
N THR A 14 -9.58 -6.14 8.10
CA THR A 14 -8.21 -6.56 8.35
C THR A 14 -7.43 -5.45 9.05
N GLY A 15 -7.73 -4.21 8.68
CA GLY A 15 -7.05 -3.08 9.28
C GLY A 15 -7.27 -3.00 10.77
N ASP A 16 -8.53 -3.06 11.19
CA ASP A 16 -8.87 -3.00 12.60
C ASP A 16 -8.21 -4.15 13.36
N LEU A 17 -8.11 -5.30 12.70
CA LEU A 17 -7.50 -6.47 13.32
C LEU A 17 -5.98 -6.30 13.45
N PHE A 18 -5.40 -5.53 12.54
CA PHE A 18 -3.95 -5.29 12.56
C PHE A 18 -3.63 -3.87 13.05
N ASP A 19 -4.64 -3.19 13.60
CA ASP A 19 -4.45 -1.84 14.11
C ASP A 19 -4.28 -1.84 15.63
N ILE A 20 -3.63 -2.88 16.14
CA ILE A 20 -3.40 -3.01 17.57
C ILE A 20 -2.67 -1.79 18.13
N MET A 21 -2.81 -1.57 19.43
CA MET A 21 -2.16 -0.44 20.11
C MET A 21 -2.71 0.89 19.60
N SER A 22 -2.43 1.19 18.34
CA SER A 22 -2.89 2.42 17.71
C SER A 22 -1.99 3.60 18.09
N GLY A 23 -0.88 3.32 18.78
CA GLY A 23 0.04 4.36 19.18
C GLY A 23 0.52 4.21 20.60
N MET B 1 9.98 13.86 9.99
CA MET B 1 10.35 12.45 9.81
C MET B 1 9.96 11.97 8.42
N SER B 2 9.99 12.88 7.45
CA SER B 2 9.64 12.55 6.07
C SER B 2 10.89 12.35 5.23
N GLN B 3 11.82 11.53 5.72
CA GLN B 3 13.07 11.27 5.02
C GLN B 3 12.82 10.92 3.55
N SER B 4 11.80 10.12 3.30
CA SER B 4 11.45 9.71 1.95
C SER B 4 10.21 8.82 1.95
N ASN B 5 9.05 9.43 1.73
CA ASN B 5 7.79 8.69 1.70
C ASN B 5 7.69 7.83 0.45
N ARG B 6 7.96 8.44 -0.69
CA ARG B 6 7.90 7.73 -1.97
C ARG B 6 8.81 6.51 -1.97
N GLU B 7 9.88 6.59 -1.19
CA GLU B 7 10.81 5.48 -1.08
C GLU B 7 10.10 4.24 -0.57
N LEU B 8 9.29 4.44 0.45
CA LEU B 8 8.51 3.36 1.04
C LEU B 8 7.44 2.91 0.06
N VAL B 9 6.94 3.84 -0.75
CA VAL B 9 5.93 3.52 -1.74
C VAL B 9 6.54 2.70 -2.86
N VAL B 10 7.75 3.08 -3.26
CA VAL B 10 8.47 2.39 -4.32
C VAL B 10 8.96 1.02 -3.85
N ASP B 11 9.39 0.97 -2.60
CA ASP B 11 9.90 -0.28 -2.03
C ASP B 11 8.76 -1.28 -1.79
N PHE B 12 7.77 -0.90 -1.00
CA PHE B 12 6.65 -1.77 -0.71
C PHE B 12 6.00 -2.28 -1.99
N LEU B 13 5.68 -1.34 -2.88
CA LEU B 13 5.06 -1.68 -4.15
C LEU B 13 5.97 -2.61 -4.95
N SER B 14 7.26 -2.32 -4.92
CA SER B 14 8.25 -3.13 -5.63
C SER B 14 8.40 -4.49 -4.98
N TYR B 15 8.21 -4.55 -3.66
CA TYR B 15 8.34 -5.80 -2.92
C TYR B 15 7.17 -6.72 -3.24
N LYS B 16 5.95 -6.24 -3.01
CA LYS B 16 4.75 -7.03 -3.28
C LYS B 16 4.78 -7.54 -4.71
N LEU B 17 5.01 -6.63 -5.65
CA LEU B 17 5.08 -6.99 -7.07
C LEU B 17 6.19 -8.01 -7.30
N SER B 18 7.26 -7.90 -6.52
CA SER B 18 8.37 -8.83 -6.64
C SER B 18 7.97 -10.22 -6.18
N GLN B 19 7.05 -10.28 -5.22
CA GLN B 19 6.57 -11.55 -4.71
C GLN B 19 5.57 -12.18 -5.68
N LYS B 20 4.92 -11.33 -6.48
CA LYS B 20 3.94 -11.80 -7.45
C LYS B 20 4.65 -12.26 -8.72
N GLY B 21 5.84 -11.73 -8.96
CA GLY B 21 6.59 -12.09 -10.14
C GLY B 21 6.80 -10.92 -11.07
N TYR B 22 6.74 -9.71 -10.53
CA TYR B 22 6.92 -8.50 -11.32
C TYR B 22 8.03 -7.63 -10.76
N SER B 23 8.58 -6.75 -11.59
CA SER B 23 9.66 -5.86 -11.17
C SER B 23 9.22 -4.40 -11.23
N TRP B 24 9.53 -3.66 -10.17
CA TRP B 24 9.16 -2.25 -10.10
C TRP B 24 9.90 -1.45 -11.17
N SER B 25 11.23 -1.37 -11.04
CA SER B 25 12.05 -0.63 -12.00
C SER B 25 11.74 -1.03 -13.44
N GLN B 26 11.24 -2.26 -13.61
CA GLN B 26 10.91 -2.75 -14.94
C GLN B 26 9.86 -1.86 -15.62
N PHE B 27 9.01 -1.23 -14.80
CA PHE B 27 7.98 -0.36 -15.33
C PHE B 27 7.74 0.84 -14.41
N SER B 28 8.82 1.50 -14.00
CA SER B 28 8.72 2.66 -13.13
C SER B 28 9.57 3.82 -13.65
N ASP B 29 8.92 4.92 -14.00
CA ASP B 29 9.63 6.09 -14.51
C ASP B 29 10.62 6.59 -13.49
N VAL B 30 10.30 6.39 -12.21
CA VAL B 30 11.17 6.81 -11.12
C VAL B 30 12.42 5.93 -11.05
N GLU B 31 12.24 4.64 -11.32
CA GLU B 31 13.33 3.69 -11.30
C GLU B 31 13.80 3.43 -9.87
N GLU B 32 13.02 2.63 -9.15
CA GLU B 32 13.31 2.28 -7.76
C GLU B 32 13.78 3.49 -6.98
N ASN B 33 13.03 4.56 -7.06
CA ASN B 33 13.35 5.79 -6.36
C ASN B 33 14.38 6.61 -7.14
N ARG B 34 14.79 7.75 -6.59
CA ARG B 34 15.77 8.61 -7.23
C ARG B 34 17.16 8.46 -6.59
N THR B 35 17.20 8.41 -5.27
CA THR B 35 18.46 8.28 -4.55
C THR B 35 18.48 7.05 -3.65
N GLU B 36 17.63 7.04 -2.63
CA GLU B 36 17.54 5.92 -1.70
C GLU B 36 18.81 5.83 -0.85
N ALA B 37 18.63 5.58 0.44
CA ALA B 37 19.75 5.46 1.37
C ALA B 37 20.47 4.14 1.18
N PRO B 38 21.74 4.05 1.62
CA PRO B 38 22.54 2.84 1.50
C PRO B 38 21.85 1.64 2.14
N GLU B 39 21.75 1.65 3.46
CA GLU B 39 21.11 0.57 4.21
C GLU B 39 20.87 0.97 5.66
N GLY B 40 19.86 0.35 6.27
CA GLY B 40 19.54 0.63 7.66
C GLY B 40 19.14 2.07 7.89
N THR B 41 18.60 2.71 6.87
CA THR B 41 18.18 4.11 6.99
C THR B 41 16.84 4.22 7.71
N GLU B 42 16.40 5.44 7.98
CA GLU B 42 15.14 5.66 8.66
C GLU B 42 13.99 5.04 7.89
N SER B 43 13.83 5.46 6.65
CA SER B 43 12.78 4.93 5.79
C SER B 43 12.96 3.43 5.58
N GLU B 44 14.18 2.94 5.83
CA GLU B 44 14.48 1.53 5.67
C GLU B 44 13.73 0.70 6.72
N ALA B 45 13.96 1.01 7.98
CA ALA B 45 13.31 0.31 9.07
C ALA B 45 11.79 0.45 8.95
N VAL B 46 11.34 1.62 8.54
CA VAL B 46 9.91 1.87 8.37
C VAL B 46 9.34 0.98 7.28
N LYS B 47 9.94 1.02 6.11
CA LYS B 47 9.50 0.20 5.00
C LYS B 47 9.60 -1.28 5.37
N GLN B 48 10.63 -1.60 6.15
CA GLN B 48 10.84 -2.96 6.63
C GLN B 48 9.60 -3.45 7.35
N ALA B 49 9.04 -2.60 8.20
CA ALA B 49 7.84 -2.92 8.95
C ALA B 49 6.63 -3.01 8.02
N LEU B 50 6.66 -2.22 6.96
CA LEU B 50 5.58 -2.21 5.98
C LEU B 50 5.60 -3.49 5.16
N ARG B 51 6.79 -3.94 4.79
CA ARG B 51 6.95 -5.17 4.01
C ARG B 51 6.41 -6.36 4.79
N GLU B 52 6.82 -6.46 6.05
CA GLU B 52 6.39 -7.54 6.92
C GLU B 52 4.92 -7.40 7.24
N ALA B 53 4.47 -6.16 7.41
CA ALA B 53 3.08 -5.87 7.71
C ALA B 53 2.19 -6.29 6.55
N GLY B 54 2.59 -5.92 5.34
CA GLY B 54 1.83 -6.27 4.15
C GLY B 54 1.75 -7.78 3.95
N ASP B 55 2.85 -8.46 4.27
CA ASP B 55 2.91 -9.91 4.13
C ASP B 55 1.83 -10.58 4.98
N GLU B 56 1.77 -10.20 6.25
CA GLU B 56 0.78 -10.75 7.18
C GLU B 56 -0.61 -10.23 6.82
N PHE B 57 -0.73 -8.92 6.62
CA PHE B 57 -2.00 -8.30 6.28
C PHE B 57 -2.63 -8.99 5.07
N GLU B 58 -1.87 -9.05 3.99
CA GLU B 58 -2.34 -9.68 2.75
C GLU B 58 -2.65 -11.16 2.97
N LEU B 59 -1.80 -11.82 3.77
CA LEU B 59 -1.99 -13.24 4.05
C LEU B 59 -3.33 -13.49 4.74
N ARG B 60 -3.63 -12.67 5.75
CA ARG B 60 -4.89 -12.81 6.47
C ARG B 60 -6.06 -12.67 5.52
N TYR B 61 -5.98 -11.67 4.64
CA TYR B 61 -7.03 -11.43 3.65
C TYR B 61 -7.09 -12.59 2.65
N ARG B 62 -5.92 -13.08 2.27
CA ARG B 62 -5.82 -14.19 1.33
C ARG B 62 -6.33 -15.48 1.94
N ARG B 63 -6.21 -15.59 3.26
CA ARG B 63 -6.67 -16.78 3.98
C ARG B 63 -8.16 -16.73 4.23
N ALA B 64 -8.70 -15.53 4.35
CA ALA B 64 -10.13 -15.35 4.62
C ALA B 64 -10.90 -14.97 3.36
N PHE B 65 -10.60 -13.79 2.81
CA PHE B 65 -11.28 -13.31 1.61
C PHE B 65 -10.49 -13.62 0.34
N SER B 66 -9.67 -14.67 0.40
CA SER B 66 -8.87 -15.08 -0.75
C SER B 66 -8.07 -13.90 -1.33
N ASP B 67 -7.49 -14.10 -2.51
CA ASP B 67 -6.69 -13.08 -3.16
C ASP B 67 -7.48 -11.78 -3.33
N LEU B 68 -6.82 -10.74 -3.83
CA LEU B 68 -7.46 -9.45 -4.03
C LEU B 68 -7.53 -9.11 -5.52
N THR B 69 -6.39 -9.14 -6.19
CA THR B 69 -6.31 -8.83 -7.61
C THR B 69 -7.28 -9.70 -8.41
N SER B 70 -7.51 -10.91 -7.94
CA SER B 70 -8.42 -11.85 -8.61
C SER B 70 -9.82 -11.27 -8.70
N GLN B 71 -10.14 -10.33 -7.82
CA GLN B 71 -11.46 -9.70 -7.81
C GLN B 71 -11.42 -8.31 -8.43
N LEU B 72 -10.24 -7.68 -8.40
CA LEU B 72 -10.08 -6.35 -8.96
C LEU B 72 -10.56 -6.29 -10.41
N HIS B 73 -10.48 -5.11 -11.01
CA HIS B 73 -10.91 -4.92 -12.39
C HIS B 73 -10.51 -3.55 -12.93
N ILE B 74 -9.35 -3.06 -12.49
CA ILE B 74 -8.86 -1.76 -12.95
C ILE B 74 -8.60 -1.77 -14.45
N THR B 75 -8.73 -0.60 -15.06
CA THR B 75 -8.51 -0.46 -16.49
C THR B 75 -7.75 0.84 -16.77
N PRO B 76 -7.27 1.04 -18.01
CA PRO B 76 -6.54 2.26 -18.38
C PRO B 76 -7.44 3.48 -18.41
N GLY B 77 -7.98 3.84 -17.24
CA GLY B 77 -8.85 4.98 -17.13
C GLY B 77 -9.64 5.01 -15.84
N THR B 78 -9.87 3.83 -15.26
CA THR B 78 -10.61 3.73 -14.00
C THR B 78 -9.69 3.27 -12.86
N ALA B 79 -8.39 3.27 -13.11
CA ALA B 79 -7.43 2.86 -12.10
C ALA B 79 -7.36 3.87 -10.96
N TYR B 80 -7.20 5.15 -11.32
CA TYR B 80 -7.13 6.22 -10.34
C TYR B 80 -8.47 6.38 -9.62
N GLN B 81 -9.54 5.99 -10.30
CA GLN B 81 -10.88 6.08 -9.72
C GLN B 81 -11.11 4.91 -8.79
N SER B 82 -10.75 3.72 -9.24
CA SER B 82 -10.90 2.51 -8.45
C SER B 82 -10.10 2.62 -7.16
N PHE B 83 -8.86 3.09 -7.29
CA PHE B 83 -7.98 3.25 -6.13
C PHE B 83 -8.50 4.35 -5.21
N GLU B 84 -9.02 5.42 -5.80
CA GLU B 84 -9.53 6.54 -5.04
C GLU B 84 -10.79 6.15 -4.28
N GLN B 85 -11.59 5.30 -4.89
CA GLN B 85 -12.84 4.85 -4.27
C GLN B 85 -12.58 3.90 -3.11
N VAL B 86 -11.58 3.04 -3.23
CA VAL B 86 -11.26 2.10 -2.18
C VAL B 86 -10.48 2.79 -1.07
N VAL B 87 -9.61 3.72 -1.47
CA VAL B 87 -8.83 4.47 -0.51
C VAL B 87 -9.72 5.41 0.29
N ASN B 88 -10.74 5.93 -0.38
CA ASN B 88 -11.67 6.85 0.27
C ASN B 88 -12.57 6.09 1.24
N GLU B 89 -13.24 5.05 0.73
CA GLU B 89 -14.14 4.25 1.55
C GLU B 89 -13.39 3.62 2.71
N LEU B 90 -12.10 3.36 2.50
CA LEU B 90 -11.26 2.75 3.53
C LEU B 90 -11.01 3.74 4.67
N PHE B 91 -10.67 4.96 4.31
CA PHE B 91 -10.40 6.00 5.31
C PHE B 91 -11.63 6.89 5.53
N ARG B 92 -12.78 6.46 5.00
CA ARG B 92 -14.02 7.20 5.17
C ARG B 92 -14.56 6.99 6.58
N ASP B 93 -14.38 5.78 7.08
CA ASP B 93 -14.83 5.42 8.41
C ASP B 93 -13.83 5.91 9.46
N GLY B 94 -12.60 6.16 9.01
CA GLY B 94 -11.57 6.64 9.92
C GLY B 94 -10.20 6.12 9.60
N VAL B 95 -9.22 7.02 9.58
CA VAL B 95 -7.84 6.64 9.28
C VAL B 95 -7.16 6.00 10.47
N ASN B 96 -6.10 5.25 10.19
CA ASN B 96 -5.32 4.54 11.21
C ASN B 96 -4.45 3.45 10.58
N TRP B 97 -3.45 2.98 11.33
CA TRP B 97 -2.54 1.93 10.83
C TRP B 97 -3.30 0.83 10.10
N GLY B 98 -4.38 0.36 10.71
CA GLY B 98 -5.17 -0.70 10.11
C GLY B 98 -5.57 -0.41 8.68
N ARG B 99 -6.10 0.79 8.44
CA ARG B 99 -6.53 1.17 7.10
C ARG B 99 -5.32 1.45 6.21
N ILE B 100 -4.26 1.99 6.79
CA ILE B 100 -3.06 2.31 6.04
C ILE B 100 -2.40 1.03 5.52
N VAL B 101 -2.47 -0.04 6.31
CA VAL B 101 -1.91 -1.32 5.90
C VAL B 101 -2.62 -1.78 4.63
N ALA B 102 -3.90 -1.46 4.54
CA ALA B 102 -4.71 -1.81 3.39
C ALA B 102 -4.44 -0.87 2.23
N PHE B 103 -4.26 0.41 2.56
CA PHE B 103 -3.99 1.42 1.54
C PHE B 103 -2.76 1.01 0.73
N PHE B 104 -1.71 0.61 1.44
CA PHE B 104 -0.48 0.17 0.82
C PHE B 104 -0.66 -1.19 0.15
N SER B 105 -1.46 -2.05 0.77
CA SER B 105 -1.70 -3.39 0.24
C SER B 105 -2.57 -3.32 -1.02
N PHE B 106 -3.45 -2.32 -1.06
CA PHE B 106 -4.34 -2.15 -2.20
C PHE B 106 -3.58 -1.69 -3.44
N GLY B 107 -2.76 -0.67 -3.26
CA GLY B 107 -1.97 -0.17 -4.38
C GLY B 107 -1.09 -1.24 -4.97
N GLY B 108 -0.36 -1.95 -4.11
CA GLY B 108 0.50 -3.01 -4.58
C GLY B 108 -0.26 -4.04 -5.39
N ALA B 109 -1.41 -4.45 -4.87
CA ALA B 109 -2.25 -5.43 -5.56
C ALA B 109 -2.75 -4.89 -6.89
N LEU B 110 -3.11 -3.60 -6.90
CA LEU B 110 -3.60 -2.97 -8.12
C LEU B 110 -2.56 -3.05 -9.23
N CYS B 111 -1.33 -2.68 -8.89
CA CYS B 111 -0.23 -2.71 -9.85
C CYS B 111 -0.08 -4.11 -10.44
N VAL B 112 -0.11 -5.11 -9.57
CA VAL B 112 0.02 -6.50 -10.00
C VAL B 112 -1.12 -6.88 -10.94
N GLU B 113 -2.32 -6.38 -10.66
CA GLU B 113 -3.48 -6.67 -11.48
C GLU B 113 -3.39 -5.95 -12.83
N SER B 114 -2.92 -4.70 -12.80
CA SER B 114 -2.76 -3.92 -14.02
C SER B 114 -1.61 -4.46 -14.86
N VAL B 115 -0.59 -4.97 -14.19
CA VAL B 115 0.56 -5.54 -14.86
C VAL B 115 0.21 -6.90 -15.45
N ASP B 116 -0.66 -7.62 -14.76
CA ASP B 116 -1.07 -8.95 -15.20
C ASP B 116 -1.96 -8.83 -16.43
N LYS B 117 -2.75 -7.76 -16.48
CA LYS B 117 -3.65 -7.52 -17.60
C LYS B 117 -2.86 -7.06 -18.82
N GLU B 118 -2.33 -5.85 -18.75
CA GLU B 118 -1.54 -5.28 -19.85
C GLU B 118 -1.40 -3.76 -19.68
N MET B 119 -1.12 -3.32 -18.46
CA MET B 119 -0.98 -1.90 -18.18
C MET B 119 -0.02 -1.68 -17.03
N GLN B 120 1.24 -2.08 -17.22
CA GLN B 120 2.27 -1.90 -16.21
C GLN B 120 2.34 -0.43 -15.80
N VAL B 121 1.90 0.43 -16.72
CA VAL B 121 1.90 1.87 -16.49
C VAL B 121 1.17 2.23 -15.21
N LEU B 122 0.07 1.55 -14.94
CA LEU B 122 -0.72 1.82 -13.74
C LEU B 122 0.12 1.63 -12.48
N VAL B 123 1.21 0.90 -12.59
CA VAL B 123 2.09 0.70 -11.44
C VAL B 123 2.68 2.03 -11.02
N SER B 124 3.17 2.78 -12.00
CA SER B 124 3.75 4.10 -11.75
C SER B 124 2.66 5.11 -11.43
N ARG B 125 1.52 4.98 -12.09
CA ARG B 125 0.40 5.90 -11.86
C ARG B 125 -0.13 5.72 -10.44
N ILE B 126 -0.42 4.48 -10.09
CA ILE B 126 -0.88 4.17 -8.74
C ILE B 126 0.22 4.50 -7.76
N ALA B 127 1.46 4.31 -8.20
CA ALA B 127 2.61 4.60 -7.36
C ALA B 127 2.59 6.06 -6.92
N ALA B 128 2.10 6.93 -7.80
CA ALA B 128 2.01 8.35 -7.50
C ALA B 128 0.74 8.68 -6.74
N TRP B 129 -0.31 7.88 -6.95
CA TRP B 129 -1.57 8.11 -6.26
C TRP B 129 -1.46 7.67 -4.82
N MET B 130 -0.72 6.59 -4.61
CA MET B 130 -0.54 6.05 -3.27
C MET B 130 0.47 6.87 -2.49
N ALA B 131 1.63 7.14 -3.09
CA ALA B 131 2.66 7.93 -2.42
C ALA B 131 2.15 9.33 -2.11
N THR B 132 1.31 9.86 -3.01
CA THR B 132 0.74 11.19 -2.82
C THR B 132 -0.32 11.18 -1.73
N TYR B 133 -1.26 10.25 -1.84
CA TYR B 133 -2.33 10.14 -0.85
C TYR B 133 -1.74 9.80 0.52
N LEU B 134 -0.71 8.96 0.51
CA LEU B 134 -0.04 8.56 1.74
C LEU B 134 0.62 9.75 2.42
N ASN B 135 1.23 10.62 1.62
CA ASN B 135 1.92 11.79 2.16
C ASN B 135 0.97 12.95 2.46
N ASP B 136 -0.15 13.00 1.77
CA ASP B 136 -1.11 14.08 1.95
C ASP B 136 -2.32 13.71 2.82
N HIS B 137 -2.73 12.45 2.79
CA HIS B 137 -3.91 12.04 3.56
C HIS B 137 -3.61 11.38 4.90
N LEU B 138 -2.75 10.36 4.91
CA LEU B 138 -2.46 9.68 6.18
C LEU B 138 -1.17 10.15 6.83
N GLU B 139 -0.22 10.62 6.04
CA GLU B 139 1.05 11.11 6.57
C GLU B 139 0.85 11.92 7.86
N PRO B 140 -0.05 12.92 7.82
CA PRO B 140 -0.35 13.73 8.99
C PRO B 140 -0.79 12.88 10.18
N TRP B 141 -1.58 11.86 9.88
CA TRP B 141 -2.07 10.95 10.89
C TRP B 141 -0.90 10.16 11.47
N ILE B 142 0.04 9.83 10.59
CA ILE B 142 1.21 9.08 11.00
C ILE B 142 1.96 9.80 12.10
N GLN B 143 2.53 10.94 11.75
CA GLN B 143 3.28 11.73 12.72
C GLN B 143 2.39 12.12 13.91
N GLU B 144 1.08 12.09 13.70
CA GLU B 144 0.13 12.43 14.75
C GLU B 144 0.27 11.53 15.97
N ASN B 145 0.17 10.21 15.76
CA ASN B 145 0.26 9.26 16.87
C ASN B 145 1.67 8.71 17.04
N GLY B 146 2.66 9.47 16.60
CA GLY B 146 4.04 9.04 16.75
C GLY B 146 4.78 8.98 15.44
N GLY B 147 4.10 8.53 14.39
CA GLY B 147 4.73 8.46 13.08
C GLY B 147 5.15 7.06 12.69
N TRP B 148 6.05 6.98 11.71
CA TRP B 148 6.55 5.72 11.20
C TRP B 148 7.28 4.94 12.28
N ASP B 149 7.64 5.62 13.37
CA ASP B 149 8.33 4.97 14.47
C ASP B 149 7.33 4.11 15.24
N THR B 150 6.08 4.56 15.23
CA THR B 150 5.01 3.85 15.89
C THR B 150 4.66 2.62 15.07
N PHE B 151 4.45 2.80 13.77
CA PHE B 151 4.13 1.67 12.90
C PHE B 151 5.17 0.58 13.09
N VAL B 152 6.42 1.00 13.23
CA VAL B 152 7.51 0.07 13.44
C VAL B 152 7.48 -0.48 14.87
N GLU B 153 6.91 0.30 15.79
CA GLU B 153 6.84 -0.13 17.17
C GLU B 153 5.77 -1.21 17.34
N LEU B 154 4.71 -1.12 16.55
CA LEU B 154 3.61 -2.08 16.62
C LEU B 154 3.82 -3.23 15.64
N TYR B 155 4.32 -2.92 14.45
CA TYR B 155 4.55 -3.94 13.43
C TYR B 155 5.97 -4.48 13.49
N GLY B 156 6.93 -3.59 13.73
CA GLY B 156 8.32 -4.01 13.81
C GLY B 156 8.82 -4.58 12.50
N GLY A 1 -19.44 -3.20 -10.12
CA GLY A 1 -20.05 -3.38 -8.82
C GLY A 1 -19.57 -4.63 -8.12
N GLY A 2 -19.59 -4.60 -6.78
CA GLY A 2 -19.14 -5.75 -6.01
C GLY A 2 -17.66 -6.04 -6.20
N THR A 3 -16.90 -5.01 -6.55
CA THR A 3 -15.46 -5.16 -6.75
C THR A 3 -14.68 -4.18 -5.89
N MET A 4 -14.80 -2.89 -6.20
CA MET A 4 -14.10 -1.86 -5.45
C MET A 4 -14.61 -1.78 -4.02
N GLU A 5 -15.91 -1.60 -3.86
CA GLU A 5 -16.52 -1.50 -2.54
C GLU A 5 -16.21 -2.74 -1.71
N ASN A 6 -16.39 -3.91 -2.33
CA ASN A 6 -16.12 -5.16 -1.65
C ASN A 6 -14.66 -5.25 -1.23
N LEU A 7 -13.79 -4.62 -2.02
CA LEU A 7 -12.36 -4.62 -1.73
C LEU A 7 -12.07 -3.75 -0.51
N SER A 8 -12.43 -2.48 -0.61
CA SER A 8 -12.22 -1.54 0.49
C SER A 8 -12.83 -2.06 1.78
N ARG A 9 -13.95 -2.76 1.65
CA ARG A 9 -14.64 -3.34 2.80
C ARG A 9 -13.82 -4.48 3.41
N ARG A 10 -13.44 -5.43 2.56
CA ARG A 10 -12.65 -6.57 3.01
C ARG A 10 -11.37 -6.13 3.69
N LEU A 11 -10.57 -5.32 3.00
CA LEU A 11 -9.32 -4.82 3.56
C LEU A 11 -9.59 -4.03 4.83
N LYS A 12 -10.76 -3.37 4.88
CA LYS A 12 -11.14 -2.60 6.05
C LYS A 12 -11.22 -3.51 7.26
N VAL A 13 -11.72 -4.71 7.05
CA VAL A 13 -11.85 -5.70 8.11
C VAL A 13 -10.47 -6.11 8.60
N THR A 14 -9.61 -6.50 7.67
CA THR A 14 -8.25 -6.90 8.01
C THR A 14 -7.49 -5.71 8.60
N GLY A 15 -7.86 -4.51 8.16
CA GLY A 15 -7.21 -3.31 8.68
C GLY A 15 -7.38 -3.18 10.18
N ASP A 16 -8.62 -3.29 10.63
CA ASP A 16 -8.92 -3.19 12.06
C ASP A 16 -8.31 -4.38 12.80
N LEU A 17 -8.23 -5.51 12.12
CA LEU A 17 -7.67 -6.72 12.70
C LEU A 17 -6.18 -6.55 12.98
N PHE A 18 -5.48 -5.98 12.00
CA PHE A 18 -4.05 -5.74 12.13
C PHE A 18 -3.76 -4.25 12.31
N ASP A 19 -4.45 -3.64 13.27
CA ASP A 19 -4.27 -2.22 13.56
C ASP A 19 -3.53 -2.02 14.86
N ILE A 20 -4.20 -2.31 15.97
CA ILE A 20 -3.61 -2.16 17.30
C ILE A 20 -3.33 -0.69 17.62
N MET A 21 -2.31 -0.13 16.96
CA MET A 21 -1.93 1.26 17.17
C MET A 21 -1.89 1.62 18.64
N SER A 22 -1.59 0.64 19.48
CA SER A 22 -1.53 0.86 20.93
C SER A 22 -0.74 -0.26 21.60
N GLY A 23 -0.38 -0.05 22.86
CA GLY A 23 0.38 -1.04 23.60
C GLY A 23 1.45 -0.42 24.48
N MET B 1 10.79 13.26 11.60
CA MET B 1 10.06 12.29 10.78
C MET B 1 9.86 12.81 9.37
N SER B 2 9.26 11.98 8.51
CA SER B 2 9.00 12.35 7.12
C SER B 2 10.31 12.55 6.37
N GLN B 3 10.96 11.44 6.00
CA GLN B 3 12.22 11.50 5.27
C GLN B 3 11.99 11.27 3.78
N SER B 4 11.11 10.33 3.46
CA SER B 4 10.80 10.01 2.08
C SER B 4 9.64 9.03 2.00
N ASN B 5 8.42 9.55 2.03
CA ASN B 5 7.22 8.73 1.97
C ASN B 5 7.13 7.97 0.64
N ARG B 6 7.53 8.63 -0.43
CA ARG B 6 7.50 8.03 -1.76
C ARG B 6 8.44 6.83 -1.84
N GLU B 7 9.64 6.97 -1.26
CA GLU B 7 10.60 5.89 -1.26
C GLU B 7 10.00 4.65 -0.61
N LEU B 8 9.15 4.89 0.40
CA LEU B 8 8.49 3.81 1.10
C LEU B 8 7.39 3.22 0.23
N VAL B 9 6.78 4.07 -0.60
CA VAL B 9 5.72 3.63 -1.49
C VAL B 9 6.30 2.84 -2.66
N VAL B 10 7.43 3.31 -3.18
CA VAL B 10 8.10 2.66 -4.29
C VAL B 10 8.67 1.31 -3.87
N ASP B 11 9.17 1.23 -2.65
CA ASP B 11 9.76 0.01 -2.13
C ASP B 11 8.69 -1.07 -1.89
N PHE B 12 7.72 -0.76 -1.06
CA PHE B 12 6.65 -1.71 -0.75
C PHE B 12 6.00 -2.23 -2.03
N LEU B 13 5.55 -1.31 -2.88
CA LEU B 13 4.92 -1.67 -4.14
C LEU B 13 5.85 -2.55 -4.97
N SER B 14 7.13 -2.22 -4.95
CA SER B 14 8.13 -2.96 -5.71
C SER B 14 8.31 -4.36 -5.13
N TYR B 15 8.30 -4.46 -3.81
CA TYR B 15 8.47 -5.75 -3.14
C TYR B 15 7.29 -6.67 -3.42
N LYS B 16 6.09 -6.20 -3.06
CA LYS B 16 4.88 -6.99 -3.27
C LYS B 16 4.81 -7.50 -4.71
N LEU B 17 5.03 -6.60 -5.66
CA LEU B 17 5.00 -6.96 -7.07
C LEU B 17 6.05 -8.03 -7.37
N SER B 18 7.19 -7.95 -6.68
CA SER B 18 8.25 -8.92 -6.86
C SER B 18 7.83 -10.28 -6.34
N GLN B 19 6.92 -10.28 -5.37
CA GLN B 19 6.42 -11.51 -4.78
C GLN B 19 5.34 -12.11 -5.69
N LYS B 20 4.68 -11.26 -6.46
CA LYS B 20 3.64 -11.72 -7.37
C LYS B 20 4.23 -12.22 -8.68
N GLY B 21 5.45 -11.74 -8.99
CA GLY B 21 6.11 -12.16 -10.20
C GLY B 21 6.35 -11.01 -11.16
N TYR B 22 6.36 -9.78 -10.62
CA TYR B 22 6.57 -8.59 -11.44
C TYR B 22 7.75 -7.78 -10.90
N SER B 23 8.46 -7.10 -11.80
CA SER B 23 9.59 -6.28 -11.42
C SER B 23 9.23 -4.79 -11.42
N TRP B 24 9.70 -4.08 -10.41
CA TRP B 24 9.41 -2.65 -10.28
C TRP B 24 10.07 -1.87 -11.41
N SER B 25 11.40 -1.81 -11.41
CA SER B 25 12.15 -1.09 -12.43
C SER B 25 11.73 -1.49 -13.84
N GLN B 26 11.21 -2.71 -13.97
CA GLN B 26 10.77 -3.22 -15.26
C GLN B 26 9.68 -2.31 -15.85
N PHE B 27 8.90 -1.69 -14.98
CA PHE B 27 7.82 -0.81 -15.42
C PHE B 27 7.58 0.30 -14.41
N SER B 28 8.62 0.69 -13.69
CA SER B 28 8.51 1.73 -12.68
C SER B 28 9.47 2.88 -12.96
N ASP B 29 10.57 2.60 -13.63
CA ASP B 29 11.57 3.62 -13.92
C ASP B 29 12.31 3.97 -12.64
N VAL B 30 11.54 4.44 -11.65
CA VAL B 30 12.06 4.81 -10.34
C VAL B 30 12.56 6.25 -10.31
N GLU B 31 12.96 6.77 -11.46
CA GLU B 31 13.44 8.14 -11.58
C GLU B 31 14.51 8.47 -10.53
N GLU B 32 15.51 7.59 -10.43
CA GLU B 32 16.60 7.80 -9.48
C GLU B 32 17.77 6.86 -9.77
N ASN B 33 17.65 5.61 -9.34
CA ASN B 33 18.70 4.62 -9.56
C ASN B 33 18.12 3.21 -9.54
N ARG B 34 18.95 2.24 -9.91
CA ARG B 34 18.52 0.84 -9.94
C ARG B 34 18.37 0.30 -8.53
N THR B 35 19.33 0.62 -7.68
CA THR B 35 19.31 0.16 -6.29
C THR B 35 18.35 1.00 -5.46
N GLU B 36 17.53 0.34 -4.65
CA GLU B 36 16.56 1.05 -3.83
C GLU B 36 17.00 1.08 -2.37
N ALA B 37 17.08 2.29 -1.83
CA ALA B 37 17.47 2.48 -0.44
C ALA B 37 18.89 1.96 -0.17
N PRO B 38 19.71 2.74 0.56
CA PRO B 38 21.08 2.35 0.89
C PRO B 38 21.15 1.23 1.91
N GLU B 39 20.01 0.95 2.55
CA GLU B 39 19.93 -0.10 3.57
C GLU B 39 20.66 0.31 4.84
N GLY B 40 19.94 0.28 5.97
CA GLY B 40 20.52 0.64 7.24
C GLY B 40 20.10 2.01 7.74
N THR B 41 19.21 2.68 7.02
CA THR B 41 18.76 4.01 7.42
C THR B 41 17.44 3.95 8.17
N GLU B 42 16.98 5.10 8.67
CA GLU B 42 15.73 5.18 9.41
C GLU B 42 14.54 4.78 8.54
N SER B 43 14.37 5.49 7.44
CA SER B 43 13.29 5.19 6.51
C SER B 43 13.40 3.74 6.05
N GLU B 44 14.62 3.21 6.09
CA GLU B 44 14.89 1.84 5.71
C GLU B 44 14.13 0.90 6.63
N ALA B 45 14.32 1.08 7.93
CA ALA B 45 13.65 0.27 8.93
C ALA B 45 12.14 0.35 8.74
N VAL B 46 11.67 1.53 8.35
CA VAL B 46 10.24 1.74 8.11
C VAL B 46 9.72 0.78 7.06
N LYS B 47 10.42 0.68 5.93
CA LYS B 47 10.01 -0.23 4.86
C LYS B 47 9.96 -1.66 5.38
N GLN B 48 10.93 -2.00 6.24
CA GLN B 48 10.98 -3.34 6.81
C GLN B 48 9.66 -3.68 7.51
N ALA B 49 9.18 -2.75 8.32
CA ALA B 49 7.92 -2.95 9.04
C ALA B 49 6.76 -3.05 8.06
N LEU B 50 6.86 -2.32 6.95
CA LEU B 50 5.82 -2.34 5.93
C LEU B 50 5.82 -3.67 5.20
N ARG B 51 7.01 -4.17 4.90
CA ARG B 51 7.14 -5.44 4.20
C ARG B 51 6.58 -6.57 5.05
N GLU B 52 7.01 -6.63 6.30
CA GLU B 52 6.54 -7.66 7.23
C GLU B 52 5.05 -7.51 7.47
N ALA B 53 4.60 -6.26 7.57
CA ALA B 53 3.19 -5.97 7.80
C ALA B 53 2.36 -6.35 6.58
N GLY B 54 2.88 -6.06 5.40
CA GLY B 54 2.18 -6.38 4.17
C GLY B 54 1.96 -7.87 4.03
N ASP B 55 2.96 -8.66 4.42
CA ASP B 55 2.87 -10.11 4.32
C ASP B 55 1.78 -10.63 5.25
N GLU B 56 1.85 -10.24 6.52
CA GLU B 56 0.85 -10.66 7.50
C GLU B 56 -0.54 -10.16 7.12
N PHE B 57 -0.61 -8.93 6.65
CA PHE B 57 -1.88 -8.34 6.24
C PHE B 57 -2.52 -9.15 5.13
N GLU B 58 -1.74 -9.44 4.09
CA GLU B 58 -2.21 -10.22 2.96
C GLU B 58 -2.49 -11.65 3.38
N LEU B 59 -1.70 -12.15 4.33
CA LEU B 59 -1.88 -13.52 4.82
C LEU B 59 -3.28 -13.71 5.38
N ARG B 60 -3.66 -12.85 6.32
CA ARG B 60 -4.98 -12.93 6.91
C ARG B 60 -6.06 -12.69 5.85
N TYR B 61 -5.74 -11.82 4.90
CA TYR B 61 -6.66 -11.49 3.82
C TYR B 61 -6.89 -12.71 2.94
N ARG B 62 -5.82 -13.45 2.68
CA ARG B 62 -5.87 -14.64 1.85
C ARG B 62 -6.71 -15.74 2.50
N ARG B 63 -6.51 -15.92 3.80
CA ARG B 63 -7.23 -16.94 4.55
C ARG B 63 -8.63 -16.46 4.96
N ALA B 64 -8.77 -15.15 5.13
CA ALA B 64 -10.04 -14.57 5.53
C ALA B 64 -10.97 -14.40 4.34
N PHE B 65 -10.55 -13.60 3.36
CA PHE B 65 -11.36 -13.36 2.17
C PHE B 65 -10.52 -13.45 0.90
N SER B 66 -9.55 -14.36 0.89
CA SER B 66 -8.69 -14.54 -0.27
C SER B 66 -8.07 -13.21 -0.71
N ASP B 67 -7.38 -13.23 -1.85
CA ASP B 67 -6.75 -12.04 -2.39
C ASP B 67 -7.79 -11.00 -2.79
N LEU B 68 -7.33 -9.84 -3.25
CA LEU B 68 -8.21 -8.76 -3.66
C LEU B 68 -8.07 -8.46 -5.15
N THR B 69 -7.01 -8.97 -5.77
CA THR B 69 -6.76 -8.73 -7.19
C THR B 69 -7.63 -9.66 -8.05
N SER B 70 -7.93 -10.84 -7.53
CA SER B 70 -8.74 -11.81 -8.26
C SER B 70 -10.12 -11.23 -8.61
N GLN B 71 -10.54 -10.20 -7.88
CA GLN B 71 -11.84 -9.58 -8.13
C GLN B 71 -11.70 -8.18 -8.71
N LEU B 72 -10.54 -7.56 -8.49
CA LEU B 72 -10.28 -6.22 -8.99
C LEU B 72 -10.71 -6.07 -10.46
N HIS B 73 -10.78 -4.83 -10.93
CA HIS B 73 -11.19 -4.55 -12.31
C HIS B 73 -10.78 -3.14 -12.72
N ILE B 74 -9.47 -2.91 -12.79
CA ILE B 74 -8.95 -1.61 -13.19
C ILE B 74 -8.56 -1.58 -14.65
N THR B 75 -8.64 -0.41 -15.26
CA THR B 75 -8.28 -0.24 -16.67
C THR B 75 -7.47 1.03 -16.86
N PRO B 76 -6.90 1.23 -18.05
CA PRO B 76 -6.09 2.42 -18.35
C PRO B 76 -6.95 3.67 -18.42
N GLY B 77 -7.59 4.03 -17.31
CA GLY B 77 -8.44 5.21 -17.28
C GLY B 77 -9.30 5.28 -16.03
N THR B 78 -9.61 4.14 -15.44
CA THR B 78 -10.44 4.11 -14.23
C THR B 78 -9.63 3.68 -13.01
N ALA B 79 -8.34 3.41 -13.21
CA ALA B 79 -7.47 3.01 -12.12
C ALA B 79 -7.39 4.09 -11.05
N TYR B 80 -7.33 5.34 -11.51
CA TYR B 80 -7.26 6.49 -10.60
C TYR B 80 -8.54 6.64 -9.80
N GLN B 81 -9.66 6.19 -10.36
CA GLN B 81 -10.95 6.28 -9.69
C GLN B 81 -11.15 5.10 -8.76
N SER B 82 -10.83 3.90 -9.24
CA SER B 82 -10.98 2.70 -8.44
C SER B 82 -10.14 2.84 -7.17
N PHE B 83 -8.96 3.43 -7.32
CA PHE B 83 -8.06 3.64 -6.19
C PHE B 83 -8.60 4.71 -5.25
N GLU B 84 -8.94 5.86 -5.82
CA GLU B 84 -9.44 6.98 -5.05
C GLU B 84 -10.74 6.63 -4.33
N GLN B 85 -11.60 5.88 -5.01
CA GLN B 85 -12.88 5.48 -4.44
C GLN B 85 -12.71 4.40 -3.37
N VAL B 86 -11.71 3.53 -3.56
CA VAL B 86 -11.46 2.46 -2.60
C VAL B 86 -10.69 3.00 -1.40
N VAL B 87 -9.78 3.93 -1.65
CA VAL B 87 -8.99 4.51 -0.59
C VAL B 87 -9.83 5.47 0.24
N ASN B 88 -10.80 6.10 -0.41
CA ASN B 88 -11.68 7.03 0.29
C ASN B 88 -12.61 6.26 1.22
N GLU B 89 -13.26 5.23 0.69
CA GLU B 89 -14.18 4.42 1.47
C GLU B 89 -13.44 3.74 2.62
N LEU B 90 -12.17 3.42 2.38
CA LEU B 90 -11.34 2.76 3.39
C LEU B 90 -11.08 3.69 4.57
N PHE B 91 -10.55 4.87 4.28
CA PHE B 91 -10.25 5.85 5.32
C PHE B 91 -11.46 6.73 5.63
N ARG B 92 -12.59 6.41 5.01
CA ARG B 92 -13.82 7.16 5.25
C ARG B 92 -14.35 6.82 6.63
N ASP B 93 -14.26 5.55 6.98
CA ASP B 93 -14.70 5.07 8.28
C ASP B 93 -13.72 5.52 9.36
N GLY B 94 -12.50 5.90 8.94
CA GLY B 94 -11.51 6.34 9.89
C GLY B 94 -10.10 5.89 9.55
N VAL B 95 -9.16 6.84 9.55
CA VAL B 95 -7.78 6.54 9.25
C VAL B 95 -7.07 5.90 10.46
N ASN B 96 -5.97 5.20 10.18
CA ASN B 96 -5.17 4.54 11.21
C ASN B 96 -4.26 3.47 10.58
N TRP B 97 -3.29 2.99 11.36
CA TRP B 97 -2.34 1.98 10.87
C TRP B 97 -3.06 0.90 10.06
N GLY B 98 -4.12 0.35 10.63
CA GLY B 98 -4.88 -0.70 9.96
C GLY B 98 -5.30 -0.29 8.55
N ARG B 99 -5.87 0.90 8.42
CA ARG B 99 -6.31 1.39 7.13
C ARG B 99 -5.10 1.64 6.23
N ILE B 100 -3.99 2.05 6.82
CA ILE B 100 -2.78 2.32 6.08
C ILE B 100 -2.13 1.01 5.61
N VAL B 101 -2.25 -0.03 6.41
CA VAL B 101 -1.71 -1.33 6.03
C VAL B 101 -2.43 -1.82 4.79
N ALA B 102 -3.72 -1.54 4.72
CA ALA B 102 -4.54 -1.92 3.59
C ALA B 102 -4.30 -0.96 2.43
N PHE B 103 -4.06 0.31 2.76
CA PHE B 103 -3.80 1.32 1.75
C PHE B 103 -2.62 0.89 0.89
N PHE B 104 -1.56 0.45 1.56
CA PHE B 104 -0.36 -0.02 0.89
C PHE B 104 -0.59 -1.38 0.24
N SER B 105 -1.37 -2.23 0.89
CA SER B 105 -1.67 -3.56 0.37
C SER B 105 -2.49 -3.47 -0.91
N PHE B 106 -3.42 -2.52 -0.93
CA PHE B 106 -4.28 -2.31 -2.08
C PHE B 106 -3.48 -1.73 -3.24
N GLY B 107 -2.65 -0.74 -2.96
CA GLY B 107 -1.84 -0.13 -3.99
C GLY B 107 -1.00 -1.15 -4.74
N GLY B 108 -0.28 -1.98 -4.00
CA GLY B 108 0.53 -3.00 -4.61
C GLY B 108 -0.29 -3.98 -5.42
N ALA B 109 -1.44 -4.37 -4.88
CA ALA B 109 -2.33 -5.30 -5.56
C ALA B 109 -2.82 -4.72 -6.88
N LEU B 110 -3.19 -3.44 -6.86
CA LEU B 110 -3.68 -2.78 -8.06
C LEU B 110 -2.63 -2.82 -9.17
N CYS B 111 -1.39 -2.54 -8.80
CA CYS B 111 -0.29 -2.56 -9.77
C CYS B 111 -0.18 -3.92 -10.43
N VAL B 112 -0.22 -4.97 -9.61
CA VAL B 112 -0.13 -6.33 -10.11
C VAL B 112 -1.28 -6.64 -11.08
N GLU B 113 -2.45 -6.10 -10.77
CA GLU B 113 -3.63 -6.29 -11.60
C GLU B 113 -3.44 -5.64 -12.98
N SER B 114 -2.98 -4.40 -12.98
CA SER B 114 -2.76 -3.67 -14.22
C SER B 114 -1.60 -4.27 -14.99
N VAL B 115 -0.64 -4.84 -14.27
CA VAL B 115 0.51 -5.46 -14.90
C VAL B 115 0.11 -6.79 -15.51
N ASP B 116 -0.83 -7.46 -14.85
CA ASP B 116 -1.32 -8.75 -15.33
C ASP B 116 -2.29 -8.55 -16.48
N LYS B 117 -3.02 -7.44 -16.44
CA LYS B 117 -3.99 -7.12 -17.47
C LYS B 117 -3.29 -6.72 -18.76
N GLU B 118 -2.68 -5.53 -18.75
CA GLU B 118 -1.95 -5.02 -19.92
C GLU B 118 -1.67 -3.53 -19.78
N MET B 119 -1.27 -3.11 -18.58
CA MET B 119 -0.97 -1.71 -18.33
C MET B 119 -0.03 -1.56 -17.14
N GLN B 120 1.19 -2.06 -17.30
CA GLN B 120 2.19 -1.97 -16.24
C GLN B 120 2.35 -0.51 -15.81
N VAL B 121 2.02 0.39 -16.73
CA VAL B 121 2.11 1.82 -16.50
C VAL B 121 1.36 2.23 -15.24
N LEU B 122 0.20 1.62 -15.02
CA LEU B 122 -0.61 1.94 -13.85
C LEU B 122 0.16 1.72 -12.56
N VAL B 123 1.23 0.93 -12.63
CA VAL B 123 2.06 0.68 -11.45
C VAL B 123 2.66 1.98 -10.96
N SER B 124 3.24 2.73 -11.90
CA SER B 124 3.86 4.01 -11.59
C SER B 124 2.78 5.05 -11.32
N ARG B 125 1.65 4.93 -12.02
CA ARG B 125 0.55 5.87 -11.85
C ARG B 125 0.00 5.73 -10.44
N ILE B 126 -0.32 4.51 -10.06
CA ILE B 126 -0.82 4.23 -8.73
C ILE B 126 0.28 4.55 -7.72
N ALA B 127 1.52 4.30 -8.12
CA ALA B 127 2.66 4.57 -7.27
C ALA B 127 2.67 6.04 -6.86
N ALA B 128 2.20 6.91 -7.75
CA ALA B 128 2.14 8.33 -7.47
C ALA B 128 0.89 8.69 -6.70
N TRP B 129 -0.20 7.95 -6.91
CA TRP B 129 -1.43 8.20 -6.20
C TRP B 129 -1.30 7.75 -4.76
N MET B 130 -0.57 6.66 -4.58
CA MET B 130 -0.35 6.10 -3.26
C MET B 130 0.58 6.98 -2.44
N ALA B 131 1.75 7.26 -2.99
CA ALA B 131 2.73 8.10 -2.28
C ALA B 131 2.16 9.50 -2.05
N THR B 132 1.41 10.00 -3.04
CA THR B 132 0.82 11.32 -2.94
C THR B 132 -0.35 11.31 -1.95
N TYR B 133 -1.19 10.29 -2.03
CA TYR B 133 -2.32 10.17 -1.14
C TYR B 133 -1.85 9.90 0.29
N LEU B 134 -0.75 9.14 0.39
CA LEU B 134 -0.19 8.80 1.69
C LEU B 134 0.38 10.04 2.38
N ASN B 135 1.00 10.91 1.59
CA ASN B 135 1.61 12.12 2.14
C ASN B 135 0.57 13.22 2.40
N ASP B 136 -0.54 13.17 1.69
CA ASP B 136 -1.58 14.18 1.83
C ASP B 136 -2.77 13.71 2.68
N HIS B 137 -3.07 12.42 2.68
CA HIS B 137 -4.23 11.93 3.42
C HIS B 137 -3.90 11.32 4.78
N LEU B 138 -2.97 10.36 4.83
CA LEU B 138 -2.65 9.70 6.10
C LEU B 138 -1.39 10.26 6.75
N GLU B 139 -0.53 10.90 5.96
CA GLU B 139 0.70 11.47 6.50
C GLU B 139 0.46 12.19 7.83
N PRO B 140 -0.53 13.10 7.86
CA PRO B 140 -0.86 13.84 9.08
C PRO B 140 -1.15 12.89 10.23
N TRP B 141 -1.89 11.83 9.94
CA TRP B 141 -2.23 10.85 10.96
C TRP B 141 -0.99 10.10 11.41
N ILE B 142 -0.08 9.89 10.47
CA ILE B 142 1.14 9.17 10.77
C ILE B 142 1.91 9.88 11.88
N GLN B 143 2.37 11.08 11.59
CA GLN B 143 3.10 11.87 12.57
C GLN B 143 2.25 12.16 13.80
N GLU B 144 0.92 12.07 13.64
CA GLU B 144 0.00 12.33 14.73
C GLU B 144 0.14 11.34 15.87
N ASN B 145 0.06 10.06 15.55
CA ASN B 145 0.15 9.01 16.57
C ASN B 145 1.54 8.45 16.74
N GLY B 146 2.55 9.24 16.42
CA GLY B 146 3.92 8.79 16.59
C GLY B 146 4.69 8.70 15.28
N GLY B 147 3.99 8.37 14.21
CA GLY B 147 4.65 8.26 12.92
C GLY B 147 5.07 6.84 12.57
N TRP B 148 5.89 6.72 11.53
CA TRP B 148 6.38 5.42 11.07
C TRP B 148 7.24 4.75 12.14
N ASP B 149 7.66 5.51 13.15
CA ASP B 149 8.47 4.98 14.21
C ASP B 149 7.61 4.15 15.14
N THR B 150 6.37 4.56 15.28
CA THR B 150 5.42 3.85 16.12
C THR B 150 4.97 2.60 15.41
N PHE B 151 4.58 2.73 14.14
CA PHE B 151 4.16 1.58 13.36
C PHE B 151 5.24 0.52 13.42
N VAL B 152 6.49 0.97 13.39
CA VAL B 152 7.63 0.08 13.46
C VAL B 152 7.81 -0.44 14.88
N GLU B 153 7.37 0.34 15.86
CA GLU B 153 7.50 -0.06 17.25
C GLU B 153 6.48 -1.14 17.61
N LEU B 154 5.31 -1.07 17.00
CA LEU B 154 4.24 -2.04 17.26
C LEU B 154 4.37 -3.26 16.33
N TYR B 155 4.74 -3.00 15.09
CA TYR B 155 4.89 -4.07 14.11
C TYR B 155 6.31 -4.65 14.13
N GLY B 156 7.27 -3.80 14.49
CA GLY B 156 8.66 -4.23 14.53
C GLY B 156 9.17 -4.39 15.96
N GLY A 1 -19.99 -1.87 -10.22
CA GLY A 1 -21.23 -1.83 -9.49
C GLY A 1 -21.26 -2.82 -8.34
N GLY A 2 -20.20 -2.82 -7.54
CA GLY A 2 -20.11 -3.73 -6.41
C GLY A 2 -18.82 -4.51 -6.38
N THR A 3 -17.72 -3.82 -6.66
CA THR A 3 -16.39 -4.46 -6.67
C THR A 3 -15.41 -3.68 -5.80
N MET A 4 -15.32 -2.38 -6.05
CA MET A 4 -14.41 -1.52 -5.31
C MET A 4 -14.89 -1.33 -3.88
N GLU A 5 -16.20 -1.13 -3.72
CA GLU A 5 -16.78 -0.93 -2.40
C GLU A 5 -16.58 -2.16 -1.52
N ASN A 6 -16.92 -3.33 -2.07
CA ASN A 6 -16.77 -4.58 -1.33
C ASN A 6 -15.31 -4.81 -0.94
N LEU A 7 -14.41 -4.54 -1.88
CA LEU A 7 -12.98 -4.70 -1.63
C LEU A 7 -12.54 -3.87 -0.45
N SER A 8 -12.80 -2.57 -0.52
CA SER A 8 -12.43 -1.64 0.55
C SER A 8 -12.97 -2.12 1.88
N ARG A 9 -14.18 -2.67 1.87
CA ARG A 9 -14.81 -3.17 3.08
C ARG A 9 -13.93 -4.23 3.73
N ARG A 10 -13.44 -5.17 2.92
CA ARG A 10 -12.58 -6.24 3.42
C ARG A 10 -11.30 -5.66 4.01
N LEU A 11 -10.70 -4.71 3.30
CA LEU A 11 -9.47 -4.08 3.78
C LEU A 11 -9.71 -3.42 5.13
N LYS A 12 -10.79 -2.66 5.22
CA LYS A 12 -11.14 -1.97 6.46
C LYS A 12 -11.21 -2.94 7.64
N VAL A 13 -11.77 -4.13 7.39
CA VAL A 13 -11.88 -5.15 8.43
C VAL A 13 -10.49 -5.58 8.90
N THR A 14 -9.67 -6.04 7.97
CA THR A 14 -8.31 -6.47 8.29
C THR A 14 -7.57 -5.37 9.05
N GLY A 15 -7.84 -4.12 8.68
CA GLY A 15 -7.18 -3.01 9.35
C GLY A 15 -7.49 -2.97 10.83
N ASP A 16 -8.78 -3.02 11.16
CA ASP A 16 -9.19 -3.00 12.56
C ASP A 16 -8.58 -4.16 13.33
N LEU A 17 -8.37 -5.28 12.64
CA LEU A 17 -7.79 -6.46 13.25
C LEU A 17 -6.26 -6.38 13.26
N PHE A 18 -5.70 -5.64 12.30
CA PHE A 18 -4.25 -5.49 12.21
C PHE A 18 -3.82 -4.05 12.51
N ASP A 19 -4.62 -3.36 13.32
CA ASP A 19 -4.32 -1.99 13.68
C ASP A 19 -3.82 -1.90 15.13
N ILE A 20 -4.63 -2.42 16.05
CA ILE A 20 -4.28 -2.41 17.46
C ILE A 20 -4.08 -0.98 17.97
N MET A 21 -4.11 -0.81 19.29
CA MET A 21 -3.93 0.51 19.88
C MET A 21 -2.89 0.48 21.00
N SER A 22 -1.93 -0.44 20.88
CA SER A 22 -0.88 -0.59 21.88
C SER A 22 -0.16 0.73 22.11
N GLY A 23 0.51 1.22 21.08
CA GLY A 23 1.23 2.48 21.19
C GLY A 23 2.23 2.48 22.33
N MET B 1 7.80 15.95 9.88
CA MET B 1 6.84 15.48 8.88
C MET B 1 7.53 15.20 7.55
N SER B 2 7.12 14.11 6.90
CA SER B 2 7.71 13.73 5.62
C SER B 2 9.19 13.42 5.78
N GLN B 3 9.72 12.55 4.91
CA GLN B 3 11.13 12.19 4.95
C GLN B 3 11.49 11.26 3.79
N SER B 4 10.55 10.41 3.40
CA SER B 4 10.78 9.48 2.29
C SER B 4 9.53 8.64 2.03
N ASN B 5 8.37 9.29 2.07
CA ASN B 5 7.09 8.60 1.83
C ASN B 5 7.11 7.83 0.52
N ARG B 6 7.60 8.46 -0.54
CA ARG B 6 7.66 7.82 -1.85
C ARG B 6 8.63 6.65 -1.84
N GLU B 7 9.74 6.79 -1.12
CA GLU B 7 10.72 5.72 -1.04
C GLU B 7 10.07 4.47 -0.45
N LEU B 8 9.13 4.69 0.48
CA LEU B 8 8.41 3.59 1.10
C LEU B 8 7.41 3.01 0.12
N VAL B 9 6.85 3.87 -0.73
CA VAL B 9 5.88 3.44 -1.73
C VAL B 9 6.58 2.66 -2.83
N VAL B 10 7.75 3.12 -3.23
CA VAL B 10 8.53 2.49 -4.28
C VAL B 10 9.06 1.12 -3.83
N ASP B 11 9.43 1.03 -2.55
CA ASP B 11 9.97 -0.22 -2.01
C ASP B 11 8.88 -1.27 -1.87
N PHE B 12 7.87 -0.99 -1.05
CA PHE B 12 6.78 -1.94 -0.83
C PHE B 12 6.18 -2.39 -2.16
N LEU B 13 5.85 -1.41 -3.00
CA LEU B 13 5.27 -1.70 -4.31
C LEU B 13 6.19 -2.60 -5.11
N SER B 14 7.49 -2.30 -5.07
CA SER B 14 8.48 -3.07 -5.80
C SER B 14 8.67 -4.45 -5.20
N TYR B 15 8.56 -4.55 -3.88
CA TYR B 15 8.72 -5.82 -3.19
C TYR B 15 7.56 -6.76 -3.51
N LYS B 16 6.34 -6.31 -3.22
CA LYS B 16 5.16 -7.11 -3.48
C LYS B 16 5.15 -7.59 -4.93
N LEU B 17 5.40 -6.67 -5.85
CA LEU B 17 5.43 -7.01 -7.26
C LEU B 17 6.52 -8.03 -7.56
N SER B 18 7.62 -7.94 -6.81
CA SER B 18 8.74 -8.86 -7.00
C SER B 18 8.34 -10.27 -6.57
N GLN B 19 7.44 -10.36 -5.61
CA GLN B 19 6.97 -11.65 -5.12
C GLN B 19 5.95 -12.24 -6.09
N LYS B 20 5.25 -11.35 -6.79
CA LYS B 20 4.25 -11.77 -7.76
C LYS B 20 4.91 -12.21 -9.06
N GLY B 21 6.12 -11.71 -9.28
CA GLY B 21 6.85 -12.04 -10.50
C GLY B 21 6.99 -10.85 -11.42
N TYR B 22 6.94 -9.65 -10.85
CA TYR B 22 7.06 -8.43 -11.63
C TYR B 22 8.26 -7.60 -11.18
N SER B 23 8.87 -6.90 -12.14
CA SER B 23 10.04 -6.07 -11.86
C SER B 23 9.64 -4.60 -11.75
N TRP B 24 9.90 -4.00 -10.60
CA TRP B 24 9.58 -2.60 -10.37
C TRP B 24 10.42 -1.69 -11.26
N SER B 25 11.73 -1.90 -11.26
CA SER B 25 12.65 -1.10 -12.05
C SER B 25 12.22 -1.01 -13.51
N GLN B 26 11.47 -2.02 -13.97
CA GLN B 26 11.00 -2.05 -15.34
C GLN B 26 10.00 -0.91 -15.60
N PHE B 27 9.21 -0.57 -14.59
CA PHE B 27 8.21 0.49 -14.71
C PHE B 27 8.07 1.25 -13.40
N SER B 28 9.18 1.83 -12.92
CA SER B 28 9.17 2.58 -11.68
C SER B 28 8.90 4.06 -11.93
N ASP B 29 7.89 4.60 -11.27
CA ASP B 29 7.54 6.01 -11.41
C ASP B 29 8.67 6.90 -10.91
N VAL B 30 9.50 6.36 -10.01
CA VAL B 30 10.60 7.12 -9.44
C VAL B 30 11.81 7.12 -10.38
N GLU B 31 12.24 5.93 -10.80
CA GLU B 31 13.39 5.78 -11.70
C GLU B 31 14.54 6.69 -11.27
N GLU B 32 14.72 6.84 -9.96
CA GLU B 32 15.79 7.68 -9.44
C GLU B 32 16.64 6.93 -8.40
N ASN B 33 15.95 6.26 -7.48
CA ASN B 33 16.64 5.51 -6.43
C ASN B 33 16.72 4.03 -6.79
N ARG B 34 17.29 3.73 -7.95
CA ARG B 34 17.42 2.35 -8.40
C ARG B 34 18.31 1.55 -7.47
N THR B 35 19.20 2.24 -6.76
CA THR B 35 20.11 1.59 -5.82
C THR B 35 19.39 1.18 -4.54
N GLU B 36 18.69 2.12 -3.93
CA GLU B 36 17.96 1.86 -2.69
C GLU B 36 18.91 1.49 -1.58
N ALA B 37 18.75 2.15 -0.43
CA ALA B 37 19.60 1.90 0.72
C ALA B 37 19.77 0.41 1.00
N PRO B 38 20.91 0.02 1.60
CA PRO B 38 21.18 -1.39 1.92
C PRO B 38 20.38 -1.85 3.12
N GLU B 39 20.77 -1.36 4.30
CA GLU B 39 20.09 -1.72 5.53
C GLU B 39 20.67 -0.96 6.72
N GLY B 40 19.81 -0.67 7.70
CA GLY B 40 20.24 0.05 8.87
C GLY B 40 19.93 1.53 8.76
N THR B 41 19.07 1.87 7.81
CA THR B 41 18.68 3.26 7.58
C THR B 41 17.31 3.54 8.17
N GLU B 42 17.08 4.78 8.57
CA GLU B 42 15.79 5.17 9.15
C GLU B 42 14.65 4.76 8.24
N SER B 43 14.70 5.25 7.00
CA SER B 43 13.68 4.93 6.01
C SER B 43 13.68 3.42 5.75
N GLU B 44 14.87 2.83 5.82
CA GLU B 44 15.03 1.39 5.60
C GLU B 44 14.18 0.60 6.59
N ALA B 45 14.35 0.90 7.87
CA ALA B 45 13.59 0.23 8.92
C ALA B 45 12.09 0.38 8.70
N VAL B 46 11.70 1.58 8.25
CA VAL B 46 10.29 1.85 7.98
C VAL B 46 9.72 0.84 6.99
N LYS B 47 10.43 0.63 5.88
CA LYS B 47 9.98 -0.31 4.87
C LYS B 47 9.85 -1.71 5.48
N GLN B 48 10.78 -2.06 6.35
CA GLN B 48 10.76 -3.36 7.01
C GLN B 48 9.42 -3.58 7.72
N ALA B 49 8.96 -2.56 8.42
CA ALA B 49 7.69 -2.64 9.14
C ALA B 49 6.53 -2.78 8.17
N LEU B 50 6.60 -2.08 7.05
CA LEU B 50 5.55 -2.13 6.04
C LEU B 50 5.58 -3.47 5.30
N ARG B 51 6.78 -4.01 5.11
CA ARG B 51 6.95 -5.29 4.42
C ARG B 51 6.43 -6.42 5.28
N GLU B 52 6.79 -6.39 6.57
CA GLU B 52 6.35 -7.42 7.50
C GLU B 52 4.86 -7.29 7.78
N ALA B 53 4.40 -6.05 7.90
CA ALA B 53 3.00 -5.78 8.17
C ALA B 53 2.15 -6.11 6.95
N GLY B 54 2.58 -5.61 5.79
CA GLY B 54 1.85 -5.86 4.55
C GLY B 54 1.76 -7.35 4.25
N ASP B 55 2.81 -8.09 4.60
CA ASP B 55 2.83 -9.53 4.38
C ASP B 55 1.77 -10.22 5.22
N GLU B 56 1.76 -9.91 6.51
CA GLU B 56 0.78 -10.49 7.43
C GLU B 56 -0.62 -9.97 7.14
N PHE B 57 -0.68 -8.71 6.69
CA PHE B 57 -1.96 -8.08 6.37
C PHE B 57 -2.58 -8.72 5.14
N GLU B 58 -1.80 -8.78 4.06
CA GLU B 58 -2.27 -9.37 2.81
C GLU B 58 -2.60 -10.84 3.00
N LEU B 59 -1.80 -11.54 3.80
CA LEU B 59 -2.02 -12.95 4.06
C LEU B 59 -3.41 -13.18 4.66
N ARG B 60 -3.71 -12.43 5.72
CA ARG B 60 -5.01 -12.55 6.39
C ARG B 60 -6.13 -12.25 5.40
N TYR B 61 -5.89 -11.30 4.51
CA TYR B 61 -6.87 -10.93 3.49
C TYR B 61 -7.22 -12.15 2.64
N ARG B 62 -6.21 -12.94 2.31
CA ARG B 62 -6.41 -14.15 1.51
C ARG B 62 -7.22 -15.19 2.28
N ARG B 63 -6.96 -15.28 3.58
CA ARG B 63 -7.67 -16.24 4.43
C ARG B 63 -9.14 -15.89 4.51
N ALA B 64 -9.47 -14.61 4.38
CA ALA B 64 -10.85 -14.16 4.45
C ALA B 64 -11.46 -13.99 3.06
N PHE B 65 -10.89 -13.11 2.26
CA PHE B 65 -11.39 -12.86 0.91
C PHE B 65 -10.73 -13.76 -0.12
N SER B 66 -9.47 -14.11 0.11
CA SER B 66 -8.73 -14.97 -0.81
C SER B 66 -8.35 -14.21 -2.08
N ASP B 67 -7.06 -13.95 -2.24
CA ASP B 67 -6.56 -13.23 -3.41
C ASP B 67 -7.12 -11.81 -3.47
N LEU B 68 -6.29 -10.86 -3.86
CA LEU B 68 -6.71 -9.47 -3.96
C LEU B 68 -6.90 -9.05 -5.41
N THR B 69 -5.86 -9.24 -6.22
CA THR B 69 -5.93 -8.88 -7.64
C THR B 69 -7.08 -9.59 -8.33
N SER B 70 -7.42 -10.78 -7.85
CA SER B 70 -8.50 -11.57 -8.42
C SER B 70 -9.85 -11.16 -7.82
N GLN B 71 -10.17 -9.87 -7.89
CA GLN B 71 -11.42 -9.36 -7.36
C GLN B 71 -11.87 -8.12 -8.12
N LEU B 72 -10.99 -7.11 -8.19
CA LEU B 72 -11.30 -5.88 -8.88
C LEU B 72 -11.12 -6.04 -10.39
N HIS B 73 -11.35 -4.95 -11.13
CA HIS B 73 -11.22 -4.99 -12.57
C HIS B 73 -10.85 -3.61 -13.13
N ILE B 74 -9.70 -3.10 -12.70
CA ILE B 74 -9.23 -1.79 -13.15
C ILE B 74 -8.99 -1.79 -14.65
N THR B 75 -9.15 -0.63 -15.27
CA THR B 75 -8.94 -0.49 -16.70
C THR B 75 -8.25 0.83 -16.99
N PRO B 76 -7.57 0.94 -18.15
CA PRO B 76 -6.86 2.16 -18.54
C PRO B 76 -7.79 3.36 -18.63
N GLY B 77 -8.28 3.82 -17.48
CA GLY B 77 -9.18 4.96 -17.45
C GLY B 77 -9.97 5.05 -16.15
N THR B 78 -10.14 3.93 -15.47
CA THR B 78 -10.88 3.91 -14.21
C THR B 78 -9.99 3.48 -13.05
N ALA B 79 -8.69 3.33 -13.32
CA ALA B 79 -7.75 2.92 -12.28
C ALA B 79 -7.70 3.96 -11.16
N TYR B 80 -7.70 5.23 -11.55
CA TYR B 80 -7.66 6.33 -10.59
C TYR B 80 -8.94 6.37 -9.75
N GLN B 81 -10.04 5.87 -10.32
CA GLN B 81 -11.32 5.86 -9.63
C GLN B 81 -11.41 4.65 -8.72
N SER B 82 -11.08 3.48 -9.26
CA SER B 82 -11.12 2.25 -8.48
C SER B 82 -10.22 2.35 -7.26
N PHE B 83 -9.08 3.00 -7.44
CA PHE B 83 -8.13 3.19 -6.35
C PHE B 83 -8.66 4.19 -5.33
N GLU B 84 -9.03 5.37 -5.81
CA GLU B 84 -9.57 6.41 -4.94
C GLU B 84 -10.79 5.90 -4.21
N GLN B 85 -11.57 5.08 -4.90
CA GLN B 85 -12.79 4.51 -4.34
C GLN B 85 -12.50 3.59 -3.17
N VAL B 86 -11.54 2.70 -3.34
CA VAL B 86 -11.17 1.77 -2.30
C VAL B 86 -10.41 2.48 -1.20
N VAL B 87 -9.60 3.45 -1.59
CA VAL B 87 -8.81 4.22 -0.66
C VAL B 87 -9.68 5.16 0.16
N ASN B 88 -10.70 5.75 -0.48
CA ASN B 88 -11.57 6.65 0.24
C ASN B 88 -12.49 5.90 1.19
N GLU B 89 -13.04 4.79 0.72
CA GLU B 89 -13.92 3.96 1.55
C GLU B 89 -13.17 3.38 2.74
N LEU B 90 -11.88 3.11 2.54
CA LEU B 90 -11.05 2.55 3.59
C LEU B 90 -10.80 3.57 4.70
N PHE B 91 -10.37 4.77 4.33
CA PHE B 91 -10.11 5.82 5.29
C PHE B 91 -11.34 6.70 5.50
N ARG B 92 -12.46 6.28 4.92
CA ARG B 92 -13.72 7.02 5.07
C ARG B 92 -14.24 6.86 6.48
N ASP B 93 -14.25 5.61 6.95
CA ASP B 93 -14.70 5.30 8.29
C ASP B 93 -13.71 5.84 9.32
N GLY B 94 -12.48 6.10 8.87
CA GLY B 94 -11.48 6.63 9.79
C GLY B 94 -10.09 6.06 9.54
N VAL B 95 -9.11 6.93 9.44
CA VAL B 95 -7.73 6.54 9.20
C VAL B 95 -7.16 5.79 10.40
N ASN B 96 -6.06 5.06 10.16
CA ASN B 96 -5.38 4.28 11.20
C ASN B 96 -4.39 3.30 10.56
N TRP B 97 -3.43 2.81 11.36
CA TRP B 97 -2.42 1.88 10.85
C TRP B 97 -3.07 0.78 9.99
N GLY B 98 -4.09 0.13 10.55
CA GLY B 98 -4.79 -0.92 9.85
C GLY B 98 -5.24 -0.49 8.46
N ARG B 99 -5.78 0.72 8.38
CA ARG B 99 -6.25 1.26 7.11
C ARG B 99 -5.07 1.53 6.18
N ILE B 100 -3.95 1.92 6.77
CA ILE B 100 -2.75 2.20 6.00
C ILE B 100 -2.06 0.91 5.57
N VAL B 101 -2.13 -0.10 6.42
CA VAL B 101 -1.52 -1.39 6.09
C VAL B 101 -2.19 -1.95 4.84
N ALA B 102 -3.50 -1.76 4.75
CA ALA B 102 -4.26 -2.21 3.60
C ALA B 102 -4.09 -1.24 2.44
N PHE B 103 -3.94 0.05 2.77
CA PHE B 103 -3.74 1.06 1.75
C PHE B 103 -2.50 0.71 0.93
N PHE B 104 -1.47 0.29 1.64
CA PHE B 104 -0.21 -0.10 1.00
C PHE B 104 -0.36 -1.44 0.30
N SER B 105 -1.10 -2.36 0.92
CA SER B 105 -1.32 -3.68 0.35
C SER B 105 -2.15 -3.58 -0.92
N PHE B 106 -3.08 -2.64 -0.94
CA PHE B 106 -3.93 -2.43 -2.09
C PHE B 106 -3.15 -1.82 -3.24
N GLY B 107 -2.30 -0.84 -2.92
CA GLY B 107 -1.49 -0.21 -3.94
C GLY B 107 -0.68 -1.22 -4.71
N GLY B 108 0.09 -2.03 -4.00
CA GLY B 108 0.91 -3.04 -4.65
C GLY B 108 0.05 -4.05 -5.39
N ALA B 109 -1.12 -4.36 -4.84
CA ALA B 109 -2.03 -5.32 -5.46
C ALA B 109 -2.57 -4.78 -6.78
N LEU B 110 -2.96 -3.50 -6.78
CA LEU B 110 -3.48 -2.88 -7.99
C LEU B 110 -2.48 -2.97 -9.12
N CYS B 111 -1.24 -2.59 -8.83
CA CYS B 111 -0.17 -2.63 -9.82
C CYS B 111 -0.03 -4.04 -10.41
N VAL B 112 -0.06 -5.03 -9.52
CA VAL B 112 0.04 -6.42 -9.92
C VAL B 112 -1.14 -6.82 -10.81
N GLU B 113 -2.32 -6.29 -10.49
CA GLU B 113 -3.52 -6.59 -11.25
C GLU B 113 -3.46 -5.93 -12.63
N SER B 114 -3.03 -4.67 -12.66
CA SER B 114 -2.93 -3.94 -13.91
C SER B 114 -1.82 -4.51 -14.77
N VAL B 115 -0.78 -5.01 -14.10
CA VAL B 115 0.35 -5.61 -14.79
C VAL B 115 -0.03 -6.97 -15.35
N ASP B 116 -0.89 -7.67 -14.62
CA ASP B 116 -1.35 -8.99 -15.03
C ASP B 116 -2.32 -8.88 -16.21
N LYS B 117 -3.04 -7.77 -16.25
CA LYS B 117 -4.01 -7.54 -17.32
C LYS B 117 -3.31 -6.98 -18.55
N GLU B 118 -2.90 -5.72 -18.47
CA GLU B 118 -2.23 -5.04 -19.58
C GLU B 118 -2.15 -3.54 -19.35
N MET B 119 -1.74 -3.15 -18.14
CA MET B 119 -1.61 -1.75 -17.80
C MET B 119 -0.44 -1.52 -16.85
N GLN B 120 0.72 -2.07 -17.22
CA GLN B 120 1.93 -1.90 -16.40
C GLN B 120 2.10 -0.44 -16.02
N VAL B 121 1.58 0.43 -16.88
CA VAL B 121 1.64 1.87 -16.66
C VAL B 121 1.01 2.24 -15.32
N LEU B 122 -0.08 1.56 -15.00
CA LEU B 122 -0.80 1.82 -13.76
C LEU B 122 0.09 1.60 -12.54
N VAL B 123 1.20 0.88 -12.72
CA VAL B 123 2.12 0.64 -11.62
C VAL B 123 2.69 1.97 -11.16
N SER B 124 3.17 2.76 -12.13
CA SER B 124 3.74 4.07 -11.84
C SER B 124 2.63 5.08 -11.49
N ARG B 125 1.48 4.94 -12.15
CA ARG B 125 0.35 5.83 -11.90
C ARG B 125 -0.13 5.66 -10.48
N ILE B 126 -0.40 4.42 -10.10
CA ILE B 126 -0.83 4.11 -8.75
C ILE B 126 0.29 4.45 -7.79
N ALA B 127 1.52 4.26 -8.25
CA ALA B 127 2.68 4.56 -7.43
C ALA B 127 2.65 6.02 -6.98
N ALA B 128 2.13 6.88 -7.85
CA ALA B 128 2.04 8.30 -7.53
C ALA B 128 0.78 8.62 -6.74
N TRP B 129 -0.26 7.82 -6.92
CA TRP B 129 -1.50 8.03 -6.19
C TRP B 129 -1.34 7.58 -4.76
N MET B 130 -0.67 6.45 -4.59
CA MET B 130 -0.42 5.89 -3.28
C MET B 130 0.57 6.74 -2.50
N ALA B 131 1.69 7.07 -3.13
CA ALA B 131 2.71 7.88 -2.47
C ALA B 131 2.18 9.27 -2.15
N THR B 132 1.29 9.76 -3.01
CA THR B 132 0.70 11.09 -2.81
C THR B 132 -0.37 11.04 -1.73
N TYR B 133 -1.28 10.07 -1.82
CA TYR B 133 -2.33 9.93 -0.83
C TYR B 133 -1.71 9.58 0.52
N LEU B 134 -0.64 8.78 0.47
CA LEU B 134 0.06 8.37 1.67
C LEU B 134 0.68 9.58 2.37
N ASN B 135 1.30 10.45 1.59
CA ASN B 135 1.94 11.63 2.13
C ASN B 135 0.98 12.79 2.40
N ASP B 136 -0.14 12.80 1.69
CA ASP B 136 -1.11 13.88 1.84
C ASP B 136 -2.31 13.52 2.70
N HIS B 137 -2.73 12.27 2.69
CA HIS B 137 -3.92 11.86 3.46
C HIS B 137 -3.61 11.21 4.81
N LEU B 138 -2.73 10.21 4.84
CA LEU B 138 -2.44 9.53 6.10
C LEU B 138 -1.18 10.06 6.77
N GLU B 139 -0.23 10.56 5.98
CA GLU B 139 1.01 11.09 6.53
C GLU B 139 0.77 11.88 7.81
N PRO B 140 -0.15 12.86 7.78
CA PRO B 140 -0.47 13.66 8.96
C PRO B 140 -0.91 12.79 10.13
N TRP B 141 -1.67 11.75 9.83
CA TRP B 141 -2.14 10.82 10.85
C TRP B 141 -0.96 10.04 11.40
N ILE B 142 -0.02 9.72 10.52
CA ILE B 142 1.15 8.98 10.92
C ILE B 142 1.90 9.70 12.03
N GLN B 143 2.45 10.87 11.70
CA GLN B 143 3.17 11.66 12.69
C GLN B 143 2.28 12.00 13.88
N GLU B 144 0.97 11.98 13.66
CA GLU B 144 0.01 12.29 14.71
C GLU B 144 0.18 11.38 15.92
N ASN B 145 0.12 10.08 15.69
CA ASN B 145 0.25 9.11 16.79
C ASN B 145 1.69 8.62 16.96
N GLY B 146 2.64 9.42 16.51
CA GLY B 146 4.04 9.06 16.65
C GLY B 146 4.77 8.98 15.32
N GLY B 147 4.08 8.48 14.30
CA GLY B 147 4.70 8.37 12.99
C GLY B 147 5.13 6.96 12.64
N TRP B 148 6.01 6.86 11.64
CA TRP B 148 6.53 5.57 11.18
C TRP B 148 7.30 4.87 12.30
N ASP B 149 7.66 5.62 13.34
CA ASP B 149 8.39 5.07 14.46
C ASP B 149 7.45 4.22 15.29
N THR B 150 6.19 4.63 15.32
CA THR B 150 5.17 3.90 16.05
C THR B 150 4.83 2.63 15.29
N PHE B 151 4.58 2.78 13.99
CA PHE B 151 4.26 1.63 13.16
C PHE B 151 5.33 0.56 13.34
N VAL B 152 6.57 1.02 13.44
CA VAL B 152 7.69 0.13 13.65
C VAL B 152 7.71 -0.39 15.08
N GLU B 153 7.15 0.39 16.01
CA GLU B 153 7.12 -0.01 17.40
C GLU B 153 6.09 -1.11 17.63
N LEU B 154 4.96 -1.03 16.92
CA LEU B 154 3.89 -2.00 17.06
C LEU B 154 4.03 -3.15 16.06
N TYR B 155 4.49 -2.83 14.85
CA TYR B 155 4.64 -3.84 13.81
C TYR B 155 6.09 -4.31 13.69
N GLY B 156 7.02 -3.45 14.09
CA GLY B 156 8.43 -3.80 14.02
C GLY B 156 8.98 -4.29 15.34
N GLY A 1 -18.77 -1.85 -9.66
CA GLY A 1 -19.96 -2.17 -8.90
C GLY A 1 -19.64 -2.65 -7.50
N GLY A 2 -19.79 -3.95 -7.27
CA GLY A 2 -19.51 -4.51 -5.97
C GLY A 2 -18.12 -5.09 -5.87
N THR A 3 -17.16 -4.42 -6.49
CA THR A 3 -15.76 -4.88 -6.47
C THR A 3 -14.93 -4.03 -5.53
N MET A 4 -14.76 -2.77 -5.87
CA MET A 4 -13.97 -1.84 -5.06
C MET A 4 -14.57 -1.68 -3.67
N GLU A 5 -15.89 -1.46 -3.61
CA GLU A 5 -16.60 -1.29 -2.35
C GLU A 5 -16.41 -2.51 -1.45
N ASN A 6 -16.67 -3.69 -2.00
CA ASN A 6 -16.51 -4.93 -1.26
C ASN A 6 -15.07 -5.12 -0.81
N LEU A 7 -14.14 -4.73 -1.68
CA LEU A 7 -12.72 -4.85 -1.39
C LEU A 7 -12.36 -4.03 -0.16
N SER A 8 -12.64 -2.73 -0.22
CA SER A 8 -12.35 -1.83 0.89
C SER A 8 -12.98 -2.35 2.18
N ARG A 9 -14.13 -2.98 2.05
CA ARG A 9 -14.83 -3.53 3.20
C ARG A 9 -13.99 -4.58 3.91
N ARG A 10 -13.46 -5.53 3.13
CA ARG A 10 -12.63 -6.59 3.69
C ARG A 10 -11.40 -6.02 4.38
N LEU A 11 -10.63 -5.20 3.66
CA LEU A 11 -9.43 -4.60 4.23
C LEU A 11 -9.78 -3.79 5.47
N LYS A 12 -10.91 -3.09 5.42
CA LYS A 12 -11.36 -2.29 6.54
C LYS A 12 -11.43 -3.11 7.82
N VAL A 13 -12.02 -4.32 7.70
CA VAL A 13 -12.14 -5.21 8.84
C VAL A 13 -10.76 -5.60 9.36
N THR A 14 -9.93 -6.13 8.47
CA THR A 14 -8.58 -6.55 8.83
C THR A 14 -7.79 -5.37 9.39
N GLY A 15 -8.10 -4.17 8.89
CA GLY A 15 -7.41 -2.98 9.36
C GLY A 15 -7.65 -2.73 10.84
N ASP A 16 -8.90 -2.77 11.26
CA ASP A 16 -9.25 -2.55 12.65
C ASP A 16 -8.66 -3.65 13.53
N LEU A 17 -8.59 -4.86 12.98
CA LEU A 17 -8.04 -5.99 13.73
C LEU A 17 -6.53 -5.91 13.80
N PHE A 18 -5.90 -5.44 12.72
CA PHE A 18 -4.45 -5.31 12.67
C PHE A 18 -4.01 -3.88 12.95
N ASP A 19 -4.94 -3.05 13.42
CA ASP A 19 -4.63 -1.65 13.72
C ASP A 19 -3.73 -1.54 14.95
N ILE A 20 -4.28 -1.87 16.11
CA ILE A 20 -3.54 -1.79 17.36
C ILE A 20 -3.00 -0.39 17.61
N MET A 21 -2.65 -0.11 18.86
CA MET A 21 -2.14 1.20 19.24
C MET A 21 -1.39 1.15 20.56
N SER A 22 -1.90 0.34 21.50
CA SER A 22 -1.28 0.20 22.82
C SER A 22 0.14 -0.36 22.70
N GLY A 23 0.66 -0.85 23.82
CA GLY A 23 2.00 -1.41 23.83
C GLY A 23 3.04 -0.39 24.25
N MET B 1 10.71 14.20 11.20
CA MET B 1 10.40 12.89 10.64
C MET B 1 9.98 13.01 9.17
N SER B 2 9.56 11.89 8.59
CA SER B 2 9.13 11.88 7.19
C SER B 2 10.31 12.13 6.26
N GLN B 3 11.18 11.14 6.15
CA GLN B 3 12.36 11.25 5.28
C GLN B 3 11.95 11.28 3.82
N SER B 4 11.61 10.12 3.29
CA SER B 4 11.18 10.00 1.90
C SER B 4 10.06 8.97 1.77
N ASN B 5 8.84 9.40 2.06
CA ASN B 5 7.69 8.52 1.98
C ASN B 5 7.63 7.80 0.64
N ARG B 6 8.06 8.47 -0.41
CA ARG B 6 8.05 7.89 -1.75
C ARG B 6 8.95 6.67 -1.80
N GLU B 7 10.06 6.71 -1.07
CA GLU B 7 10.98 5.58 -1.03
C GLU B 7 10.27 4.35 -0.50
N LEU B 8 9.35 4.58 0.43
CA LEU B 8 8.57 3.49 1.02
C LEU B 8 7.54 3.00 0.02
N VAL B 9 7.04 3.92 -0.80
CA VAL B 9 6.05 3.58 -1.81
C VAL B 9 6.70 2.80 -2.95
N VAL B 10 7.88 3.26 -3.37
CA VAL B 10 8.62 2.62 -4.44
C VAL B 10 9.13 1.24 -4.01
N ASP B 11 9.53 1.13 -2.75
CA ASP B 11 10.05 -0.13 -2.22
C ASP B 11 8.96 -1.18 -2.08
N PHE B 12 7.94 -0.87 -1.28
CA PHE B 12 6.83 -1.80 -1.07
C PHE B 12 6.25 -2.26 -2.39
N LEU B 13 5.91 -1.30 -3.25
CA LEU B 13 5.35 -1.61 -4.56
C LEU B 13 6.28 -2.53 -5.35
N SER B 14 7.57 -2.23 -5.27
CA SER B 14 8.58 -3.00 -5.98
C SER B 14 8.73 -4.40 -5.37
N TYR B 15 8.62 -4.49 -4.05
CA TYR B 15 8.76 -5.76 -3.36
C TYR B 15 7.59 -6.68 -3.69
N LYS B 16 6.37 -6.22 -3.41
CA LYS B 16 5.17 -7.01 -3.68
C LYS B 16 5.19 -7.52 -5.12
N LEU B 17 5.40 -6.61 -6.06
CA LEU B 17 5.46 -6.96 -7.47
C LEU B 17 6.56 -7.98 -7.74
N SER B 18 7.66 -7.88 -7.01
CA SER B 18 8.78 -8.80 -7.18
C SER B 18 8.40 -10.20 -6.72
N GLN B 19 7.45 -10.28 -5.80
CA GLN B 19 7.00 -11.57 -5.28
C GLN B 19 6.00 -12.19 -6.25
N LYS B 20 5.26 -11.32 -6.94
CA LYS B 20 4.28 -11.77 -7.91
C LYS B 20 4.94 -12.22 -9.20
N GLY B 21 6.15 -11.69 -9.44
CA GLY B 21 6.89 -12.04 -10.64
C GLY B 21 7.05 -10.84 -11.56
N TYR B 22 6.97 -9.65 -10.99
CA TYR B 22 7.12 -8.42 -11.77
C TYR B 22 8.28 -7.58 -11.28
N SER B 23 8.86 -6.78 -12.18
CA SER B 23 9.99 -5.93 -11.84
C SER B 23 9.57 -4.46 -11.78
N TRP B 24 9.94 -3.79 -10.69
CA TRP B 24 9.62 -2.38 -10.50
C TRP B 24 10.34 -1.52 -11.53
N SER B 25 11.66 -1.64 -11.58
CA SER B 25 12.48 -0.87 -12.51
C SER B 25 12.01 -1.06 -13.95
N GLN B 26 11.30 -2.17 -14.21
CA GLN B 26 10.81 -2.47 -15.55
C GLN B 26 9.66 -1.54 -15.93
N PHE B 27 8.92 -1.07 -14.93
CA PHE B 27 7.78 -0.17 -15.19
C PHE B 27 7.67 0.92 -14.13
N SER B 28 8.81 1.47 -13.73
CA SER B 28 8.82 2.53 -12.72
C SER B 28 9.54 3.77 -13.26
N ASP B 29 8.81 4.87 -13.38
CA ASP B 29 9.38 6.12 -13.88
C ASP B 29 10.58 6.54 -13.03
N VAL B 30 10.59 6.11 -11.77
CA VAL B 30 11.67 6.42 -10.85
C VAL B 30 12.85 5.48 -11.06
N GLU B 31 12.54 4.20 -11.21
CA GLU B 31 13.57 3.17 -11.42
C GLU B 31 14.47 3.03 -10.19
N GLU B 32 13.87 2.58 -9.09
CA GLU B 32 14.62 2.39 -7.84
C GLU B 32 15.53 3.56 -7.53
N ASN B 33 15.14 4.75 -8.00
CA ASN B 33 15.95 5.95 -7.78
C ASN B 33 15.16 6.99 -7.00
N ARG B 34 15.62 8.24 -7.04
CA ARG B 34 15.00 9.37 -6.33
C ARG B 34 15.59 9.54 -4.94
N THR B 35 16.15 8.46 -4.39
CA THR B 35 16.75 8.50 -3.06
C THR B 35 17.25 7.12 -2.65
N GLU B 36 16.33 6.19 -2.43
CA GLU B 36 16.68 4.83 -2.04
C GLU B 36 17.45 4.83 -0.72
N ALA B 37 16.99 4.02 0.22
CA ALA B 37 17.63 3.93 1.52
C ALA B 37 19.04 3.35 1.40
N PRO B 38 20.03 3.94 2.11
CA PRO B 38 21.41 3.48 2.05
C PRO B 38 21.55 2.04 2.55
N GLU B 39 21.44 1.84 3.85
CA GLU B 39 21.55 0.51 4.44
C GLU B 39 20.99 0.48 5.85
N GLY B 40 19.97 -0.36 6.05
CA GLY B 40 19.35 -0.48 7.36
C GLY B 40 19.10 0.85 8.05
N THR B 41 18.92 1.90 7.25
CA THR B 41 18.68 3.23 7.80
C THR B 41 17.32 3.29 8.50
N GLU B 42 16.90 4.50 8.85
CA GLU B 42 15.62 4.69 9.52
C GLU B 42 14.48 4.30 8.59
N SER B 43 14.43 4.94 7.43
CA SER B 43 13.41 4.65 6.43
C SER B 43 13.43 3.17 6.08
N GLU B 44 14.63 2.58 6.17
CA GLU B 44 14.82 1.16 5.88
C GLU B 44 13.93 0.32 6.80
N ALA B 45 14.07 0.54 8.10
CA ALA B 45 13.29 -0.19 9.07
C ALA B 45 11.80 0.00 8.82
N VAL B 46 11.42 1.21 8.41
CA VAL B 46 10.03 1.51 8.11
C VAL B 46 9.47 0.55 7.07
N LYS B 47 10.22 0.35 5.98
CA LYS B 47 9.80 -0.56 4.93
C LYS B 47 9.62 -1.97 5.48
N GLN B 48 10.54 -2.37 6.35
CA GLN B 48 10.49 -3.69 6.97
C GLN B 48 9.15 -3.90 7.67
N ALA B 49 8.68 -2.87 8.35
CA ALA B 49 7.40 -2.95 9.06
C ALA B 49 6.24 -3.03 8.09
N LEU B 50 6.36 -2.34 6.96
CA LEU B 50 5.31 -2.35 5.94
C LEU B 50 5.29 -3.68 5.21
N ARG B 51 6.47 -4.24 4.94
CA ARG B 51 6.58 -5.51 4.25
C ARG B 51 6.01 -6.63 5.11
N GLU B 52 6.41 -6.66 6.38
CA GLU B 52 5.93 -7.67 7.31
C GLU B 52 4.46 -7.48 7.59
N ALA B 53 4.04 -6.23 7.72
CA ALA B 53 2.64 -5.91 7.99
C ALA B 53 1.77 -6.29 6.79
N GLY B 54 2.18 -5.86 5.61
CA GLY B 54 1.43 -6.18 4.41
C GLY B 54 1.30 -7.66 4.18
N ASP B 55 2.33 -8.41 4.57
CA ASP B 55 2.33 -9.86 4.43
C ASP B 55 1.24 -10.48 5.28
N GLU B 56 1.21 -10.11 6.55
CA GLU B 56 0.22 -10.63 7.49
C GLU B 56 -1.17 -10.05 7.17
N PHE B 57 -1.18 -8.82 6.68
CA PHE B 57 -2.44 -8.15 6.34
C PHE B 57 -3.08 -8.82 5.13
N GLU B 58 -2.31 -8.98 4.06
CA GLU B 58 -2.80 -9.61 2.85
C GLU B 58 -3.15 -11.07 3.09
N LEU B 59 -2.32 -11.75 3.89
CA LEU B 59 -2.54 -13.15 4.20
C LEU B 59 -3.91 -13.35 4.87
N ARG B 60 -4.20 -12.53 5.87
CA ARG B 60 -5.47 -12.60 6.57
C ARG B 60 -6.63 -12.32 5.62
N TYR B 61 -6.40 -11.37 4.72
CA TYR B 61 -7.42 -11.00 3.74
C TYR B 61 -7.70 -12.14 2.76
N ARG B 62 -6.62 -12.73 2.23
CA ARG B 62 -6.76 -13.83 1.27
C ARG B 62 -7.26 -15.10 1.97
N ARG B 63 -6.97 -15.21 3.26
CA ARG B 63 -7.39 -16.38 4.03
C ARG B 63 -8.85 -16.27 4.46
N ALA B 64 -9.32 -15.04 4.63
CA ALA B 64 -10.69 -14.80 5.04
C ALA B 64 -11.59 -14.41 3.86
N PHE B 65 -10.97 -13.91 2.79
CA PHE B 65 -11.72 -13.51 1.60
C PHE B 65 -11.12 -14.10 0.33
N SER B 66 -9.99 -13.53 -0.11
CA SER B 66 -9.31 -14.00 -1.31
C SER B 66 -8.21 -13.03 -1.73
N ASP B 67 -7.45 -13.41 -2.75
CA ASP B 67 -6.36 -12.58 -3.24
C ASP B 67 -6.89 -11.22 -3.72
N LEU B 68 -6.11 -10.17 -3.48
CA LEU B 68 -6.49 -8.83 -3.89
C LEU B 68 -6.53 -8.71 -5.41
N THR B 69 -5.41 -9.00 -6.06
CA THR B 69 -5.31 -8.93 -7.51
C THR B 69 -6.33 -9.84 -8.17
N SER B 70 -6.67 -10.94 -7.50
CA SER B 70 -7.64 -11.89 -8.01
C SER B 70 -9.04 -11.57 -7.50
N GLN B 71 -9.38 -10.28 -7.48
CA GLN B 71 -10.69 -9.85 -7.01
C GLN B 71 -11.10 -8.55 -7.71
N LEU B 72 -10.33 -7.50 -7.48
CA LEU B 72 -10.61 -6.20 -8.10
C LEU B 72 -10.49 -6.29 -9.61
N HIS B 73 -10.65 -5.16 -10.30
CA HIS B 73 -10.55 -5.12 -11.75
C HIS B 73 -10.33 -3.69 -12.25
N ILE B 74 -9.07 -3.31 -12.40
CA ILE B 74 -8.73 -1.98 -12.88
C ILE B 74 -8.59 -1.97 -14.39
N THR B 75 -8.86 -0.83 -14.99
CA THR B 75 -8.76 -0.67 -16.44
C THR B 75 -8.24 0.71 -16.80
N PRO B 76 -7.79 0.92 -18.04
CA PRO B 76 -7.27 2.22 -18.48
C PRO B 76 -8.33 3.30 -18.47
N GLY B 77 -8.76 3.69 -17.27
CA GLY B 77 -9.78 4.71 -17.14
C GLY B 77 -10.44 4.72 -15.77
N THR B 78 -10.40 3.58 -15.08
CA THR B 78 -11.00 3.48 -13.75
C THR B 78 -9.96 3.09 -12.70
N ALA B 79 -8.69 3.11 -13.08
CA ALA B 79 -7.61 2.76 -12.16
C ALA B 79 -7.52 3.78 -11.03
N TYR B 80 -7.49 5.06 -11.38
CA TYR B 80 -7.41 6.13 -10.40
C TYR B 80 -8.67 6.16 -9.54
N GLN B 81 -9.77 5.66 -10.11
CA GLN B 81 -11.03 5.62 -9.39
C GLN B 81 -11.07 4.43 -8.45
N SER B 82 -10.61 3.29 -8.93
CA SER B 82 -10.58 2.09 -8.12
C SER B 82 -9.74 2.30 -6.87
N PHE B 83 -8.61 2.98 -7.03
CA PHE B 83 -7.73 3.28 -5.91
C PHE B 83 -8.39 4.26 -4.95
N GLU B 84 -8.84 5.38 -5.50
CA GLU B 84 -9.51 6.42 -4.70
C GLU B 84 -10.70 5.83 -3.96
N GLN B 85 -11.38 4.90 -4.62
CA GLN B 85 -12.55 4.25 -4.06
C GLN B 85 -12.19 3.34 -2.88
N VAL B 86 -11.06 2.66 -3.00
CA VAL B 86 -10.60 1.75 -1.95
C VAL B 86 -10.03 2.53 -0.78
N VAL B 87 -9.31 3.62 -1.09
CA VAL B 87 -8.72 4.44 -0.06
C VAL B 87 -9.76 5.30 0.62
N ASN B 88 -10.80 5.68 -0.13
CA ASN B 88 -11.87 6.51 0.41
C ASN B 88 -12.71 5.72 1.41
N GLU B 89 -13.31 4.63 0.94
CA GLU B 89 -14.14 3.80 1.79
C GLU B 89 -13.34 3.23 2.95
N LEU B 90 -12.07 2.94 2.69
CA LEU B 90 -11.18 2.38 3.70
C LEU B 90 -10.89 3.39 4.80
N PHE B 91 -10.48 4.59 4.41
CA PHE B 91 -10.17 5.65 5.36
C PHE B 91 -11.41 6.50 5.66
N ARG B 92 -12.56 6.06 5.14
CA ARG B 92 -13.82 6.76 5.36
C ARG B 92 -14.26 6.56 6.80
N ASP B 93 -14.20 5.32 7.25
CA ASP B 93 -14.57 4.98 8.61
C ASP B 93 -13.58 5.60 9.59
N GLY B 94 -12.38 5.94 9.08
CA GLY B 94 -11.38 6.55 9.93
C GLY B 94 -9.98 6.05 9.65
N VAL B 95 -9.06 6.99 9.42
CA VAL B 95 -7.68 6.65 9.12
C VAL B 95 -7.00 5.97 10.33
N ASN B 96 -5.91 5.26 10.06
CA ASN B 96 -5.16 4.56 11.11
C ASN B 96 -4.21 3.54 10.49
N TRP B 97 -3.25 3.05 11.28
CA TRP B 97 -2.29 2.05 10.78
C TRP B 97 -3.00 0.96 9.99
N GLY B 98 -4.08 0.44 10.56
CA GLY B 98 -4.85 -0.62 9.91
C GLY B 98 -5.24 -0.24 8.50
N ARG B 99 -5.75 0.97 8.33
CA ARG B 99 -6.15 1.45 7.02
C ARG B 99 -4.92 1.63 6.13
N ILE B 100 -3.85 2.13 6.73
CA ILE B 100 -2.61 2.34 6.01
C ILE B 100 -2.03 1.02 5.53
N VAL B 101 -2.20 -0.03 6.33
CA VAL B 101 -1.72 -1.35 5.95
C VAL B 101 -2.43 -1.79 4.69
N ALA B 102 -3.73 -1.53 4.64
CA ALA B 102 -4.54 -1.87 3.49
C ALA B 102 -4.26 -0.91 2.35
N PHE B 103 -3.93 0.34 2.72
CA PHE B 103 -3.62 1.36 1.72
C PHE B 103 -2.50 0.86 0.82
N PHE B 104 -1.38 0.51 1.44
CA PHE B 104 -0.23 0.00 0.72
C PHE B 104 -0.54 -1.39 0.16
N SER B 105 -1.45 -2.10 0.81
CA SER B 105 -1.85 -3.44 0.39
C SER B 105 -2.47 -3.43 -1.00
N PHE B 106 -3.60 -2.75 -1.14
CA PHE B 106 -4.28 -2.68 -2.43
C PHE B 106 -3.44 -1.95 -3.47
N GLY B 107 -2.68 -0.95 -3.03
CA GLY B 107 -1.83 -0.20 -3.95
C GLY B 107 -0.92 -1.13 -4.74
N GLY B 108 -0.17 -1.95 -4.03
CA GLY B 108 0.73 -2.89 -4.69
C GLY B 108 -0.03 -3.90 -5.52
N ALA B 109 -1.14 -4.39 -4.97
CA ALA B 109 -1.97 -5.37 -5.67
C ALA B 109 -2.44 -4.83 -7.01
N LEU B 110 -2.92 -3.59 -7.00
CA LEU B 110 -3.40 -2.95 -8.22
C LEU B 110 -2.29 -2.89 -9.26
N CYS B 111 -1.09 -2.55 -8.81
CA CYS B 111 0.06 -2.46 -9.69
C CYS B 111 0.26 -3.77 -10.44
N VAL B 112 0.17 -4.88 -9.71
CA VAL B 112 0.31 -6.20 -10.32
C VAL B 112 -0.83 -6.49 -11.28
N GLU B 113 -2.04 -6.09 -10.89
CA GLU B 113 -3.22 -6.30 -11.71
C GLU B 113 -3.12 -5.48 -13.00
N SER B 114 -2.51 -4.31 -12.91
CA SER B 114 -2.35 -3.44 -14.07
C SER B 114 -1.28 -3.99 -15.00
N VAL B 115 -0.31 -4.68 -14.43
CA VAL B 115 0.76 -5.29 -15.19
C VAL B 115 0.22 -6.51 -15.91
N ASP B 116 -0.59 -7.28 -15.19
CA ASP B 116 -1.21 -8.47 -15.74
C ASP B 116 -2.21 -8.08 -16.83
N LYS B 117 -2.76 -6.86 -16.70
CA LYS B 117 -3.72 -6.34 -17.65
C LYS B 117 -3.00 -5.61 -18.80
N GLU B 118 -1.70 -5.83 -18.90
CA GLU B 118 -0.87 -5.20 -19.94
C GLU B 118 -0.93 -3.69 -19.85
N MET B 119 -1.00 -3.18 -18.62
CA MET B 119 -1.04 -1.75 -18.36
C MET B 119 -0.14 -1.43 -17.16
N GLN B 120 0.98 -2.14 -17.07
CA GLN B 120 1.94 -1.96 -15.99
C GLN B 120 2.20 -0.48 -15.71
N VAL B 121 2.01 0.35 -16.72
CA VAL B 121 2.21 1.78 -16.58
C VAL B 121 1.39 2.30 -15.39
N LEU B 122 0.26 1.67 -15.16
CA LEU B 122 -0.61 2.05 -14.05
C LEU B 122 0.10 1.81 -12.72
N VAL B 123 1.15 1.00 -12.74
CA VAL B 123 1.92 0.73 -11.54
C VAL B 123 2.50 2.03 -10.99
N SER B 124 3.12 2.79 -11.87
CA SER B 124 3.72 4.07 -11.50
C SER B 124 2.62 5.10 -11.24
N ARG B 125 1.52 4.98 -11.99
CA ARG B 125 0.40 5.91 -11.83
C ARG B 125 -0.17 5.75 -10.43
N ILE B 126 -0.47 4.50 -10.07
CA ILE B 126 -0.97 4.19 -8.74
C ILE B 126 0.08 4.57 -7.72
N ALA B 127 1.34 4.37 -8.11
CA ALA B 127 2.46 4.70 -7.23
C ALA B 127 2.38 6.15 -6.80
N ALA B 128 1.89 7.01 -7.70
CA ALA B 128 1.76 8.43 -7.41
C ALA B 128 0.46 8.72 -6.68
N TRP B 129 -0.55 7.88 -6.89
CA TRP B 129 -1.83 8.08 -6.23
C TRP B 129 -1.72 7.68 -4.77
N MET B 130 -1.15 6.51 -4.55
CA MET B 130 -0.97 6.01 -3.19
C MET B 130 0.05 6.84 -2.44
N ALA B 131 1.17 7.13 -3.10
CA ALA B 131 2.21 7.94 -2.49
C ALA B 131 1.67 9.32 -2.13
N THR B 132 1.04 9.96 -3.11
CA THR B 132 0.46 11.28 -2.92
C THR B 132 -0.54 11.27 -1.77
N TYR B 133 -1.42 10.27 -1.75
CA TYR B 133 -2.41 10.14 -0.69
C TYR B 133 -1.70 9.84 0.64
N LEU B 134 -0.61 9.10 0.55
CA LEU B 134 0.15 8.75 1.73
C LEU B 134 0.79 9.98 2.36
N ASN B 135 1.35 10.85 1.54
CA ASN B 135 2.00 12.07 2.01
C ASN B 135 1.01 13.20 2.27
N ASP B 136 -0.08 13.22 1.51
CA ASP B 136 -1.06 14.29 1.64
C ASP B 136 -2.31 13.92 2.45
N HIS B 137 -2.73 12.66 2.40
CA HIS B 137 -3.96 12.27 3.09
C HIS B 137 -3.73 11.60 4.46
N LEU B 138 -2.80 10.66 4.55
CA LEU B 138 -2.57 9.96 5.82
C LEU B 138 -1.27 10.39 6.50
N GLU B 139 -0.36 10.99 5.75
CA GLU B 139 0.91 11.45 6.31
C GLU B 139 0.72 12.16 7.64
N PRO B 140 -0.15 13.18 7.69
CA PRO B 140 -0.41 13.92 8.91
C PRO B 140 -0.80 13.01 10.05
N TRP B 141 -1.55 11.95 9.72
CA TRP B 141 -1.96 10.98 10.71
C TRP B 141 -0.75 10.21 11.21
N ILE B 142 0.19 9.97 10.31
CA ILE B 142 1.40 9.24 10.65
C ILE B 142 2.13 9.95 11.77
N GLN B 143 2.62 11.14 11.48
CA GLN B 143 3.34 11.93 12.46
C GLN B 143 2.46 12.25 13.67
N GLU B 144 1.14 12.16 13.48
CA GLU B 144 0.19 12.46 14.56
C GLU B 144 0.30 11.47 15.71
N ASN B 145 0.21 10.19 15.39
CA ASN B 145 0.25 9.15 16.41
C ASN B 145 1.64 8.57 16.62
N GLY B 146 2.66 9.35 16.30
CA GLY B 146 4.03 8.91 16.49
C GLY B 146 4.82 8.79 15.21
N GLY B 147 4.14 8.43 14.12
CA GLY B 147 4.82 8.29 12.85
C GLY B 147 5.21 6.86 12.52
N TRP B 148 6.03 6.71 11.50
CA TRP B 148 6.49 5.39 11.06
C TRP B 148 7.26 4.66 12.15
N ASP B 149 7.67 5.40 13.17
CA ASP B 149 8.40 4.80 14.28
C ASP B 149 7.44 3.99 15.12
N THR B 150 6.22 4.51 15.23
CA THR B 150 5.18 3.83 15.98
C THR B 150 4.71 2.60 15.22
N PHE B 151 4.48 2.77 13.92
CA PHE B 151 4.05 1.64 13.09
C PHE B 151 5.04 0.50 13.26
N VAL B 152 6.31 0.86 13.36
CA VAL B 152 7.36 -0.12 13.57
C VAL B 152 7.29 -0.68 14.99
N GLU B 153 6.82 0.15 15.90
CA GLU B 153 6.69 -0.25 17.30
C GLU B 153 5.65 -1.35 17.47
N LEU B 154 4.52 -1.19 16.81
CA LEU B 154 3.42 -2.15 16.91
C LEU B 154 3.48 -3.22 15.82
N TYR B 155 3.99 -2.85 14.65
CA TYR B 155 4.08 -3.80 13.54
C TYR B 155 5.52 -4.29 13.37
N GLY B 156 6.46 -3.37 13.44
CA GLY B 156 7.86 -3.73 13.29
C GLY B 156 8.44 -4.36 14.54
N GLY A 1 -20.83 -4.36 -10.09
CA GLY A 1 -21.64 -4.62 -8.91
C GLY A 1 -20.83 -4.56 -7.64
N GLY A 2 -20.00 -3.53 -7.51
CA GLY A 2 -19.17 -3.37 -6.33
C GLY A 2 -17.69 -3.40 -6.67
N THR A 3 -17.07 -4.57 -6.52
CA THR A 3 -15.65 -4.73 -6.83
C THR A 3 -14.79 -3.91 -5.86
N MET A 4 -14.81 -2.59 -6.03
CA MET A 4 -14.03 -1.70 -5.17
C MET A 4 -14.61 -1.64 -3.77
N GLU A 5 -15.93 -1.44 -3.69
CA GLU A 5 -16.60 -1.36 -2.39
C GLU A 5 -16.38 -2.63 -1.58
N ASN A 6 -16.62 -3.78 -2.20
CA ASN A 6 -16.43 -5.06 -1.53
C ASN A 6 -15.00 -5.21 -1.04
N LEU A 7 -14.05 -4.86 -1.90
CA LEU A 7 -12.63 -4.95 -1.58
C LEU A 7 -12.31 -4.12 -0.33
N SER A 8 -12.61 -2.83 -0.41
CA SER A 8 -12.35 -1.92 0.71
C SER A 8 -12.96 -2.44 2.00
N ARG A 9 -14.09 -3.13 1.87
CA ARG A 9 -14.78 -3.68 3.04
C ARG A 9 -13.90 -4.72 3.73
N ARG A 10 -13.40 -5.68 2.97
CA ARG A 10 -12.56 -6.73 3.51
C ARG A 10 -11.32 -6.15 4.20
N LEU A 11 -10.56 -5.35 3.46
CA LEU A 11 -9.36 -4.73 4.01
C LEU A 11 -9.71 -3.91 5.25
N LYS A 12 -10.84 -3.22 5.18
CA LYS A 12 -11.30 -2.40 6.31
C LYS A 12 -11.36 -3.24 7.58
N VAL A 13 -11.86 -4.46 7.45
CA VAL A 13 -11.96 -5.37 8.58
C VAL A 13 -10.58 -5.75 9.10
N THR A 14 -9.72 -6.21 8.20
CA THR A 14 -8.37 -6.60 8.57
C THR A 14 -7.63 -5.42 9.17
N GLY A 15 -7.95 -4.22 8.71
CA GLY A 15 -7.31 -3.02 9.22
C GLY A 15 -7.61 -2.80 10.69
N ASP A 16 -8.89 -2.86 11.04
CA ASP A 16 -9.31 -2.67 12.42
C ASP A 16 -8.68 -3.71 13.33
N LEU A 17 -8.55 -4.93 12.81
CA LEU A 17 -7.95 -6.03 13.57
C LEU A 17 -6.44 -5.84 13.68
N PHE A 18 -5.82 -5.45 12.57
CA PHE A 18 -4.37 -5.24 12.54
C PHE A 18 -4.03 -3.76 12.74
N ASP A 19 -4.95 -3.02 13.34
CA ASP A 19 -4.75 -1.59 13.58
C ASP A 19 -3.74 -1.37 14.71
N ILE A 20 -4.00 -2.00 15.86
CA ILE A 20 -3.10 -1.87 17.01
C ILE A 20 -3.14 -0.44 17.58
N MET A 21 -2.63 0.50 16.80
CA MET A 21 -2.59 1.90 17.20
C MET A 21 -1.62 2.11 18.36
N SER A 22 -2.03 1.72 19.55
CA SER A 22 -1.20 1.90 20.74
C SER A 22 -1.17 0.61 21.58
N GLY A 23 -0.52 0.70 22.73
CA GLY A 23 -0.42 -0.45 23.61
C GLY A 23 0.85 -0.43 24.45
N MET B 1 7.27 18.19 5.84
CA MET B 1 6.81 16.91 6.34
C MET B 1 6.94 15.82 5.28
N SER B 2 8.10 15.18 5.23
CA SER B 2 8.36 14.12 4.26
C SER B 2 9.45 13.17 4.76
N GLN B 3 9.04 12.08 5.38
CA GLN B 3 9.98 11.10 5.91
C GLN B 3 10.24 10.00 4.89
N SER B 4 10.51 10.39 3.65
CA SER B 4 10.78 9.43 2.59
C SER B 4 9.58 8.51 2.37
N ASN B 5 8.38 9.09 2.35
CA ASN B 5 7.16 8.33 2.16
C ASN B 5 7.17 7.62 0.81
N ARG B 6 7.69 8.30 -0.21
CA ARG B 6 7.75 7.73 -1.55
C ARG B 6 8.67 6.53 -1.60
N GLU B 7 9.79 6.62 -0.88
CA GLU B 7 10.74 5.51 -0.83
C GLU B 7 10.05 4.25 -0.30
N LEU B 8 9.11 4.46 0.62
CA LEU B 8 8.36 3.37 1.21
C LEU B 8 7.33 2.86 0.21
N VAL B 9 6.82 3.77 -0.63
CA VAL B 9 5.85 3.40 -1.64
C VAL B 9 6.51 2.64 -2.78
N VAL B 10 7.70 3.10 -3.16
CA VAL B 10 8.47 2.48 -4.23
C VAL B 10 8.98 1.10 -3.82
N ASP B 11 9.38 0.98 -2.56
CA ASP B 11 9.90 -0.29 -2.05
C ASP B 11 8.79 -1.33 -1.89
N PHE B 12 7.78 -1.01 -1.08
CA PHE B 12 6.67 -1.93 -0.86
C PHE B 12 6.05 -2.36 -2.18
N LEU B 13 5.70 -1.37 -3.00
CA LEU B 13 5.10 -1.64 -4.31
C LEU B 13 6.03 -2.50 -5.15
N SER B 14 7.32 -2.19 -5.10
CA SER B 14 8.30 -2.94 -5.88
C SER B 14 8.50 -4.35 -5.33
N TYR B 15 8.39 -4.49 -4.01
CA TYR B 15 8.55 -5.80 -3.38
C TYR B 15 7.37 -6.72 -3.71
N LYS B 16 6.17 -6.27 -3.39
CA LYS B 16 4.97 -7.06 -3.65
C LYS B 16 4.94 -7.49 -5.11
N LEU B 17 5.18 -6.54 -6.01
CA LEU B 17 5.20 -6.82 -7.44
C LEU B 17 6.28 -7.86 -7.76
N SER B 18 7.40 -7.79 -7.04
CA SER B 18 8.49 -8.72 -7.25
C SER B 18 8.08 -10.13 -6.80
N GLN B 19 7.16 -10.17 -5.85
CA GLN B 19 6.68 -11.44 -5.33
C GLN B 19 5.64 -12.03 -6.28
N LYS B 20 4.97 -11.16 -7.04
CA LYS B 20 3.96 -11.60 -7.98
C LYS B 20 4.60 -12.05 -9.29
N GLY B 21 5.80 -11.54 -9.56
CA GLY B 21 6.52 -11.89 -10.77
C GLY B 21 6.74 -10.70 -11.68
N TYR B 22 6.70 -9.50 -11.11
CA TYR B 22 6.90 -8.28 -11.89
C TYR B 22 8.08 -7.48 -11.36
N SER B 23 8.72 -6.72 -12.25
CA SER B 23 9.86 -5.91 -11.87
C SER B 23 9.48 -4.43 -11.78
N TRP B 24 9.81 -3.82 -10.64
CA TRP B 24 9.51 -2.41 -10.42
C TRP B 24 10.30 -1.53 -11.38
N SER B 25 11.59 -1.80 -11.50
CA SER B 25 12.47 -1.02 -12.35
C SER B 25 12.08 -1.14 -13.83
N GLN B 26 11.57 -2.30 -14.22
CA GLN B 26 11.17 -2.52 -15.61
C GLN B 26 10.10 -1.53 -16.04
N PHE B 27 9.34 -1.00 -15.08
CA PHE B 27 8.30 -0.02 -15.37
C PHE B 27 8.26 1.08 -14.32
N SER B 28 9.43 1.42 -13.78
CA SER B 28 9.52 2.46 -12.76
C SER B 28 10.96 2.93 -12.58
N ASP B 29 11.15 4.24 -12.48
CA ASP B 29 12.48 4.81 -12.30
C ASP B 29 13.17 4.17 -11.11
N VAL B 30 12.61 4.43 -9.92
CA VAL B 30 13.14 3.90 -8.65
C VAL B 30 14.19 4.83 -8.04
N GLU B 31 14.89 5.57 -8.89
CA GLU B 31 15.92 6.51 -8.44
C GLU B 31 16.80 5.92 -7.34
N GLU B 32 17.23 4.68 -7.55
CA GLU B 32 18.09 4.01 -6.58
C GLU B 32 19.01 2.99 -7.26
N ASN B 33 18.49 2.29 -8.25
CA ASN B 33 19.25 1.29 -8.99
C ASN B 33 19.66 0.14 -8.09
N ARG B 34 18.67 -0.48 -7.44
CA ARG B 34 18.91 -1.61 -6.55
C ARG B 34 19.94 -1.24 -5.46
N THR B 35 19.53 -0.41 -4.52
CA THR B 35 20.41 0.01 -3.44
C THR B 35 19.68 0.90 -2.43
N GLU B 36 18.39 0.65 -2.24
CA GLU B 36 17.60 1.44 -1.30
C GLU B 36 18.23 1.44 0.09
N ALA B 37 18.71 2.60 0.49
CA ALA B 37 19.34 2.77 1.78
C ALA B 37 20.57 1.86 1.93
N PRO B 38 21.63 2.35 2.59
CA PRO B 38 22.85 1.56 2.79
C PRO B 38 22.63 0.36 3.70
N GLU B 39 22.43 0.63 4.99
CA GLU B 39 22.20 -0.42 5.96
C GLU B 39 21.90 0.16 7.34
N GLY B 40 20.87 -0.38 7.98
CA GLY B 40 20.48 0.11 9.30
C GLY B 40 19.96 1.53 9.25
N THR B 41 19.20 1.81 8.20
CA THR B 41 18.64 3.15 8.01
C THR B 41 17.25 3.25 8.64
N GLU B 42 16.91 4.45 9.10
CA GLU B 42 15.61 4.68 9.72
C GLU B 42 14.49 4.35 8.74
N SER B 43 14.51 4.99 7.58
CA SER B 43 13.50 4.75 6.56
C SER B 43 13.55 3.29 6.14
N GLU B 44 14.74 2.70 6.19
CA GLU B 44 14.94 1.31 5.83
C GLU B 44 14.08 0.42 6.73
N ALA B 45 14.22 0.62 8.04
CA ALA B 45 13.45 -0.14 9.01
C ALA B 45 11.96 0.02 8.77
N VAL B 46 11.57 1.22 8.34
CA VAL B 46 10.17 1.52 8.06
C VAL B 46 9.64 0.57 6.99
N LYS B 47 10.40 0.39 5.92
CA LYS B 47 9.99 -0.50 4.83
C LYS B 47 9.82 -1.92 5.36
N GLN B 48 10.75 -2.33 6.21
CA GLN B 48 10.69 -3.68 6.79
C GLN B 48 9.36 -3.90 7.50
N ALA B 49 8.91 -2.88 8.21
CA ALA B 49 7.64 -2.96 8.94
C ALA B 49 6.47 -3.05 7.96
N LEU B 50 6.55 -2.28 6.88
CA LEU B 50 5.51 -2.28 5.87
C LEU B 50 5.47 -3.61 5.14
N ARG B 51 6.64 -4.17 4.88
CA ARG B 51 6.74 -5.46 4.20
C ARG B 51 6.17 -6.57 5.07
N GLU B 52 6.62 -6.62 6.32
CA GLU B 52 6.14 -7.63 7.25
C GLU B 52 4.65 -7.43 7.53
N ALA B 53 4.24 -6.16 7.59
CA ALA B 53 2.84 -5.82 7.84
C ALA B 53 1.97 -6.26 6.67
N GLY B 54 2.38 -5.88 5.47
CA GLY B 54 1.63 -6.23 4.27
C GLY B 54 1.51 -7.73 4.11
N ASP B 55 2.58 -8.45 4.42
CA ASP B 55 2.59 -9.91 4.31
C ASP B 55 1.51 -10.51 5.21
N GLU B 56 1.52 -10.10 6.48
CA GLU B 56 0.54 -10.59 7.44
C GLU B 56 -0.86 -10.05 7.11
N PHE B 57 -0.90 -8.83 6.58
CA PHE B 57 -2.16 -8.20 6.21
C PHE B 57 -2.87 -9.00 5.13
N GLU B 58 -2.14 -9.29 4.05
CA GLU B 58 -2.68 -10.06 2.93
C GLU B 58 -2.97 -11.49 3.35
N LEU B 59 -2.16 -12.01 4.25
CA LEU B 59 -2.33 -13.38 4.73
C LEU B 59 -3.72 -13.56 5.36
N ARG B 60 -4.05 -12.70 6.32
CA ARG B 60 -5.33 -12.76 6.98
C ARG B 60 -6.46 -12.44 5.99
N TYR B 61 -6.16 -11.57 5.04
CA TYR B 61 -7.13 -11.19 4.03
C TYR B 61 -7.47 -12.38 3.13
N ARG B 62 -6.44 -13.11 2.72
CA ARG B 62 -6.63 -14.28 1.86
C ARG B 62 -7.30 -15.41 2.62
N ARG B 63 -6.89 -15.60 3.87
CA ARG B 63 -7.45 -16.65 4.71
C ARG B 63 -8.87 -16.33 5.12
N ALA B 64 -9.16 -15.04 5.29
CA ALA B 64 -10.49 -14.60 5.68
C ALA B 64 -11.37 -14.33 4.48
N PHE B 65 -10.74 -13.99 3.34
CA PHE B 65 -11.48 -13.70 2.12
C PHE B 65 -10.83 -14.38 0.91
N SER B 66 -9.76 -13.77 0.40
CA SER B 66 -9.05 -14.31 -0.75
C SER B 66 -8.00 -13.32 -1.25
N ASP B 67 -7.48 -13.58 -2.45
CA ASP B 67 -6.46 -12.71 -3.03
C ASP B 67 -6.99 -11.27 -3.14
N LEU B 68 -6.15 -10.38 -3.66
CA LEU B 68 -6.53 -8.97 -3.80
C LEU B 68 -6.58 -8.57 -5.27
N THR B 69 -5.57 -8.97 -6.04
CA THR B 69 -5.53 -8.65 -7.46
C THR B 69 -6.51 -9.48 -8.25
N SER B 70 -6.77 -10.70 -7.78
CA SER B 70 -7.70 -11.60 -8.44
C SER B 70 -9.12 -11.40 -7.93
N GLN B 71 -9.55 -10.14 -7.88
CA GLN B 71 -10.90 -9.81 -7.42
C GLN B 71 -11.43 -8.59 -8.15
N LEU B 72 -10.61 -7.55 -8.26
CA LEU B 72 -11.00 -6.32 -8.93
C LEU B 72 -10.66 -6.39 -10.42
N HIS B 73 -10.88 -5.29 -11.13
CA HIS B 73 -10.61 -5.24 -12.56
C HIS B 73 -10.40 -3.80 -13.04
N ILE B 74 -9.24 -3.23 -12.72
CA ILE B 74 -8.91 -1.87 -13.14
C ILE B 74 -8.71 -1.81 -14.65
N THR B 75 -9.00 -0.66 -15.22
CA THR B 75 -8.84 -0.46 -16.66
C THR B 75 -8.30 0.94 -16.95
N PRO B 76 -7.73 1.15 -18.14
CA PRO B 76 -7.18 2.46 -18.53
C PRO B 76 -8.22 3.56 -18.48
N GLY B 77 -8.56 4.00 -17.27
CA GLY B 77 -9.56 5.04 -17.12
C GLY B 77 -10.24 5.01 -15.77
N THR B 78 -10.23 3.84 -15.11
CA THR B 78 -10.85 3.69 -13.80
C THR B 78 -9.84 3.24 -12.76
N ALA B 79 -8.56 3.18 -13.13
CA ALA B 79 -7.52 2.76 -12.21
C ALA B 79 -7.42 3.73 -11.03
N TYR B 80 -7.32 5.02 -11.34
CA TYR B 80 -7.23 6.05 -10.30
C TYR B 80 -8.54 6.16 -9.54
N GLN B 81 -9.63 5.78 -10.20
CA GLN B 81 -10.94 5.82 -9.57
C GLN B 81 -11.09 4.65 -8.60
N SER B 82 -10.60 3.49 -9.01
CA SER B 82 -10.67 2.30 -8.19
C SER B 82 -9.82 2.47 -6.94
N PHE B 83 -8.64 3.08 -7.12
CA PHE B 83 -7.73 3.31 -6.01
C PHE B 83 -8.31 4.34 -5.05
N GLU B 84 -8.96 5.36 -5.59
CA GLU B 84 -9.56 6.41 -4.79
C GLU B 84 -10.77 5.86 -4.03
N GLN B 85 -11.49 4.96 -4.68
CA GLN B 85 -12.68 4.36 -4.09
C GLN B 85 -12.33 3.43 -2.92
N VAL B 86 -11.21 2.74 -3.04
CA VAL B 86 -10.77 1.83 -2.00
C VAL B 86 -10.17 2.58 -0.84
N VAL B 87 -9.44 3.64 -1.14
CA VAL B 87 -8.82 4.45 -0.12
C VAL B 87 -9.84 5.36 0.56
N ASN B 88 -10.85 5.77 -0.21
CA ASN B 88 -11.90 6.63 0.31
C ASN B 88 -12.78 5.89 1.30
N GLU B 89 -13.38 4.79 0.84
CA GLU B 89 -14.25 3.99 1.68
C GLU B 89 -13.47 3.41 2.86
N LEU B 90 -12.22 3.07 2.62
CA LEU B 90 -11.36 2.50 3.65
C LEU B 90 -11.05 3.53 4.74
N PHE B 91 -10.63 4.72 4.33
CA PHE B 91 -10.30 5.78 5.26
C PHE B 91 -11.52 6.66 5.53
N ARG B 92 -12.67 6.25 5.01
CA ARG B 92 -13.91 6.98 5.22
C ARG B 92 -14.38 6.79 6.65
N ASP B 93 -14.24 5.57 7.13
CA ASP B 93 -14.61 5.23 8.49
C ASP B 93 -13.64 5.88 9.48
N GLY B 94 -12.47 6.29 8.97
CA GLY B 94 -11.49 6.93 9.84
C GLY B 94 -10.09 6.38 9.63
N VAL B 95 -9.17 7.26 9.27
CA VAL B 95 -7.79 6.89 9.05
C VAL B 95 -7.24 6.10 10.24
N ASN B 96 -6.13 5.39 10.01
CA ASN B 96 -5.49 4.58 11.04
C ASN B 96 -4.50 3.58 10.42
N TRP B 97 -3.57 3.07 11.23
CA TRP B 97 -2.59 2.10 10.74
C TRP B 97 -3.28 1.03 9.90
N GLY B 98 -4.34 0.44 10.46
CA GLY B 98 -5.08 -0.59 9.75
C GLY B 98 -5.51 -0.12 8.37
N ARG B 99 -5.94 1.13 8.28
CA ARG B 99 -6.37 1.70 7.02
C ARG B 99 -5.18 1.90 6.10
N ILE B 100 -4.03 2.22 6.70
CA ILE B 100 -2.80 2.42 5.94
C ILE B 100 -2.21 1.10 5.48
N VAL B 101 -2.36 0.07 6.30
CA VAL B 101 -1.85 -1.25 5.94
C VAL B 101 -2.57 -1.73 4.69
N ALA B 102 -3.87 -1.45 4.64
CA ALA B 102 -4.68 -1.83 3.50
C ALA B 102 -4.42 -0.89 2.33
N PHE B 103 -4.12 0.38 2.65
CA PHE B 103 -3.84 1.37 1.64
C PHE B 103 -2.67 0.90 0.77
N PHE B 104 -1.61 0.46 1.43
CA PHE B 104 -0.43 -0.04 0.75
C PHE B 104 -0.72 -1.41 0.14
N SER B 105 -1.59 -2.17 0.79
CA SER B 105 -1.94 -3.51 0.30
C SER B 105 -2.64 -3.43 -1.06
N PHE B 106 -3.71 -2.65 -1.13
CA PHE B 106 -4.45 -2.50 -2.38
C PHE B 106 -3.60 -1.83 -3.45
N GLY B 107 -2.79 -0.86 -3.05
CA GLY B 107 -1.94 -0.17 -4.00
C GLY B 107 -1.07 -1.13 -4.79
N GLY B 108 -0.31 -1.96 -4.06
CA GLY B 108 0.55 -2.93 -4.70
C GLY B 108 -0.24 -3.92 -5.54
N ALA B 109 -1.42 -4.31 -5.04
CA ALA B 109 -2.28 -5.26 -5.76
C ALA B 109 -2.72 -4.69 -7.09
N LEU B 110 -3.14 -3.43 -7.10
CA LEU B 110 -3.58 -2.77 -8.32
C LEU B 110 -2.47 -2.79 -9.37
N CYS B 111 -1.26 -2.44 -8.95
CA CYS B 111 -0.11 -2.43 -9.85
C CYS B 111 0.08 -3.80 -10.49
N VAL B 112 -0.06 -4.84 -9.69
CA VAL B 112 0.10 -6.21 -10.16
C VAL B 112 -1.03 -6.59 -11.11
N GLU B 113 -2.24 -6.17 -10.76
CA GLU B 113 -3.41 -6.46 -11.58
C GLU B 113 -3.36 -5.67 -12.89
N SER B 114 -2.80 -4.47 -12.83
CA SER B 114 -2.69 -3.63 -14.02
C SER B 114 -1.62 -4.17 -14.95
N VAL B 115 -0.56 -4.71 -14.37
CA VAL B 115 0.54 -5.28 -15.15
C VAL B 115 0.12 -6.61 -15.75
N ASP B 116 -0.66 -7.36 -14.99
CA ASP B 116 -1.14 -8.66 -15.44
C ASP B 116 -2.12 -8.51 -16.59
N LYS B 117 -2.89 -7.43 -16.55
CA LYS B 117 -3.88 -7.14 -17.58
C LYS B 117 -3.23 -6.57 -18.83
N GLU B 118 -2.76 -5.33 -18.73
CA GLU B 118 -2.11 -4.65 -19.84
C GLU B 118 -1.91 -3.17 -19.55
N MET B 119 -1.48 -2.86 -18.34
CA MET B 119 -1.26 -1.48 -17.93
C MET B 119 -0.05 -1.38 -16.99
N GLN B 120 1.09 -1.90 -17.44
CA GLN B 120 2.31 -1.86 -16.65
C GLN B 120 2.60 -0.43 -16.20
N VAL B 121 2.16 0.52 -17.01
CA VAL B 121 2.34 1.93 -16.71
C VAL B 121 1.56 2.33 -15.46
N LEU B 122 0.44 1.67 -15.22
CA LEU B 122 -0.38 1.97 -14.06
C LEU B 122 0.39 1.75 -12.76
N VAL B 123 1.47 0.99 -12.83
CA VAL B 123 2.28 0.75 -11.65
C VAL B 123 2.83 2.07 -11.12
N SER B 124 3.40 2.85 -12.02
CA SER B 124 3.96 4.15 -11.66
C SER B 124 2.85 5.16 -11.38
N ARG B 125 1.74 5.02 -12.11
CA ARG B 125 0.61 5.93 -11.94
C ARG B 125 0.03 5.74 -10.55
N ILE B 126 -0.27 4.50 -10.19
CA ILE B 126 -0.78 4.18 -8.87
C ILE B 126 0.28 4.53 -7.84
N ALA B 127 1.54 4.34 -8.23
CA ALA B 127 2.66 4.65 -7.35
C ALA B 127 2.61 6.12 -6.94
N ALA B 128 2.11 6.96 -7.83
CA ALA B 128 2.00 8.39 -7.55
C ALA B 128 0.71 8.71 -6.81
N TRP B 129 -0.32 7.90 -7.03
CA TRP B 129 -1.59 8.12 -6.34
C TRP B 129 -1.46 7.69 -4.90
N MET B 130 -0.73 6.61 -4.70
CA MET B 130 -0.52 6.07 -3.37
C MET B 130 0.43 6.95 -2.57
N ALA B 131 1.61 7.21 -3.12
CA ALA B 131 2.59 8.05 -2.43
C ALA B 131 2.05 9.44 -2.18
N THR B 132 1.20 9.93 -3.07
CA THR B 132 0.62 11.26 -2.94
C THR B 132 -0.48 11.25 -1.88
N TYR B 133 -1.35 10.26 -1.94
CA TYR B 133 -2.44 10.15 -0.96
C TYR B 133 -1.87 9.86 0.42
N LEU B 134 -0.84 9.02 0.45
CA LEU B 134 -0.20 8.64 1.70
C LEU B 134 0.48 9.85 2.36
N ASN B 135 1.11 10.68 1.54
CA ASN B 135 1.82 11.85 2.04
C ASN B 135 0.89 13.03 2.32
N ASP B 136 -0.24 13.08 1.63
CA ASP B 136 -1.18 14.19 1.79
C ASP B 136 -2.38 13.85 2.68
N HIS B 137 -2.79 12.58 2.70
CA HIS B 137 -3.97 12.21 3.49
C HIS B 137 -3.65 11.59 4.85
N LEU B 138 -2.81 10.56 4.90
CA LEU B 138 -2.50 9.90 6.16
C LEU B 138 -1.20 10.37 6.78
N GLU B 139 -0.28 10.87 5.96
CA GLU B 139 1.00 11.34 6.46
C GLU B 139 0.84 12.11 7.77
N PRO B 140 0.02 13.17 7.78
CA PRO B 140 -0.22 13.95 9.00
C PRO B 140 -0.72 13.07 10.14
N TRP B 141 -1.52 12.08 9.78
CA TRP B 141 -2.05 11.14 10.77
C TRP B 141 -0.92 10.29 11.31
N ILE B 142 0.02 9.96 10.43
CA ILE B 142 1.17 9.15 10.81
C ILE B 142 1.93 9.81 11.94
N GLN B 143 2.52 10.97 11.65
CA GLN B 143 3.27 11.71 12.65
C GLN B 143 2.38 12.07 13.84
N GLU B 144 1.07 12.09 13.62
CA GLU B 144 0.11 12.43 14.66
C GLU B 144 0.22 11.48 15.86
N ASN B 145 0.08 10.18 15.60
CA ASN B 145 0.14 9.19 16.68
C ASN B 145 1.54 8.62 16.88
N GLY B 146 2.55 9.38 16.48
CA GLY B 146 3.92 8.93 16.64
C GLY B 146 4.67 8.84 15.33
N GLY B 147 3.99 8.42 14.28
CA GLY B 147 4.63 8.31 12.98
C GLY B 147 5.03 6.89 12.61
N TRP B 148 5.79 6.78 11.53
CA TRP B 148 6.25 5.48 11.05
C TRP B 148 7.11 4.78 12.11
N ASP B 149 7.58 5.55 13.08
CA ASP B 149 8.39 4.98 14.15
C ASP B 149 7.50 4.17 15.07
N THR B 150 6.23 4.56 15.17
CA THR B 150 5.28 3.85 15.99
C THR B 150 4.84 2.58 15.28
N PHE B 151 4.44 2.72 14.02
CA PHE B 151 4.02 1.56 13.24
C PHE B 151 5.13 0.52 13.27
N VAL B 152 6.37 1.01 13.22
CA VAL B 152 7.53 0.15 13.27
C VAL B 152 7.75 -0.37 14.69
N GLU B 153 7.31 0.42 15.68
CA GLU B 153 7.47 0.03 17.07
C GLU B 153 6.50 -1.09 17.44
N LEU B 154 5.31 -1.06 16.84
CA LEU B 154 4.30 -2.06 17.11
C LEU B 154 4.47 -3.28 16.20
N TYR B 155 4.77 -3.02 14.94
CA TYR B 155 4.96 -4.09 13.97
C TYR B 155 6.37 -4.66 14.06
N GLY B 156 7.32 -3.80 14.38
CA GLY B 156 8.70 -4.24 14.49
C GLY B 156 9.13 -4.47 15.93
N GLY A 1 -20.31 -3.16 -10.56
CA GLY A 1 -21.46 -2.90 -9.71
C GLY A 1 -21.28 -3.44 -8.30
N GLY A 2 -20.11 -3.19 -7.72
CA GLY A 2 -19.83 -3.66 -6.38
C GLY A 2 -18.48 -4.35 -6.27
N THR A 3 -17.47 -3.75 -6.89
CA THR A 3 -16.13 -4.30 -6.87
C THR A 3 -15.25 -3.57 -5.85
N MET A 4 -15.00 -2.29 -6.11
CA MET A 4 -14.19 -1.48 -5.22
C MET A 4 -14.81 -1.38 -3.83
N GLU A 5 -16.12 -1.18 -3.79
CA GLU A 5 -16.84 -1.06 -2.53
C GLU A 5 -16.62 -2.28 -1.64
N ASN A 6 -16.81 -3.46 -2.20
CA ASN A 6 -16.63 -4.71 -1.46
C ASN A 6 -15.19 -4.86 -1.00
N LEU A 7 -14.25 -4.42 -1.82
CA LEU A 7 -12.84 -4.50 -1.50
C LEU A 7 -12.49 -3.64 -0.28
N SER A 8 -12.89 -2.37 -0.34
CA SER A 8 -12.62 -1.44 0.75
C SER A 8 -13.15 -1.96 2.08
N ARG A 9 -14.38 -2.45 2.07
CA ARG A 9 -15.01 -2.97 3.28
C ARG A 9 -14.21 -4.15 3.84
N ARG A 10 -13.91 -5.12 2.98
CA ARG A 10 -13.17 -6.30 3.39
C ARG A 10 -11.78 -5.94 3.91
N LEU A 11 -11.01 -5.23 3.09
CA LEU A 11 -9.67 -4.82 3.48
C LEU A 11 -9.71 -3.96 4.74
N LYS A 12 -10.76 -3.14 4.86
CA LYS A 12 -10.93 -2.27 6.01
C LYS A 12 -11.04 -3.11 7.28
N VAL A 13 -11.73 -4.25 7.17
CA VAL A 13 -11.90 -5.14 8.30
C VAL A 13 -10.55 -5.70 8.75
N THR A 14 -9.78 -6.18 7.78
CA THR A 14 -8.46 -6.74 8.07
C THR A 14 -7.59 -5.69 8.76
N GLY A 15 -7.81 -4.42 8.42
CA GLY A 15 -7.05 -3.34 9.03
C GLY A 15 -7.38 -3.18 10.50
N ASP A 16 -8.67 -3.21 10.82
CA ASP A 16 -9.11 -3.06 12.20
C ASP A 16 -8.52 -4.16 13.08
N LEU A 17 -8.44 -5.37 12.53
CA LEU A 17 -7.90 -6.50 13.27
C LEU A 17 -6.39 -6.37 13.43
N PHE A 18 -5.75 -5.77 12.42
CA PHE A 18 -4.31 -5.57 12.45
C PHE A 18 -3.96 -4.13 12.83
N ASP A 19 -4.85 -3.48 13.57
CA ASP A 19 -4.64 -2.10 13.99
C ASP A 19 -3.77 -2.05 15.24
N ILE A 20 -4.20 -2.77 16.28
CA ILE A 20 -3.47 -2.80 17.54
C ILE A 20 -3.44 -1.43 18.21
N MET A 21 -2.57 -0.54 17.71
CA MET A 21 -2.45 0.80 18.24
C MET A 21 -2.29 0.80 19.77
N SER A 22 -1.82 -0.33 20.30
CA SER A 22 -1.63 -0.47 21.73
C SER A 22 -0.16 -0.24 22.10
N GLY A 23 0.07 0.37 23.25
CA GLY A 23 1.42 0.63 23.70
C GLY A 23 2.28 -0.62 23.75
N MET B 1 10.18 12.41 11.24
CA MET B 1 10.98 12.29 10.03
C MET B 1 10.11 12.17 8.79
N SER B 2 10.69 12.48 7.63
CA SER B 2 9.97 12.40 6.37
C SER B 2 10.94 12.51 5.19
N GLN B 3 12.15 11.99 5.37
CA GLN B 3 13.19 12.04 4.34
C GLN B 3 12.62 11.80 2.94
N SER B 4 11.64 10.91 2.84
CA SER B 4 11.01 10.60 1.56
C SER B 4 10.06 9.42 1.69
N ASN B 5 8.77 9.70 1.76
CA ASN B 5 7.76 8.66 1.89
C ASN B 5 7.62 7.87 0.59
N ARG B 6 7.89 8.53 -0.53
CA ARG B 6 7.79 7.90 -1.84
C ARG B 6 8.76 6.73 -1.95
N GLU B 7 9.91 6.85 -1.30
CA GLU B 7 10.90 5.77 -1.33
C GLU B 7 10.32 4.51 -0.73
N LEU B 8 9.48 4.68 0.28
CA LEU B 8 8.83 3.56 0.93
C LEU B 8 7.72 3.01 0.04
N VAL B 9 7.09 3.90 -0.72
CA VAL B 9 6.03 3.51 -1.63
C VAL B 9 6.60 2.77 -2.83
N VAL B 10 7.73 3.26 -3.32
CA VAL B 10 8.40 2.66 -4.46
C VAL B 10 9.00 1.31 -4.10
N ASP B 11 9.58 1.23 -2.90
CA ASP B 11 10.20 -0.01 -2.43
C ASP B 11 9.14 -1.07 -2.16
N PHE B 12 8.12 -0.71 -1.39
CA PHE B 12 7.05 -1.65 -1.06
C PHE B 12 6.45 -2.24 -2.32
N LEU B 13 5.92 -1.38 -3.18
CA LEU B 13 5.32 -1.83 -4.43
C LEU B 13 6.31 -2.67 -5.24
N SER B 14 7.58 -2.29 -5.17
CA SER B 14 8.63 -3.00 -5.88
C SER B 14 8.89 -4.38 -5.30
N TYR B 15 8.80 -4.49 -3.97
CA TYR B 15 9.03 -5.76 -3.30
C TYR B 15 7.83 -6.68 -3.48
N LYS B 16 6.64 -6.10 -3.32
CA LYS B 16 5.41 -6.86 -3.47
C LYS B 16 5.34 -7.46 -4.87
N LEU B 17 5.54 -6.61 -5.87
CA LEU B 17 5.51 -7.05 -7.26
C LEU B 17 6.62 -8.07 -7.50
N SER B 18 7.76 -7.89 -6.82
CA SER B 18 8.87 -8.81 -6.96
C SER B 18 8.51 -10.18 -6.40
N GLN B 19 7.61 -10.18 -5.42
CA GLN B 19 7.16 -11.43 -4.81
C GLN B 19 6.11 -12.10 -5.69
N LYS B 20 5.41 -11.29 -6.49
CA LYS B 20 4.39 -11.82 -7.38
C LYS B 20 5.01 -12.37 -8.65
N GLY B 21 6.21 -11.89 -8.98
CA GLY B 21 6.89 -12.34 -10.16
C GLY B 21 7.10 -11.23 -11.18
N TYR B 22 7.07 -9.99 -10.71
CA TYR B 22 7.26 -8.85 -11.60
C TYR B 22 8.46 -8.01 -11.17
N SER B 23 8.94 -7.15 -12.08
CA SER B 23 10.09 -6.30 -11.79
C SER B 23 9.67 -4.83 -11.75
N TRP B 24 10.03 -4.16 -10.67
CA TRP B 24 9.70 -2.75 -10.49
C TRP B 24 10.39 -1.85 -11.52
N SER B 25 11.71 -1.88 -11.52
CA SER B 25 12.50 -1.06 -12.44
C SER B 25 12.06 -1.23 -13.89
N GLN B 26 11.44 -2.37 -14.21
CA GLN B 26 10.99 -2.62 -15.58
C GLN B 26 9.97 -1.59 -16.02
N PHE B 27 9.09 -1.21 -15.10
CA PHE B 27 8.06 -0.21 -15.40
C PHE B 27 8.05 0.91 -14.38
N SER B 28 9.24 1.27 -13.90
CA SER B 28 9.38 2.34 -12.92
C SER B 28 10.62 3.17 -13.20
N ASP B 29 10.42 4.49 -13.33
CA ASP B 29 11.54 5.39 -13.58
C ASP B 29 12.56 5.26 -12.46
N VAL B 30 12.06 5.13 -11.24
CA VAL B 30 12.88 4.98 -10.05
C VAL B 30 13.22 6.34 -9.44
N GLU B 31 13.37 7.33 -10.31
CA GLU B 31 13.67 8.70 -9.89
C GLU B 31 14.82 8.76 -8.88
N GLU B 32 15.86 7.98 -9.11
CA GLU B 32 17.03 7.98 -8.21
C GLU B 32 18.08 6.96 -8.64
N ASN B 33 17.78 5.68 -8.42
CA ASN B 33 18.72 4.61 -8.79
C ASN B 33 18.09 3.25 -8.57
N ARG B 34 18.87 2.19 -8.83
CA ARG B 34 18.38 0.83 -8.65
C ARG B 34 18.46 0.40 -7.20
N THR B 35 19.57 0.72 -6.56
CA THR B 35 19.78 0.37 -5.16
C THR B 35 18.67 0.93 -4.28
N GLU B 36 18.38 2.22 -4.45
CA GLU B 36 17.34 2.88 -3.68
C GLU B 36 17.64 2.85 -2.19
N ALA B 37 17.66 4.02 -1.59
CA ALA B 37 17.91 4.15 -0.15
C ALA B 37 19.30 3.62 0.22
N PRO B 38 19.97 4.26 1.19
CA PRO B 38 21.30 3.85 1.65
C PRO B 38 21.28 2.51 2.39
N GLU B 39 20.08 2.06 2.75
CA GLU B 39 19.91 0.79 3.46
C GLU B 39 20.41 0.91 4.90
N GLY B 40 19.56 0.47 5.84
CA GLY B 40 19.93 0.53 7.25
C GLY B 40 19.62 1.88 7.87
N THR B 41 18.76 2.66 7.23
CA THR B 41 18.39 3.97 7.75
C THR B 41 17.05 3.92 8.47
N GLU B 42 16.59 5.10 8.89
CA GLU B 42 15.33 5.21 9.61
C GLU B 42 14.16 4.80 8.71
N SER B 43 14.03 5.50 7.58
CA SER B 43 12.97 5.19 6.63
C SER B 43 13.07 3.74 6.17
N GLU B 44 14.28 3.19 6.28
CA GLU B 44 14.53 1.80 5.90
C GLU B 44 13.74 0.86 6.80
N ALA B 45 13.89 1.03 8.10
CA ALA B 45 13.17 0.19 9.06
C ALA B 45 11.67 0.38 8.89
N VAL B 46 11.27 1.60 8.53
CA VAL B 46 9.86 1.91 8.31
C VAL B 46 9.31 1.06 7.17
N LYS B 47 9.99 1.13 6.02
CA LYS B 47 9.58 0.35 4.86
C LYS B 47 9.64 -1.14 5.18
N GLN B 48 10.58 -1.50 6.05
CA GLN B 48 10.75 -2.89 6.46
C GLN B 48 9.49 -3.38 7.18
N ALA B 49 8.99 -2.56 8.09
CA ALA B 49 7.78 -2.89 8.84
C ALA B 49 6.58 -2.94 7.92
N LEU B 50 6.61 -2.14 6.86
CA LEU B 50 5.52 -2.08 5.89
C LEU B 50 5.49 -3.35 5.04
N ARG B 51 6.65 -3.77 4.56
CA ARG B 51 6.74 -4.98 3.74
C ARG B 51 6.31 -6.20 4.52
N GLU B 52 6.71 -6.25 5.80
CA GLU B 52 6.36 -7.36 6.67
C GLU B 52 4.89 -7.31 7.05
N ALA B 53 4.42 -6.11 7.36
CA ALA B 53 3.03 -5.91 7.73
C ALA B 53 2.10 -6.23 6.56
N GLY B 54 2.45 -5.72 5.38
CA GLY B 54 1.65 -5.98 4.20
C GLY B 54 1.60 -7.45 3.86
N ASP B 55 2.73 -8.14 4.01
CA ASP B 55 2.80 -9.56 3.73
C ASP B 55 1.80 -10.32 4.59
N GLU B 56 1.80 -10.04 5.88
CA GLU B 56 0.88 -10.69 6.81
C GLU B 56 -0.54 -10.20 6.57
N PHE B 57 -0.67 -8.94 6.18
CA PHE B 57 -1.98 -8.35 5.90
C PHE B 57 -2.68 -9.10 4.78
N GLU B 58 -1.96 -9.28 3.67
CA GLU B 58 -2.49 -9.99 2.51
C GLU B 58 -2.65 -11.47 2.80
N LEU B 59 -1.70 -12.03 3.55
CA LEU B 59 -1.75 -13.44 3.90
C LEU B 59 -3.02 -13.77 4.66
N ARG B 60 -3.27 -13.03 5.74
CA ARG B 60 -4.46 -13.24 6.54
C ARG B 60 -5.72 -12.99 5.70
N TYR B 61 -5.63 -12.01 4.82
CA TYR B 61 -6.74 -11.66 3.94
C TYR B 61 -7.02 -12.80 2.96
N ARG B 62 -5.96 -13.39 2.44
CA ARG B 62 -6.08 -14.50 1.49
C ARG B 62 -6.72 -15.72 2.16
N ARG B 63 -6.46 -15.87 3.45
CA ARG B 63 -7.01 -16.99 4.20
C ARG B 63 -8.45 -16.72 4.62
N ALA B 64 -8.79 -15.44 4.78
CA ALA B 64 -10.13 -15.05 5.19
C ALA B 64 -11.03 -14.76 3.99
N PHE B 65 -10.71 -13.70 3.26
CA PHE B 65 -11.51 -13.31 2.09
C PHE B 65 -10.72 -13.44 0.79
N SER B 66 -9.92 -14.50 0.70
CA SER B 66 -9.13 -14.76 -0.51
C SER B 66 -8.32 -13.53 -0.92
N ASP B 67 -7.53 -13.68 -1.98
CA ASP B 67 -6.70 -12.59 -2.49
C ASP B 67 -7.54 -11.36 -2.82
N LEU B 68 -6.87 -10.28 -3.19
CA LEU B 68 -7.55 -9.03 -3.54
C LEU B 68 -7.50 -8.79 -5.04
N THR B 69 -6.35 -9.07 -5.65
CA THR B 69 -6.17 -8.88 -7.08
C THR B 69 -7.20 -9.67 -7.88
N SER B 70 -7.61 -10.81 -7.32
CA SER B 70 -8.60 -11.67 -7.98
C SER B 70 -10.01 -11.30 -7.54
N GLN B 71 -10.33 -10.02 -7.60
CA GLN B 71 -11.66 -9.54 -7.21
C GLN B 71 -11.93 -8.16 -7.79
N LEU B 72 -10.95 -7.27 -7.67
CA LEU B 72 -11.08 -5.91 -8.20
C LEU B 72 -10.99 -5.90 -9.72
N HIS B 73 -10.84 -4.71 -10.29
CA HIS B 73 -10.73 -4.57 -11.74
C HIS B 73 -10.46 -3.11 -12.12
N ILE B 74 -9.25 -2.87 -12.63
CA ILE B 74 -8.86 -1.53 -13.04
C ILE B 74 -8.68 -1.45 -14.55
N THR B 75 -8.93 -0.27 -15.11
CA THR B 75 -8.79 -0.07 -16.54
C THR B 75 -8.02 1.22 -16.81
N PRO B 76 -7.68 1.49 -18.09
CA PRO B 76 -6.94 2.69 -18.47
C PRO B 76 -7.69 3.98 -18.18
N GLY B 77 -8.96 3.86 -17.80
CA GLY B 77 -9.77 5.04 -17.51
C GLY B 77 -10.50 4.98 -16.19
N THR B 78 -10.21 3.97 -15.37
CA THR B 78 -10.87 3.84 -14.08
C THR B 78 -9.91 3.34 -13.00
N ALA B 79 -8.61 3.42 -13.28
CA ALA B 79 -7.60 2.98 -12.32
C ALA B 79 -7.51 3.95 -11.15
N TYR B 80 -7.39 5.24 -11.46
CA TYR B 80 -7.31 6.27 -10.44
C TYR B 80 -8.63 6.39 -9.70
N GLN B 81 -9.71 6.03 -10.38
CA GLN B 81 -11.04 6.09 -9.80
C GLN B 81 -11.25 4.92 -8.83
N SER B 82 -10.81 3.75 -9.26
CA SER B 82 -10.94 2.56 -8.45
C SER B 82 -10.16 2.70 -7.14
N PHE B 83 -8.96 3.26 -7.26
CA PHE B 83 -8.10 3.45 -6.10
C PHE B 83 -8.66 4.51 -5.16
N GLU B 84 -9.19 5.59 -5.72
CA GLU B 84 -9.76 6.67 -4.94
C GLU B 84 -10.98 6.20 -4.16
N GLN B 85 -11.74 5.32 -4.80
CA GLN B 85 -12.96 4.79 -4.19
C GLN B 85 -12.65 3.82 -3.05
N VAL B 86 -11.60 3.04 -3.21
CA VAL B 86 -11.20 2.07 -2.21
C VAL B 86 -10.51 2.78 -1.05
N VAL B 87 -9.71 3.79 -1.37
CA VAL B 87 -9.00 4.54 -0.35
C VAL B 87 -9.96 5.44 0.41
N ASN B 88 -10.98 5.92 -0.28
CA ASN B 88 -11.97 6.79 0.34
C ASN B 88 -12.79 6.02 1.36
N GLU B 89 -13.44 4.96 0.91
CA GLU B 89 -14.27 4.12 1.78
C GLU B 89 -13.44 3.50 2.89
N LEU B 90 -12.16 3.28 2.61
CA LEU B 90 -11.26 2.69 3.59
C LEU B 90 -10.84 3.69 4.66
N PHE B 91 -10.66 4.95 4.28
CA PHE B 91 -10.24 5.98 5.22
C PHE B 91 -11.38 6.95 5.53
N ARG B 92 -12.60 6.61 5.12
CA ARG B 92 -13.74 7.46 5.39
C ARG B 92 -14.25 7.20 6.80
N ASP B 93 -14.15 5.93 7.21
CA ASP B 93 -14.57 5.54 8.54
C ASP B 93 -13.56 6.05 9.58
N GLY B 94 -12.35 6.38 9.12
CA GLY B 94 -11.35 6.87 10.03
C GLY B 94 -9.97 6.33 9.71
N VAL B 95 -9.04 7.24 9.44
CA VAL B 95 -7.66 6.87 9.12
C VAL B 95 -6.96 6.27 10.33
N ASN B 96 -6.10 5.29 10.06
CA ASN B 96 -5.33 4.62 11.11
C ASN B 96 -4.47 3.50 10.54
N TRP B 97 -3.49 3.04 11.31
CA TRP B 97 -2.60 1.96 10.87
C TRP B 97 -3.36 0.88 10.12
N GLY B 98 -4.44 0.39 10.71
CA GLY B 98 -5.24 -0.66 10.07
C GLY B 98 -5.63 -0.29 8.65
N ARG B 99 -6.03 0.96 8.45
CA ARG B 99 -6.43 1.43 7.13
C ARG B 99 -5.20 1.62 6.25
N ILE B 100 -4.09 2.03 6.87
CA ILE B 100 -2.84 2.26 6.15
C ILE B 100 -2.26 0.94 5.66
N VAL B 101 -2.39 -0.11 6.47
CA VAL B 101 -1.89 -1.42 6.08
C VAL B 101 -2.57 -1.86 4.81
N ALA B 102 -3.85 -1.51 4.69
CA ALA B 102 -4.63 -1.85 3.51
C ALA B 102 -4.32 -0.90 2.37
N PHE B 103 -4.06 0.36 2.70
CA PHE B 103 -3.72 1.36 1.70
C PHE B 103 -2.53 0.89 0.88
N PHE B 104 -1.50 0.44 1.58
CA PHE B 104 -0.29 -0.05 0.95
C PHE B 104 -0.52 -1.43 0.33
N SER B 105 -1.35 -2.25 0.98
CA SER B 105 -1.64 -3.59 0.47
C SER B 105 -2.41 -3.52 -0.84
N PHE B 106 -3.56 -2.87 -0.79
CA PHE B 106 -4.41 -2.71 -1.97
C PHE B 106 -3.62 -2.06 -3.11
N GLY B 107 -2.82 -1.06 -2.77
CA GLY B 107 -2.03 -0.36 -3.77
C GLY B 107 -1.15 -1.32 -4.56
N GLY B 108 -0.35 -2.10 -3.84
CA GLY B 108 0.52 -3.06 -4.50
C GLY B 108 -0.26 -4.07 -5.30
N ALA B 109 -1.46 -4.38 -4.84
CA ALA B 109 -2.32 -5.34 -5.53
C ALA B 109 -2.76 -4.78 -6.87
N LEU B 110 -3.13 -3.50 -6.88
CA LEU B 110 -3.56 -2.84 -8.11
C LEU B 110 -2.47 -2.94 -9.17
N CYS B 111 -1.25 -2.58 -8.78
CA CYS B 111 -0.12 -2.62 -9.68
C CYS B 111 0.03 -4.01 -10.30
N VAL B 112 -0.02 -5.02 -9.45
CA VAL B 112 0.09 -6.40 -9.90
C VAL B 112 -1.09 -6.76 -10.81
N GLU B 113 -2.26 -6.24 -10.48
CA GLU B 113 -3.46 -6.50 -11.27
C GLU B 113 -3.35 -5.87 -12.65
N SER B 114 -2.84 -4.65 -12.69
CA SER B 114 -2.68 -3.93 -13.96
C SER B 114 -1.53 -4.53 -14.75
N VAL B 115 -0.53 -5.05 -14.05
CA VAL B 115 0.62 -5.65 -14.67
C VAL B 115 0.24 -7.02 -15.25
N ASP B 116 -0.67 -7.70 -14.56
CA ASP B 116 -1.12 -9.01 -15.00
C ASP B 116 -2.09 -8.88 -16.16
N LYS B 117 -2.81 -7.76 -16.21
CA LYS B 117 -3.77 -7.51 -17.28
C LYS B 117 -3.08 -6.96 -18.51
N GLU B 118 -2.65 -5.70 -18.44
CA GLU B 118 -1.97 -5.04 -19.55
C GLU B 118 -1.84 -3.54 -19.29
N MET B 119 -1.40 -3.19 -18.09
CA MET B 119 -1.22 -1.79 -17.72
C MET B 119 -0.07 -1.63 -16.74
N GLN B 120 1.09 -2.18 -17.10
CA GLN B 120 2.28 -2.09 -16.25
C GLN B 120 2.53 -0.64 -15.85
N VAL B 121 2.17 0.28 -16.74
CA VAL B 121 2.35 1.71 -16.49
C VAL B 121 1.58 2.15 -15.26
N LEU B 122 0.45 1.48 -15.01
CA LEU B 122 -0.38 1.81 -13.85
C LEU B 122 0.37 1.61 -12.55
N VAL B 123 1.45 0.83 -12.61
CA VAL B 123 2.25 0.58 -11.42
C VAL B 123 2.81 1.90 -10.89
N SER B 124 3.40 2.67 -11.79
CA SER B 124 3.97 3.97 -11.44
C SER B 124 2.87 4.99 -11.19
N ARG B 125 1.77 4.86 -11.93
CA ARG B 125 0.66 5.80 -11.78
C ARG B 125 0.04 5.64 -10.40
N ILE B 126 -0.29 4.40 -10.05
CA ILE B 126 -0.84 4.11 -8.74
C ILE B 126 0.20 4.46 -7.69
N ALA B 127 1.46 4.21 -8.04
CA ALA B 127 2.56 4.50 -7.13
C ALA B 127 2.52 5.97 -6.70
N ALA B 128 2.09 6.83 -7.61
CA ALA B 128 1.99 8.26 -7.32
C ALA B 128 0.68 8.59 -6.61
N TRP B 129 -0.36 7.78 -6.85
CA TRP B 129 -1.64 8.02 -6.21
C TRP B 129 -1.59 7.60 -4.75
N MET B 130 -1.09 6.40 -4.53
CA MET B 130 -0.98 5.86 -3.18
C MET B 130 0.09 6.61 -2.39
N ALA B 131 1.20 6.92 -3.04
CA ALA B 131 2.27 7.65 -2.37
C ALA B 131 1.80 9.06 -2.02
N THR B 132 1.24 9.74 -3.01
CA THR B 132 0.74 11.09 -2.82
C THR B 132 -0.29 11.15 -1.70
N TYR B 133 -1.21 10.18 -1.68
CA TYR B 133 -2.22 10.15 -0.64
C TYR B 133 -1.57 9.81 0.69
N LEU B 134 -0.56 8.96 0.65
CA LEU B 134 0.16 8.56 1.83
C LEU B 134 0.84 9.76 2.49
N ASN B 135 1.48 10.58 1.67
CA ASN B 135 2.19 11.76 2.17
C ASN B 135 1.27 12.96 2.38
N ASP B 136 0.22 13.06 1.58
CA ASP B 136 -0.68 14.20 1.69
C ASP B 136 -1.98 13.92 2.43
N HIS B 137 -2.46 12.68 2.38
CA HIS B 137 -3.73 12.33 3.01
C HIS B 137 -3.59 11.67 4.39
N LEU B 138 -2.74 10.64 4.52
CA LEU B 138 -2.62 9.95 5.80
C LEU B 138 -1.31 10.27 6.53
N GLU B 139 -0.34 10.84 5.83
CA GLU B 139 0.94 11.19 6.44
C GLU B 139 0.72 11.93 7.76
N PRO B 140 -0.11 12.98 7.76
CA PRO B 140 -0.40 13.74 8.97
C PRO B 140 -0.86 12.84 10.10
N TRP B 141 -1.63 11.82 9.76
CA TRP B 141 -2.11 10.87 10.74
C TRP B 141 -0.94 10.09 11.30
N ILE B 142 0.03 9.82 10.45
CA ILE B 142 1.21 9.07 10.84
C ILE B 142 1.91 9.78 11.99
N GLN B 143 2.44 10.95 11.70
CA GLN B 143 3.13 11.75 12.70
C GLN B 143 2.21 12.08 13.88
N GLU B 144 0.90 12.02 13.64
CA GLU B 144 -0.09 12.33 14.67
C GLU B 144 -0.06 11.33 15.82
N ASN B 145 -0.14 10.06 15.51
CA ASN B 145 -0.17 9.01 16.53
C ASN B 145 1.21 8.40 16.78
N GLY B 146 2.25 9.16 16.52
CA GLY B 146 3.60 8.66 16.76
C GLY B 146 4.46 8.64 15.51
N GLY B 147 3.85 8.32 14.37
CA GLY B 147 4.61 8.28 13.13
C GLY B 147 5.04 6.87 12.73
N TRP B 148 5.96 6.82 11.78
CA TRP B 148 6.49 5.55 11.29
C TRP B 148 7.22 4.78 12.38
N ASP B 149 7.54 5.46 13.47
CA ASP B 149 8.23 4.81 14.59
C ASP B 149 7.24 3.94 15.33
N THR B 150 5.99 4.40 15.35
CA THR B 150 4.93 3.65 16.01
C THR B 150 4.56 2.45 15.17
N PHE B 151 4.38 2.65 13.87
CA PHE B 151 4.06 1.55 12.97
C PHE B 151 5.08 0.44 13.15
N VAL B 152 6.34 0.84 13.28
CA VAL B 152 7.42 -0.11 13.49
C VAL B 152 7.31 -0.68 14.91
N GLU B 153 6.74 0.11 15.81
CA GLU B 153 6.56 -0.29 17.19
C GLU B 153 5.70 -1.54 17.30
N LEU B 154 4.60 -1.56 16.55
CA LEU B 154 3.67 -2.68 16.60
C LEU B 154 3.97 -3.73 15.53
N TYR B 155 4.49 -3.29 14.39
CA TYR B 155 4.81 -4.22 13.30
C TYR B 155 6.29 -4.59 13.31
N GLY B 156 7.14 -3.57 13.40
CA GLY B 156 8.58 -3.81 13.42
C GLY B 156 9.05 -4.37 14.75
N GLY A 1 -20.98 -4.20 -9.70
CA GLY A 1 -22.05 -4.44 -8.75
C GLY A 1 -21.54 -4.73 -7.35
N GLY A 2 -20.60 -3.91 -6.89
CA GLY A 2 -20.05 -4.11 -5.56
C GLY A 2 -18.64 -4.66 -5.59
N THR A 3 -17.74 -3.97 -6.29
CA THR A 3 -16.36 -4.40 -6.40
C THR A 3 -15.44 -3.52 -5.56
N MET A 4 -15.37 -2.24 -5.92
CA MET A 4 -14.53 -1.29 -5.21
C MET A 4 -15.03 -1.06 -3.79
N GLU A 5 -16.35 -0.89 -3.66
CA GLU A 5 -16.96 -0.66 -2.35
C GLU A 5 -16.71 -1.85 -1.43
N ASN A 6 -17.01 -3.06 -1.92
CA ASN A 6 -16.81 -4.27 -1.14
C ASN A 6 -15.33 -4.44 -0.81
N LEU A 7 -14.48 -4.00 -1.73
CA LEU A 7 -13.03 -4.08 -1.53
C LEU A 7 -12.62 -3.25 -0.32
N SER A 8 -12.96 -1.97 -0.36
CA SER A 8 -12.65 -1.05 0.73
C SER A 8 -13.14 -1.62 2.06
N ARG A 9 -14.28 -2.30 2.01
CA ARG A 9 -14.86 -2.90 3.20
C ARG A 9 -14.02 -4.11 3.64
N ARG A 10 -13.48 -4.83 2.67
CA ARG A 10 -12.66 -6.00 2.94
C ARG A 10 -11.36 -5.61 3.63
N LEU A 11 -10.67 -4.62 3.08
CA LEU A 11 -9.42 -4.16 3.67
C LEU A 11 -9.68 -3.47 4.99
N LYS A 12 -10.85 -2.83 5.10
CA LYS A 12 -11.23 -2.13 6.32
C LYS A 12 -11.32 -3.10 7.49
N VAL A 13 -11.92 -4.26 7.26
CA VAL A 13 -12.05 -5.27 8.30
C VAL A 13 -10.70 -5.87 8.66
N THR A 14 -9.90 -6.17 7.63
CA THR A 14 -8.58 -6.73 7.84
C THR A 14 -7.71 -5.74 8.60
N GLY A 15 -7.98 -4.44 8.39
CA GLY A 15 -7.24 -3.40 9.08
C GLY A 15 -7.54 -3.38 10.56
N ASP A 16 -8.83 -3.50 10.89
CA ASP A 16 -9.24 -3.49 12.29
C ASP A 16 -8.62 -4.67 13.02
N LEU A 17 -8.48 -5.80 12.34
CA LEU A 17 -7.90 -6.99 12.93
C LEU A 17 -6.37 -6.86 13.03
N PHE A 18 -5.77 -6.24 12.01
CA PHE A 18 -4.32 -6.05 11.98
C PHE A 18 -3.93 -4.66 12.46
N ASP A 19 -4.76 -4.08 13.31
CA ASP A 19 -4.49 -2.74 13.85
C ASP A 19 -3.58 -2.83 15.07
N ILE A 20 -4.14 -3.28 16.19
CA ILE A 20 -3.38 -3.41 17.42
C ILE A 20 -2.82 -2.07 17.88
N MET A 21 -2.54 -1.96 19.17
CA MET A 21 -2.00 -0.73 19.74
C MET A 21 -1.22 -1.01 21.02
N SER A 22 -0.64 -2.20 21.10
CA SER A 22 0.14 -2.60 22.28
C SER A 22 1.62 -2.36 22.05
N GLY A 23 2.26 -1.71 23.02
CA GLY A 23 3.68 -1.43 22.91
C GLY A 23 4.02 0.00 23.29
N MET B 1 6.70 18.08 6.30
CA MET B 1 7.08 16.70 6.56
C MET B 1 7.57 16.01 5.28
N SER B 2 8.89 15.94 5.12
CA SER B 2 9.49 15.32 3.95
C SER B 2 10.71 14.51 4.32
N GLN B 3 10.64 13.19 4.11
CA GLN B 3 11.75 12.31 4.43
C GLN B 3 12.03 11.35 3.28
N SER B 4 11.13 10.38 3.10
CA SER B 4 11.26 9.40 2.04
C SER B 4 9.95 8.63 1.84
N ASN B 5 8.84 9.36 1.86
CA ASN B 5 7.53 8.75 1.68
C ASN B 5 7.47 7.95 0.39
N ARG B 6 7.90 8.57 -0.70
CA ARG B 6 7.89 7.91 -2.00
C ARG B 6 8.82 6.71 -2.01
N GLU B 7 9.94 6.82 -1.28
CA GLU B 7 10.89 5.72 -1.19
C GLU B 7 10.21 4.50 -0.59
N LEU B 8 9.29 4.75 0.34
CA LEU B 8 8.54 3.68 0.98
C LEU B 8 7.50 3.12 0.03
N VAL B 9 6.96 4.00 -0.83
CA VAL B 9 5.96 3.58 -1.80
C VAL B 9 6.60 2.77 -2.92
N VAL B 10 7.78 3.21 -3.35
CA VAL B 10 8.52 2.54 -4.41
C VAL B 10 9.07 1.19 -3.93
N ASP B 11 9.49 1.15 -2.67
CA ASP B 11 10.04 -0.08 -2.10
C ASP B 11 8.95 -1.13 -1.90
N PHE B 12 7.94 -0.79 -1.10
CA PHE B 12 6.84 -1.72 -0.83
C PHE B 12 6.25 -2.24 -2.12
N LEU B 13 5.89 -1.31 -3.01
CA LEU B 13 5.30 -1.67 -4.30
C LEU B 13 6.25 -2.58 -5.08
N SER B 14 7.54 -2.25 -5.02
CA SER B 14 8.56 -3.02 -5.72
C SER B 14 8.70 -4.41 -5.14
N TYR B 15 8.63 -4.51 -3.82
CA TYR B 15 8.77 -5.80 -3.14
C TYR B 15 7.59 -6.71 -3.45
N LYS B 16 6.38 -6.24 -3.15
CA LYS B 16 5.17 -7.02 -3.41
C LYS B 16 5.16 -7.54 -4.85
N LEU B 17 5.39 -6.62 -5.79
CA LEU B 17 5.40 -6.98 -7.21
C LEU B 17 6.49 -8.03 -7.47
N SER B 18 7.59 -7.93 -6.73
CA SER B 18 8.69 -8.87 -6.88
C SER B 18 8.28 -10.27 -6.39
N GLN B 19 7.36 -10.30 -5.44
CA GLN B 19 6.87 -11.56 -4.88
C GLN B 19 5.83 -12.16 -5.82
N LYS B 20 5.17 -11.32 -6.60
CA LYS B 20 4.15 -11.78 -7.54
C LYS B 20 4.79 -12.26 -8.83
N GLY B 21 5.99 -11.77 -9.12
CA GLY B 21 6.70 -12.16 -10.32
C GLY B 21 6.95 -10.98 -11.25
N TYR B 22 6.94 -9.77 -10.70
CA TYR B 22 7.17 -8.57 -11.49
C TYR B 22 8.39 -7.80 -10.97
N SER B 23 8.66 -6.66 -11.59
CA SER B 23 9.80 -5.84 -11.18
C SER B 23 9.46 -4.35 -11.28
N TRP B 24 9.79 -3.61 -10.23
CA TRP B 24 9.53 -2.18 -10.19
C TRP B 24 10.26 -1.45 -11.32
N SER B 25 11.59 -1.45 -11.24
CA SER B 25 12.41 -0.78 -12.26
C SER B 25 12.03 -1.22 -13.66
N GLN B 26 11.45 -2.41 -13.79
CA GLN B 26 11.05 -2.94 -15.08
C GLN B 26 9.99 -2.06 -15.72
N PHE B 27 9.12 -1.50 -14.89
CA PHE B 27 8.04 -0.63 -15.38
C PHE B 27 7.88 0.60 -14.49
N SER B 28 8.96 1.01 -13.85
CA SER B 28 8.93 2.17 -12.98
C SER B 28 10.16 3.05 -13.16
N ASP B 29 11.27 2.46 -13.60
CA ASP B 29 12.51 3.19 -13.79
C ASP B 29 13.09 3.52 -12.42
N VAL B 30 12.33 4.30 -11.66
CA VAL B 30 12.70 4.70 -10.31
C VAL B 30 13.52 5.99 -10.31
N GLU B 31 14.27 6.19 -11.38
CA GLU B 31 15.09 7.39 -11.56
C GLU B 31 15.78 7.82 -10.27
N GLU B 32 16.15 6.85 -9.43
CA GLU B 32 16.82 7.16 -8.17
C GLU B 32 17.82 6.07 -7.78
N ASN B 33 17.31 4.91 -7.41
CA ASN B 33 18.15 3.80 -7.00
C ASN B 33 17.53 2.46 -7.35
N ARG B 34 18.31 1.39 -7.20
CA ARG B 34 17.83 0.05 -7.49
C ARG B 34 17.58 -0.73 -6.21
N THR B 35 18.37 -0.43 -5.18
CA THR B 35 18.24 -1.09 -3.89
C THR B 35 17.70 -0.13 -2.83
N GLU B 36 17.98 1.15 -3.02
CA GLU B 36 17.51 2.18 -2.09
C GLU B 36 18.09 1.97 -0.70
N ALA B 37 18.79 2.99 -0.22
CA ALA B 37 19.40 2.94 1.11
C ALA B 37 20.43 1.81 1.20
N PRO B 38 21.47 2.00 2.03
CA PRO B 38 22.51 0.99 2.20
C PRO B 38 22.06 -0.14 3.11
N GLU B 39 21.98 0.14 4.42
CA GLU B 39 21.56 -0.85 5.40
C GLU B 39 21.24 -0.19 6.74
N GLY B 40 20.11 -0.58 7.33
CA GLY B 40 19.71 -0.01 8.61
C GLY B 40 19.35 1.45 8.49
N THR B 41 18.93 1.85 7.30
CA THR B 41 18.55 3.23 7.04
C THR B 41 17.20 3.55 7.65
N GLU B 42 16.98 4.83 7.96
CA GLU B 42 15.72 5.27 8.55
C GLU B 42 14.53 4.78 7.73
N SER B 43 14.52 5.15 6.45
CA SER B 43 13.45 4.74 5.55
C SER B 43 13.43 3.22 5.39
N GLU B 44 14.61 2.61 5.52
CA GLU B 44 14.73 1.17 5.40
C GLU B 44 13.88 0.45 6.45
N ALA B 45 14.14 0.75 7.71
CA ALA B 45 13.39 0.15 8.81
C ALA B 45 11.91 0.46 8.70
N VAL B 46 11.59 1.69 8.28
CA VAL B 46 10.20 2.09 8.12
C VAL B 46 9.53 1.24 7.06
N LYS B 47 10.13 1.18 5.89
CA LYS B 47 9.60 0.37 4.80
C LYS B 47 9.56 -1.09 5.23
N GLN B 48 10.54 -1.48 6.03
CA GLN B 48 10.62 -2.85 6.54
C GLN B 48 9.33 -3.21 7.27
N ALA B 49 8.86 -2.30 8.13
CA ALA B 49 7.63 -2.52 8.87
C ALA B 49 6.45 -2.62 7.93
N LEU B 50 6.44 -1.77 6.90
CA LEU B 50 5.36 -1.77 5.93
C LEU B 50 5.36 -3.06 5.11
N ARG B 51 6.55 -3.53 4.76
CA ARG B 51 6.69 -4.77 3.99
C ARG B 51 6.20 -5.95 4.80
N GLU B 52 6.68 -6.06 6.03
CA GLU B 52 6.29 -7.17 6.91
C GLU B 52 4.80 -7.07 7.25
N ALA B 53 4.33 -5.84 7.43
CA ALA B 53 2.92 -5.61 7.76
C ALA B 53 2.03 -5.96 6.58
N GLY B 54 2.42 -5.49 5.39
CA GLY B 54 1.65 -5.77 4.20
C GLY B 54 1.63 -7.24 3.88
N ASP B 55 2.77 -7.91 4.06
CA ASP B 55 2.86 -9.34 3.79
C ASP B 55 1.88 -10.11 4.65
N GLU B 56 1.83 -9.75 5.94
CA GLU B 56 0.92 -10.40 6.87
C GLU B 56 -0.52 -9.98 6.60
N PHE B 57 -0.68 -8.73 6.16
CA PHE B 57 -2.01 -8.19 5.85
C PHE B 57 -2.66 -8.99 4.72
N GLU B 58 -1.86 -9.25 3.69
CA GLU B 58 -2.35 -9.99 2.53
C GLU B 58 -2.55 -11.47 2.87
N LEU B 59 -1.67 -12.01 3.71
CA LEU B 59 -1.76 -13.40 4.11
C LEU B 59 -3.09 -13.67 4.81
N ARG B 60 -3.37 -12.90 5.85
CA ARG B 60 -4.61 -13.04 6.60
C ARG B 60 -5.81 -12.77 5.69
N TYR B 61 -5.64 -11.81 4.79
CA TYR B 61 -6.70 -11.46 3.85
C TYR B 61 -6.97 -12.60 2.89
N ARG B 62 -5.90 -13.24 2.44
CA ARG B 62 -6.02 -14.37 1.51
C ARG B 62 -6.69 -15.56 2.18
N ARG B 63 -6.52 -15.68 3.49
CA ARG B 63 -7.11 -16.77 4.25
C ARG B 63 -8.58 -16.49 4.55
N ALA B 64 -8.95 -15.22 4.64
CA ALA B 64 -10.32 -14.84 4.94
C ALA B 64 -11.08 -14.44 3.68
N PHE B 65 -10.74 -13.28 3.11
CA PHE B 65 -11.42 -12.79 1.92
C PHE B 65 -10.59 -13.06 0.66
N SER B 66 -9.86 -14.17 0.66
CA SER B 66 -9.03 -14.53 -0.50
C SER B 66 -8.21 -13.33 -0.99
N ASP B 67 -7.60 -13.49 -2.16
CA ASP B 67 -6.78 -12.43 -2.74
C ASP B 67 -7.59 -11.14 -2.91
N LEU B 68 -6.96 -10.14 -3.50
CA LEU B 68 -7.62 -8.85 -3.72
C LEU B 68 -7.65 -8.50 -5.21
N THR B 69 -6.51 -8.70 -5.88
CA THR B 69 -6.40 -8.39 -7.29
C THR B 69 -7.47 -9.14 -8.10
N SER B 70 -7.53 -10.45 -7.92
CA SER B 70 -8.51 -11.27 -8.63
C SER B 70 -9.93 -10.79 -8.35
N GLN B 71 -10.12 -10.14 -7.21
CA GLN B 71 -11.43 -9.63 -6.83
C GLN B 71 -11.86 -8.47 -7.72
N LEU B 72 -11.03 -7.42 -7.74
CA LEU B 72 -11.33 -6.25 -8.56
C LEU B 72 -10.85 -6.44 -9.99
N HIS B 73 -10.79 -5.34 -10.75
CA HIS B 73 -10.34 -5.40 -12.13
C HIS B 73 -10.14 -3.99 -12.70
N ILE B 74 -9.04 -3.35 -12.32
CA ILE B 74 -8.74 -2.01 -12.81
C ILE B 74 -8.55 -2.00 -14.32
N THR B 75 -8.85 -0.87 -14.94
CA THR B 75 -8.71 -0.73 -16.38
C THR B 75 -8.13 0.64 -16.71
N PRO B 76 -7.66 0.84 -17.96
CA PRO B 76 -7.07 2.11 -18.38
C PRO B 76 -8.11 3.24 -18.41
N GLY B 77 -8.63 3.57 -17.23
CA GLY B 77 -9.63 4.62 -17.13
C GLY B 77 -10.33 4.66 -15.79
N THR B 78 -10.38 3.52 -15.10
CA THR B 78 -11.03 3.44 -13.80
C THR B 78 -10.05 3.03 -12.70
N ALA B 79 -8.76 3.07 -13.02
CA ALA B 79 -7.73 2.70 -12.06
C ALA B 79 -7.63 3.76 -10.96
N TYR B 80 -7.51 5.01 -11.38
CA TYR B 80 -7.41 6.13 -10.43
C TYR B 80 -8.70 6.27 -9.64
N GLN B 81 -9.81 5.82 -10.22
CA GLN B 81 -11.10 5.89 -9.56
C GLN B 81 -11.25 4.73 -8.59
N SER B 82 -10.95 3.53 -9.06
CA SER B 82 -11.04 2.35 -8.21
C SER B 82 -10.14 2.51 -7.00
N PHE B 83 -8.99 3.13 -7.21
CA PHE B 83 -8.03 3.35 -6.14
C PHE B 83 -8.53 4.42 -5.17
N GLU B 84 -9.10 5.49 -5.72
CA GLU B 84 -9.61 6.57 -4.90
C GLU B 84 -10.85 6.13 -4.13
N GLN B 85 -11.63 5.26 -4.75
CA GLN B 85 -12.85 4.75 -4.15
C GLN B 85 -12.55 3.80 -2.99
N VAL B 86 -11.52 2.99 -3.13
CA VAL B 86 -11.15 2.05 -2.09
C VAL B 86 -10.41 2.75 -0.96
N VAL B 87 -9.57 3.72 -1.32
CA VAL B 87 -8.82 4.46 -0.34
C VAL B 87 -9.72 5.43 0.42
N ASN B 88 -10.73 5.93 -0.27
CA ASN B 88 -11.67 6.86 0.34
C ASN B 88 -12.58 6.15 1.35
N GLU B 89 -13.31 5.16 0.86
CA GLU B 89 -14.22 4.39 1.72
C GLU B 89 -13.44 3.71 2.84
N LEU B 90 -12.19 3.38 2.56
CA LEU B 90 -11.34 2.72 3.54
C LEU B 90 -11.03 3.66 4.70
N PHE B 91 -10.66 4.89 4.37
CA PHE B 91 -10.33 5.90 5.37
C PHE B 91 -11.53 6.81 5.64
N ARG B 92 -12.69 6.44 5.10
CA ARG B 92 -13.90 7.22 5.31
C ARG B 92 -14.44 7.00 6.71
N ASP B 93 -14.34 5.75 7.16
CA ASP B 93 -14.78 5.40 8.50
C ASP B 93 -13.80 5.94 9.54
N GLY B 94 -12.58 6.23 9.09
CA GLY B 94 -11.57 6.76 9.98
C GLY B 94 -10.20 6.19 9.73
N VAL B 95 -9.23 7.08 9.52
CA VAL B 95 -7.86 6.66 9.25
C VAL B 95 -7.23 5.99 10.48
N ASN B 96 -6.16 5.23 10.23
CA ASN B 96 -5.44 4.51 11.30
C ASN B 96 -4.51 3.47 10.70
N TRP B 97 -3.52 3.02 11.49
CA TRP B 97 -2.56 2.02 11.03
C TRP B 97 -3.24 0.90 10.25
N GLY B 98 -4.31 0.35 10.82
CA GLY B 98 -5.03 -0.73 10.18
C GLY B 98 -5.42 -0.41 8.75
N ARG B 99 -5.93 0.79 8.53
CA ARG B 99 -6.34 1.21 7.20
C ARG B 99 -5.12 1.46 6.31
N ILE B 100 -4.07 2.01 6.90
CA ILE B 100 -2.84 2.29 6.17
C ILE B 100 -2.21 0.99 5.67
N VAL B 101 -2.34 -0.07 6.46
CA VAL B 101 -1.80 -1.37 6.07
C VAL B 101 -2.51 -1.85 4.81
N ALA B 102 -3.79 -1.48 4.70
CA ALA B 102 -4.60 -1.84 3.55
C ALA B 102 -4.30 -0.93 2.38
N PHE B 103 -4.09 0.35 2.66
CA PHE B 103 -3.78 1.32 1.61
C PHE B 103 -2.53 0.88 0.87
N PHE B 104 -1.53 0.44 1.62
CA PHE B 104 -0.27 -0.02 1.04
C PHE B 104 -0.46 -1.39 0.40
N SER B 105 -1.28 -2.24 1.00
CA SER B 105 -1.52 -3.58 0.48
C SER B 105 -2.31 -3.50 -0.83
N PHE B 106 -3.25 -2.56 -0.88
CA PHE B 106 -4.08 -2.37 -2.05
C PHE B 106 -3.26 -1.75 -3.18
N GLY B 107 -2.36 -0.84 -2.83
CA GLY B 107 -1.52 -0.21 -3.82
C GLY B 107 -0.69 -1.22 -4.58
N GLY B 108 0.05 -2.05 -3.85
CA GLY B 108 0.87 -3.06 -4.49
C GLY B 108 0.04 -4.04 -5.29
N ALA B 109 -1.12 -4.41 -4.75
CA ALA B 109 -2.01 -5.35 -5.42
C ALA B 109 -2.47 -4.79 -6.77
N LEU B 110 -2.93 -3.55 -6.78
CA LEU B 110 -3.39 -2.91 -8.00
C LEU B 110 -2.30 -2.95 -9.07
N CYS B 111 -1.08 -2.64 -8.66
CA CYS B 111 0.05 -2.63 -9.57
C CYS B 111 0.19 -3.99 -10.26
N VAL B 112 0.11 -5.05 -9.46
CA VAL B 112 0.21 -6.41 -9.98
C VAL B 112 -0.95 -6.71 -10.94
N GLU B 113 -2.12 -6.19 -10.59
CA GLU B 113 -3.33 -6.40 -11.41
C GLU B 113 -3.20 -5.70 -12.75
N SER B 114 -2.66 -4.48 -12.75
CA SER B 114 -2.49 -3.72 -13.98
C SER B 114 -1.40 -4.33 -14.85
N VAL B 115 -0.40 -4.91 -14.19
CA VAL B 115 0.70 -5.54 -14.89
C VAL B 115 0.26 -6.88 -15.46
N ASP B 116 -0.61 -7.56 -14.73
CA ASP B 116 -1.12 -8.86 -15.16
C ASP B 116 -2.04 -8.71 -16.37
N LYS B 117 -2.80 -7.62 -16.38
CA LYS B 117 -3.72 -7.36 -17.48
C LYS B 117 -2.96 -6.94 -18.73
N GLU B 118 -2.38 -5.74 -18.67
CA GLU B 118 -1.61 -5.20 -19.80
C GLU B 118 -1.42 -3.68 -19.65
N MET B 119 -1.12 -3.26 -18.42
CA MET B 119 -0.91 -1.85 -18.14
C MET B 119 0.14 -1.66 -17.06
N GLN B 120 1.35 -2.13 -17.35
CA GLN B 120 2.46 -2.02 -16.41
C GLN B 120 2.65 -0.56 -16.01
N VAL B 121 2.31 0.34 -16.93
CA VAL B 121 2.43 1.77 -16.70
C VAL B 121 1.60 2.19 -15.48
N LEU B 122 0.47 1.54 -15.29
CA LEU B 122 -0.41 1.86 -14.17
C LEU B 122 0.32 1.67 -12.85
N VAL B 123 1.40 0.88 -12.86
CA VAL B 123 2.17 0.67 -11.65
C VAL B 123 2.74 1.99 -11.15
N SER B 124 3.31 2.77 -12.08
CA SER B 124 3.87 4.06 -11.75
C SER B 124 2.76 5.06 -11.46
N ARG B 125 1.63 4.89 -12.15
CA ARG B 125 0.49 5.77 -11.96
C ARG B 125 -0.04 5.62 -10.55
N ILE B 126 -0.31 4.38 -10.17
CA ILE B 126 -0.77 4.08 -8.82
C ILE B 126 0.31 4.44 -7.83
N ALA B 127 1.56 4.26 -8.25
CA ALA B 127 2.69 4.58 -7.40
C ALA B 127 2.65 6.04 -6.99
N ALA B 128 2.12 6.88 -7.88
CA ALA B 128 2.01 8.31 -7.61
C ALA B 128 0.74 8.63 -6.83
N TRP B 129 -0.30 7.82 -7.03
CA TRP B 129 -1.56 8.04 -6.32
C TRP B 129 -1.39 7.60 -4.88
N MET B 130 -0.67 6.51 -4.70
CA MET B 130 -0.43 5.97 -3.38
C MET B 130 0.51 6.85 -2.58
N ALA B 131 1.67 7.16 -3.15
CA ALA B 131 2.65 8.00 -2.47
C ALA B 131 2.09 9.38 -2.20
N THR B 132 1.23 9.86 -3.10
CA THR B 132 0.62 11.18 -2.94
C THR B 132 -0.46 11.16 -1.87
N TYR B 133 -1.32 10.15 -1.92
CA TYR B 133 -2.39 10.04 -0.93
C TYR B 133 -1.80 9.72 0.44
N LEU B 134 -0.76 8.90 0.44
CA LEU B 134 -0.10 8.51 1.68
C LEU B 134 0.57 9.72 2.35
N ASN B 135 1.15 10.58 1.54
CA ASN B 135 1.83 11.76 2.06
C ASN B 135 0.87 12.91 2.39
N ASP B 136 -0.27 12.94 1.71
CA ASP B 136 -1.24 14.01 1.92
C ASP B 136 -2.42 13.61 2.81
N HIS B 137 -2.81 12.33 2.78
CA HIS B 137 -3.97 11.91 3.57
C HIS B 137 -3.62 11.24 4.91
N LEU B 138 -2.75 10.24 4.90
CA LEU B 138 -2.41 9.55 6.15
C LEU B 138 -1.14 10.08 6.79
N GLU B 139 -0.21 10.57 5.97
CA GLU B 139 1.05 11.11 6.48
C GLU B 139 0.84 11.91 7.75
N PRO B 140 -0.02 12.95 7.71
CA PRO B 140 -0.32 13.77 8.88
C PRO B 140 -0.77 12.90 10.05
N TRP B 141 -1.56 11.87 9.73
CA TRP B 141 -2.04 10.95 10.74
C TRP B 141 -0.87 10.14 11.29
N ILE B 142 0.09 9.85 10.43
CA ILE B 142 1.25 9.07 10.83
C ILE B 142 1.96 9.77 11.98
N GLN B 143 2.52 10.94 11.69
CA GLN B 143 3.22 11.71 12.70
C GLN B 143 2.29 12.08 13.86
N GLU B 144 0.99 12.07 13.59
CA GLU B 144 0.00 12.41 14.61
C GLU B 144 0.00 11.44 15.79
N ASN B 145 -0.08 10.15 15.49
CA ASN B 145 -0.15 9.13 16.54
C ASN B 145 1.20 8.46 16.79
N GLY B 146 2.28 9.18 16.52
CA GLY B 146 3.60 8.63 16.76
C GLY B 146 4.49 8.61 15.52
N GLY B 147 3.88 8.33 14.36
CA GLY B 147 4.64 8.28 13.14
C GLY B 147 5.07 6.88 12.75
N TRP B 148 5.96 6.79 11.76
CA TRP B 148 6.45 5.51 11.29
C TRP B 148 7.21 4.77 12.39
N ASP B 149 7.57 5.49 13.45
CA ASP B 149 8.28 4.88 14.56
C ASP B 149 7.34 4.03 15.37
N THR B 150 6.08 4.46 15.44
CA THR B 150 5.07 3.72 16.15
C THR B 150 4.68 2.50 15.33
N PHE B 151 4.38 2.70 14.06
CA PHE B 151 4.02 1.60 13.17
C PHE B 151 5.09 0.52 13.27
N VAL B 152 6.33 0.97 13.38
CA VAL B 152 7.47 0.07 13.51
C VAL B 152 7.50 -0.54 14.90
N GLU B 153 6.99 0.19 15.88
CA GLU B 153 7.00 -0.28 17.25
C GLU B 153 5.93 -1.36 17.45
N LEU B 154 4.82 -1.22 16.74
CA LEU B 154 3.72 -2.18 16.85
C LEU B 154 3.90 -3.35 15.88
N TYR B 155 4.38 -3.05 14.68
CA TYR B 155 4.60 -4.08 13.67
C TYR B 155 6.01 -4.64 13.74
N GLY B 156 6.95 -3.80 14.14
CA GLY B 156 8.34 -4.23 14.23
C GLY B 156 8.70 -4.72 15.63
N GLY A 1 -20.21 -5.51 -9.92
CA GLY A 1 -20.94 -4.79 -8.89
C GLY A 1 -20.07 -4.52 -7.67
N GLY A 2 -20.09 -5.44 -6.72
CA GLY A 2 -19.30 -5.28 -5.51
C GLY A 2 -17.85 -5.67 -5.71
N THR A 3 -17.06 -4.75 -6.26
CA THR A 3 -15.65 -5.01 -6.50
C THR A 3 -14.78 -4.09 -5.65
N MET A 4 -14.81 -2.80 -5.96
CA MET A 4 -14.02 -1.82 -5.23
C MET A 4 -14.54 -1.64 -3.81
N GLU A 5 -15.84 -1.43 -3.68
CA GLU A 5 -16.47 -1.25 -2.36
C GLU A 5 -16.24 -2.46 -1.47
N ASN A 6 -16.52 -3.64 -2.00
CA ASN A 6 -16.34 -4.88 -1.24
C ASN A 6 -14.89 -5.04 -0.80
N LEU A 7 -13.96 -4.69 -1.68
CA LEU A 7 -12.55 -4.80 -1.37
C LEU A 7 -12.20 -3.96 -0.15
N SER A 8 -12.47 -2.66 -0.23
CA SER A 8 -12.19 -1.74 0.86
C SER A 8 -12.81 -2.24 2.17
N ARG A 9 -14.01 -2.81 2.06
CA ARG A 9 -14.71 -3.34 3.22
C ARG A 9 -13.90 -4.43 3.91
N ARG A 10 -13.49 -5.43 3.15
CA ARG A 10 -12.72 -6.53 3.69
C ARG A 10 -11.36 -6.06 4.23
N LEU A 11 -10.59 -5.39 3.39
CA LEU A 11 -9.28 -4.89 3.80
C LEU A 11 -9.40 -3.95 4.99
N LYS A 12 -10.51 -3.21 5.05
CA LYS A 12 -10.74 -2.29 6.16
C LYS A 12 -10.85 -3.06 7.48
N VAL A 13 -11.60 -4.15 7.46
CA VAL A 13 -11.77 -4.97 8.64
C VAL A 13 -10.43 -5.48 9.16
N THR A 14 -9.64 -6.05 8.25
CA THR A 14 -8.32 -6.57 8.60
C THR A 14 -7.47 -5.48 9.24
N GLY A 15 -7.65 -4.25 8.77
CA GLY A 15 -6.90 -3.14 9.31
C GLY A 15 -7.21 -2.88 10.77
N ASP A 16 -8.49 -2.79 11.10
CA ASP A 16 -8.92 -2.56 12.47
C ASP A 16 -8.42 -3.68 13.38
N LEU A 17 -8.33 -4.89 12.83
CA LEU A 17 -7.87 -6.04 13.59
C LEU A 17 -6.35 -6.04 13.72
N PHE A 18 -5.68 -5.64 12.64
CA PHE A 18 -4.22 -5.61 12.62
C PHE A 18 -3.70 -4.18 12.84
N ASP A 19 -4.52 -3.35 13.50
CA ASP A 19 -4.14 -1.97 13.77
C ASP A 19 -3.22 -1.89 14.98
N ILE A 20 -3.40 -2.81 15.92
CA ILE A 20 -2.58 -2.85 17.13
C ILE A 20 -2.81 -1.61 17.98
N MET A 21 -2.43 -1.70 19.25
CA MET A 21 -2.59 -0.59 20.18
C MET A 21 -1.79 0.63 19.71
N SER A 22 -2.41 1.42 18.84
CA SER A 22 -1.77 2.63 18.31
C SER A 22 -1.78 3.77 19.33
N GLY A 23 -2.41 3.53 20.48
CA GLY A 23 -2.49 4.55 21.51
C GLY A 23 -1.13 5.14 21.86
N MET B 1 6.70 16.58 9.01
CA MET B 1 7.77 15.60 9.20
C MET B 1 7.97 14.77 7.94
N SER B 2 7.76 15.38 6.79
CA SER B 2 7.91 14.70 5.51
C SER B 2 9.34 14.19 5.35
N GLN B 3 9.59 12.97 5.81
CA GLN B 3 10.91 12.36 5.71
C GLN B 3 11.16 11.84 4.30
N SER B 4 10.44 10.78 3.94
CA SER B 4 10.58 10.17 2.62
C SER B 4 9.59 9.02 2.46
N ASN B 5 8.32 9.38 2.28
CA ASN B 5 7.26 8.38 2.12
C ASN B 5 7.34 7.70 0.76
N ARG B 6 7.86 8.39 -0.23
CA ARG B 6 7.97 7.84 -1.58
C ARG B 6 8.89 6.62 -1.61
N GLU B 7 10.02 6.71 -0.91
CA GLU B 7 10.95 5.59 -0.87
C GLU B 7 10.26 4.36 -0.30
N LEU B 8 9.34 4.60 0.62
CA LEU B 8 8.57 3.52 1.23
C LEU B 8 7.54 3.00 0.23
N VAL B 9 7.04 3.89 -0.62
CA VAL B 9 6.06 3.52 -1.62
C VAL B 9 6.71 2.72 -2.74
N VAL B 10 7.91 3.15 -3.13
CA VAL B 10 8.67 2.49 -4.19
C VAL B 10 9.12 1.10 -3.75
N ASP B 11 9.53 0.98 -2.50
CA ASP B 11 10.00 -0.30 -1.97
C ASP B 11 8.87 -1.30 -1.80
N PHE B 12 7.87 -0.93 -1.00
CA PHE B 12 6.73 -1.81 -0.74
C PHE B 12 6.11 -2.29 -2.05
N LEU B 13 5.84 -1.36 -2.95
CA LEU B 13 5.24 -1.68 -4.24
C LEU B 13 6.15 -2.63 -5.02
N SER B 14 7.44 -2.36 -4.98
CA SER B 14 8.42 -3.19 -5.69
C SER B 14 8.54 -4.57 -5.06
N TYR B 15 8.42 -4.63 -3.74
CA TYR B 15 8.51 -5.91 -3.03
C TYR B 15 7.32 -6.79 -3.33
N LYS B 16 6.12 -6.29 -3.05
CA LYS B 16 4.90 -7.05 -3.29
C LYS B 16 4.88 -7.59 -4.72
N LEU B 17 5.09 -6.69 -5.68
CA LEU B 17 5.10 -7.07 -7.08
C LEU B 17 6.16 -8.15 -7.34
N SER B 18 7.28 -8.06 -6.63
CA SER B 18 8.34 -9.04 -6.78
C SER B 18 7.88 -10.40 -6.28
N GLN B 19 6.95 -10.39 -5.34
CA GLN B 19 6.41 -11.62 -4.77
C GLN B 19 5.35 -12.21 -5.71
N LYS B 20 4.73 -11.34 -6.51
CA LYS B 20 3.70 -11.78 -7.45
C LYS B 20 4.34 -12.30 -8.73
N GLY B 21 5.58 -11.87 -8.99
CA GLY B 21 6.29 -12.30 -10.18
C GLY B 21 6.52 -11.15 -11.15
N TYR B 22 6.53 -9.93 -10.63
CA TYR B 22 6.74 -8.75 -11.46
C TYR B 22 7.97 -7.97 -11.00
N SER B 23 8.38 -7.00 -11.81
CA SER B 23 9.55 -6.18 -11.49
C SER B 23 9.19 -4.71 -11.44
N TRP B 24 9.65 -4.02 -10.39
CA TRP B 24 9.38 -2.61 -10.21
C TRP B 24 10.05 -1.78 -11.30
N SER B 25 11.37 -1.89 -11.40
CA SER B 25 12.14 -1.14 -12.40
C SER B 25 11.58 -1.36 -13.80
N GLN B 26 10.89 -2.48 -14.00
CA GLN B 26 10.31 -2.81 -15.29
C GLN B 26 9.19 -1.84 -15.66
N PHE B 27 8.50 -1.33 -14.65
CA PHE B 27 7.40 -0.40 -14.88
C PHE B 27 7.34 0.67 -13.80
N SER B 28 8.49 1.25 -13.48
CA SER B 28 8.56 2.29 -12.45
C SER B 28 9.06 3.61 -13.04
N ASP B 29 10.06 3.51 -13.92
CA ASP B 29 10.65 4.68 -14.56
C ASP B 29 11.59 5.40 -13.60
N VAL B 30 11.97 4.71 -12.53
CA VAL B 30 12.85 5.27 -11.52
C VAL B 30 13.78 4.20 -10.96
N GLU B 31 13.19 3.06 -10.59
CA GLU B 31 13.94 1.92 -10.05
C GLU B 31 15.03 2.33 -9.06
N GLU B 32 14.85 3.48 -8.41
CA GLU B 32 15.81 3.99 -7.42
C GLU B 32 15.78 5.51 -7.33
N ASN B 33 15.87 6.16 -8.48
CA ASN B 33 15.88 7.62 -8.58
C ASN B 33 14.78 8.24 -7.73
N ARG B 34 14.77 9.58 -7.70
CA ARG B 34 13.79 10.35 -6.95
C ARG B 34 14.20 10.52 -5.49
N THR B 35 14.70 9.46 -4.89
CA THR B 35 15.11 9.51 -3.49
C THR B 35 16.03 8.35 -3.12
N GLU B 36 15.48 7.14 -3.06
CA GLU B 36 16.25 5.96 -2.70
C GLU B 36 16.79 6.09 -1.29
N ALA B 37 16.56 5.06 -0.48
CA ALA B 37 17.01 5.05 0.90
C ALA B 37 18.54 5.04 0.98
N PRO B 38 19.14 6.03 1.67
CA PRO B 38 20.60 6.11 1.80
C PRO B 38 21.19 4.82 2.36
N GLU B 39 20.83 4.50 3.60
CA GLU B 39 21.31 3.30 4.26
C GLU B 39 20.34 2.86 5.35
N GLY B 40 20.46 1.60 5.77
CA GLY B 40 19.60 1.05 6.80
C GLY B 40 19.42 1.99 7.98
N THR B 41 18.51 2.94 7.83
CA THR B 41 18.25 3.92 8.86
C THR B 41 16.79 3.90 9.33
N GLU B 42 16.34 4.98 9.96
CA GLU B 42 14.97 5.09 10.46
C GLU B 42 13.97 4.83 9.34
N SER B 43 14.07 5.61 8.27
CA SER B 43 13.17 5.46 7.13
C SER B 43 13.21 4.03 6.60
N GLU B 44 14.40 3.42 6.70
CA GLU B 44 14.59 2.06 6.24
C GLU B 44 13.76 1.08 7.09
N ALA B 45 13.80 1.29 8.40
CA ALA B 45 13.03 0.44 9.31
C ALA B 45 11.54 0.61 9.05
N VAL B 46 11.16 1.82 8.63
CA VAL B 46 9.77 2.11 8.31
C VAL B 46 9.29 1.23 7.18
N LYS B 47 10.04 1.25 6.07
CA LYS B 47 9.71 0.45 4.92
C LYS B 47 9.78 -1.03 5.27
N GLN B 48 10.71 -1.36 6.17
CA GLN B 48 10.88 -2.73 6.64
C GLN B 48 9.61 -3.22 7.32
N ALA B 49 9.06 -2.37 8.19
CA ALA B 49 7.83 -2.71 8.90
C ALA B 49 6.66 -2.79 7.93
N LEU B 50 6.73 -2.01 6.86
CA LEU B 50 5.68 -1.98 5.85
C LEU B 50 5.65 -3.29 5.07
N ARG B 51 6.83 -3.77 4.67
CA ARG B 51 6.92 -5.03 3.92
C ARG B 51 6.45 -6.20 4.77
N GLU B 52 6.82 -6.17 6.05
CA GLU B 52 6.43 -7.24 6.97
C GLU B 52 4.94 -7.15 7.29
N ALA B 53 4.46 -5.93 7.48
CA ALA B 53 3.05 -5.71 7.77
C ALA B 53 2.18 -6.11 6.58
N GLY B 54 2.56 -5.64 5.40
CA GLY B 54 1.82 -5.97 4.20
C GLY B 54 1.74 -7.45 3.95
N ASP B 55 2.85 -8.15 4.20
CA ASP B 55 2.91 -9.59 4.01
C ASP B 55 1.87 -10.29 4.89
N GLU B 56 1.89 -9.97 6.17
CA GLU B 56 0.94 -10.56 7.11
C GLU B 56 -0.49 -10.10 6.79
N PHE B 57 -0.62 -8.85 6.40
CA PHE B 57 -1.93 -8.28 6.05
C PHE B 57 -2.55 -9.05 4.89
N GLU B 58 -1.81 -9.14 3.79
CA GLU B 58 -2.28 -9.84 2.61
C GLU B 58 -2.58 -11.30 2.93
N LEU B 59 -1.82 -11.87 3.86
CA LEU B 59 -2.01 -13.25 4.26
C LEU B 59 -3.42 -13.47 4.81
N ARG B 60 -3.82 -12.62 5.75
CA ARG B 60 -5.15 -12.70 6.35
C ARG B 60 -6.23 -12.52 5.29
N TYR B 61 -6.07 -11.49 4.47
CA TYR B 61 -7.03 -11.20 3.41
C TYR B 61 -7.13 -12.37 2.44
N ARG B 62 -5.99 -12.95 2.08
CA ARG B 62 -5.94 -14.07 1.16
C ARG B 62 -6.52 -15.33 1.80
N ARG B 63 -6.45 -15.40 3.13
CA ARG B 63 -6.96 -16.55 3.86
C ARG B 63 -8.47 -16.43 4.08
N ALA B 64 -8.97 -15.20 4.15
CA ALA B 64 -10.38 -14.97 4.37
C ALA B 64 -11.13 -14.70 3.07
N PHE B 65 -10.83 -13.56 2.44
CA PHE B 65 -11.49 -13.20 1.19
C PHE B 65 -10.61 -13.49 -0.03
N SER B 66 -9.82 -14.55 0.07
CA SER B 66 -8.93 -14.94 -1.04
C SER B 66 -8.15 -13.74 -1.56
N ASP B 67 -7.48 -13.92 -2.69
CA ASP B 67 -6.70 -12.85 -3.30
C ASP B 67 -7.60 -11.69 -3.70
N LEU B 68 -7.20 -10.48 -3.33
CA LEU B 68 -7.97 -9.28 -3.64
C LEU B 68 -7.69 -8.82 -5.07
N THR B 69 -6.48 -9.07 -5.54
CA THR B 69 -6.08 -8.67 -6.89
C THR B 69 -6.99 -9.31 -7.94
N SER B 70 -7.50 -10.51 -7.63
CA SER B 70 -8.39 -11.21 -8.54
C SER B 70 -9.83 -10.79 -8.34
N GLN B 71 -10.08 -9.48 -8.35
CA GLN B 71 -11.43 -8.94 -8.17
C GLN B 71 -11.41 -7.42 -8.16
N LEU B 72 -10.84 -6.84 -9.21
CA LEU B 72 -10.76 -5.38 -9.34
C LEU B 72 -11.30 -4.92 -10.68
N HIS B 73 -10.66 -5.36 -11.76
CA HIS B 73 -11.08 -5.00 -13.12
C HIS B 73 -10.66 -3.58 -13.45
N ILE B 74 -9.52 -3.14 -12.94
CA ILE B 74 -9.02 -1.80 -13.20
C ILE B 74 -8.74 -1.60 -14.68
N THR B 75 -8.87 -0.36 -15.14
CA THR B 75 -8.61 -0.04 -16.54
C THR B 75 -7.88 1.30 -16.65
N PRO B 76 -7.39 1.62 -17.85
CA PRO B 76 -6.67 2.88 -18.10
C PRO B 76 -7.49 4.12 -17.72
N GLY B 77 -8.80 3.94 -17.56
CA GLY B 77 -9.66 5.06 -17.21
C GLY B 77 -10.41 4.85 -15.91
N THR B 78 -10.10 3.79 -15.17
CA THR B 78 -10.77 3.51 -13.91
C THR B 78 -9.79 3.03 -12.84
N ALA B 79 -8.51 3.10 -13.13
CA ALA B 79 -7.49 2.67 -12.17
C ALA B 79 -7.41 3.65 -11.01
N TYR B 80 -7.28 4.93 -11.34
CA TYR B 80 -7.20 5.98 -10.32
C TYR B 80 -8.55 6.11 -9.60
N GLN B 81 -9.61 5.71 -10.28
CA GLN B 81 -10.94 5.77 -9.71
C GLN B 81 -11.13 4.62 -8.73
N SER B 82 -10.77 3.42 -9.18
CA SER B 82 -10.90 2.23 -8.35
C SER B 82 -10.10 2.39 -7.06
N PHE B 83 -8.91 2.96 -7.19
CA PHE B 83 -8.03 3.16 -6.05
C PHE B 83 -8.61 4.22 -5.10
N GLU B 84 -9.11 5.30 -5.67
CA GLU B 84 -9.68 6.39 -4.88
C GLU B 84 -10.93 5.92 -4.14
N GLN B 85 -11.69 5.05 -4.79
CA GLN B 85 -12.93 4.55 -4.22
C GLN B 85 -12.66 3.62 -3.04
N VAL B 86 -11.65 2.77 -3.16
CA VAL B 86 -11.32 1.85 -2.09
C VAL B 86 -10.58 2.58 -0.97
N VAL B 87 -9.73 3.51 -1.36
CA VAL B 87 -8.96 4.29 -0.41
C VAL B 87 -9.88 5.25 0.34
N ASN B 88 -10.93 5.71 -0.32
CA ASN B 88 -11.86 6.63 0.30
C ASN B 88 -12.73 5.92 1.35
N GLU B 89 -13.41 4.86 0.92
CA GLU B 89 -14.27 4.10 1.82
C GLU B 89 -13.46 3.48 2.96
N LEU B 90 -12.19 3.18 2.68
CA LEU B 90 -11.31 2.59 3.67
C LEU B 90 -10.95 3.59 4.76
N PHE B 91 -10.52 4.77 4.35
CA PHE B 91 -10.14 5.82 5.29
C PHE B 91 -11.32 6.73 5.58
N ARG B 92 -12.49 6.36 5.08
CA ARG B 92 -13.71 7.13 5.32
C ARG B 92 -14.16 6.94 6.75
N ASP B 93 -14.16 5.69 7.18
CA ASP B 93 -14.54 5.36 8.54
C ASP B 93 -13.51 5.90 9.53
N GLY B 94 -12.32 6.25 9.00
CA GLY B 94 -11.28 6.79 9.86
C GLY B 94 -9.90 6.24 9.54
N VAL B 95 -8.95 7.15 9.36
CA VAL B 95 -7.57 6.77 9.05
C VAL B 95 -6.88 6.17 10.26
N ASN B 96 -5.85 5.35 10.01
CA ASN B 96 -5.08 4.70 11.07
C ASN B 96 -4.23 3.57 10.51
N TRP B 97 -3.25 3.12 11.29
CA TRP B 97 -2.36 2.03 10.87
C TRP B 97 -3.13 0.91 10.16
N GLY B 98 -4.22 0.46 10.78
CA GLY B 98 -5.02 -0.60 10.21
C GLY B 98 -5.43 -0.31 8.78
N ARG B 99 -5.89 0.90 8.53
CA ARG B 99 -6.31 1.30 7.18
C ARG B 99 -5.09 1.51 6.29
N ILE B 100 -4.00 1.99 6.88
CA ILE B 100 -2.77 2.23 6.13
C ILE B 100 -2.16 0.93 5.62
N VAL B 101 -2.27 -0.13 6.43
CA VAL B 101 -1.74 -1.42 6.01
C VAL B 101 -2.47 -1.90 4.76
N ALA B 102 -3.76 -1.58 4.70
CA ALA B 102 -4.59 -1.93 3.56
C ALA B 102 -4.30 -1.00 2.40
N PHE B 103 -4.05 0.28 2.71
CA PHE B 103 -3.75 1.26 1.69
C PHE B 103 -2.58 0.79 0.83
N PHE B 104 -1.54 0.30 1.51
CA PHE B 104 -0.35 -0.20 0.84
C PHE B 104 -0.62 -1.56 0.20
N SER B 105 -1.46 -2.37 0.83
CA SER B 105 -1.78 -3.69 0.30
C SER B 105 -2.56 -3.57 -1.00
N PHE B 106 -3.53 -2.68 -1.01
CA PHE B 106 -4.35 -2.46 -2.20
C PHE B 106 -3.54 -1.86 -3.32
N GLY B 107 -2.69 -0.90 -2.98
CA GLY B 107 -1.85 -0.26 -3.99
C GLY B 107 -1.02 -1.26 -4.77
N GLY B 108 -0.26 -2.08 -4.05
CA GLY B 108 0.57 -3.08 -4.68
C GLY B 108 -0.25 -4.05 -5.51
N ALA B 109 -1.41 -4.44 -4.98
CA ALA B 109 -2.29 -5.37 -5.68
C ALA B 109 -2.76 -4.79 -7.00
N LEU B 110 -3.17 -3.52 -6.98
CA LEU B 110 -3.64 -2.86 -8.20
C LEU B 110 -2.57 -2.89 -9.27
N CYS B 111 -1.34 -2.60 -8.88
CA CYS B 111 -0.22 -2.59 -9.82
C CYS B 111 -0.07 -3.95 -10.49
N VAL B 112 -0.13 -5.01 -9.70
CA VAL B 112 -0.01 -6.37 -10.21
C VAL B 112 -1.14 -6.68 -11.20
N GLU B 113 -2.32 -6.18 -10.90
CA GLU B 113 -3.49 -6.40 -11.75
C GLU B 113 -3.34 -5.70 -13.10
N SER B 114 -2.81 -4.47 -13.06
CA SER B 114 -2.62 -3.69 -14.28
C SER B 114 -1.48 -4.26 -15.11
N VAL B 115 -0.49 -4.83 -14.43
CA VAL B 115 0.66 -5.41 -15.11
C VAL B 115 0.26 -6.74 -15.74
N ASP B 116 -0.62 -7.46 -15.06
CA ASP B 116 -1.10 -8.74 -15.54
C ASP B 116 -2.15 -8.54 -16.62
N LYS B 117 -2.92 -7.47 -16.50
CA LYS B 117 -3.96 -7.16 -17.47
C LYS B 117 -3.35 -6.73 -18.80
N GLU B 118 -2.78 -5.54 -18.82
CA GLU B 118 -2.15 -5.00 -20.02
C GLU B 118 -1.84 -3.51 -19.86
N MET B 119 -1.45 -3.12 -18.66
CA MET B 119 -1.12 -1.72 -18.39
C MET B 119 -0.17 -1.61 -17.19
N GLN B 120 0.89 -2.41 -17.21
CA GLN B 120 1.88 -2.41 -16.13
C GLN B 120 2.28 -0.99 -15.74
N VAL B 121 2.21 -0.08 -16.71
CA VAL B 121 2.55 1.32 -16.47
C VAL B 121 1.75 1.88 -15.29
N LEU B 122 0.58 1.31 -15.06
CA LEU B 122 -0.27 1.75 -13.95
C LEU B 122 0.45 1.57 -12.62
N VAL B 123 1.51 0.77 -12.61
CA VAL B 123 2.27 0.55 -11.38
C VAL B 123 2.85 1.88 -10.91
N SER B 124 3.46 2.61 -11.83
CA SER B 124 4.05 3.91 -11.53
C SER B 124 2.95 4.95 -11.31
N ARG B 125 1.86 4.82 -12.06
CA ARG B 125 0.74 5.74 -11.93
C ARG B 125 0.14 5.61 -10.54
N ILE B 126 -0.17 4.38 -10.16
CA ILE B 126 -0.71 4.10 -8.84
C ILE B 126 0.35 4.45 -7.81
N ALA B 127 1.60 4.23 -8.18
CA ALA B 127 2.71 4.53 -7.29
C ALA B 127 2.69 6.01 -6.91
N ALA B 128 2.19 6.84 -7.83
CA ALA B 128 2.11 8.27 -7.58
C ALA B 128 0.82 8.62 -6.83
N TRP B 129 -0.23 7.84 -7.04
CA TRP B 129 -1.49 8.08 -6.36
C TRP B 129 -1.38 7.67 -4.91
N MET B 130 -0.65 6.57 -4.70
CA MET B 130 -0.44 6.05 -3.37
C MET B 130 0.52 6.93 -2.57
N ALA B 131 1.70 7.19 -3.14
CA ALA B 131 2.69 8.02 -2.48
C ALA B 131 2.15 9.43 -2.23
N THR B 132 1.29 9.90 -3.13
CA THR B 132 0.70 11.22 -3.01
C THR B 132 -0.41 11.22 -1.96
N TYR B 133 -1.32 10.25 -2.06
CA TYR B 133 -2.41 10.14 -1.10
C TYR B 133 -1.86 9.75 0.26
N LEU B 134 -0.73 9.05 0.24
CA LEU B 134 -0.07 8.62 1.47
C LEU B 134 0.56 9.80 2.20
N ASN B 135 1.27 10.62 1.45
CA ASN B 135 1.96 11.79 2.02
C ASN B 135 0.99 12.89 2.43
N ASP B 136 -0.19 12.92 1.81
CA ASP B 136 -1.16 13.96 2.09
C ASP B 136 -2.28 13.50 3.03
N HIS B 137 -2.71 12.25 2.90
CA HIS B 137 -3.81 11.75 3.74
C HIS B 137 -3.34 10.97 4.95
N LEU B 138 -2.35 10.10 4.77
CA LEU B 138 -1.86 9.28 5.88
C LEU B 138 -0.72 9.96 6.63
N GLU B 139 0.26 10.48 5.90
CA GLU B 139 1.41 11.14 6.50
C GLU B 139 1.03 11.96 7.73
N PRO B 140 0.08 12.89 7.60
CA PRO B 140 -0.36 13.72 8.73
C PRO B 140 -0.77 12.86 9.91
N TRP B 141 -1.52 11.81 9.63
CA TRP B 141 -1.96 10.89 10.67
C TRP B 141 -0.78 10.13 11.24
N ILE B 142 0.20 9.87 10.39
CA ILE B 142 1.39 9.14 10.81
C ILE B 142 2.06 9.85 11.98
N GLN B 143 2.59 11.03 11.70
CA GLN B 143 3.26 11.82 12.72
C GLN B 143 2.28 12.20 13.84
N GLU B 144 0.99 12.17 13.53
CA GLU B 144 -0.04 12.51 14.51
C GLU B 144 -0.05 11.57 15.71
N ASN B 145 -0.08 10.28 15.45
CA ASN B 145 -0.13 9.28 16.52
C ASN B 145 1.21 8.62 16.78
N GLY B 146 2.29 9.33 16.51
CA GLY B 146 3.62 8.77 16.77
C GLY B 146 4.52 8.76 15.55
N GLY B 147 3.94 8.47 14.39
CA GLY B 147 4.75 8.43 13.17
C GLY B 147 5.14 7.03 12.77
N TRP B 148 5.97 6.94 11.72
CA TRP B 148 6.44 5.66 11.23
C TRP B 148 7.23 4.90 12.29
N ASP B 149 7.64 5.60 13.33
CA ASP B 149 8.39 4.97 14.41
C ASP B 149 7.45 4.13 15.24
N THR B 150 6.20 4.56 15.32
CA THR B 150 5.19 3.85 16.04
C THR B 150 4.77 2.62 15.25
N PHE B 151 4.46 2.82 13.96
CA PHE B 151 4.06 1.71 13.10
C PHE B 151 5.11 0.61 13.21
N VAL B 152 6.37 1.04 13.31
CA VAL B 152 7.48 0.09 13.45
C VAL B 152 7.50 -0.48 14.85
N GLU B 153 7.02 0.29 15.82
CA GLU B 153 7.01 -0.16 17.20
C GLU B 153 5.90 -1.19 17.42
N LEU B 154 4.80 -1.03 16.70
CA LEU B 154 3.66 -1.93 16.81
C LEU B 154 3.77 -3.10 15.83
N TYR B 155 4.24 -2.82 14.63
CA TYR B 155 4.39 -3.86 13.61
C TYR B 155 5.80 -4.42 13.60
N GLY B 156 6.79 -3.55 13.73
CA GLY B 156 8.17 -3.97 13.73
C GLY B 156 8.55 -4.71 15.01
N GLY A 1 -20.56 -4.55 -9.37
CA GLY A 1 -21.05 -3.84 -8.20
C GLY A 1 -20.08 -3.88 -7.04
N GLY A 2 -20.31 -4.81 -6.11
CA GLY A 2 -19.44 -4.94 -4.96
C GLY A 2 -18.04 -5.36 -5.35
N THR A 3 -17.23 -4.40 -5.79
CA THR A 3 -15.85 -4.68 -6.19
C THR A 3 -14.87 -3.78 -5.43
N MET A 4 -14.92 -2.49 -5.72
CA MET A 4 -14.03 -1.52 -5.06
C MET A 4 -14.47 -1.27 -3.62
N GLU A 5 -15.78 -1.12 -3.42
CA GLU A 5 -16.32 -0.88 -2.09
C GLU A 5 -16.25 -2.13 -1.22
N ASN A 6 -16.43 -3.28 -1.85
CA ASN A 6 -16.40 -4.55 -1.13
C ASN A 6 -14.97 -4.90 -0.72
N LEU A 7 -14.03 -4.69 -1.63
CA LEU A 7 -12.63 -5.00 -1.35
C LEU A 7 -12.07 -4.05 -0.29
N SER A 8 -12.52 -2.80 -0.31
CA SER A 8 -12.06 -1.82 0.66
C SER A 8 -12.54 -2.15 2.07
N ARG A 9 -13.82 -2.50 2.18
CA ARG A 9 -14.40 -2.84 3.48
C ARG A 9 -13.76 -4.10 4.06
N ARG A 10 -13.41 -5.04 3.19
CA ARG A 10 -12.78 -6.29 3.62
C ARG A 10 -11.40 -6.02 4.20
N LEU A 11 -10.56 -5.35 3.42
CA LEU A 11 -9.22 -5.02 3.86
C LEU A 11 -9.26 -4.03 5.01
N LYS A 12 -10.28 -3.17 5.00
CA LYS A 12 -10.45 -2.17 6.05
C LYS A 12 -10.62 -2.83 7.42
N VAL A 13 -11.54 -3.79 7.49
CA VAL A 13 -11.77 -4.50 8.74
C VAL A 13 -10.51 -5.24 9.17
N THR A 14 -9.82 -5.83 8.21
CA THR A 14 -8.59 -6.55 8.50
C THR A 14 -7.58 -5.59 9.12
N GLY A 15 -7.65 -4.33 8.73
CA GLY A 15 -6.76 -3.32 9.27
C GLY A 15 -7.02 -3.08 10.74
N ASP A 16 -8.29 -2.85 11.07
CA ASP A 16 -8.67 -2.63 12.46
C ASP A 16 -8.23 -3.80 13.33
N LEU A 17 -8.21 -4.99 12.73
CA LEU A 17 -7.80 -6.19 13.43
C LEU A 17 -6.33 -6.13 13.82
N PHE A 18 -5.47 -5.85 12.84
CA PHE A 18 -4.03 -5.77 13.09
C PHE A 18 -3.60 -4.32 13.35
N ASP A 19 -4.57 -3.46 13.67
CA ASP A 19 -4.28 -2.05 13.95
C ASP A 19 -3.59 -1.90 15.30
N ILE A 20 -4.24 -2.42 16.34
CA ILE A 20 -3.69 -2.34 17.69
C ILE A 20 -3.60 -0.90 18.16
N MET A 21 -2.57 -0.20 17.72
CA MET A 21 -2.35 1.19 18.10
C MET A 21 -2.54 1.39 19.59
N SER A 22 -1.59 0.87 20.36
CA SER A 22 -1.62 0.98 21.81
C SER A 22 -0.26 1.38 22.37
N GLY A 23 0.79 0.73 21.86
CA GLY A 23 2.13 1.04 22.30
C GLY A 23 2.83 -0.17 22.93
N MET B 1 11.29 10.76 11.87
CA MET B 1 10.78 10.16 10.64
C MET B 1 10.49 11.22 9.59
N SER B 2 9.72 10.86 8.57
CA SER B 2 9.36 11.78 7.50
C SER B 2 10.62 12.24 6.74
N GLN B 3 11.17 11.33 5.94
CA GLN B 3 12.36 11.65 5.15
C GLN B 3 12.06 11.49 3.65
N SER B 4 11.37 10.41 3.32
CA SER B 4 11.01 10.13 1.94
C SER B 4 9.97 9.02 1.86
N ASN B 5 8.72 9.37 2.17
CA ASN B 5 7.62 8.40 2.15
C ASN B 5 7.55 7.67 0.82
N ARG B 6 7.98 8.33 -0.25
CA ARG B 6 7.97 7.74 -1.58
C ARG B 6 8.83 6.48 -1.62
N GLU B 7 9.95 6.51 -0.92
CA GLU B 7 10.84 5.36 -0.86
C GLU B 7 10.10 4.16 -0.32
N LEU B 8 9.18 4.42 0.61
CA LEU B 8 8.38 3.37 1.21
C LEU B 8 7.33 2.88 0.22
N VAL B 9 6.84 3.80 -0.61
CA VAL B 9 5.85 3.47 -1.61
C VAL B 9 6.48 2.67 -2.75
N VAL B 10 7.68 3.10 -3.14
CA VAL B 10 8.41 2.45 -4.21
C VAL B 10 8.91 1.08 -3.79
N ASP B 11 9.35 0.96 -2.54
CA ASP B 11 9.86 -0.30 -2.01
C ASP B 11 8.74 -1.31 -1.81
N PHE B 12 7.74 -0.95 -1.02
CA PHE B 12 6.61 -1.85 -0.76
C PHE B 12 5.97 -2.31 -2.06
N LEU B 13 5.69 -1.35 -2.93
CA LEU B 13 5.07 -1.65 -4.22
C LEU B 13 5.96 -2.56 -5.05
N SER B 14 7.25 -2.26 -5.05
CA SER B 14 8.22 -3.05 -5.82
C SER B 14 8.44 -4.42 -5.17
N TYR B 15 8.32 -4.49 -3.86
CA TYR B 15 8.52 -5.73 -3.14
C TYR B 15 7.39 -6.72 -3.43
N LYS B 16 6.16 -6.30 -3.15
CA LYS B 16 5.00 -7.14 -3.39
C LYS B 16 4.97 -7.59 -4.85
N LEU B 17 5.15 -6.63 -5.75
CA LEU B 17 5.17 -6.93 -7.18
C LEU B 17 6.27 -7.93 -7.50
N SER B 18 7.37 -7.85 -6.76
CA SER B 18 8.50 -8.77 -6.97
C SER B 18 8.13 -10.17 -6.51
N GLN B 19 7.22 -10.25 -5.55
CA GLN B 19 6.77 -11.53 -5.02
C GLN B 19 5.76 -12.17 -5.98
N LYS B 20 5.07 -11.33 -6.74
CA LYS B 20 4.08 -11.81 -7.70
C LYS B 20 4.76 -12.23 -8.99
N GLY B 21 5.92 -11.64 -9.26
CA GLY B 21 6.66 -11.96 -10.47
C GLY B 21 6.82 -10.75 -11.38
N TYR B 22 6.71 -9.56 -10.82
CA TYR B 22 6.84 -8.33 -11.58
C TYR B 22 8.00 -7.49 -11.07
N SER B 23 8.48 -6.57 -11.92
CA SER B 23 9.59 -5.70 -11.56
C SER B 23 9.17 -4.23 -11.57
N TRP B 24 9.41 -3.57 -10.44
CA TRP B 24 9.06 -2.15 -10.31
C TRP B 24 9.85 -1.29 -11.30
N SER B 25 11.17 -1.31 -11.17
CA SER B 25 12.05 -0.54 -12.04
C SER B 25 11.75 -0.83 -13.51
N GLN B 26 11.22 -2.02 -13.78
CA GLN B 26 10.89 -2.42 -15.14
C GLN B 26 9.78 -1.55 -15.72
N PHE B 27 8.89 -1.08 -14.84
CA PHE B 27 7.78 -0.23 -15.26
C PHE B 27 7.56 0.92 -14.30
N SER B 28 8.64 1.47 -13.77
CA SER B 28 8.57 2.58 -12.83
C SER B 28 9.38 3.76 -13.32
N ASP B 29 8.70 4.81 -13.77
CA ASP B 29 9.38 6.01 -14.28
C ASP B 29 10.33 6.57 -13.23
N VAL B 30 10.08 6.25 -11.97
CA VAL B 30 10.92 6.71 -10.88
C VAL B 30 12.20 5.89 -10.78
N GLU B 31 12.13 4.63 -11.21
CA GLU B 31 13.28 3.75 -11.16
C GLU B 31 13.65 3.44 -9.72
N GLU B 32 12.85 2.58 -9.11
CA GLU B 32 13.05 2.17 -7.71
C GLU B 32 13.43 3.36 -6.84
N ASN B 33 12.94 4.53 -7.21
CA ASN B 33 13.24 5.74 -6.48
C ASN B 33 14.73 6.10 -6.63
N ARG B 34 15.04 7.38 -6.51
CA ARG B 34 16.41 7.85 -6.67
C ARG B 34 17.23 7.64 -5.39
N THR B 35 18.52 7.35 -5.58
CA THR B 35 19.45 7.13 -4.47
C THR B 35 19.12 5.84 -3.71
N GLU B 36 17.91 5.75 -3.16
CA GLU B 36 17.50 4.57 -2.41
C GLU B 36 18.43 4.33 -1.22
N ALA B 37 17.95 3.55 -0.26
CA ALA B 37 18.72 3.25 0.93
C ALA B 37 19.31 1.83 0.87
N PRO B 38 20.61 1.67 1.17
CA PRO B 38 21.27 0.37 1.14
C PRO B 38 20.66 -0.61 2.14
N GLU B 39 20.91 -0.37 3.43
CA GLU B 39 20.40 -1.22 4.49
C GLU B 39 20.74 -0.66 5.86
N GLY B 40 19.85 -0.88 6.82
CA GLY B 40 20.08 -0.38 8.16
C GLY B 40 19.82 1.11 8.28
N THR B 41 18.90 1.60 7.46
CA THR B 41 18.57 3.01 7.44
C THR B 41 17.22 3.26 8.13
N GLU B 42 17.00 4.50 8.56
CA GLU B 42 15.76 4.86 9.22
C GLU B 42 14.56 4.54 8.34
N SER B 43 14.55 5.11 7.14
CA SER B 43 13.48 4.87 6.19
C SER B 43 13.40 3.38 5.86
N GLU B 44 14.54 2.71 5.88
CA GLU B 44 14.61 1.28 5.61
C GLU B 44 13.77 0.51 6.62
N ALA B 45 14.02 0.77 7.90
CA ALA B 45 13.27 0.11 8.96
C ALA B 45 11.78 0.39 8.81
N VAL B 46 11.45 1.60 8.35
CA VAL B 46 10.07 1.99 8.14
C VAL B 46 9.43 1.11 7.07
N LYS B 47 10.07 1.05 5.91
CA LYS B 47 9.57 0.23 4.81
C LYS B 47 9.59 -1.23 5.23
N GLN B 48 10.59 -1.59 6.03
CA GLN B 48 10.72 -2.95 6.52
C GLN B 48 9.46 -3.37 7.28
N ALA B 49 8.95 -2.47 8.12
CA ALA B 49 7.75 -2.75 8.88
C ALA B 49 6.56 -2.91 7.94
N LEU B 50 6.50 -2.05 6.93
CA LEU B 50 5.43 -2.10 5.95
C LEU B 50 5.47 -3.42 5.19
N ARG B 51 6.67 -3.86 4.83
CA ARG B 51 6.84 -5.11 4.11
C ARG B 51 6.31 -6.27 4.93
N GLU B 52 6.79 -6.39 6.17
CA GLU B 52 6.35 -7.46 7.06
C GLU B 52 4.85 -7.34 7.34
N ALA B 53 4.40 -6.10 7.49
CA ALA B 53 2.99 -5.84 7.75
C ALA B 53 2.15 -6.23 6.55
N GLY B 54 2.68 -5.99 5.35
CA GLY B 54 1.97 -6.33 4.14
C GLY B 54 1.80 -7.83 3.99
N ASP B 55 2.85 -8.57 4.34
CA ASP B 55 2.82 -10.03 4.25
C ASP B 55 1.73 -10.58 5.16
N GLU B 56 1.66 -10.05 6.38
CA GLU B 56 0.66 -10.48 7.35
C GLU B 56 -0.72 -10.01 6.93
N PHE B 57 -0.77 -8.85 6.26
CA PHE B 57 -2.03 -8.29 5.80
C PHE B 57 -2.65 -9.16 4.71
N GLU B 58 -1.88 -9.41 3.67
CA GLU B 58 -2.33 -10.23 2.55
C GLU B 58 -2.63 -11.66 3.00
N LEU B 59 -1.87 -12.13 3.97
CA LEU B 59 -2.05 -13.49 4.49
C LEU B 59 -3.42 -13.64 5.14
N ARG B 60 -3.75 -12.71 6.02
CA ARG B 60 -5.04 -12.74 6.72
C ARG B 60 -6.18 -12.50 5.74
N TYR B 61 -5.97 -11.55 4.83
CA TYR B 61 -6.98 -11.20 3.84
C TYR B 61 -7.21 -12.36 2.86
N ARG B 62 -6.12 -12.97 2.41
CA ARG B 62 -6.22 -14.09 1.48
C ARG B 62 -6.77 -15.33 2.17
N ARG B 63 -6.62 -15.39 3.49
CA ARG B 63 -7.11 -16.53 4.27
C ARG B 63 -8.60 -16.40 4.57
N ALA B 64 -9.08 -15.16 4.64
CA ALA B 64 -10.49 -14.89 4.94
C ALA B 64 -11.29 -14.63 3.68
N PHE B 65 -11.05 -13.49 3.04
CA PHE B 65 -11.78 -13.11 1.83
C PHE B 65 -10.96 -13.38 0.58
N SER B 66 -10.15 -14.45 0.60
CA SER B 66 -9.33 -14.81 -0.55
C SER B 66 -8.47 -13.63 -1.00
N ASP B 67 -7.60 -13.88 -1.97
CA ASP B 67 -6.71 -12.84 -2.49
C ASP B 67 -7.48 -11.57 -2.85
N LEU B 68 -6.76 -10.47 -2.99
CA LEU B 68 -7.37 -9.19 -3.33
C LEU B 68 -7.45 -8.98 -4.83
N THR B 69 -6.31 -9.17 -5.51
CA THR B 69 -6.25 -8.99 -6.95
C THR B 69 -7.30 -9.86 -7.65
N SER B 70 -7.35 -11.14 -7.29
CA SER B 70 -8.31 -12.07 -7.88
C SER B 70 -9.71 -11.79 -7.37
N GLN B 71 -10.25 -10.62 -7.71
CA GLN B 71 -11.59 -10.23 -7.29
C GLN B 71 -11.99 -8.90 -7.93
N LEU B 72 -11.08 -7.95 -7.93
CA LEU B 72 -11.34 -6.63 -8.50
C LEU B 72 -10.90 -6.58 -9.96
N HIS B 73 -11.02 -5.40 -10.56
CA HIS B 73 -10.63 -5.22 -11.96
C HIS B 73 -10.39 -3.75 -12.28
N ILE B 74 -9.15 -3.43 -12.64
CA ILE B 74 -8.77 -2.07 -12.99
C ILE B 74 -8.46 -1.97 -14.48
N THR B 75 -8.69 -0.79 -15.05
CA THR B 75 -8.42 -0.57 -16.47
C THR B 75 -7.69 0.76 -16.67
N PRO B 76 -7.19 1.01 -17.89
CA PRO B 76 -6.48 2.24 -18.21
C PRO B 76 -7.31 3.49 -17.95
N GLY B 77 -8.63 3.32 -17.78
CA GLY B 77 -9.49 4.45 -17.54
C GLY B 77 -10.28 4.36 -16.25
N THR B 78 -10.02 3.33 -15.44
CA THR B 78 -10.72 3.17 -14.17
C THR B 78 -9.77 2.85 -13.02
N ALA B 79 -8.47 2.92 -13.28
CA ALA B 79 -7.48 2.65 -12.25
C ALA B 79 -7.49 3.74 -11.19
N TYR B 80 -7.42 4.99 -11.64
CA TYR B 80 -7.43 6.14 -10.74
C TYR B 80 -8.76 6.24 -10.02
N GLN B 81 -9.81 5.71 -10.64
CA GLN B 81 -11.14 5.75 -10.05
C GLN B 81 -11.27 4.65 -9.01
N SER B 82 -10.84 3.44 -9.38
CA SER B 82 -10.90 2.32 -8.47
C SER B 82 -10.07 2.57 -7.22
N PHE B 83 -8.95 3.25 -7.41
CA PHE B 83 -8.06 3.57 -6.30
C PHE B 83 -8.67 4.64 -5.39
N GLU B 84 -9.24 5.67 -6.02
CA GLU B 84 -9.85 6.75 -5.26
C GLU B 84 -11.01 6.24 -4.42
N GLN B 85 -11.72 5.27 -4.96
CA GLN B 85 -12.86 4.68 -4.27
C GLN B 85 -12.43 3.80 -3.12
N VAL B 86 -11.35 3.05 -3.32
CA VAL B 86 -10.84 2.16 -2.31
C VAL B 86 -10.13 2.94 -1.22
N VAL B 87 -9.43 4.00 -1.62
CA VAL B 87 -8.69 4.81 -0.68
C VAL B 87 -9.63 5.67 0.15
N ASN B 88 -10.67 6.21 -0.49
CA ASN B 88 -11.62 7.05 0.22
C ASN B 88 -12.53 6.19 1.11
N GLU B 89 -13.12 5.15 0.53
CA GLU B 89 -14.00 4.27 1.27
C GLU B 89 -13.26 3.58 2.41
N LEU B 90 -11.97 3.37 2.23
CA LEU B 90 -11.15 2.72 3.25
C LEU B 90 -10.89 3.66 4.42
N PHE B 91 -10.56 4.91 4.13
CA PHE B 91 -10.27 5.90 5.16
C PHE B 91 -11.49 6.78 5.42
N ARG B 92 -12.64 6.38 4.88
CA ARG B 92 -13.87 7.14 5.08
C ARG B 92 -14.40 6.89 6.48
N ASP B 93 -14.32 5.65 6.91
CA ASP B 93 -14.77 5.27 8.24
C ASP B 93 -13.79 5.81 9.29
N GLY B 94 -12.56 6.07 8.86
CA GLY B 94 -11.56 6.59 9.77
C GLY B 94 -10.17 6.06 9.49
N VAL B 95 -9.22 6.98 9.37
CA VAL B 95 -7.84 6.62 9.10
C VAL B 95 -7.20 5.94 10.31
N ASN B 96 -6.14 5.19 10.06
CA ASN B 96 -5.41 4.47 11.10
C ASN B 96 -4.46 3.43 10.49
N TRP B 97 -3.50 2.95 11.29
CA TRP B 97 -2.54 1.95 10.80
C TRP B 97 -3.23 0.89 9.96
N GLY B 98 -4.33 0.36 10.46
CA GLY B 98 -5.07 -0.67 9.74
C GLY B 98 -5.40 -0.25 8.32
N ARG B 99 -5.93 0.95 8.16
CA ARG B 99 -6.28 1.46 6.84
C ARG B 99 -5.02 1.70 6.01
N ILE B 100 -3.95 2.12 6.69
CA ILE B 100 -2.68 2.37 6.02
C ILE B 100 -2.04 1.08 5.56
N VAL B 101 -2.21 0.02 6.35
CA VAL B 101 -1.66 -1.28 6.00
C VAL B 101 -2.30 -1.76 4.71
N ALA B 102 -3.60 -1.49 4.59
CA ALA B 102 -4.35 -1.86 3.41
C ALA B 102 -4.13 -0.88 2.29
N PHE B 103 -3.90 0.38 2.65
CA PHE B 103 -3.65 1.42 1.66
C PHE B 103 -2.46 1.03 0.80
N PHE B 104 -1.39 0.62 1.48
CA PHE B 104 -0.17 0.19 0.81
C PHE B 104 -0.34 -1.18 0.16
N SER B 105 -1.08 -2.08 0.84
CA SER B 105 -1.30 -3.42 0.31
C SER B 105 -2.19 -3.39 -0.91
N PHE B 106 -3.14 -2.47 -0.92
CA PHE B 106 -4.08 -2.33 -2.03
C PHE B 106 -3.36 -1.82 -3.27
N GLY B 107 -2.57 -0.76 -3.11
CA GLY B 107 -1.83 -0.22 -4.24
C GLY B 107 -0.97 -1.28 -4.91
N GLY B 108 -0.13 -1.93 -4.11
CA GLY B 108 0.71 -2.98 -4.66
C GLY B 108 -0.09 -4.00 -5.44
N ALA B 109 -1.23 -4.40 -4.88
CA ALA B 109 -2.10 -5.37 -5.53
C ALA B 109 -2.61 -4.82 -6.86
N LEU B 110 -2.99 -3.55 -6.87
CA LEU B 110 -3.49 -2.90 -8.08
C LEU B 110 -2.45 -2.97 -9.19
N CYS B 111 -1.21 -2.63 -8.84
CA CYS B 111 -0.12 -2.65 -9.80
C CYS B 111 0.00 -4.03 -10.45
N VAL B 112 -0.07 -5.07 -9.63
CA VAL B 112 0.01 -6.44 -10.11
C VAL B 112 -1.12 -6.74 -11.09
N GLU B 113 -2.29 -6.19 -10.81
CA GLU B 113 -3.47 -6.40 -11.66
C GLU B 113 -3.30 -5.67 -12.99
N SER B 114 -2.75 -4.46 -12.94
CA SER B 114 -2.55 -3.65 -14.13
C SER B 114 -1.41 -4.23 -14.97
N VAL B 115 -0.44 -4.82 -14.30
CA VAL B 115 0.70 -5.42 -14.98
C VAL B 115 0.29 -6.73 -15.62
N ASP B 116 -0.63 -7.43 -14.98
CA ASP B 116 -1.13 -8.69 -15.49
C ASP B 116 -2.12 -8.46 -16.62
N LYS B 117 -2.86 -7.37 -16.53
CA LYS B 117 -3.84 -7.02 -17.54
C LYS B 117 -3.15 -6.56 -18.82
N GLU B 118 -2.56 -5.37 -18.77
CA GLU B 118 -1.86 -4.80 -19.92
C GLU B 118 -1.58 -3.31 -19.72
N MET B 119 -1.18 -2.94 -18.52
CA MET B 119 -0.88 -1.55 -18.21
C MET B 119 0.11 -1.45 -17.06
N GLN B 120 1.33 -1.91 -17.31
CA GLN B 120 2.39 -1.87 -16.30
C GLN B 120 2.64 -0.42 -15.87
N VAL B 121 2.45 0.49 -16.82
CA VAL B 121 2.65 1.90 -16.57
C VAL B 121 1.77 2.37 -15.41
N LEU B 122 0.60 1.77 -15.27
CA LEU B 122 -0.32 2.13 -14.19
C LEU B 122 0.33 1.88 -12.84
N VAL B 123 1.36 1.04 -12.81
CA VAL B 123 2.07 0.75 -11.57
C VAL B 123 2.67 2.03 -11.01
N SER B 124 3.32 2.79 -11.89
CA SER B 124 3.94 4.05 -11.51
C SER B 124 2.87 5.10 -11.26
N ARG B 125 1.76 5.00 -12.00
CA ARG B 125 0.67 5.94 -11.84
C ARG B 125 0.07 5.80 -10.46
N ILE B 126 -0.27 4.56 -10.11
CA ILE B 126 -0.81 4.27 -8.79
C ILE B 126 0.23 4.62 -7.75
N ALA B 127 1.48 4.40 -8.10
CA ALA B 127 2.59 4.71 -7.21
C ALA B 127 2.56 6.18 -6.82
N ALA B 128 2.10 7.02 -7.75
CA ALA B 128 2.01 8.44 -7.51
C ALA B 128 0.72 8.81 -6.78
N TRP B 129 -0.33 8.00 -6.96
CA TRP B 129 -1.59 8.24 -6.30
C TRP B 129 -1.48 7.85 -4.84
N MET B 130 -0.89 6.70 -4.61
CA MET B 130 -0.71 6.18 -3.26
C MET B 130 0.29 7.03 -2.49
N ALA B 131 1.41 7.34 -3.11
CA ALA B 131 2.42 8.17 -2.48
C ALA B 131 1.85 9.54 -2.16
N THR B 132 1.31 10.19 -3.18
CA THR B 132 0.71 11.51 -3.04
C THR B 132 -0.40 11.50 -1.99
N TYR B 133 -1.25 10.49 -2.03
CA TYR B 133 -2.33 10.37 -1.06
C TYR B 133 -1.76 10.09 0.33
N LEU B 134 -0.69 9.30 0.34
CA LEU B 134 -0.03 8.93 1.59
C LEU B 134 0.60 10.13 2.29
N ASN B 135 1.20 11.03 1.52
CA ASN B 135 1.86 12.20 2.09
C ASN B 135 0.89 13.31 2.46
N ASP B 136 -0.20 13.43 1.72
CA ASP B 136 -1.16 14.51 1.99
C ASP B 136 -2.39 14.05 2.76
N HIS B 137 -2.76 12.77 2.67
CA HIS B 137 -3.96 12.29 3.35
C HIS B 137 -3.70 11.58 4.69
N LEU B 138 -2.81 10.59 4.70
CA LEU B 138 -2.55 9.86 5.94
C LEU B 138 -1.24 10.26 6.62
N GLU B 139 -0.32 10.83 5.87
CA GLU B 139 0.97 11.25 6.43
C GLU B 139 0.76 11.98 7.76
N PRO B 140 -0.12 13.00 7.77
CA PRO B 140 -0.42 13.76 8.99
C PRO B 140 -0.83 12.84 10.12
N TRP B 141 -1.62 11.81 9.78
CA TRP B 141 -2.06 10.85 10.77
C TRP B 141 -0.89 10.05 11.29
N ILE B 142 0.07 9.80 10.41
CA ILE B 142 1.24 9.03 10.78
C ILE B 142 1.96 9.71 11.93
N GLN B 143 2.49 10.90 11.67
CA GLN B 143 3.19 11.65 12.69
C GLN B 143 2.29 11.98 13.88
N GLU B 144 0.97 11.93 13.64
CA GLU B 144 -0.01 12.24 14.68
C GLU B 144 0.02 11.23 15.83
N ASN B 145 -0.07 9.94 15.49
CA ASN B 145 -0.10 8.90 16.50
C ASN B 145 1.26 8.24 16.73
N GLY B 146 2.32 8.99 16.47
CA GLY B 146 3.66 8.45 16.70
C GLY B 146 4.50 8.40 15.44
N GLY B 147 3.87 8.12 14.31
CA GLY B 147 4.60 8.05 13.06
C GLY B 147 4.99 6.62 12.69
N TRP B 148 5.84 6.50 11.69
CA TRP B 148 6.32 5.20 11.23
C TRP B 148 7.11 4.48 12.32
N ASP B 149 7.49 5.21 13.36
CA ASP B 149 8.24 4.62 14.46
C ASP B 149 7.30 3.78 15.31
N THR B 150 6.06 4.21 15.41
CA THR B 150 5.07 3.49 16.17
C THR B 150 4.62 2.27 15.38
N PHE B 151 4.25 2.49 14.12
CA PHE B 151 3.83 1.39 13.26
C PHE B 151 4.90 0.31 13.28
N VAL B 152 6.16 0.76 13.33
CA VAL B 152 7.29 -0.15 13.38
C VAL B 152 7.38 -0.78 14.77
N GLU B 153 6.95 -0.03 15.78
CA GLU B 153 7.01 -0.53 17.15
C GLU B 153 5.93 -1.58 17.40
N LEU B 154 4.78 -1.41 16.73
CA LEU B 154 3.67 -2.35 16.90
C LEU B 154 3.79 -3.51 15.91
N TYR B 155 4.24 -3.22 14.70
CA TYR B 155 4.39 -4.24 13.67
C TYR B 155 5.80 -4.81 13.66
N GLY B 156 6.79 -3.93 13.73
CA GLY B 156 8.17 -4.37 13.74
C GLY B 156 8.51 -5.22 12.53
N GLY A 1 -20.27 -4.14 -11.34
CA GLY A 1 -21.27 -3.75 -10.37
C GLY A 1 -20.92 -4.23 -8.96
N GLY A 2 -20.43 -3.31 -8.14
CA GLY A 2 -20.06 -3.66 -6.78
C GLY A 2 -18.77 -4.44 -6.71
N THR A 3 -17.64 -3.73 -6.74
CA THR A 3 -16.33 -4.36 -6.68
C THR A 3 -15.40 -3.60 -5.74
N MET A 4 -15.30 -2.29 -5.98
CA MET A 4 -14.44 -1.44 -5.17
C MET A 4 -15.01 -1.25 -3.77
N GLU A 5 -16.32 -1.03 -3.69
CA GLU A 5 -17.00 -0.83 -2.42
C GLU A 5 -16.82 -2.04 -1.51
N ASN A 6 -17.09 -3.22 -2.04
CA ASN A 6 -16.94 -4.45 -1.27
C ASN A 6 -15.49 -4.69 -0.89
N LEU A 7 -14.58 -4.44 -1.84
CA LEU A 7 -13.16 -4.61 -1.59
C LEU A 7 -12.70 -3.71 -0.44
N SER A 8 -13.11 -2.45 -0.49
CA SER A 8 -12.74 -1.48 0.54
C SER A 8 -13.15 -1.98 1.92
N ARG A 9 -14.39 -2.44 2.03
CA ARG A 9 -14.90 -2.95 3.30
C ARG A 9 -14.02 -4.08 3.83
N ARG A 10 -13.59 -4.95 2.93
CA ARG A 10 -12.73 -6.08 3.28
C ARG A 10 -11.46 -5.59 3.96
N LEU A 11 -10.76 -4.66 3.31
CA LEU A 11 -9.52 -4.10 3.86
C LEU A 11 -9.81 -3.42 5.19
N LYS A 12 -10.95 -2.74 5.27
CA LYS A 12 -11.35 -2.03 6.47
C LYS A 12 -11.38 -2.98 7.68
N VAL A 13 -11.83 -4.20 7.44
CA VAL A 13 -11.90 -5.21 8.50
C VAL A 13 -10.51 -5.67 8.91
N THR A 14 -9.75 -6.15 7.94
CA THR A 14 -8.39 -6.63 8.19
C THR A 14 -7.55 -5.55 8.86
N GLY A 15 -7.84 -4.29 8.53
CA GLY A 15 -7.11 -3.18 9.10
C GLY A 15 -7.45 -2.96 10.57
N ASP A 16 -8.74 -2.91 10.87
CA ASP A 16 -9.20 -2.70 12.24
C ASP A 16 -8.65 -3.77 13.17
N LEU A 17 -8.46 -4.97 12.64
CA LEU A 17 -7.93 -6.08 13.42
C LEU A 17 -6.41 -6.01 13.51
N PHE A 18 -5.78 -5.48 12.47
CA PHE A 18 -4.33 -5.35 12.44
C PHE A 18 -3.86 -4.06 13.11
N ASP A 19 -4.78 -3.11 13.26
CA ASP A 19 -4.45 -1.81 13.89
C ASP A 19 -3.82 -2.03 15.26
N ILE A 20 -4.53 -2.73 16.13
CA ILE A 20 -4.04 -3.01 17.48
C ILE A 20 -3.80 -1.71 18.25
N MET A 21 -2.65 -1.10 18.03
CA MET A 21 -2.30 0.14 18.72
C MET A 21 -2.57 0.04 20.22
N SER A 22 -1.76 -0.75 20.88
CA SER A 22 -1.90 -0.96 22.32
C SER A 22 -0.58 -1.46 22.93
N GLY A 23 -0.43 -1.30 24.24
CA GLY A 23 0.77 -1.76 24.90
C GLY A 23 1.79 -0.65 25.07
N MET B 1 6.74 17.06 8.52
CA MET B 1 5.88 16.22 7.69
C MET B 1 6.63 15.76 6.44
N SER B 2 7.87 15.31 6.63
CA SER B 2 8.69 14.85 5.51
C SER B 2 9.75 13.87 5.99
N GLN B 3 10.21 13.02 5.09
CA GLN B 3 11.24 12.02 5.42
C GLN B 3 11.60 11.20 4.18
N SER B 4 10.70 10.30 3.81
CA SER B 4 10.92 9.44 2.65
C SER B 4 9.71 8.54 2.41
N ASN B 5 8.52 9.12 2.56
CA ASN B 5 7.28 8.38 2.36
C ASN B 5 7.23 7.74 0.98
N ARG B 6 7.70 8.48 -0.02
CA ARG B 6 7.72 7.98 -1.40
C ARG B 6 8.63 6.78 -1.52
N GLU B 7 9.78 6.83 -0.86
CA GLU B 7 10.73 5.72 -0.90
C GLU B 7 10.06 4.46 -0.38
N LEU B 8 9.16 4.64 0.59
CA LEU B 8 8.43 3.53 1.16
C LEU B 8 7.38 3.04 0.17
N VAL B 9 6.83 3.96 -0.61
CA VAL B 9 5.83 3.62 -1.61
C VAL B 9 6.48 2.86 -2.76
N VAL B 10 7.60 3.39 -3.24
CA VAL B 10 8.34 2.79 -4.34
C VAL B 10 8.94 1.44 -3.92
N ASP B 11 9.42 1.38 -2.68
CA ASP B 11 10.04 0.17 -2.16
C ASP B 11 8.99 -0.93 -1.92
N PHE B 12 8.00 -0.62 -1.09
CA PHE B 12 6.95 -1.59 -0.79
C PHE B 12 6.34 -2.14 -2.08
N LEU B 13 5.83 -1.24 -2.92
CA LEU B 13 5.23 -1.64 -4.19
C LEU B 13 6.21 -2.48 -5.00
N SER B 14 7.48 -2.08 -4.96
CA SER B 14 8.53 -2.80 -5.69
C SER B 14 8.74 -4.20 -5.13
N TYR B 15 8.71 -4.31 -3.81
CA TYR B 15 8.92 -5.60 -3.15
C TYR B 15 7.73 -6.53 -3.38
N LYS B 16 6.53 -6.07 -3.04
CA LYS B 16 5.33 -6.88 -3.21
C LYS B 16 5.25 -7.42 -4.63
N LEU B 17 5.51 -6.56 -5.60
CA LEU B 17 5.49 -6.96 -7.00
C LEU B 17 6.58 -8.00 -7.27
N SER B 18 7.73 -7.83 -6.63
CA SER B 18 8.84 -8.76 -6.82
C SER B 18 8.44 -10.16 -6.36
N GLN B 19 7.53 -10.22 -5.40
CA GLN B 19 7.05 -11.50 -4.88
C GLN B 19 6.00 -12.09 -5.81
N LYS B 20 5.25 -11.21 -6.45
CA LYS B 20 4.20 -11.62 -7.39
C LYS B 20 4.81 -12.03 -8.72
N GLY B 21 6.07 -11.64 -8.94
CA GLY B 21 6.74 -11.98 -10.18
C GLY B 21 6.86 -10.77 -11.09
N TYR B 22 6.87 -9.59 -10.50
CA TYR B 22 7.00 -8.35 -11.27
C TYR B 22 8.11 -7.46 -10.72
N SER B 23 8.75 -6.71 -11.61
CA SER B 23 9.84 -5.83 -11.22
C SER B 23 9.40 -4.36 -11.26
N TRP B 24 9.89 -3.59 -10.30
CA TRP B 24 9.55 -2.17 -10.21
C TRP B 24 10.11 -1.40 -11.41
N SER B 25 11.44 -1.38 -11.52
CA SER B 25 12.10 -0.69 -12.62
C SER B 25 11.56 -1.12 -13.98
N GLN B 26 11.00 -2.33 -14.02
CA GLN B 26 10.45 -2.85 -15.26
C GLN B 26 9.30 -1.97 -15.77
N PHE B 27 8.58 -1.36 -14.84
CA PHE B 27 7.47 -0.49 -15.18
C PHE B 27 7.38 0.69 -14.23
N SER B 28 8.53 1.18 -13.77
CA SER B 28 8.56 2.32 -12.87
C SER B 28 8.90 3.60 -13.63
N ASP B 29 7.87 4.26 -14.15
CA ASP B 29 8.05 5.49 -14.91
C ASP B 29 8.63 6.60 -14.02
N VAL B 30 8.57 6.40 -12.71
CA VAL B 30 9.07 7.38 -11.77
C VAL B 30 10.57 7.61 -11.98
N GLU B 31 11.32 6.52 -11.96
CA GLU B 31 12.77 6.56 -12.17
C GLU B 31 13.40 7.76 -11.47
N GLU B 32 12.83 8.16 -10.34
CA GLU B 32 13.35 9.30 -9.59
C GLU B 32 14.28 8.84 -8.47
N ASN B 33 14.09 7.61 -8.01
CA ASN B 33 14.91 7.04 -6.95
C ASN B 33 15.60 5.76 -7.41
N ARG B 34 16.32 5.86 -8.54
CA ARG B 34 17.02 4.70 -9.09
C ARG B 34 17.81 3.95 -8.02
N THR B 35 18.39 4.71 -7.08
CA THR B 35 19.16 4.12 -5.99
C THR B 35 18.29 3.14 -5.19
N GLU B 36 17.08 3.57 -4.88
CA GLU B 36 16.14 2.75 -4.13
C GLU B 36 16.70 2.36 -2.77
N ALA B 37 16.01 2.80 -1.72
CA ALA B 37 16.39 2.49 -0.36
C ALA B 37 17.82 2.95 -0.04
N PRO B 38 18.00 3.83 0.96
CA PRO B 38 19.32 4.30 1.36
C PRO B 38 20.13 3.18 2.02
N GLU B 39 19.41 2.23 2.60
CA GLU B 39 20.01 1.07 3.26
C GLU B 39 20.62 1.45 4.60
N GLY B 40 20.27 0.68 5.63
CA GLY B 40 20.79 0.92 6.96
C GLY B 40 20.42 2.30 7.49
N THR B 41 19.24 2.78 7.10
CA THR B 41 18.79 4.09 7.54
C THR B 41 17.48 4.02 8.31
N GLU B 42 16.90 5.19 8.60
CA GLU B 42 15.64 5.27 9.34
C GLU B 42 14.49 4.72 8.52
N SER B 43 14.28 5.29 7.34
CA SER B 43 13.23 4.84 6.45
C SER B 43 13.40 3.36 6.13
N GLU B 44 14.62 2.87 6.31
CA GLU B 44 14.94 1.48 6.05
C GLU B 44 14.16 0.57 6.98
N ALA B 45 14.35 0.75 8.28
CA ALA B 45 13.64 -0.06 9.26
C ALA B 45 12.13 0.17 9.14
N VAL B 46 11.76 1.39 8.75
CA VAL B 46 10.36 1.72 8.57
C VAL B 46 9.75 0.89 7.45
N LYS B 47 10.40 0.94 6.29
CA LYS B 47 9.95 0.16 5.15
C LYS B 47 9.98 -1.33 5.50
N GLN B 48 10.95 -1.69 6.31
CA GLN B 48 11.10 -3.07 6.77
C GLN B 48 9.81 -3.54 7.43
N ALA B 49 9.29 -2.73 8.34
CA ALA B 49 8.05 -3.05 9.04
C ALA B 49 6.89 -3.09 8.05
N LEU B 50 6.99 -2.27 7.00
CA LEU B 50 5.96 -2.22 5.98
C LEU B 50 5.91 -3.52 5.19
N ARG B 51 7.06 -4.01 4.77
CA ARG B 51 7.13 -5.26 4.02
C ARG B 51 6.63 -6.42 4.85
N GLU B 52 6.90 -6.36 6.16
CA GLU B 52 6.47 -7.41 7.07
C GLU B 52 4.96 -7.32 7.31
N ALA B 53 4.50 -6.10 7.61
CA ALA B 53 3.09 -5.85 7.85
C ALA B 53 2.29 -6.06 6.58
N GLY B 54 2.93 -5.79 5.44
CA GLY B 54 2.26 -5.94 4.16
C GLY B 54 1.94 -7.40 3.84
N ASP B 55 2.97 -8.25 3.89
CA ASP B 55 2.79 -9.66 3.61
C ASP B 55 1.81 -10.29 4.59
N GLU B 56 1.86 -9.84 5.84
CA GLU B 56 0.97 -10.36 6.87
C GLU B 56 -0.46 -9.93 6.61
N PHE B 57 -0.63 -8.66 6.20
CA PHE B 57 -1.94 -8.12 5.90
C PHE B 57 -2.61 -8.93 4.80
N GLU B 58 -1.85 -9.23 3.76
CA GLU B 58 -2.35 -10.00 2.63
C GLU B 58 -2.54 -11.46 3.00
N LEU B 59 -1.73 -11.93 3.95
CA LEU B 59 -1.82 -13.31 4.41
C LEU B 59 -3.19 -13.60 5.01
N ARG B 60 -3.58 -12.79 5.98
CA ARG B 60 -4.89 -12.95 6.61
C ARG B 60 -5.99 -12.63 5.61
N TYR B 61 -5.75 -11.60 4.81
CA TYR B 61 -6.71 -11.19 3.79
C TYR B 61 -7.00 -12.33 2.83
N ARG B 62 -5.94 -13.02 2.41
CA ARG B 62 -6.07 -14.15 1.51
C ARG B 62 -6.71 -15.34 2.21
N ARG B 63 -6.52 -15.42 3.53
CA ARG B 63 -7.08 -16.50 4.31
C ARG B 63 -8.60 -16.37 4.39
N ALA B 64 -9.08 -15.14 4.32
CA ALA B 64 -10.52 -14.87 4.39
C ALA B 64 -11.10 -14.52 3.02
N PHE B 65 -10.57 -13.46 2.41
CA PHE B 65 -11.05 -13.02 1.11
C PHE B 65 -10.37 -13.78 -0.04
N SER B 66 -9.10 -14.13 0.17
CA SER B 66 -8.34 -14.86 -0.85
C SER B 66 -7.93 -13.93 -1.99
N ASP B 67 -6.85 -13.17 -1.76
CA ASP B 67 -6.35 -12.25 -2.76
C ASP B 67 -7.41 -11.21 -3.13
N LEU B 68 -6.95 -10.05 -3.62
CA LEU B 68 -7.87 -8.99 -4.01
C LEU B 68 -7.79 -8.70 -5.51
N THR B 69 -6.59 -8.84 -6.07
CA THR B 69 -6.38 -8.60 -7.49
C THR B 69 -7.33 -9.45 -8.34
N SER B 70 -7.68 -10.62 -7.82
CA SER B 70 -8.57 -11.53 -8.53
C SER B 70 -9.96 -10.92 -8.67
N GLN B 71 -10.43 -10.25 -7.62
CA GLN B 71 -11.74 -9.62 -7.64
C GLN B 71 -11.68 -8.24 -8.28
N LEU B 72 -10.53 -7.60 -8.21
CA LEU B 72 -10.34 -6.28 -8.80
C LEU B 72 -10.69 -6.28 -10.29
N HIS B 73 -10.77 -5.09 -10.87
CA HIS B 73 -11.09 -4.96 -12.29
C HIS B 73 -10.75 -3.58 -12.82
N ILE B 74 -9.55 -3.10 -12.51
CA ILE B 74 -9.11 -1.78 -12.96
C ILE B 74 -9.04 -1.72 -14.48
N THR B 75 -9.25 -0.53 -15.02
CA THR B 75 -9.19 -0.33 -16.46
C THR B 75 -8.49 0.98 -16.78
N PRO B 76 -8.01 1.15 -18.03
CA PRO B 76 -7.31 2.37 -18.44
C PRO B 76 -8.06 3.65 -18.05
N GLY B 77 -9.37 3.53 -17.80
CA GLY B 77 -10.14 4.69 -17.43
C GLY B 77 -10.83 4.57 -16.08
N THR B 78 -10.40 3.60 -15.26
CA THR B 78 -10.99 3.41 -13.95
C THR B 78 -9.94 3.04 -12.90
N ALA B 79 -8.67 3.17 -13.25
CA ALA B 79 -7.58 2.84 -12.33
C ALA B 79 -7.50 3.88 -11.20
N TYR B 80 -7.46 5.15 -11.59
CA TYR B 80 -7.39 6.24 -10.62
C TYR B 80 -8.66 6.32 -9.79
N GLN B 81 -9.76 5.84 -10.35
CA GLN B 81 -11.04 5.85 -9.66
C GLN B 81 -11.15 4.66 -8.73
N SER B 82 -10.76 3.49 -9.22
CA SER B 82 -10.81 2.28 -8.43
C SER B 82 -9.95 2.46 -7.18
N PHE B 83 -8.80 3.09 -7.35
CA PHE B 83 -7.88 3.34 -6.25
C PHE B 83 -8.48 4.34 -5.27
N GLU B 84 -8.91 5.48 -5.79
CA GLU B 84 -9.51 6.52 -4.97
C GLU B 84 -10.74 6.00 -4.24
N GLN B 85 -11.47 5.12 -4.91
CA GLN B 85 -12.68 4.54 -4.35
C GLN B 85 -12.40 3.63 -3.17
N VAL B 86 -11.35 2.82 -3.27
CA VAL B 86 -11.01 1.91 -2.19
C VAL B 86 -10.31 2.65 -1.06
N VAL B 87 -9.48 3.62 -1.41
CA VAL B 87 -8.77 4.39 -0.41
C VAL B 87 -9.72 5.34 0.30
N ASN B 88 -10.73 5.82 -0.42
CA ASN B 88 -11.70 6.74 0.17
C ASN B 88 -12.62 6.02 1.16
N GLU B 89 -13.31 4.99 0.67
CA GLU B 89 -14.23 4.23 1.51
C GLU B 89 -13.48 3.56 2.66
N LEU B 90 -12.21 3.24 2.42
CA LEU B 90 -11.38 2.60 3.43
C LEU B 90 -11.07 3.57 4.58
N PHE B 91 -10.64 4.78 4.24
CA PHE B 91 -10.31 5.78 5.24
C PHE B 91 -11.51 6.68 5.53
N ARG B 92 -12.66 6.34 4.96
CA ARG B 92 -13.88 7.10 5.17
C ARG B 92 -14.39 6.86 6.58
N ASP B 93 -14.41 5.59 6.97
CA ASP B 93 -14.85 5.21 8.31
C ASP B 93 -13.84 5.68 9.34
N GLY B 94 -12.61 5.97 8.89
CA GLY B 94 -11.59 6.44 9.81
C GLY B 94 -10.20 5.94 9.45
N VAL B 95 -9.23 6.85 9.47
CA VAL B 95 -7.85 6.51 9.16
C VAL B 95 -7.16 5.82 10.34
N ASN B 96 -6.07 5.12 10.05
CA ASN B 96 -5.30 4.39 11.06
C ASN B 96 -4.35 3.39 10.41
N TRP B 97 -3.39 2.87 11.19
CA TRP B 97 -2.43 1.90 10.67
C TRP B 97 -3.13 0.82 9.84
N GLY B 98 -4.19 0.24 10.41
CA GLY B 98 -4.93 -0.79 9.72
C GLY B 98 -5.37 -0.36 8.34
N ARG B 99 -5.77 0.90 8.21
CA ARG B 99 -6.20 1.45 6.93
C ARG B 99 -4.99 1.67 6.02
N ILE B 100 -3.87 2.03 6.64
CA ILE B 100 -2.64 2.27 5.89
C ILE B 100 -2.03 0.96 5.41
N VAL B 101 -2.13 -0.07 6.23
CA VAL B 101 -1.61 -1.39 5.85
C VAL B 101 -2.42 -1.89 4.66
N ALA B 102 -3.69 -1.50 4.63
CA ALA B 102 -4.57 -1.87 3.54
C ALA B 102 -4.33 -0.98 2.35
N PHE B 103 -4.13 0.31 2.61
CA PHE B 103 -3.87 1.27 1.55
C PHE B 103 -2.63 0.85 0.78
N PHE B 104 -1.62 0.43 1.52
CA PHE B 104 -0.37 -0.03 0.92
C PHE B 104 -0.56 -1.39 0.28
N SER B 105 -1.40 -2.22 0.89
CA SER B 105 -1.67 -3.56 0.37
C SER B 105 -2.43 -3.46 -0.94
N PHE B 106 -3.32 -2.47 -1.02
CA PHE B 106 -4.12 -2.25 -2.21
C PHE B 106 -3.25 -1.70 -3.34
N GLY B 107 -2.33 -0.81 -2.98
CA GLY B 107 -1.45 -0.22 -3.96
C GLY B 107 -0.63 -1.27 -4.69
N GLY B 108 0.04 -2.13 -3.92
CA GLY B 108 0.84 -3.18 -4.51
C GLY B 108 0.00 -4.16 -5.31
N ALA B 109 -1.19 -4.46 -4.81
CA ALA B 109 -2.09 -5.39 -5.48
C ALA B 109 -2.54 -4.83 -6.82
N LEU B 110 -2.98 -3.58 -6.82
CA LEU B 110 -3.43 -2.93 -8.06
C LEU B 110 -2.35 -3.00 -9.12
N CYS B 111 -1.13 -2.68 -8.73
CA CYS B 111 0.01 -2.71 -9.63
C CYS B 111 0.13 -4.09 -10.30
N VAL B 112 0.11 -5.13 -9.48
CA VAL B 112 0.21 -6.49 -9.97
C VAL B 112 -0.94 -6.82 -10.91
N GLU B 113 -2.12 -6.30 -10.60
CA GLU B 113 -3.31 -6.52 -11.42
C GLU B 113 -3.19 -5.83 -12.77
N SER B 114 -2.67 -4.61 -12.77
CA SER B 114 -2.50 -3.84 -14.00
C SER B 114 -1.37 -4.43 -14.84
N VAL B 115 -0.36 -4.97 -14.19
CA VAL B 115 0.77 -5.55 -14.88
C VAL B 115 0.38 -6.90 -15.47
N ASP B 116 -0.48 -7.61 -14.75
CA ASP B 116 -0.96 -8.92 -15.19
C ASP B 116 -2.12 -8.78 -16.16
N LYS B 117 -2.90 -7.72 -15.97
CA LYS B 117 -4.06 -7.47 -16.82
C LYS B 117 -3.61 -7.04 -18.21
N GLU B 118 -3.12 -5.81 -18.32
CA GLU B 118 -2.65 -5.28 -19.61
C GLU B 118 -2.35 -3.78 -19.50
N MET B 119 -1.84 -3.36 -18.35
CA MET B 119 -1.52 -1.97 -18.13
C MET B 119 -0.55 -1.82 -16.97
N GLN B 120 0.58 -2.52 -17.05
CA GLN B 120 1.60 -2.48 -16.01
C GLN B 120 2.00 -1.04 -15.69
N VAL B 121 1.83 -0.15 -16.67
CA VAL B 121 2.16 1.25 -16.49
C VAL B 121 1.45 1.83 -15.27
N LEU B 122 0.30 1.24 -14.95
CA LEU B 122 -0.49 1.69 -13.81
C LEU B 122 0.31 1.55 -12.51
N VAL B 123 1.37 0.75 -12.54
CA VAL B 123 2.20 0.59 -11.35
C VAL B 123 2.80 1.93 -10.94
N SER B 124 3.33 2.64 -11.92
CA SER B 124 3.93 3.95 -11.70
C SER B 124 2.84 4.99 -11.42
N ARG B 125 1.72 4.86 -12.13
CA ARG B 125 0.61 5.79 -11.95
C ARG B 125 0.06 5.67 -10.54
N ILE B 126 -0.27 4.44 -10.16
CA ILE B 126 -0.76 4.17 -8.82
C ILE B 126 0.33 4.50 -7.82
N ALA B 127 1.57 4.26 -8.23
CA ALA B 127 2.71 4.55 -7.38
C ALA B 127 2.71 6.02 -6.97
N ALA B 128 2.22 6.86 -7.87
CA ALA B 128 2.16 8.30 -7.60
C ALA B 128 0.90 8.65 -6.82
N TRP B 129 -0.16 7.87 -7.01
CA TRP B 129 -1.40 8.12 -6.30
C TRP B 129 -1.25 7.70 -4.84
N MET B 130 -0.52 6.61 -4.65
CA MET B 130 -0.29 6.06 -3.33
C MET B 130 0.67 6.96 -2.54
N ALA B 131 1.83 7.23 -3.12
CA ALA B 131 2.83 8.07 -2.46
C ALA B 131 2.28 9.47 -2.21
N THR B 132 1.43 9.94 -3.11
CA THR B 132 0.83 11.26 -2.97
C THR B 132 -0.30 11.24 -1.93
N TYR B 133 -1.19 10.26 -2.04
CA TYR B 133 -2.29 10.14 -1.10
C TYR B 133 -1.75 9.76 0.27
N LEU B 134 -0.60 9.09 0.27
CA LEU B 134 0.04 8.66 1.50
C LEU B 134 0.63 9.85 2.25
N ASN B 135 1.37 10.68 1.52
CA ASN B 135 2.03 11.84 2.10
C ASN B 135 1.03 12.95 2.47
N ASP B 136 -0.12 12.96 1.83
CA ASP B 136 -1.11 14.01 2.09
C ASP B 136 -2.25 13.55 3.00
N HIS B 137 -2.67 12.30 2.87
CA HIS B 137 -3.78 11.80 3.68
C HIS B 137 -3.34 11.00 4.91
N LEU B 138 -2.29 10.20 4.76
CA LEU B 138 -1.82 9.37 5.88
C LEU B 138 -0.69 10.04 6.66
N GLU B 139 0.31 10.56 5.95
CA GLU B 139 1.46 11.21 6.57
C GLU B 139 1.07 11.98 7.83
N PRO B 140 0.11 12.92 7.73
CA PRO B 140 -0.34 13.71 8.88
C PRO B 140 -0.77 12.80 10.04
N TRP B 141 -1.50 11.75 9.71
CA TRP B 141 -1.97 10.81 10.71
C TRP B 141 -0.80 10.02 11.26
N ILE B 142 0.18 9.76 10.41
CA ILE B 142 1.35 9.01 10.81
C ILE B 142 2.03 9.68 12.00
N GLN B 143 2.58 10.86 11.75
CA GLN B 143 3.26 11.60 12.80
C GLN B 143 2.31 11.97 13.94
N GLU B 144 1.01 12.01 13.63
CA GLU B 144 -0.02 12.34 14.61
C GLU B 144 -0.01 11.38 15.80
N ASN B 145 -0.03 10.09 15.50
CA ASN B 145 -0.07 9.06 16.55
C ASN B 145 1.31 8.51 16.86
N GLY B 146 2.33 9.28 16.52
CA GLY B 146 3.70 8.87 16.78
C GLY B 146 4.56 8.82 15.54
N GLY B 147 3.97 8.40 14.42
CA GLY B 147 4.74 8.32 13.18
C GLY B 147 5.12 6.91 12.80
N TRP B 148 5.99 6.81 11.79
CA TRP B 148 6.46 5.52 11.30
C TRP B 148 7.23 4.77 12.38
N ASP B 149 7.61 5.47 13.45
CA ASP B 149 8.32 4.85 14.54
C ASP B 149 7.35 4.01 15.36
N THR B 150 6.10 4.44 15.36
CA THR B 150 5.06 3.72 16.06
C THR B 150 4.67 2.49 15.26
N PHE B 151 4.41 2.68 13.96
CA PHE B 151 4.06 1.56 13.10
C PHE B 151 5.11 0.46 13.25
N VAL B 152 6.37 0.89 13.35
CA VAL B 152 7.47 -0.04 13.53
C VAL B 152 7.48 -0.59 14.94
N GLU B 153 6.97 0.20 15.88
CA GLU B 153 6.95 -0.21 17.28
C GLU B 153 5.85 -1.26 17.50
N LEU B 154 4.75 -1.13 16.77
CA LEU B 154 3.63 -2.06 16.90
C LEU B 154 3.75 -3.21 15.90
N TYR B 155 4.21 -2.92 14.70
CA TYR B 155 4.36 -3.94 13.67
C TYR B 155 5.81 -4.40 13.55
N GLY B 156 6.73 -3.44 13.59
CA GLY B 156 8.14 -3.77 13.48
C GLY B 156 8.47 -4.54 12.21
N GLY A 1 -18.56 -4.17 -10.57
CA GLY A 1 -19.46 -3.36 -9.74
C GLY A 1 -19.04 -3.33 -8.29
N GLY A 2 -19.58 -4.27 -7.51
CA GLY A 2 -19.25 -4.33 -6.10
C GLY A 2 -17.89 -4.96 -5.84
N THR A 3 -16.84 -4.33 -6.34
CA THR A 3 -15.49 -4.84 -6.17
C THR A 3 -14.63 -3.87 -5.37
N MET A 4 -14.64 -2.60 -5.78
CA MET A 4 -13.87 -1.57 -5.10
C MET A 4 -14.38 -1.33 -3.69
N GLU A 5 -15.71 -1.29 -3.55
CA GLU A 5 -16.33 -1.07 -2.24
C GLU A 5 -16.17 -2.27 -1.34
N ASN A 6 -16.47 -3.46 -1.87
CA ASN A 6 -16.38 -4.69 -1.10
C ASN A 6 -14.93 -4.98 -0.71
N LEU A 7 -14.01 -4.85 -1.66
CA LEU A 7 -12.60 -5.10 -1.39
C LEU A 7 -12.08 -4.17 -0.31
N SER A 8 -12.40 -2.89 -0.43
CA SER A 8 -11.97 -1.90 0.56
C SER A 8 -12.56 -2.22 1.92
N ARG A 9 -13.76 -2.77 1.91
CA ARG A 9 -14.45 -3.14 3.15
C ARG A 9 -13.66 -4.22 3.89
N ARG A 10 -13.15 -5.19 3.14
CA ARG A 10 -12.38 -6.28 3.73
C ARG A 10 -11.08 -5.76 4.35
N LEU A 11 -10.33 -5.00 3.57
CA LEU A 11 -9.06 -4.44 4.06
C LEU A 11 -9.31 -3.61 5.32
N LYS A 12 -10.48 -2.99 5.38
CA LYS A 12 -10.85 -2.17 6.52
C LYS A 12 -10.92 -3.01 7.79
N VAL A 13 -11.70 -4.09 7.76
CA VAL A 13 -11.84 -4.96 8.91
C VAL A 13 -10.48 -5.55 9.31
N THR A 14 -9.67 -5.88 8.31
CA THR A 14 -8.34 -6.43 8.57
C THR A 14 -7.47 -5.39 9.25
N GLY A 15 -7.70 -4.13 8.92
CA GLY A 15 -6.95 -3.05 9.52
C GLY A 15 -7.20 -2.94 11.01
N ASP A 16 -8.48 -2.89 11.38
CA ASP A 16 -8.86 -2.80 12.78
C ASP A 16 -8.30 -3.98 13.57
N LEU A 17 -8.27 -5.15 12.94
CA LEU A 17 -7.76 -6.36 13.58
C LEU A 17 -6.23 -6.33 13.62
N PHE A 18 -5.62 -5.67 12.64
CA PHE A 18 -4.17 -5.59 12.56
C PHE A 18 -3.67 -4.19 12.91
N ASP A 19 -4.50 -3.43 13.62
CA ASP A 19 -4.14 -2.07 14.00
C ASP A 19 -3.59 -2.04 15.43
N ILE A 20 -4.46 -2.34 16.40
CA ILE A 20 -4.06 -2.35 17.80
C ILE A 20 -3.72 -0.95 18.29
N MET A 21 -2.57 -0.44 17.86
CA MET A 21 -2.11 0.89 18.23
C MET A 21 -2.35 1.17 19.72
N SER A 22 -2.29 0.11 20.52
CA SER A 22 -2.49 0.24 21.97
C SER A 22 -1.55 -0.69 22.73
N GLY A 23 -1.53 -0.54 24.05
CA GLY A 23 -0.66 -1.36 24.88
C GLY A 23 0.66 -0.69 25.20
N MET B 1 9.23 16.49 9.47
CA MET B 1 8.40 15.68 8.57
C MET B 1 9.17 15.35 7.29
N SER B 2 8.44 14.85 6.29
CA SER B 2 9.04 14.48 5.02
C SER B 2 10.21 13.52 5.20
N GLN B 3 9.89 12.26 5.47
CA GLN B 3 10.91 11.24 5.67
C GLN B 3 11.05 10.35 4.43
N SER B 4 10.75 10.92 3.27
CA SER B 4 10.83 10.18 2.02
C SER B 4 9.78 9.07 1.96
N ASN B 5 8.52 9.46 2.03
CA ASN B 5 7.41 8.50 1.99
C ASN B 5 7.40 7.74 0.67
N ARG B 6 7.78 8.43 -0.40
CA ARG B 6 7.80 7.81 -1.73
C ARG B 6 8.69 6.57 -1.73
N GLU B 7 9.75 6.60 -0.94
CA GLU B 7 10.65 5.45 -0.84
C GLU B 7 9.89 4.25 -0.33
N LEU B 8 8.91 4.50 0.54
CA LEU B 8 8.09 3.45 1.09
C LEU B 8 7.10 2.95 0.05
N VAL B 9 6.66 3.87 -0.81
CA VAL B 9 5.72 3.53 -1.86
C VAL B 9 6.42 2.72 -2.95
N VAL B 10 7.62 3.17 -3.31
CA VAL B 10 8.42 2.50 -4.34
C VAL B 10 8.90 1.13 -3.86
N ASP B 11 9.28 1.05 -2.59
CA ASP B 11 9.77 -0.19 -2.02
C ASP B 11 8.65 -1.21 -1.83
N PHE B 12 7.65 -0.84 -1.04
CA PHE B 12 6.52 -1.73 -0.78
C PHE B 12 5.90 -2.23 -2.08
N LEU B 13 5.58 -1.30 -2.97
CA LEU B 13 4.99 -1.65 -4.26
C LEU B 13 5.92 -2.57 -5.05
N SER B 14 7.20 -2.26 -4.99
CA SER B 14 8.21 -3.05 -5.69
C SER B 14 8.37 -4.43 -5.06
N TYR B 15 8.21 -4.49 -3.75
CA TYR B 15 8.34 -5.76 -3.02
C TYR B 15 7.15 -6.67 -3.32
N LYS B 16 5.95 -6.18 -3.04
CA LYS B 16 4.74 -6.96 -3.30
C LYS B 16 4.74 -7.50 -4.72
N LEU B 17 4.96 -6.60 -5.68
CA LEU B 17 5.01 -6.99 -7.08
C LEU B 17 6.09 -8.04 -7.31
N SER B 18 7.18 -7.92 -6.58
CA SER B 18 8.28 -8.88 -6.70
C SER B 18 7.88 -10.23 -6.13
N GLN B 19 6.92 -10.21 -5.21
CA GLN B 19 6.43 -11.43 -4.59
C GLN B 19 5.46 -12.14 -5.53
N LYS B 20 4.78 -11.36 -6.36
CA LYS B 20 3.82 -11.90 -7.32
C LYS B 20 4.54 -12.42 -8.55
N GLY B 21 5.71 -11.86 -8.82
CA GLY B 21 6.48 -12.28 -9.98
C GLY B 21 6.72 -11.15 -10.96
N TYR B 22 6.59 -9.92 -10.49
CA TYR B 22 6.80 -8.75 -11.34
C TYR B 22 8.03 -7.97 -10.90
N SER B 23 8.44 -7.01 -11.73
CA SER B 23 9.61 -6.19 -11.44
C SER B 23 9.25 -4.70 -11.45
N TRP B 24 9.62 -4.01 -10.37
CA TRP B 24 9.35 -2.59 -10.26
C TRP B 24 10.09 -1.80 -11.32
N SER B 25 11.41 -1.92 -11.34
CA SER B 25 12.24 -1.22 -12.31
C SER B 25 11.75 -1.47 -13.74
N GLN B 26 11.07 -2.60 -13.93
CA GLN B 26 10.55 -2.96 -15.24
C GLN B 26 9.42 -2.03 -15.67
N PHE B 27 8.67 -1.52 -14.69
CA PHE B 27 7.56 -0.62 -14.98
C PHE B 27 7.50 0.54 -13.97
N SER B 28 8.64 1.19 -13.75
CA SER B 28 8.71 2.30 -12.82
C SER B 28 9.65 3.38 -13.35
N ASP B 29 9.08 4.50 -13.77
CA ASP B 29 9.86 5.61 -14.30
C ASP B 29 10.92 6.05 -13.30
N VAL B 30 10.67 5.79 -12.02
CA VAL B 30 11.60 6.16 -10.97
C VAL B 30 12.79 5.20 -10.93
N GLU B 31 12.54 3.95 -11.31
CA GLU B 31 13.59 2.92 -11.33
C GLU B 31 14.22 2.78 -9.95
N GLU B 32 13.39 2.46 -8.97
CA GLU B 32 13.84 2.29 -7.60
C GLU B 32 14.62 3.49 -7.10
N ASN B 33 13.92 4.60 -7.02
CA ASN B 33 14.52 5.83 -6.53
C ASN B 33 15.69 6.27 -7.42
N ARG B 34 16.41 7.28 -6.97
CA ARG B 34 17.56 7.79 -7.70
C ARG B 34 18.85 7.35 -7.02
N THR B 35 18.80 7.29 -5.69
CA THR B 35 19.96 6.88 -4.90
C THR B 35 19.58 5.77 -3.93
N GLU B 36 18.57 6.04 -3.10
CA GLU B 36 18.11 5.06 -2.12
C GLU B 36 19.23 4.69 -1.15
N ALA B 37 18.84 4.23 0.03
CA ALA B 37 19.81 3.84 1.05
C ALA B 37 20.07 2.34 1.01
N PRO B 38 21.29 1.91 1.39
CA PRO B 38 21.65 0.49 1.39
C PRO B 38 20.71 -0.35 2.25
N GLU B 39 20.78 -0.18 3.56
CA GLU B 39 19.94 -0.93 4.48
C GLU B 39 20.18 -0.50 5.92
N GLY B 40 19.13 -0.59 6.74
CA GLY B 40 19.26 -0.22 8.14
C GLY B 40 19.01 1.26 8.39
N THR B 41 18.56 1.98 7.38
CA THR B 41 18.29 3.41 7.51
C THR B 41 16.91 3.66 8.12
N GLU B 42 16.60 4.92 8.38
CA GLU B 42 15.32 5.29 8.96
C GLU B 42 14.17 4.78 8.11
N SER B 43 14.15 5.20 6.84
CA SER B 43 13.11 4.77 5.91
C SER B 43 13.13 3.25 5.78
N GLU B 44 14.30 2.66 5.97
CA GLU B 44 14.46 1.22 5.88
C GLU B 44 13.61 0.52 6.93
N ALA B 45 13.80 0.88 8.18
CA ALA B 45 13.03 0.28 9.26
C ALA B 45 11.54 0.54 9.06
N VAL B 46 11.22 1.68 8.45
CA VAL B 46 9.84 2.03 8.17
C VAL B 46 9.25 1.09 7.12
N LYS B 47 9.93 0.98 5.98
CA LYS B 47 9.50 0.09 4.92
C LYS B 47 9.53 -1.34 5.44
N GLN B 48 10.50 -1.60 6.31
CA GLN B 48 10.67 -2.91 6.92
C GLN B 48 9.37 -3.34 7.60
N ALA B 49 8.79 -2.43 8.37
CA ALA B 49 7.55 -2.71 9.07
C ALA B 49 6.40 -2.82 8.08
N LEU B 50 6.51 -2.09 6.97
CA LEU B 50 5.49 -2.09 5.94
C LEU B 50 5.49 -3.43 5.20
N ARG B 51 6.68 -3.94 4.88
CA ARG B 51 6.77 -5.22 4.18
C ARG B 51 6.27 -6.36 5.05
N GLU B 52 6.61 -6.32 6.33
CA GLU B 52 6.17 -7.34 7.27
C GLU B 52 4.67 -7.20 7.54
N ALA B 53 4.20 -5.96 7.63
CA ALA B 53 2.80 -5.69 7.89
C ALA B 53 1.96 -6.13 6.69
N GLY B 54 2.38 -5.73 5.50
CA GLY B 54 1.65 -6.09 4.30
C GLY B 54 1.57 -7.59 4.11
N ASP B 55 2.65 -8.29 4.44
CA ASP B 55 2.68 -9.74 4.33
C ASP B 55 1.60 -10.37 5.20
N GLU B 56 1.58 -9.98 6.47
CA GLU B 56 0.59 -10.50 7.41
C GLU B 56 -0.81 -10.03 7.03
N PHE B 57 -0.91 -8.79 6.58
CA PHE B 57 -2.19 -8.22 6.18
C PHE B 57 -2.79 -9.03 5.03
N GLU B 58 -2.02 -9.18 3.97
CA GLU B 58 -2.47 -9.93 2.80
C GLU B 58 -2.71 -11.39 3.16
N LEU B 59 -2.02 -11.88 4.18
CA LEU B 59 -2.17 -13.25 4.63
C LEU B 59 -3.59 -13.52 5.11
N ARG B 60 -4.06 -12.67 6.03
CA ARG B 60 -5.41 -12.81 6.56
C ARG B 60 -6.45 -12.56 5.48
N TYR B 61 -6.17 -11.60 4.61
CA TYR B 61 -7.07 -11.24 3.52
C TYR B 61 -7.19 -12.39 2.53
N ARG B 62 -6.05 -12.98 2.17
CA ARG B 62 -6.02 -14.09 1.22
C ARG B 62 -6.64 -15.35 1.84
N ARG B 63 -6.61 -15.43 3.16
CA ARG B 63 -7.16 -16.59 3.87
C ARG B 63 -8.67 -16.49 4.00
N ALA B 64 -9.18 -15.25 4.04
CA ALA B 64 -10.61 -15.03 4.17
C ALA B 64 -11.27 -14.64 2.85
N PHE B 65 -10.97 -13.44 2.37
CA PHE B 65 -11.54 -12.94 1.12
C PHE B 65 -10.59 -13.11 -0.06
N SER B 66 -9.64 -14.03 0.06
CA SER B 66 -8.67 -14.29 -1.01
C SER B 66 -7.95 -13.00 -1.39
N ASP B 67 -6.94 -13.14 -2.25
CA ASP B 67 -6.16 -11.99 -2.70
C ASP B 67 -7.05 -10.89 -3.25
N LEU B 68 -6.45 -9.75 -3.57
CA LEU B 68 -7.19 -8.62 -4.11
C LEU B 68 -7.10 -8.58 -5.63
N THR B 69 -5.90 -8.81 -6.16
CA THR B 69 -5.68 -8.80 -7.60
C THR B 69 -6.60 -9.79 -8.30
N SER B 70 -6.91 -10.89 -7.63
CA SER B 70 -7.79 -11.90 -8.20
C SER B 70 -9.21 -11.40 -8.31
N GLN B 71 -9.58 -10.46 -7.44
CA GLN B 71 -10.93 -9.89 -7.45
C GLN B 71 -10.95 -8.54 -8.16
N LEU B 72 -9.81 -7.86 -8.17
CA LEU B 72 -9.69 -6.56 -8.81
C LEU B 72 -10.21 -6.60 -10.24
N HIS B 73 -10.19 -5.46 -10.92
CA HIS B 73 -10.66 -5.39 -12.30
C HIS B 73 -10.36 -4.02 -12.90
N ILE B 74 -9.24 -3.43 -12.52
CA ILE B 74 -8.86 -2.11 -13.05
C ILE B 74 -8.65 -2.17 -14.56
N THR B 75 -8.89 -1.06 -15.23
CA THR B 75 -8.71 -0.97 -16.67
C THR B 75 -8.27 0.44 -17.06
N PRO B 76 -7.80 0.62 -18.30
CA PRO B 76 -7.35 1.92 -18.79
C PRO B 76 -8.46 2.96 -18.76
N GLY B 77 -8.69 3.53 -17.58
CA GLY B 77 -9.74 4.52 -17.42
C GLY B 77 -10.45 4.40 -16.08
N THR B 78 -10.43 3.19 -15.52
CA THR B 78 -11.08 2.93 -14.24
C THR B 78 -10.05 2.70 -13.14
N ALA B 79 -8.77 2.90 -13.46
CA ALA B 79 -7.70 2.70 -12.50
C ALA B 79 -7.68 3.80 -11.43
N TYR B 80 -7.71 5.05 -11.89
CA TYR B 80 -7.69 6.20 -10.97
C TYR B 80 -8.91 6.23 -10.06
N GLN B 81 -10.03 5.74 -10.57
CA GLN B 81 -11.26 5.72 -9.79
C GLN B 81 -11.27 4.55 -8.82
N SER B 82 -10.71 3.43 -9.27
CA SER B 82 -10.64 2.26 -8.43
C SER B 82 -9.77 2.53 -7.21
N PHE B 83 -8.70 3.28 -7.42
CA PHE B 83 -7.78 3.62 -6.34
C PHE B 83 -8.41 4.62 -5.37
N GLU B 84 -9.09 5.62 -5.92
CA GLU B 84 -9.74 6.64 -5.10
C GLU B 84 -10.86 6.02 -4.28
N GLN B 85 -11.53 5.04 -4.88
CA GLN B 85 -12.64 4.37 -4.24
C GLN B 85 -12.16 3.42 -3.14
N VAL B 86 -10.98 2.84 -3.33
CA VAL B 86 -10.43 1.93 -2.33
C VAL B 86 -9.81 2.72 -1.19
N VAL B 87 -9.19 3.84 -1.53
CA VAL B 87 -8.55 4.68 -0.52
C VAL B 87 -9.57 5.50 0.24
N ASN B 88 -10.61 5.98 -0.45
CA ASN B 88 -11.62 6.78 0.21
C ASN B 88 -12.51 5.92 1.11
N GLU B 89 -12.99 4.80 0.58
CA GLU B 89 -13.84 3.90 1.34
C GLU B 89 -13.10 3.33 2.53
N LEU B 90 -11.81 3.03 2.33
CA LEU B 90 -10.99 2.47 3.39
C LEU B 90 -10.82 3.45 4.54
N PHE B 91 -10.52 4.70 4.21
CA PHE B 91 -10.32 5.74 5.22
C PHE B 91 -11.57 6.60 5.41
N ARG B 92 -12.70 6.17 4.84
CA ARG B 92 -13.95 6.89 4.98
C ARG B 92 -14.49 6.74 6.39
N ASP B 93 -14.30 5.55 6.95
CA ASP B 93 -14.74 5.27 8.30
C ASP B 93 -13.72 5.79 9.31
N GLY B 94 -12.50 6.04 8.82
CA GLY B 94 -11.46 6.53 9.70
C GLY B 94 -10.07 6.08 9.30
N VAL B 95 -9.09 6.94 9.52
CA VAL B 95 -7.70 6.64 9.18
C VAL B 95 -6.97 6.06 10.39
N ASN B 96 -6.02 5.18 10.13
CA ASN B 96 -5.24 4.54 11.20
C ASN B 96 -4.27 3.50 10.63
N TRP B 97 -3.32 3.04 11.45
CA TRP B 97 -2.35 2.03 11.03
C TRP B 97 -3.04 0.92 10.26
N GLY B 98 -4.04 0.31 10.88
CA GLY B 98 -4.78 -0.77 10.23
C GLY B 98 -5.26 -0.37 8.85
N ARG B 99 -5.62 0.90 8.71
CA ARG B 99 -6.08 1.42 7.44
C ARG B 99 -4.91 1.60 6.48
N ILE B 100 -3.81 2.13 7.01
CA ILE B 100 -2.61 2.34 6.20
C ILE B 100 -2.08 1.02 5.67
N VAL B 101 -2.21 -0.04 6.48
CA VAL B 101 -1.76 -1.35 6.05
C VAL B 101 -2.55 -1.78 4.82
N ALA B 102 -3.83 -1.43 4.83
CA ALA B 102 -4.71 -1.73 3.71
C ALA B 102 -4.42 -0.80 2.55
N PHE B 103 -4.08 0.45 2.87
CA PHE B 103 -3.77 1.43 1.85
C PHE B 103 -2.66 0.91 0.95
N PHE B 104 -1.57 0.51 1.58
CA PHE B 104 -0.43 -0.05 0.85
C PHE B 104 -0.79 -1.40 0.26
N SER B 105 -1.70 -2.11 0.91
CA SER B 105 -2.13 -3.43 0.43
C SER B 105 -2.79 -3.33 -0.93
N PHE B 106 -3.87 -2.57 -1.01
CA PHE B 106 -4.59 -2.39 -2.27
C PHE B 106 -3.70 -1.76 -3.34
N GLY B 107 -2.84 -0.84 -2.92
CA GLY B 107 -1.95 -0.18 -3.86
C GLY B 107 -1.11 -1.17 -4.64
N GLY B 108 -0.40 -2.04 -3.92
CA GLY B 108 0.43 -3.03 -4.57
C GLY B 108 -0.38 -4.01 -5.39
N ALA B 109 -1.57 -4.34 -4.90
CA ALA B 109 -2.45 -5.26 -5.59
C ALA B 109 -2.87 -4.70 -6.95
N LEU B 110 -3.30 -3.44 -6.97
CA LEU B 110 -3.71 -2.80 -8.21
C LEU B 110 -2.56 -2.79 -9.21
N CYS B 111 -1.36 -2.52 -8.71
CA CYS B 111 -0.17 -2.49 -9.56
C CYS B 111 0.02 -3.82 -10.27
N VAL B 112 -0.13 -4.91 -9.53
CA VAL B 112 0.02 -6.24 -10.10
C VAL B 112 -1.06 -6.51 -11.14
N GLU B 113 -2.29 -6.20 -10.80
CA GLU B 113 -3.42 -6.39 -11.71
C GLU B 113 -3.27 -5.51 -12.93
N SER B 114 -2.68 -4.33 -12.74
CA SER B 114 -2.47 -3.40 -13.83
C SER B 114 -1.47 -3.99 -14.81
N VAL B 115 -0.48 -4.69 -14.28
CA VAL B 115 0.54 -5.31 -15.11
C VAL B 115 -0.03 -6.54 -15.80
N ASP B 116 -0.94 -7.22 -15.11
CA ASP B 116 -1.58 -8.41 -15.65
C ASP B 116 -2.33 -8.08 -16.92
N LYS B 117 -3.03 -6.95 -16.92
CA LYS B 117 -3.79 -6.51 -18.08
C LYS B 117 -2.96 -5.62 -18.99
N GLU B 118 -1.64 -5.64 -18.79
CA GLU B 118 -0.73 -4.84 -19.59
C GLU B 118 -1.02 -3.35 -19.38
N MET B 119 -0.83 -2.92 -18.14
CA MET B 119 -1.04 -1.54 -17.75
C MET B 119 0.12 -1.05 -16.89
N GLN B 120 1.32 -1.48 -17.24
CA GLN B 120 2.53 -1.11 -16.51
C GLN B 120 2.52 0.38 -16.20
N VAL B 121 2.09 1.17 -17.18
CA VAL B 121 2.00 2.61 -17.03
C VAL B 121 1.15 2.97 -15.82
N LEU B 122 0.07 2.23 -15.63
CA LEU B 122 -0.82 2.46 -14.50
C LEU B 122 -0.13 2.11 -13.19
N VAL B 123 0.85 1.20 -13.26
CA VAL B 123 1.59 0.81 -12.08
C VAL B 123 2.27 2.03 -11.46
N SER B 124 2.91 2.82 -12.31
CA SER B 124 3.57 4.03 -11.87
C SER B 124 2.54 5.10 -11.51
N ARG B 125 1.40 5.05 -12.20
CA ARG B 125 0.33 6.01 -11.95
C ARG B 125 -0.19 5.81 -10.54
N ILE B 126 -0.53 4.57 -10.21
CA ILE B 126 -0.99 4.24 -8.87
C ILE B 126 0.11 4.55 -7.88
N ALA B 127 1.36 4.36 -8.32
CA ALA B 127 2.50 4.63 -7.48
C ALA B 127 2.50 6.10 -7.06
N ALA B 128 1.99 6.95 -7.93
CA ALA B 128 1.92 8.37 -7.64
C ALA B 128 0.65 8.71 -6.86
N TRP B 129 -0.40 7.93 -7.04
CA TRP B 129 -1.65 8.15 -6.33
C TRP B 129 -1.49 7.73 -4.88
N MET B 130 -0.78 6.63 -4.69
CA MET B 130 -0.55 6.10 -3.37
C MET B 130 0.46 6.96 -2.61
N ALA B 131 1.61 7.19 -3.23
CA ALA B 131 2.65 8.01 -2.61
C ALA B 131 2.13 9.42 -2.31
N THR B 132 1.26 9.91 -3.18
CA THR B 132 0.70 11.25 -3.02
C THR B 132 -0.38 11.26 -1.94
N TYR B 133 -1.31 10.29 -2.02
CA TYR B 133 -2.37 10.19 -1.03
C TYR B 133 -1.77 9.79 0.32
N LEU B 134 -0.65 9.08 0.26
CA LEU B 134 0.04 8.62 1.45
C LEU B 134 0.71 9.79 2.19
N ASN B 135 1.41 10.63 1.43
CA ASN B 135 2.12 11.76 1.98
C ASN B 135 1.19 12.88 2.42
N ASP B 136 0.00 12.95 1.84
CA ASP B 136 -0.94 14.01 2.17
C ASP B 136 -2.05 13.57 3.13
N HIS B 137 -2.51 12.33 2.99
CA HIS B 137 -3.60 11.84 3.84
C HIS B 137 -3.12 11.01 5.03
N LEU B 138 -2.12 10.16 4.83
CA LEU B 138 -1.62 9.31 5.90
C LEU B 138 -0.47 9.97 6.66
N GLU B 139 0.53 10.47 5.92
CA GLU B 139 1.70 11.11 6.51
C GLU B 139 1.32 11.92 7.76
N PRO B 140 0.41 12.90 7.63
CA PRO B 140 -0.02 13.71 8.75
C PRO B 140 -0.50 12.84 9.91
N TRP B 141 -1.25 11.80 9.57
CA TRP B 141 -1.74 10.87 10.57
C TRP B 141 -0.60 10.10 11.19
N ILE B 142 0.42 9.84 10.38
CA ILE B 142 1.58 9.10 10.85
C ILE B 142 2.20 9.80 12.05
N GLN B 143 2.74 10.98 11.81
CA GLN B 143 3.36 11.76 12.87
C GLN B 143 2.35 12.11 13.96
N GLU B 144 1.07 12.06 13.61
CA GLU B 144 0.00 12.39 14.54
C GLU B 144 -0.07 11.43 15.72
N ASN B 145 -0.11 10.14 15.43
CA ASN B 145 -0.23 9.12 16.48
C ASN B 145 1.09 8.42 16.79
N GLY B 146 2.19 9.12 16.60
CA GLY B 146 3.49 8.53 16.92
C GLY B 146 4.45 8.52 15.74
N GLY B 147 3.92 8.27 14.55
CA GLY B 147 4.77 8.23 13.37
C GLY B 147 5.17 6.83 12.96
N TRP B 148 5.97 6.74 11.90
CA TRP B 148 6.44 5.46 11.39
C TRP B 148 7.23 4.71 12.45
N ASP B 149 7.65 5.41 13.49
CA ASP B 149 8.41 4.79 14.57
C ASP B 149 7.49 3.94 15.42
N THR B 150 6.25 4.39 15.56
CA THR B 150 5.26 3.65 16.33
C THR B 150 4.82 2.43 15.53
N PHE B 151 4.44 2.66 14.28
CA PHE B 151 4.03 1.54 13.43
C PHE B 151 5.10 0.47 13.44
N VAL B 152 6.35 0.91 13.49
CA VAL B 152 7.48 0.00 13.53
C VAL B 152 7.60 -0.62 14.91
N GLU B 153 7.15 0.10 15.93
CA GLU B 153 7.22 -0.40 17.29
C GLU B 153 6.18 -1.48 17.54
N LEU B 154 5.03 -1.35 16.87
CA LEU B 154 3.95 -2.32 17.03
C LEU B 154 4.01 -3.43 15.98
N TYR B 155 4.38 -3.06 14.76
CA TYR B 155 4.48 -4.04 13.68
C TYR B 155 5.88 -4.62 13.57
N GLY B 156 6.88 -3.82 13.90
CA GLY B 156 8.25 -4.28 13.84
C GLY B 156 8.79 -4.26 12.41
N GLY A 1 -20.19 -6.40 -9.63
CA GLY A 1 -20.99 -5.19 -9.66
C GLY A 1 -20.24 -3.99 -9.10
N GLY A 2 -19.78 -4.11 -7.86
CA GLY A 2 -19.04 -3.02 -7.24
C GLY A 2 -17.55 -3.28 -7.23
N THR A 3 -17.15 -4.43 -6.70
CA THR A 3 -15.74 -4.79 -6.63
C THR A 3 -14.98 -3.89 -5.67
N MET A 4 -14.84 -2.62 -6.04
CA MET A 4 -14.13 -1.65 -5.20
C MET A 4 -14.76 -1.55 -3.81
N GLU A 5 -16.07 -1.33 -3.78
CA GLU A 5 -16.80 -1.21 -2.52
C GLU A 5 -16.60 -2.45 -1.67
N ASN A 6 -16.80 -3.62 -2.27
CA ASN A 6 -16.63 -4.88 -1.57
C ASN A 6 -15.18 -5.06 -1.11
N LEU A 7 -14.25 -4.61 -1.95
CA LEU A 7 -12.83 -4.71 -1.63
C LEU A 7 -12.49 -3.87 -0.42
N SER A 8 -12.84 -2.60 -0.47
CA SER A 8 -12.56 -1.67 0.63
C SER A 8 -13.09 -2.22 1.96
N ARG A 9 -14.29 -2.80 1.91
CA ARG A 9 -14.89 -3.38 3.10
C ARG A 9 -14.03 -4.50 3.66
N ARG A 10 -13.57 -5.38 2.78
CA ARG A 10 -12.72 -6.49 3.19
C ARG A 10 -11.47 -6.00 3.92
N LEU A 11 -10.77 -5.04 3.30
CA LEU A 11 -9.56 -4.49 3.91
C LEU A 11 -9.92 -3.76 5.20
N LYS A 12 -11.08 -3.12 5.21
CA LYS A 12 -11.55 -2.40 6.38
C LYS A 12 -11.64 -3.33 7.58
N VAL A 13 -12.00 -4.58 7.32
CA VAL A 13 -12.10 -5.58 8.38
C VAL A 13 -10.71 -5.97 8.87
N THR A 14 -9.86 -6.39 7.94
CA THR A 14 -8.50 -6.78 8.27
C THR A 14 -7.76 -5.61 8.92
N GLY A 15 -8.13 -4.38 8.53
CA GLY A 15 -7.51 -3.21 9.08
C GLY A 15 -7.81 -3.04 10.55
N ASP A 16 -9.09 -3.11 10.91
CA ASP A 16 -9.51 -2.98 12.30
C ASP A 16 -8.84 -4.05 13.16
N LEU A 17 -8.67 -5.23 12.58
CA LEU A 17 -8.04 -6.34 13.28
C LEU A 17 -6.53 -6.14 13.38
N PHE A 18 -5.97 -5.43 12.40
CA PHE A 18 -4.54 -5.17 12.38
C PHE A 18 -4.24 -3.70 12.70
N ASP A 19 -5.17 -3.04 13.39
CA ASP A 19 -5.00 -1.64 13.76
C ASP A 19 -4.66 -1.52 15.24
N ILE A 20 -3.85 -2.45 15.73
CA ILE A 20 -3.44 -2.46 17.13
C ILE A 20 -2.86 -1.11 17.55
N MET A 21 -2.84 -0.85 18.85
CA MET A 21 -2.32 0.39 19.38
C MET A 21 -1.45 0.13 20.61
N SER A 22 -1.97 -0.69 21.51
CA SER A 22 -1.25 -1.03 22.74
C SER A 22 -1.09 0.19 23.63
N GLY A 23 -0.17 1.07 23.25
CA GLY A 23 0.08 2.28 24.02
C GLY A 23 1.48 2.31 24.60
N MET B 1 9.72 17.59 8.64
CA MET B 1 8.94 16.40 8.36
C MET B 1 9.29 15.83 6.99
N SER B 2 8.53 14.84 6.55
CA SER B 2 8.75 14.21 5.25
C SER B 2 10.15 13.60 5.17
N GLN B 3 10.21 12.27 5.10
CA GLN B 3 11.48 11.56 5.02
C GLN B 3 11.57 10.76 3.74
N SER B 4 11.00 11.29 2.66
CA SER B 4 11.01 10.63 1.37
C SER B 4 10.11 9.39 1.38
N ASN B 5 8.87 9.58 1.79
CA ASN B 5 7.90 8.48 1.85
C ASN B 5 7.85 7.71 0.55
N ARG B 6 8.20 8.37 -0.55
CA ARG B 6 8.19 7.73 -1.86
C ARG B 6 9.10 6.51 -1.88
N GLU B 7 10.20 6.58 -1.13
CA GLU B 7 11.13 5.46 -1.06
C GLU B 7 10.41 4.23 -0.50
N LEU B 8 9.49 4.48 0.43
CA LEU B 8 8.72 3.41 1.04
C LEU B 8 7.68 2.90 0.05
N VAL B 9 7.20 3.80 -0.80
CA VAL B 9 6.20 3.42 -1.80
C VAL B 9 6.85 2.63 -2.93
N VAL B 10 8.05 3.05 -3.32
CA VAL B 10 8.80 2.39 -4.38
C VAL B 10 9.30 1.01 -3.93
N ASP B 11 9.71 0.91 -2.67
CA ASP B 11 10.20 -0.35 -2.12
C ASP B 11 9.08 -1.36 -1.95
N PHE B 12 8.04 -0.98 -1.23
CA PHE B 12 6.90 -1.87 -1.00
C PHE B 12 6.29 -2.34 -2.31
N LEU B 13 6.05 -1.39 -3.21
CA LEU B 13 5.48 -1.70 -4.51
C LEU B 13 6.41 -2.61 -5.31
N SER B 14 7.71 -2.33 -5.23
CA SER B 14 8.72 -3.12 -5.93
C SER B 14 8.86 -4.51 -5.33
N TYR B 15 8.74 -4.60 -4.00
CA TYR B 15 8.87 -5.89 -3.32
C TYR B 15 7.68 -6.80 -3.64
N LYS B 16 6.47 -6.31 -3.35
CA LYS B 16 5.27 -7.09 -3.60
C LYS B 16 5.23 -7.55 -5.06
N LEU B 17 5.42 -6.60 -5.97
CA LEU B 17 5.42 -6.90 -7.40
C LEU B 17 6.51 -7.91 -7.73
N SER B 18 7.61 -7.85 -6.99
CA SER B 18 8.72 -8.78 -7.23
C SER B 18 8.32 -10.20 -6.84
N GLN B 19 7.42 -10.31 -5.87
CA GLN B 19 6.94 -11.60 -5.42
C GLN B 19 5.87 -12.12 -6.38
N LYS B 20 5.21 -11.20 -7.08
CA LYS B 20 4.17 -11.56 -8.02
C LYS B 20 4.79 -11.96 -9.37
N GLY B 21 6.00 -11.47 -9.61
CA GLY B 21 6.68 -11.78 -10.85
C GLY B 21 6.86 -10.55 -11.72
N TYR B 22 6.86 -9.38 -11.09
CA TYR B 22 7.01 -8.13 -11.82
C TYR B 22 8.17 -7.32 -11.24
N SER B 23 8.70 -6.41 -12.05
CA SER B 23 9.82 -5.56 -11.63
C SER B 23 9.40 -4.09 -11.61
N TRP B 24 9.82 -3.38 -10.55
CA TRP B 24 9.50 -1.97 -10.41
C TRP B 24 10.12 -1.14 -11.53
N SER B 25 11.45 -1.15 -11.58
CA SER B 25 12.19 -0.40 -12.59
C SER B 25 11.69 -0.71 -14.00
N GLN B 26 11.11 -1.90 -14.16
CA GLN B 26 10.59 -2.32 -15.46
C GLN B 26 9.46 -1.41 -15.93
N PHE B 27 8.71 -0.87 -14.97
CA PHE B 27 7.60 0.01 -15.30
C PHE B 27 7.52 1.19 -14.32
N SER B 28 8.67 1.77 -13.99
CA SER B 28 8.72 2.90 -13.09
C SER B 28 9.38 4.09 -13.77
N ASP B 29 8.55 5.02 -14.26
CA ASP B 29 9.05 6.22 -14.94
C ASP B 29 10.18 6.86 -14.12
N VAL B 30 10.13 6.67 -12.81
CA VAL B 30 11.13 7.22 -11.92
C VAL B 30 12.43 6.41 -11.99
N GLU B 31 12.30 5.09 -11.87
CA GLU B 31 13.44 4.18 -11.94
C GLU B 31 14.63 4.64 -11.08
N GLU B 32 14.34 5.31 -9.97
CA GLU B 32 15.41 5.77 -9.08
C GLU B 32 14.85 6.49 -7.85
N ASN B 33 13.97 7.45 -8.09
CA ASN B 33 13.36 8.22 -7.00
C ASN B 33 14.40 9.11 -6.32
N ARG B 34 13.90 10.03 -5.48
CA ARG B 34 14.77 10.96 -4.75
C ARG B 34 16.01 10.26 -4.20
N THR B 35 15.85 9.56 -3.08
CA THR B 35 16.95 8.85 -2.45
C THR B 35 16.45 7.67 -1.64
N GLU B 36 17.35 6.74 -1.34
CA GLU B 36 17.00 5.56 -0.57
C GLU B 36 17.97 5.37 0.59
N ALA B 37 17.57 4.54 1.55
CA ALA B 37 18.40 4.27 2.71
C ALA B 37 19.11 2.93 2.58
N PRO B 38 20.46 2.95 2.60
CA PRO B 38 21.25 1.72 2.48
C PRO B 38 20.93 0.70 3.56
N GLU B 39 21.26 1.04 4.80
CA GLU B 39 21.01 0.15 5.93
C GLU B 39 21.17 0.91 7.26
N GLY B 40 20.34 0.54 8.24
CA GLY B 40 20.41 1.18 9.53
C GLY B 40 19.85 2.60 9.50
N THR B 41 18.94 2.83 8.57
CA THR B 41 18.33 4.13 8.40
C THR B 41 16.89 4.15 8.92
N GLU B 42 16.48 5.30 9.45
CA GLU B 42 15.13 5.43 9.99
C GLU B 42 14.09 5.01 8.96
N SER B 43 14.12 5.65 7.80
CA SER B 43 13.20 5.34 6.72
C SER B 43 13.33 3.86 6.35
N GLU B 44 14.52 3.32 6.52
CA GLU B 44 14.79 1.92 6.22
C GLU B 44 13.99 1.01 7.14
N ALA B 45 14.08 1.25 8.44
CA ALA B 45 13.35 0.45 9.41
C ALA B 45 11.85 0.50 9.13
N VAL B 46 11.39 1.65 8.65
CA VAL B 46 9.99 1.84 8.33
C VAL B 46 9.56 0.90 7.20
N LYS B 47 10.29 0.95 6.09
CA LYS B 47 9.98 0.12 4.94
C LYS B 47 9.96 -1.36 5.34
N GLN B 48 10.84 -1.75 6.26
CA GLN B 48 10.89 -3.13 6.73
C GLN B 48 9.56 -3.52 7.37
N ALA B 49 9.07 -2.66 8.26
CA ALA B 49 7.81 -2.90 8.96
C ALA B 49 6.68 -3.10 7.95
N LEU B 50 6.68 -2.29 6.89
CA LEU B 50 5.65 -2.38 5.88
C LEU B 50 5.68 -3.75 5.21
N ARG B 51 6.89 -4.23 4.93
CA ARG B 51 7.06 -5.54 4.30
C ARG B 51 6.43 -6.64 5.16
N GLU B 52 6.87 -6.71 6.42
CA GLU B 52 6.35 -7.70 7.34
C GLU B 52 4.85 -7.53 7.53
N ALA B 53 4.42 -6.28 7.60
CA ALA B 53 3.00 -5.97 7.78
C ALA B 53 2.21 -6.37 6.54
N GLY B 54 2.81 -6.18 5.37
CA GLY B 54 2.13 -6.52 4.14
C GLY B 54 1.87 -8.02 4.03
N ASP B 55 2.82 -8.82 4.50
CA ASP B 55 2.69 -10.26 4.46
C ASP B 55 1.57 -10.72 5.39
N GLU B 56 1.62 -10.25 6.64
CA GLU B 56 0.60 -10.60 7.62
C GLU B 56 -0.76 -10.07 7.21
N PHE B 57 -0.82 -8.79 6.87
CA PHE B 57 -2.07 -8.17 6.45
C PHE B 57 -2.65 -8.88 5.24
N GLU B 58 -1.80 -9.14 4.25
CA GLU B 58 -2.22 -9.82 3.04
C GLU B 58 -2.61 -11.27 3.32
N LEU B 59 -1.86 -11.92 4.20
CA LEU B 59 -2.14 -13.31 4.57
C LEU B 59 -3.51 -13.43 5.20
N ARG B 60 -3.80 -12.56 6.16
CA ARG B 60 -5.09 -12.58 6.85
C ARG B 60 -6.22 -12.41 5.83
N TYR B 61 -6.04 -11.45 4.93
CA TYR B 61 -7.04 -11.19 3.89
C TYR B 61 -7.14 -12.38 2.94
N ARG B 62 -5.99 -12.95 2.61
CA ARG B 62 -5.94 -14.09 1.71
C ARG B 62 -6.51 -15.35 2.37
N ARG B 63 -6.42 -15.40 3.70
CA ARG B 63 -6.93 -16.55 4.45
C ARG B 63 -8.44 -16.45 4.67
N ALA B 64 -8.95 -15.22 4.73
CA ALA B 64 -10.38 -15.00 4.94
C ALA B 64 -11.08 -14.54 3.66
N PHE B 65 -10.64 -13.41 3.12
CA PHE B 65 -11.24 -12.87 1.90
C PHE B 65 -10.46 -13.28 0.66
N SER B 66 -9.76 -14.41 0.75
CA SER B 66 -8.99 -14.93 -0.39
C SER B 66 -8.14 -13.83 -1.02
N ASP B 67 -7.60 -14.11 -2.20
CA ASP B 67 -6.77 -13.15 -2.92
C ASP B 67 -7.50 -11.82 -3.10
N LEU B 68 -6.72 -10.75 -3.29
CA LEU B 68 -7.30 -9.42 -3.47
C LEU B 68 -7.25 -9.00 -4.93
N THR B 69 -6.09 -9.17 -5.55
CA THR B 69 -5.90 -8.81 -6.95
C THR B 69 -6.93 -9.50 -7.84
N SER B 70 -7.34 -10.69 -7.43
CA SER B 70 -8.33 -11.47 -8.18
C SER B 70 -9.73 -10.86 -8.04
N GLN B 71 -9.93 -10.06 -7.00
CA GLN B 71 -11.23 -9.43 -6.76
C GLN B 71 -11.21 -7.97 -7.18
N LEU B 72 -10.35 -7.63 -8.14
CA LEU B 72 -10.25 -6.26 -8.63
C LEU B 72 -10.80 -6.15 -10.04
N HIS B 73 -10.77 -4.93 -10.59
CA HIS B 73 -11.28 -4.69 -11.94
C HIS B 73 -10.88 -3.30 -12.44
N ILE B 74 -9.58 -3.06 -12.54
CA ILE B 74 -9.07 -1.79 -13.02
C ILE B 74 -8.82 -1.83 -14.51
N THR B 75 -8.94 -0.67 -15.15
CA THR B 75 -8.71 -0.56 -16.58
C THR B 75 -8.14 0.82 -16.92
N PRO B 76 -7.44 0.94 -18.05
CA PRO B 76 -6.84 2.22 -18.47
C PRO B 76 -7.87 3.34 -18.55
N GLY B 77 -8.23 3.90 -17.40
CA GLY B 77 -9.21 4.97 -17.36
C GLY B 77 -9.98 5.02 -16.07
N THR B 78 -10.02 3.91 -15.33
CA THR B 78 -10.73 3.86 -14.06
C THR B 78 -9.82 3.36 -12.92
N ALA B 79 -8.53 3.29 -13.19
CA ALA B 79 -7.56 2.84 -12.20
C ALA B 79 -7.49 3.83 -11.05
N TYR B 80 -7.32 5.11 -11.38
CA TYR B 80 -7.24 6.16 -10.38
C TYR B 80 -8.55 6.30 -9.62
N GLN B 81 -9.64 5.93 -10.27
CA GLN B 81 -10.95 6.00 -9.64
C GLN B 81 -11.16 4.82 -8.72
N SER B 82 -10.81 3.64 -9.21
CA SER B 82 -10.95 2.42 -8.43
C SER B 82 -10.13 2.54 -7.14
N PHE B 83 -8.92 3.06 -7.27
CA PHE B 83 -8.03 3.24 -6.14
C PHE B 83 -8.64 4.24 -5.14
N GLU B 84 -9.00 5.41 -5.64
CA GLU B 84 -9.59 6.45 -4.79
C GLU B 84 -10.82 5.92 -4.07
N GLN B 85 -11.56 5.06 -4.75
CA GLN B 85 -12.78 4.48 -4.20
C GLN B 85 -12.50 3.57 -3.00
N VAL B 86 -11.47 2.75 -3.10
CA VAL B 86 -11.12 1.84 -2.02
C VAL B 86 -10.47 2.59 -0.87
N VAL B 87 -9.64 3.58 -1.19
CA VAL B 87 -8.98 4.35 -0.17
C VAL B 87 -9.94 5.33 0.48
N ASN B 88 -10.93 5.80 -0.29
CA ASN B 88 -11.91 6.73 0.23
C ASN B 88 -12.80 6.06 1.28
N GLU B 89 -13.45 4.98 0.88
CA GLU B 89 -14.33 4.24 1.79
C GLU B 89 -13.53 3.63 2.94
N LEU B 90 -12.27 3.29 2.67
CA LEU B 90 -11.41 2.69 3.67
C LEU B 90 -10.99 3.72 4.73
N PHE B 91 -10.65 4.92 4.27
CA PHE B 91 -10.22 5.98 5.17
C PHE B 91 -11.38 6.95 5.44
N ARG B 92 -12.57 6.59 4.98
CA ARG B 92 -13.75 7.42 5.18
C ARG B 92 -14.21 7.29 6.62
N ASP B 93 -14.20 6.07 7.12
CA ASP B 93 -14.59 5.79 8.49
C ASP B 93 -13.57 6.38 9.45
N GLY B 94 -12.37 6.68 8.95
CA GLY B 94 -11.34 7.24 9.80
C GLY B 94 -9.99 6.63 9.57
N VAL B 95 -9.03 7.46 9.21
CA VAL B 95 -7.67 7.00 8.96
C VAL B 95 -7.10 6.27 10.17
N ASN B 96 -6.06 5.48 9.94
CA ASN B 96 -5.41 4.70 11.01
C ASN B 96 -4.49 3.63 10.43
N TRP B 97 -3.58 3.10 11.26
CA TRP B 97 -2.65 2.07 10.82
C TRP B 97 -3.36 1.00 10.00
N GLY B 98 -4.41 0.42 10.57
CA GLY B 98 -5.17 -0.61 9.88
C GLY B 98 -5.61 -0.17 8.51
N ARG B 99 -5.94 1.11 8.39
CA ARG B 99 -6.37 1.66 7.11
C ARG B 99 -5.16 1.84 6.19
N ILE B 100 -4.02 2.16 6.79
CA ILE B 100 -2.79 2.35 6.04
C ILE B 100 -2.19 1.02 5.61
N VAL B 101 -2.33 0.00 6.46
CA VAL B 101 -1.80 -1.32 6.12
C VAL B 101 -2.48 -1.83 4.86
N ALA B 102 -3.77 -1.52 4.75
CA ALA B 102 -4.55 -1.90 3.59
C ALA B 102 -4.27 -0.96 2.43
N PHE B 103 -4.08 0.31 2.74
CA PHE B 103 -3.79 1.31 1.72
C PHE B 103 -2.55 0.90 0.93
N PHE B 104 -1.54 0.43 1.66
CA PHE B 104 -0.29 -0.02 1.05
C PHE B 104 -0.47 -1.38 0.38
N SER B 105 -1.27 -2.24 1.00
CA SER B 105 -1.52 -3.58 0.45
C SER B 105 -2.31 -3.50 -0.85
N PHE B 106 -3.28 -2.60 -0.87
CA PHE B 106 -4.13 -2.41 -2.04
C PHE B 106 -3.34 -1.77 -3.18
N GLY B 107 -2.50 -0.80 -2.84
CA GLY B 107 -1.69 -0.14 -3.84
C GLY B 107 -0.84 -1.12 -4.62
N GLY B 108 -0.05 -1.92 -3.90
CA GLY B 108 0.79 -2.89 -4.54
C GLY B 108 -0.01 -3.91 -5.33
N ALA B 109 -1.15 -4.32 -4.76
CA ALA B 109 -2.02 -5.28 -5.42
C ALA B 109 -2.53 -4.76 -6.75
N LEU B 110 -2.98 -3.50 -6.76
CA LEU B 110 -3.50 -2.88 -7.97
C LEU B 110 -2.46 -2.91 -9.07
N CYS B 111 -1.24 -2.50 -8.73
CA CYS B 111 -0.15 -2.49 -9.69
C CYS B 111 0.03 -3.87 -10.33
N VAL B 112 -0.01 -4.89 -9.49
CA VAL B 112 0.13 -6.26 -9.96
C VAL B 112 -1.03 -6.65 -10.86
N GLU B 113 -2.23 -6.16 -10.53
CA GLU B 113 -3.42 -6.45 -11.31
C GLU B 113 -3.36 -5.77 -12.67
N SER B 114 -2.89 -4.52 -12.69
CA SER B 114 -2.78 -3.78 -13.94
C SER B 114 -1.69 -4.36 -14.81
N VAL B 115 -0.64 -4.87 -14.18
CA VAL B 115 0.47 -5.47 -14.90
C VAL B 115 0.06 -6.82 -15.45
N ASP B 116 -0.74 -7.55 -14.68
CA ASP B 116 -1.21 -8.86 -15.08
C ASP B 116 -2.21 -8.75 -16.23
N LYS B 117 -2.92 -7.62 -16.28
CA LYS B 117 -3.90 -7.38 -17.32
C LYS B 117 -3.24 -6.84 -18.59
N GLU B 118 -2.79 -5.59 -18.52
CA GLU B 118 -2.14 -4.95 -19.66
C GLU B 118 -1.94 -3.46 -19.41
N MET B 119 -1.52 -3.12 -18.19
CA MET B 119 -1.29 -1.73 -17.81
C MET B 119 -0.10 -1.62 -16.87
N GLN B 120 1.04 -2.15 -17.30
CA GLN B 120 2.25 -2.09 -16.49
C GLN B 120 2.55 -0.66 -16.06
N VAL B 121 2.13 0.28 -16.90
CA VAL B 121 2.32 1.70 -16.64
C VAL B 121 1.52 2.14 -15.41
N LEU B 122 0.38 1.49 -15.18
CA LEU B 122 -0.46 1.82 -14.04
C LEU B 122 0.29 1.65 -12.73
N VAL B 123 1.38 0.89 -12.76
CA VAL B 123 2.17 0.67 -11.56
C VAL B 123 2.74 2.00 -11.07
N SER B 124 3.31 2.76 -12.01
CA SER B 124 3.88 4.06 -11.67
C SER B 124 2.77 5.07 -11.42
N ARG B 125 1.64 4.90 -12.11
CA ARG B 125 0.51 5.79 -11.94
C ARG B 125 -0.03 5.65 -10.53
N ILE B 126 -0.30 4.41 -10.15
CA ILE B 126 -0.79 4.12 -8.81
C ILE B 126 0.30 4.50 -7.81
N ALA B 127 1.55 4.31 -8.21
CA ALA B 127 2.67 4.64 -7.37
C ALA B 127 2.60 6.10 -6.94
N ALA B 128 2.10 6.95 -7.83
CA ALA B 128 1.96 8.36 -7.53
C ALA B 128 0.66 8.66 -6.78
N TRP B 129 -0.35 7.81 -6.99
CA TRP B 129 -1.62 7.99 -6.32
C TRP B 129 -1.52 7.58 -4.86
N MET B 130 -0.93 6.42 -4.65
CA MET B 130 -0.78 5.89 -3.31
C MET B 130 0.32 6.63 -2.55
N ALA B 131 1.41 6.98 -3.24
CA ALA B 131 2.49 7.71 -2.61
C ALA B 131 2.05 9.12 -2.27
N THR B 132 1.19 9.69 -3.12
CA THR B 132 0.69 11.04 -2.90
C THR B 132 -0.35 11.04 -1.80
N TYR B 133 -1.34 10.15 -1.90
CA TYR B 133 -2.38 10.05 -0.89
C TYR B 133 -1.76 9.67 0.44
N LEU B 134 -0.71 8.86 0.39
CA LEU B 134 0.00 8.42 1.59
C LEU B 134 0.67 9.60 2.27
N ASN B 135 1.30 10.46 1.48
CA ASN B 135 2.01 11.62 2.00
C ASN B 135 1.08 12.79 2.27
N ASP B 136 -0.06 12.83 1.60
CA ASP B 136 -1.00 13.94 1.76
C ASP B 136 -2.19 13.62 2.67
N HIS B 137 -2.64 12.36 2.69
CA HIS B 137 -3.80 11.99 3.49
C HIS B 137 -3.46 11.36 4.83
N LEU B 138 -2.62 10.32 4.84
CA LEU B 138 -2.29 9.64 6.10
C LEU B 138 -1.00 10.13 6.72
N GLU B 139 -0.07 10.61 5.90
CA GLU B 139 1.22 11.10 6.40
C GLU B 139 1.03 11.90 7.68
N PRO B 140 0.15 12.91 7.66
CA PRO B 140 -0.13 13.73 8.83
C PRO B 140 -0.58 12.88 10.00
N TRP B 141 -1.39 11.86 9.69
CA TRP B 141 -1.88 10.95 10.70
C TRP B 141 -0.74 10.11 11.24
N ILE B 142 0.21 9.81 10.36
CA ILE B 142 1.35 9.00 10.76
C ILE B 142 2.08 9.66 11.90
N GLN B 143 2.68 10.81 11.62
CA GLN B 143 3.41 11.56 12.63
C GLN B 143 2.50 11.95 13.79
N GLU B 144 1.18 11.97 13.54
CA GLU B 144 0.21 12.34 14.55
C GLU B 144 0.19 11.38 15.73
N ASN B 145 0.05 10.09 15.44
CA ASN B 145 -0.03 9.08 16.48
C ASN B 145 1.28 8.36 16.73
N GLY B 146 2.39 9.05 16.46
CA GLY B 146 3.69 8.46 16.69
C GLY B 146 4.55 8.39 15.45
N GLY B 147 3.94 8.13 14.31
CA GLY B 147 4.69 8.05 13.07
C GLY B 147 5.08 6.63 12.69
N TRP B 148 5.96 6.51 11.71
CA TRP B 148 6.44 5.21 11.25
C TRP B 148 7.19 4.47 12.36
N ASP B 149 7.54 5.19 13.42
CA ASP B 149 8.24 4.58 14.55
C ASP B 149 7.27 3.76 15.35
N THR B 150 6.03 4.22 15.40
CA THR B 150 4.99 3.51 16.12
C THR B 150 4.58 2.29 15.32
N PHE B 151 4.26 2.49 14.04
CA PHE B 151 3.88 1.39 13.17
C PHE B 151 4.93 0.29 13.27
N VAL B 152 6.19 0.72 13.39
CA VAL B 152 7.29 -0.21 13.51
C VAL B 152 7.31 -0.83 14.91
N GLU B 153 6.84 -0.07 15.89
CA GLU B 153 6.82 -0.57 17.26
C GLU B 153 5.71 -1.59 17.47
N LEU B 154 4.57 -1.37 16.81
CA LEU B 154 3.44 -2.28 16.93
C LEU B 154 3.44 -3.36 15.85
N TYR B 155 3.97 -3.02 14.67
CA TYR B 155 4.02 -3.95 13.56
C TYR B 155 5.45 -4.30 13.19
N GLY B 156 6.34 -3.32 13.27
CA GLY B 156 7.73 -3.55 12.94
C GLY B 156 8.39 -4.55 13.87
N GLY A 1 -20.32 -3.08 -10.62
CA GLY A 1 -21.11 -2.72 -9.45
C GLY A 1 -20.99 -3.75 -8.34
N GLY A 2 -20.16 -3.47 -7.34
CA GLY A 2 -19.98 -4.38 -6.24
C GLY A 2 -18.59 -4.97 -6.19
N THR A 3 -17.61 -4.24 -6.74
CA THR A 3 -16.23 -4.70 -6.75
C THR A 3 -15.37 -3.85 -5.83
N MET A 4 -15.20 -2.58 -6.20
CA MET A 4 -14.39 -1.66 -5.41
C MET A 4 -14.99 -1.45 -4.03
N GLU A 5 -16.31 -1.27 -3.97
CA GLU A 5 -16.99 -1.08 -2.70
C GLU A 5 -16.76 -2.27 -1.78
N ASN A 6 -17.00 -3.47 -2.31
CA ASN A 6 -16.79 -4.69 -1.53
C ASN A 6 -15.32 -4.84 -1.19
N LEU A 7 -14.46 -4.37 -2.09
CA LEU A 7 -13.01 -4.44 -1.89
C LEU A 7 -12.62 -3.66 -0.64
N SER A 8 -13.03 -2.39 -0.60
CA SER A 8 -12.74 -1.53 0.54
C SER A 8 -13.21 -2.16 1.84
N ARG A 9 -14.42 -2.70 1.82
CA ARG A 9 -14.99 -3.34 3.01
C ARG A 9 -14.06 -4.43 3.52
N ARG A 10 -13.54 -5.24 2.60
CA ARG A 10 -12.62 -6.32 2.95
C ARG A 10 -11.39 -5.77 3.67
N LEU A 11 -10.78 -4.75 3.09
CA LEU A 11 -9.59 -4.13 3.67
C LEU A 11 -9.94 -3.52 5.02
N LYS A 12 -11.10 -2.90 5.10
CA LYS A 12 -11.57 -2.27 6.33
C LYS A 12 -11.53 -3.26 7.49
N VAL A 13 -11.97 -4.49 7.23
CA VAL A 13 -11.99 -5.53 8.25
C VAL A 13 -10.57 -5.91 8.66
N THR A 14 -9.74 -6.26 7.67
CA THR A 14 -8.36 -6.65 7.94
C THR A 14 -7.62 -5.54 8.68
N GLY A 15 -8.02 -4.29 8.42
CA GLY A 15 -7.39 -3.15 9.07
C GLY A 15 -7.69 -3.10 10.56
N ASP A 16 -8.97 -3.19 10.90
CA ASP A 16 -9.39 -3.16 12.30
C ASP A 16 -8.72 -4.27 13.09
N LEU A 17 -8.52 -5.42 12.44
CA LEU A 17 -7.90 -6.57 13.09
C LEU A 17 -6.39 -6.38 13.20
N PHE A 18 -5.79 -5.79 12.16
CA PHE A 18 -4.35 -5.55 12.15
C PHE A 18 -4.04 -4.08 12.37
N ASP A 19 -4.88 -3.41 13.15
CA ASP A 19 -4.70 -1.99 13.44
C ASP A 19 -3.74 -1.80 14.62
N ILE A 20 -4.05 -2.45 15.73
CA ILE A 20 -3.23 -2.35 16.94
C ILE A 20 -3.23 -0.93 17.49
N MET A 21 -2.44 -0.06 16.87
CA MET A 21 -2.34 1.34 17.30
C MET A 21 -1.73 1.45 18.69
N SER A 22 -2.51 1.09 19.70
CA SER A 22 -2.05 1.14 21.09
C SER A 22 -1.51 2.53 21.42
N GLY A 23 -0.84 2.64 22.56
CA GLY A 23 -0.27 3.90 22.98
C GLY A 23 1.03 3.73 23.74
N MET B 1 12.59 13.08 10.99
CA MET B 1 11.47 12.60 10.18
C MET B 1 11.66 12.96 8.71
N SER B 2 10.64 12.72 7.90
CA SER B 2 10.70 13.01 6.49
C SER B 2 11.84 12.24 5.82
N GLN B 3 11.75 10.91 5.87
CA GLN B 3 12.76 10.05 5.26
C GLN B 3 12.33 9.59 3.88
N SER B 4 11.74 10.51 3.12
CA SER B 4 11.28 10.21 1.77
C SER B 4 10.19 9.13 1.80
N ASN B 5 8.94 9.56 1.90
CA ASN B 5 7.82 8.64 1.94
C ASN B 5 7.73 7.83 0.65
N ARG B 6 8.09 8.46 -0.47
CA ARG B 6 8.06 7.79 -1.76
C ARG B 6 8.91 6.54 -1.75
N GLU B 7 10.02 6.59 -1.00
CA GLU B 7 10.91 5.44 -0.90
C GLU B 7 10.16 4.26 -0.33
N LEU B 8 9.22 4.54 0.57
CA LEU B 8 8.40 3.50 1.18
C LEU B 8 7.38 3.00 0.19
N VAL B 9 6.89 3.90 -0.65
CA VAL B 9 5.91 3.54 -1.66
C VAL B 9 6.54 2.69 -2.76
N VAL B 10 7.74 3.09 -3.16
CA VAL B 10 8.49 2.39 -4.20
C VAL B 10 8.95 1.02 -3.70
N ASP B 11 9.39 0.96 -2.45
CA ASP B 11 9.88 -0.28 -1.86
C ASP B 11 8.77 -1.32 -1.78
N PHE B 12 7.73 -1.01 -1.02
CA PHE B 12 6.61 -1.95 -0.87
C PHE B 12 6.07 -2.37 -2.23
N LEU B 13 5.81 -1.39 -3.09
CA LEU B 13 5.29 -1.66 -4.42
C LEU B 13 6.26 -2.57 -5.18
N SER B 14 7.55 -2.31 -5.02
CA SER B 14 8.58 -3.09 -5.69
C SER B 14 8.64 -4.52 -5.15
N TYR B 15 8.51 -4.66 -3.84
CA TYR B 15 8.55 -5.96 -3.19
C TYR B 15 7.35 -6.81 -3.59
N LYS B 16 6.15 -6.31 -3.32
CA LYS B 16 4.93 -7.02 -3.65
C LYS B 16 4.94 -7.48 -5.11
N LEU B 17 5.20 -6.54 -6.00
CA LEU B 17 5.26 -6.85 -7.43
C LEU B 17 6.33 -7.89 -7.71
N SER B 18 7.40 -7.86 -6.92
CA SER B 18 8.49 -8.81 -7.08
C SER B 18 8.06 -10.21 -6.67
N GLN B 19 7.15 -10.28 -5.70
CA GLN B 19 6.64 -11.56 -5.23
C GLN B 19 5.60 -12.11 -6.19
N LYS B 20 4.99 -11.22 -6.96
CA LYS B 20 3.98 -11.62 -7.94
C LYS B 20 4.64 -12.07 -9.24
N GLY B 21 5.84 -11.56 -9.49
CA GLY B 21 6.56 -11.92 -10.70
C GLY B 21 6.82 -10.73 -11.59
N TYR B 22 6.80 -9.53 -11.00
CA TYR B 22 7.04 -8.32 -11.77
C TYR B 22 8.21 -7.52 -11.20
N SER B 23 8.69 -6.53 -11.96
CA SER B 23 9.80 -5.71 -11.52
C SER B 23 9.45 -4.23 -11.56
N TRP B 24 9.72 -3.54 -10.46
CA TRP B 24 9.46 -2.11 -10.35
C TRP B 24 10.33 -1.32 -11.32
N SER B 25 11.63 -1.56 -11.26
CA SER B 25 12.59 -0.87 -12.13
C SER B 25 12.25 -1.06 -13.60
N GLN B 26 11.50 -2.12 -13.90
CA GLN B 26 11.12 -2.41 -15.28
C GLN B 26 10.14 -1.37 -15.82
N PHE B 27 9.28 -0.85 -14.95
CA PHE B 27 8.29 0.14 -15.36
C PHE B 27 8.09 1.19 -14.26
N SER B 28 9.16 1.85 -13.88
CA SER B 28 9.10 2.88 -12.84
C SER B 28 9.39 4.25 -13.44
N ASP B 29 8.37 5.12 -13.47
CA ASP B 29 8.53 6.46 -14.01
C ASP B 29 9.59 7.24 -13.25
N VAL B 30 9.79 6.88 -11.99
CA VAL B 30 10.78 7.54 -11.16
C VAL B 30 12.20 7.21 -11.60
N GLU B 31 12.50 5.92 -11.73
CA GLU B 31 13.82 5.46 -12.15
C GLU B 31 14.93 6.28 -11.50
N GLU B 32 14.68 6.75 -10.28
CA GLU B 32 15.66 7.55 -9.56
C GLU B 32 16.23 6.77 -8.38
N ASN B 33 15.42 5.87 -7.82
CA ASN B 33 15.86 5.06 -6.69
C ASN B 33 15.59 3.58 -6.93
N ARG B 34 16.49 2.93 -7.66
CA ARG B 34 16.36 1.51 -7.96
C ARG B 34 17.42 0.70 -7.24
N THR B 35 17.90 1.22 -6.12
CA THR B 35 18.93 0.54 -5.33
C THR B 35 18.44 0.32 -3.90
N GLU B 36 17.92 1.38 -3.28
CA GLU B 36 17.43 1.30 -1.92
C GLU B 36 18.55 0.96 -0.95
N ALA B 37 18.65 1.76 0.11
CA ALA B 37 19.69 1.57 1.12
C ALA B 37 19.82 0.10 1.52
N PRO B 38 21.00 -0.29 2.03
CA PRO B 38 21.25 -1.67 2.45
C PRO B 38 20.58 -1.98 3.77
N GLU B 39 21.10 -1.40 4.84
CA GLU B 39 20.55 -1.60 6.18
C GLU B 39 21.06 -0.55 7.15
N GLY B 40 20.27 -0.26 8.17
CA GLY B 40 20.65 0.73 9.16
C GLY B 40 20.15 2.12 8.81
N THR B 41 19.27 2.19 7.81
CA THR B 41 18.71 3.45 7.38
C THR B 41 17.30 3.64 7.93
N GLU B 42 17.01 4.84 8.42
CA GLU B 42 15.70 5.15 8.99
C GLU B 42 14.59 4.69 8.05
N SER B 43 14.65 5.14 6.80
CA SER B 43 13.66 4.77 5.81
C SER B 43 13.66 3.26 5.63
N GLU B 44 14.82 2.65 5.79
CA GLU B 44 14.97 1.21 5.64
C GLU B 44 14.05 0.46 6.61
N ALA B 45 14.21 0.76 7.90
CA ALA B 45 13.40 0.12 8.93
C ALA B 45 11.92 0.35 8.68
N VAL B 46 11.57 1.54 8.21
CA VAL B 46 10.19 1.87 7.91
C VAL B 46 9.59 0.89 6.91
N LYS B 47 10.31 0.65 5.82
CA LYS B 47 9.85 -0.28 4.79
C LYS B 47 9.66 -1.66 5.39
N GLN B 48 10.56 -2.04 6.29
CA GLN B 48 10.48 -3.35 6.95
C GLN B 48 9.13 -3.53 7.63
N ALA B 49 8.70 -2.49 8.34
CA ALA B 49 7.41 -2.53 9.04
C ALA B 49 6.27 -2.69 8.05
N LEU B 50 6.33 -1.96 6.95
CA LEU B 50 5.30 -2.03 5.92
C LEU B 50 5.34 -3.37 5.20
N ARG B 51 6.54 -3.90 5.02
CA ARG B 51 6.73 -5.18 4.34
C ARG B 51 6.22 -6.32 5.21
N GLU B 52 6.56 -6.26 6.50
CA GLU B 52 6.12 -7.27 7.45
C GLU B 52 4.63 -7.16 7.72
N ALA B 53 4.15 -5.92 7.83
CA ALA B 53 2.74 -5.66 8.08
C ALA B 53 1.91 -5.99 6.85
N GLY B 54 2.33 -5.48 5.70
CA GLY B 54 1.61 -5.74 4.47
C GLY B 54 1.52 -7.22 4.16
N ASP B 55 2.60 -7.95 4.44
CA ASP B 55 2.64 -9.38 4.20
C ASP B 55 1.59 -10.09 5.04
N GLU B 56 1.64 -9.87 6.36
CA GLU B 56 0.68 -10.49 7.27
C GLU B 56 -0.74 -10.03 6.94
N PHE B 57 -0.87 -8.79 6.49
CA PHE B 57 -2.16 -8.23 6.14
C PHE B 57 -2.78 -9.00 4.98
N GLU B 58 -1.95 -9.37 4.02
CA GLU B 58 -2.41 -10.12 2.85
C GLU B 58 -2.88 -11.51 3.25
N LEU B 59 -2.07 -12.19 4.06
CA LEU B 59 -2.41 -13.53 4.53
C LEU B 59 -3.72 -13.53 5.29
N ARG B 60 -3.85 -12.61 6.25
CA ARG B 60 -5.06 -12.51 7.05
C ARG B 60 -6.26 -12.18 6.16
N TYR B 61 -6.04 -11.33 5.17
CA TYR B 61 -7.10 -10.94 4.24
C TYR B 61 -7.53 -12.12 3.39
N ARG B 62 -6.57 -12.82 2.81
CA ARG B 62 -6.86 -13.99 1.97
C ARG B 62 -7.37 -15.15 2.81
N ARG B 63 -6.97 -15.18 4.08
CA ARG B 63 -7.40 -16.23 4.99
C ARG B 63 -8.86 -16.04 5.41
N ALA B 64 -9.29 -14.79 5.46
CA ALA B 64 -10.66 -14.47 5.84
C ALA B 64 -11.57 -14.38 4.61
N PHE B 65 -11.19 -13.51 3.67
CA PHE B 65 -11.97 -13.34 2.45
C PHE B 65 -11.31 -14.06 1.28
N SER B 66 -10.32 -13.41 0.68
CA SER B 66 -9.60 -13.99 -0.47
C SER B 66 -8.50 -13.05 -0.94
N ASP B 67 -7.93 -13.35 -2.10
CA ASP B 67 -6.87 -12.53 -2.66
C ASP B 67 -7.35 -11.10 -2.88
N LEU B 68 -6.50 -10.27 -3.48
CA LEU B 68 -6.85 -8.88 -3.73
C LEU B 68 -6.90 -8.59 -5.23
N THR B 69 -5.94 -9.14 -5.96
CA THR B 69 -5.86 -8.94 -7.40
C THR B 69 -6.94 -9.73 -8.13
N SER B 70 -7.31 -10.88 -7.57
CA SER B 70 -8.34 -11.73 -8.18
C SER B 70 -9.73 -11.38 -7.67
N GLN B 71 -9.86 -10.22 -7.02
CA GLN B 71 -11.15 -9.78 -6.50
C GLN B 71 -11.58 -8.44 -7.09
N LEU B 72 -10.68 -7.80 -7.83
CA LEU B 72 -10.97 -6.52 -8.45
C LEU B 72 -10.59 -6.52 -9.93
N HIS B 73 -10.74 -5.37 -10.59
CA HIS B 73 -10.40 -5.25 -12.00
C HIS B 73 -10.22 -3.79 -12.40
N ILE B 74 -8.97 -3.40 -12.60
CA ILE B 74 -8.66 -2.03 -13.01
C ILE B 74 -8.38 -1.96 -14.50
N THR B 75 -8.65 -0.82 -15.10
CA THR B 75 -8.43 -0.63 -16.52
C THR B 75 -7.83 0.75 -16.80
N PRO B 76 -7.31 0.97 -18.01
CA PRO B 76 -6.72 2.27 -18.39
C PRO B 76 -7.76 3.39 -18.41
N GLY B 77 -8.33 3.68 -17.26
CA GLY B 77 -9.34 4.73 -17.18
C GLY B 77 -10.07 4.73 -15.85
N THR B 78 -10.21 3.56 -15.23
CA THR B 78 -10.90 3.45 -13.95
C THR B 78 -9.95 3.07 -12.82
N ALA B 79 -8.65 3.09 -13.11
CA ALA B 79 -7.64 2.75 -12.10
C ALA B 79 -7.59 3.82 -11.02
N TYR B 80 -7.62 5.08 -11.45
CA TYR B 80 -7.57 6.21 -10.52
C TYR B 80 -8.84 6.27 -9.67
N GLN B 81 -9.94 5.77 -10.22
CA GLN B 81 -11.21 5.76 -9.50
C GLN B 81 -11.29 4.56 -8.58
N SER B 82 -10.89 3.41 -9.10
CA SER B 82 -10.92 2.17 -8.34
C SER B 82 -10.05 2.33 -7.10
N PHE B 83 -8.89 2.95 -7.26
CA PHE B 83 -7.97 3.18 -6.15
C PHE B 83 -8.54 4.21 -5.18
N GLU B 84 -8.90 5.36 -5.72
CA GLU B 84 -9.47 6.45 -4.92
C GLU B 84 -10.71 5.96 -4.18
N GLN B 85 -11.47 5.08 -4.82
CA GLN B 85 -12.68 4.54 -4.25
C GLN B 85 -12.40 3.60 -3.08
N VAL B 86 -11.35 2.80 -3.21
CA VAL B 86 -10.99 1.85 -2.17
C VAL B 86 -10.30 2.57 -1.01
N VAL B 87 -9.48 3.58 -1.34
CA VAL B 87 -8.78 4.32 -0.33
C VAL B 87 -9.73 5.24 0.42
N ASN B 88 -10.77 5.70 -0.26
CA ASN B 88 -11.74 6.58 0.35
C ASN B 88 -12.62 5.82 1.34
N GLU B 89 -13.32 4.81 0.84
CA GLU B 89 -14.19 4.00 1.68
C GLU B 89 -13.41 3.32 2.80
N LEU B 90 -12.15 3.03 2.53
CA LEU B 90 -11.28 2.38 3.50
C LEU B 90 -10.95 3.33 4.65
N PHE B 91 -10.65 4.58 4.32
CA PHE B 91 -10.31 5.58 5.32
C PHE B 91 -11.52 6.48 5.60
N ARG B 92 -12.69 6.07 5.10
CA ARG B 92 -13.91 6.84 5.32
C ARG B 92 -14.41 6.60 6.74
N ASP B 93 -14.28 5.37 7.20
CA ASP B 93 -14.70 5.01 8.55
C ASP B 93 -13.70 5.54 9.56
N GLY B 94 -12.48 5.84 9.09
CA GLY B 94 -11.46 6.36 9.98
C GLY B 94 -10.08 5.83 9.68
N VAL B 95 -9.14 6.73 9.42
CA VAL B 95 -7.77 6.35 9.13
C VAL B 95 -7.13 5.64 10.32
N ASN B 96 -6.03 4.94 10.06
CA ASN B 96 -5.31 4.19 11.11
C ASN B 96 -4.33 3.20 10.48
N TRP B 97 -3.36 2.73 11.28
CA TRP B 97 -2.36 1.78 10.78
C TRP B 97 -3.03 0.68 9.96
N GLY B 98 -4.05 0.06 10.53
CA GLY B 98 -4.76 -1.00 9.84
C GLY B 98 -5.22 -0.59 8.45
N ARG B 99 -5.79 0.61 8.35
CA ARG B 99 -6.25 1.12 7.07
C ARG B 99 -5.07 1.38 6.14
N ILE B 100 -3.95 1.79 6.73
CA ILE B 100 -2.74 2.06 5.98
C ILE B 100 -2.06 0.77 5.54
N VAL B 101 -2.15 -0.25 6.37
CA VAL B 101 -1.55 -1.54 6.04
C VAL B 101 -2.19 -2.08 4.77
N ALA B 102 -3.49 -1.86 4.66
CA ALA B 102 -4.24 -2.30 3.49
C ALA B 102 -4.06 -1.32 2.35
N PHE B 103 -3.96 -0.04 2.67
CA PHE B 103 -3.75 0.98 1.65
C PHE B 103 -2.50 0.64 0.84
N PHE B 104 -1.47 0.22 1.54
CA PHE B 104 -0.21 -0.16 0.90
C PHE B 104 -0.35 -1.51 0.19
N SER B 105 -1.04 -2.45 0.84
CA SER B 105 -1.24 -3.78 0.26
C SER B 105 -2.06 -3.68 -1.03
N PHE B 106 -3.02 -2.78 -1.03
CA PHE B 106 -3.88 -2.57 -2.19
C PHE B 106 -3.10 -1.91 -3.32
N GLY B 107 -2.27 -0.93 -2.98
CA GLY B 107 -1.48 -0.24 -3.98
C GLY B 107 -0.64 -1.21 -4.79
N GLY B 108 0.14 -2.04 -4.11
CA GLY B 108 0.97 -3.01 -4.78
C GLY B 108 0.14 -3.99 -5.58
N ALA B 109 -0.99 -4.39 -5.02
CA ALA B 109 -1.89 -5.33 -5.67
C ALA B 109 -2.40 -4.76 -7.00
N LEU B 110 -2.79 -3.49 -6.99
CA LEU B 110 -3.29 -2.83 -8.20
C LEU B 110 -2.25 -2.88 -9.30
N CYS B 111 -1.02 -2.50 -8.95
CA CYS B 111 0.07 -2.50 -9.92
C CYS B 111 0.22 -3.87 -10.56
N VAL B 112 0.11 -4.91 -9.74
CA VAL B 112 0.22 -6.28 -10.24
C VAL B 112 -0.95 -6.62 -11.15
N GLU B 113 -2.13 -6.12 -10.78
CA GLU B 113 -3.33 -6.37 -11.57
C GLU B 113 -3.25 -5.69 -12.93
N SER B 114 -2.74 -4.46 -12.95
CA SER B 114 -2.61 -3.70 -14.18
C SER B 114 -1.49 -4.28 -15.04
N VAL B 115 -0.44 -4.75 -14.38
CA VAL B 115 0.69 -5.32 -15.08
C VAL B 115 0.33 -6.71 -15.61
N ASP B 116 -0.51 -7.41 -14.86
CA ASP B 116 -0.94 -8.74 -15.25
C ASP B 116 -1.92 -8.66 -16.42
N LYS B 117 -2.68 -7.57 -16.47
CA LYS B 117 -3.65 -7.35 -17.53
C LYS B 117 -2.99 -6.75 -18.76
N GLU B 118 -2.65 -5.47 -18.68
CA GLU B 118 -2.01 -4.76 -19.79
C GLU B 118 -1.97 -3.26 -19.53
N MET B 119 -1.56 -2.88 -18.32
CA MET B 119 -1.46 -1.48 -17.94
C MET B 119 -0.30 -1.26 -16.99
N GLN B 120 0.88 -1.77 -17.36
CA GLN B 120 2.08 -1.61 -16.54
C GLN B 120 2.22 -0.16 -16.12
N VAL B 121 1.70 0.72 -16.96
CA VAL B 121 1.75 2.16 -16.72
C VAL B 121 1.10 2.51 -15.38
N LEU B 122 0.02 1.81 -15.07
CA LEU B 122 -0.71 2.04 -13.83
C LEU B 122 0.19 1.84 -12.61
N VAL B 123 1.30 1.14 -12.78
CA VAL B 123 2.21 0.92 -11.68
C VAL B 123 2.76 2.26 -11.21
N SER B 124 3.23 3.06 -12.17
CA SER B 124 3.76 4.39 -11.88
C SER B 124 2.64 5.36 -11.53
N ARG B 125 1.50 5.21 -12.20
CA ARG B 125 0.36 6.08 -11.95
C ARG B 125 -0.14 5.87 -10.53
N ILE B 126 -0.39 4.63 -10.17
CA ILE B 126 -0.83 4.29 -8.83
C ILE B 126 0.29 4.63 -7.86
N ALA B 127 1.53 4.45 -8.32
CA ALA B 127 2.69 4.75 -7.50
C ALA B 127 2.65 6.21 -7.04
N ALA B 128 2.08 7.07 -7.89
CA ALA B 128 1.99 8.48 -7.57
C ALA B 128 0.73 8.78 -6.76
N TRP B 129 -0.30 7.96 -6.94
CA TRP B 129 -1.54 8.15 -6.19
C TRP B 129 -1.33 7.69 -4.75
N MET B 130 -0.59 6.61 -4.61
CA MET B 130 -0.30 6.04 -3.32
C MET B 130 0.66 6.92 -2.54
N ALA B 131 1.80 7.23 -3.15
CA ALA B 131 2.80 8.08 -2.50
C ALA B 131 2.24 9.46 -2.19
N THR B 132 1.38 9.94 -3.08
CA THR B 132 0.76 11.26 -2.90
C THR B 132 -0.35 11.19 -1.86
N TYR B 133 -1.21 10.19 -1.97
CA TYR B 133 -2.30 10.02 -1.01
C TYR B 133 -1.73 9.64 0.34
N LEU B 134 -0.56 8.99 0.32
CA LEU B 134 0.11 8.57 1.53
C LEU B 134 0.70 9.75 2.28
N ASN B 135 1.39 10.61 1.54
CA ASN B 135 2.04 11.79 2.12
C ASN B 135 1.04 12.88 2.49
N ASP B 136 -0.11 12.89 1.85
CA ASP B 136 -1.11 13.93 2.11
C ASP B 136 -2.25 13.45 3.02
N HIS B 137 -2.66 12.20 2.88
CA HIS B 137 -3.77 11.69 3.68
C HIS B 137 -3.32 10.89 4.91
N LEU B 138 -2.27 10.09 4.77
CA LEU B 138 -1.79 9.27 5.88
C LEU B 138 -0.71 10.00 6.69
N GLU B 139 0.30 10.50 5.98
CA GLU B 139 1.42 11.20 6.63
C GLU B 139 0.98 11.96 7.88
N PRO B 140 0.01 12.89 7.76
CA PRO B 140 -0.48 13.66 8.90
C PRO B 140 -0.91 12.77 10.05
N TRP B 141 -1.65 11.71 9.72
CA TRP B 141 -2.11 10.77 10.72
C TRP B 141 -0.93 10.00 11.31
N ILE B 142 0.03 9.72 10.45
CA ILE B 142 1.22 8.99 10.86
C ILE B 142 1.92 9.73 11.99
N GLN B 143 2.43 10.91 11.68
CA GLN B 143 3.12 11.72 12.69
C GLN B 143 2.19 12.04 13.86
N GLU B 144 0.89 11.99 13.61
CA GLU B 144 -0.10 12.26 14.64
C GLU B 144 0.07 11.36 15.85
N ASN B 145 0.07 10.05 15.61
CA ASN B 145 0.19 9.09 16.72
C ASN B 145 1.63 8.63 16.90
N GLY B 146 2.57 9.46 16.50
CA GLY B 146 3.97 9.13 16.66
C GLY B 146 4.72 9.06 15.34
N GLY B 147 4.08 8.53 14.31
CA GLY B 147 4.72 8.44 13.01
C GLY B 147 5.14 7.02 12.65
N TRP B 148 5.99 6.93 11.62
CA TRP B 148 6.48 5.63 11.15
C TRP B 148 7.25 4.91 12.25
N ASP B 149 7.63 5.64 13.30
CA ASP B 149 8.35 5.06 14.41
C ASP B 149 7.39 4.22 15.21
N THR B 150 6.14 4.67 15.26
CA THR B 150 5.11 3.95 15.97
C THR B 150 4.75 2.69 15.21
N PHE B 151 4.59 2.83 13.89
CA PHE B 151 4.26 1.67 13.07
C PHE B 151 5.30 0.59 13.31
N VAL B 152 6.56 1.01 13.43
CA VAL B 152 7.65 0.09 13.69
C VAL B 152 7.56 -0.42 15.12
N GLU B 153 6.98 0.38 16.00
CA GLU B 153 6.83 0.00 17.41
C GLU B 153 5.88 -1.18 17.56
N LEU B 154 4.76 -1.11 16.86
CA LEU B 154 3.74 -2.14 16.95
C LEU B 154 3.90 -3.23 15.88
N TYR B 155 4.38 -2.84 14.71
CA TYR B 155 4.56 -3.80 13.62
C TYR B 155 6.02 -4.23 13.48
N GLY B 156 6.94 -3.42 14.00
CA GLY B 156 8.35 -3.75 13.92
C GLY B 156 8.84 -4.51 15.14
N GLY A 1 -19.86 -0.92 -7.14
CA GLY A 1 -20.96 -1.34 -6.30
C GLY A 1 -20.60 -2.53 -5.43
N GLY A 2 -20.06 -3.57 -6.07
CA GLY A 2 -19.68 -4.78 -5.35
C GLY A 2 -18.27 -5.23 -5.67
N THR A 3 -17.42 -4.27 -6.05
CA THR A 3 -16.03 -4.58 -6.39
C THR A 3 -15.08 -3.75 -5.54
N MET A 4 -15.09 -2.44 -5.75
CA MET A 4 -14.22 -1.54 -5.00
C MET A 4 -14.72 -1.37 -3.57
N GLU A 5 -15.99 -1.04 -3.41
CA GLU A 5 -16.59 -0.85 -2.10
C GLU A 5 -16.42 -2.10 -1.24
N ASN A 6 -16.79 -3.25 -1.80
CA ASN A 6 -16.67 -4.52 -1.07
C ASN A 6 -15.22 -4.82 -0.74
N LEU A 7 -14.33 -4.55 -1.68
CA LEU A 7 -12.90 -4.79 -1.49
C LEU A 7 -12.39 -3.99 -0.29
N SER A 8 -12.55 -2.68 -0.35
CA SER A 8 -12.12 -1.80 0.73
C SER A 8 -12.72 -2.24 2.06
N ARG A 9 -13.94 -2.75 2.01
CA ARG A 9 -14.63 -3.21 3.21
C ARG A 9 -13.85 -4.35 3.87
N ARG A 10 -13.37 -5.27 3.04
CA ARG A 10 -12.61 -6.41 3.55
C ARG A 10 -11.31 -5.94 4.20
N LEU A 11 -10.63 -5.00 3.55
CA LEU A 11 -9.37 -4.48 4.08
C LEU A 11 -9.63 -3.64 5.33
N LYS A 12 -10.73 -2.90 5.32
CA LYS A 12 -11.10 -2.05 6.45
C LYS A 12 -11.23 -2.88 7.72
N VAL A 13 -11.89 -4.03 7.63
CA VAL A 13 -12.07 -4.91 8.77
C VAL A 13 -10.74 -5.55 9.17
N THR A 14 -9.94 -5.91 8.18
CA THR A 14 -8.64 -6.51 8.44
C THR A 14 -7.73 -5.50 9.13
N GLY A 15 -7.91 -4.22 8.79
CA GLY A 15 -7.11 -3.18 9.39
C GLY A 15 -7.43 -2.99 10.85
N ASP A 16 -8.73 -2.95 11.17
CA ASP A 16 -9.17 -2.79 12.54
C ASP A 16 -8.67 -3.93 13.42
N LEU A 17 -8.64 -5.13 12.84
CA LEU A 17 -8.17 -6.32 13.55
C LEU A 17 -6.66 -6.31 13.68
N PHE A 18 -5.97 -5.93 12.60
CA PHE A 18 -4.52 -5.88 12.58
C PHE A 18 -4.01 -4.53 13.07
N ASP A 19 -4.91 -3.67 13.54
CA ASP A 19 -4.55 -2.35 14.04
C ASP A 19 -3.76 -2.47 15.33
N ILE A 20 -4.45 -2.87 16.40
CA ILE A 20 -3.83 -3.02 17.70
C ILE A 20 -3.20 -1.71 18.18
N MET A 21 -3.00 -1.61 19.49
CA MET A 21 -2.40 -0.42 20.08
C MET A 21 -1.25 -0.77 21.01
N SER A 22 -1.38 -1.89 21.72
CA SER A 22 -0.35 -2.34 22.64
C SER A 22 -0.18 -3.85 22.57
N GLY A 23 0.55 -4.41 23.53
CA GLY A 23 0.77 -5.84 23.55
C GLY A 23 2.11 -6.24 22.94
N MET B 1 7.93 17.25 8.53
CA MET B 1 7.11 16.37 7.71
C MET B 1 7.84 15.97 6.43
N SER B 2 7.22 15.08 5.66
CA SER B 2 7.82 14.61 4.41
C SER B 2 9.16 13.92 4.67
N GLN B 3 9.11 12.80 5.37
CA GLN B 3 10.32 12.04 5.70
C GLN B 3 10.86 11.34 4.46
N SER B 4 10.11 10.36 3.98
CA SER B 4 10.51 9.60 2.80
C SER B 4 9.45 8.55 2.45
N ASN B 5 8.19 8.98 2.44
CA ASN B 5 7.09 8.09 2.13
C ASN B 5 7.22 7.49 0.73
N ARG B 6 7.80 8.28 -0.19
CA ARG B 6 7.99 7.82 -1.56
C ARG B 6 8.93 6.63 -1.62
N GLU B 7 10.01 6.68 -0.86
CA GLU B 7 10.96 5.58 -0.83
C GLU B 7 10.25 4.31 -0.38
N LEU B 8 9.27 4.47 0.50
CA LEU B 8 8.49 3.35 1.00
C LEU B 8 7.53 2.89 -0.08
N VAL B 9 7.06 3.83 -0.88
CA VAL B 9 6.14 3.53 -1.97
C VAL B 9 6.86 2.78 -3.08
N VAL B 10 8.06 3.26 -3.40
CA VAL B 10 8.88 2.66 -4.43
C VAL B 10 9.34 1.26 -4.02
N ASP B 11 9.81 1.14 -2.78
CA ASP B 11 10.28 -0.14 -2.26
C ASP B 11 9.12 -1.11 -2.04
N PHE B 12 8.09 -0.65 -1.33
CA PHE B 12 6.93 -1.48 -1.05
C PHE B 12 6.37 -2.06 -2.34
N LEU B 13 5.87 -1.19 -3.21
CA LEU B 13 5.31 -1.61 -4.49
C LEU B 13 6.30 -2.49 -5.24
N SER B 14 7.58 -2.14 -5.13
CA SER B 14 8.64 -2.89 -5.81
C SER B 14 8.79 -4.30 -5.23
N TYR B 15 8.66 -4.44 -3.92
CA TYR B 15 8.80 -5.74 -3.28
C TYR B 15 7.58 -6.61 -3.55
N LYS B 16 6.40 -6.11 -3.23
CA LYS B 16 5.17 -6.86 -3.44
C LYS B 16 5.12 -7.36 -4.88
N LEU B 17 5.35 -6.45 -5.82
CA LEU B 17 5.34 -6.81 -7.24
C LEU B 17 6.40 -7.88 -7.52
N SER B 18 7.54 -7.76 -6.87
CA SER B 18 8.62 -8.73 -7.06
C SER B 18 8.19 -10.09 -6.51
N GLN B 19 7.29 -10.07 -5.53
CA GLN B 19 6.78 -11.30 -4.93
C GLN B 19 5.73 -11.93 -5.85
N LYS B 20 5.08 -11.10 -6.65
CA LYS B 20 4.06 -11.58 -7.59
C LYS B 20 4.72 -12.16 -8.83
N GLY B 21 5.92 -11.68 -9.13
CA GLY B 21 6.64 -12.16 -10.30
C GLY B 21 6.95 -11.05 -11.29
N TYR B 22 6.89 -9.80 -10.82
CA TYR B 22 7.16 -8.66 -11.69
C TYR B 22 8.41 -7.92 -11.21
N SER B 23 8.69 -6.78 -11.85
CA SER B 23 9.85 -5.98 -11.50
C SER B 23 9.51 -4.50 -11.49
N TRP B 24 9.98 -3.80 -10.46
CA TRP B 24 9.71 -2.37 -10.31
C TRP B 24 10.39 -1.58 -11.45
N SER B 25 11.71 -1.63 -11.48
CA SER B 25 12.47 -0.92 -12.50
C SER B 25 11.99 -1.26 -13.90
N GLN B 26 11.39 -2.44 -14.05
CA GLN B 26 10.88 -2.88 -15.34
C GLN B 26 9.81 -1.92 -15.85
N PHE B 27 9.06 -1.33 -14.94
CA PHE B 27 8.00 -0.40 -15.30
C PHE B 27 7.97 0.80 -14.35
N SER B 28 9.14 1.18 -13.83
CA SER B 28 9.24 2.30 -12.92
C SER B 28 10.27 3.32 -13.41
N ASP B 29 9.80 4.39 -14.03
CA ASP B 29 10.68 5.43 -14.54
C ASP B 29 11.52 6.03 -13.42
N VAL B 30 11.06 5.84 -12.17
CA VAL B 30 11.77 6.36 -11.00
C VAL B 30 13.05 5.57 -10.72
N GLU B 31 13.30 4.52 -11.50
CA GLU B 31 14.48 3.68 -11.33
C GLU B 31 14.67 3.28 -9.88
N GLU B 32 13.61 2.69 -9.30
CA GLU B 32 13.64 2.24 -7.91
C GLU B 32 14.24 3.30 -6.99
N ASN B 33 13.66 4.48 -7.05
CA ASN B 33 14.11 5.61 -6.24
C ASN B 33 15.25 6.37 -6.92
N ARG B 34 15.54 7.56 -6.40
CA ARG B 34 16.60 8.39 -6.96
C ARG B 34 17.87 8.31 -6.10
N THR B 35 17.69 8.00 -4.83
CA THR B 35 18.82 7.90 -3.90
C THR B 35 18.85 6.54 -3.22
N GLU B 36 17.73 6.16 -2.60
CA GLU B 36 17.64 4.88 -1.90
C GLU B 36 18.62 4.81 -0.74
N ALA B 37 18.13 4.37 0.40
CA ALA B 37 18.95 4.25 1.60
C ALA B 37 20.16 3.35 1.35
N PRO B 38 21.36 3.78 1.81
CA PRO B 38 22.59 3.00 1.64
C PRO B 38 22.50 1.67 2.35
N GLU B 39 22.05 1.71 3.60
CA GLU B 39 21.91 0.51 4.41
C GLU B 39 20.67 0.59 5.30
N GLY B 40 20.51 -0.40 6.17
CA GLY B 40 19.35 -0.43 7.06
C GLY B 40 19.25 0.81 7.92
N THR B 41 18.76 1.90 7.33
CA THR B 41 18.61 3.16 8.03
C THR B 41 17.21 3.29 8.65
N GLU B 42 16.91 4.49 9.14
CA GLU B 42 15.61 4.75 9.78
C GLU B 42 14.47 4.52 8.79
N SER B 43 14.50 5.23 7.68
CA SER B 43 13.47 5.09 6.65
C SER B 43 13.42 3.66 6.15
N GLU B 44 14.57 3.00 6.19
CA GLU B 44 14.70 1.63 5.76
C GLU B 44 13.88 0.72 6.66
N ALA B 45 14.00 0.91 7.97
CA ALA B 45 13.25 0.12 8.93
C ALA B 45 11.76 0.36 8.75
N VAL B 46 11.41 1.59 8.35
CA VAL B 46 10.01 1.94 8.12
C VAL B 46 9.45 1.08 6.99
N LYS B 47 10.12 1.09 5.85
CA LYS B 47 9.69 0.30 4.70
C LYS B 47 9.71 -1.18 5.07
N GLN B 48 10.66 -1.55 5.93
CA GLN B 48 10.80 -2.92 6.39
C GLN B 48 9.53 -3.38 7.10
N ALA B 49 9.01 -2.52 7.97
CA ALA B 49 7.79 -2.84 8.71
C ALA B 49 6.60 -2.94 7.77
N LEU B 50 6.56 -2.07 6.77
CA LEU B 50 5.47 -2.07 5.80
C LEU B 50 5.52 -3.33 4.95
N ARG B 51 6.73 -3.76 4.61
CA ARG B 51 6.91 -4.98 3.80
C ARG B 51 6.37 -6.19 4.55
N GLU B 52 6.72 -6.30 5.82
CA GLU B 52 6.27 -7.41 6.65
C GLU B 52 4.79 -7.28 6.96
N ALA B 53 4.35 -6.05 7.20
CA ALA B 53 2.95 -5.78 7.49
C ALA B 53 2.06 -6.11 6.30
N GLY B 54 2.51 -5.69 5.12
CA GLY B 54 1.75 -5.95 3.92
C GLY B 54 1.64 -7.43 3.62
N ASP B 55 2.75 -8.16 3.81
CA ASP B 55 2.77 -9.59 3.58
C ASP B 55 1.74 -10.30 4.46
N GLU B 56 1.67 -9.87 5.72
CA GLU B 56 0.74 -10.45 6.67
C GLU B 56 -0.68 -9.98 6.39
N PHE B 57 -0.81 -8.70 6.03
CA PHE B 57 -2.11 -8.12 5.73
C PHE B 57 -2.77 -8.85 4.57
N GLU B 58 -1.99 -9.13 3.53
CA GLU B 58 -2.48 -9.82 2.35
C GLU B 58 -2.71 -11.31 2.66
N LEU B 59 -1.76 -11.93 3.35
CA LEU B 59 -1.87 -13.33 3.70
C LEU B 59 -3.12 -13.58 4.54
N ARG B 60 -3.26 -12.84 5.63
CA ARG B 60 -4.42 -12.97 6.50
C ARG B 60 -5.69 -12.59 5.75
N TYR B 61 -5.56 -11.63 4.84
CA TYR B 61 -6.70 -11.18 4.04
C TYR B 61 -7.19 -12.28 3.12
N ARG B 62 -6.25 -13.00 2.52
CA ARG B 62 -6.58 -14.10 1.61
C ARG B 62 -7.17 -15.28 2.38
N ARG B 63 -6.55 -15.61 3.50
CA ARG B 63 -7.00 -16.72 4.33
C ARG B 63 -8.38 -16.43 4.92
N ALA B 64 -8.67 -15.15 5.12
CA ALA B 64 -9.95 -14.74 5.69
C ALA B 64 -11.00 -14.58 4.60
N PHE B 65 -10.62 -13.93 3.50
CA PHE B 65 -11.53 -13.71 2.40
C PHE B 65 -10.95 -14.24 1.08
N SER B 66 -9.99 -13.49 0.53
CA SER B 66 -9.34 -13.88 -0.71
C SER B 66 -8.34 -12.83 -1.16
N ASP B 67 -7.71 -13.05 -2.31
CA ASP B 67 -6.73 -12.12 -2.84
C ASP B 67 -7.35 -10.75 -3.06
N LEU B 68 -6.52 -9.74 -3.28
CA LEU B 68 -6.98 -8.38 -3.51
C LEU B 68 -7.09 -8.08 -5.00
N THR B 69 -6.20 -8.68 -5.78
CA THR B 69 -6.20 -8.48 -7.23
C THR B 69 -7.27 -9.32 -7.90
N SER B 70 -7.58 -10.47 -7.31
CA SER B 70 -8.58 -11.38 -7.86
C SER B 70 -9.99 -10.98 -7.42
N GLN B 71 -10.10 -9.86 -6.71
CA GLN B 71 -11.40 -9.38 -6.23
C GLN B 71 -11.86 -8.17 -7.04
N LEU B 72 -10.91 -7.32 -7.41
CA LEU B 72 -11.21 -6.13 -8.19
C LEU B 72 -10.84 -6.31 -9.66
N HIS B 73 -11.04 -5.27 -10.45
CA HIS B 73 -10.73 -5.32 -11.88
C HIS B 73 -10.43 -3.93 -12.43
N ILE B 74 -9.19 -3.48 -12.25
CA ILE B 74 -8.77 -2.17 -12.74
C ILE B 74 -8.54 -2.19 -14.24
N THR B 75 -8.76 -1.04 -14.87
CA THR B 75 -8.56 -0.92 -16.31
C THR B 75 -7.82 0.38 -16.64
N PRO B 76 -7.45 0.58 -17.91
CA PRO B 76 -6.73 1.79 -18.34
C PRO B 76 -7.54 3.07 -18.11
N GLY B 77 -8.83 2.92 -17.81
CA GLY B 77 -9.67 4.08 -17.59
C GLY B 77 -10.42 4.04 -16.27
N THR B 78 -10.07 3.11 -15.38
CA THR B 78 -10.75 3.01 -14.09
C THR B 78 -9.77 2.68 -12.97
N ALA B 79 -8.48 2.81 -13.24
CA ALA B 79 -7.46 2.53 -12.24
C ALA B 79 -7.46 3.62 -11.17
N TYR B 80 -7.41 4.86 -11.62
CA TYR B 80 -7.41 6.01 -10.70
C TYR B 80 -8.72 6.07 -9.93
N GLN B 81 -9.78 5.53 -10.53
CA GLN B 81 -11.09 5.52 -9.89
C GLN B 81 -11.15 4.43 -8.84
N SER B 82 -10.72 3.24 -9.21
CA SER B 82 -10.71 2.11 -8.30
C SER B 82 -9.85 2.43 -7.08
N PHE B 83 -8.75 3.12 -7.31
CA PHE B 83 -7.83 3.48 -6.25
C PHE B 83 -8.47 4.51 -5.31
N GLU B 84 -9.13 5.51 -5.88
CA GLU B 84 -9.77 6.56 -5.10
C GLU B 84 -10.88 5.99 -4.24
N GLN B 85 -11.65 5.09 -4.83
CA GLN B 85 -12.77 4.48 -4.15
C GLN B 85 -12.31 3.57 -3.01
N VAL B 86 -11.17 2.93 -3.20
CA VAL B 86 -10.63 2.04 -2.18
C VAL B 86 -9.96 2.84 -1.07
N VAL B 87 -9.28 3.91 -1.46
CA VAL B 87 -8.59 4.76 -0.51
C VAL B 87 -9.57 5.67 0.23
N ASN B 88 -10.59 6.15 -0.48
CA ASN B 88 -11.57 7.03 0.11
C ASN B 88 -12.49 6.27 1.05
N GLU B 89 -13.10 5.19 0.56
CA GLU B 89 -13.99 4.37 1.36
C GLU B 89 -13.26 3.77 2.56
N LEU B 90 -12.02 3.36 2.33
CA LEU B 90 -11.21 2.76 3.38
C LEU B 90 -10.94 3.75 4.51
N PHE B 91 -10.46 4.94 4.16
CA PHE B 91 -10.16 5.97 5.16
C PHE B 91 -11.37 6.87 5.39
N ARG B 92 -12.51 6.52 4.79
CA ARG B 92 -13.73 7.29 4.96
C ARG B 92 -14.28 7.08 6.36
N ASP B 93 -14.29 5.81 6.77
CA ASP B 93 -14.76 5.45 8.10
C ASP B 93 -13.80 5.96 9.16
N GLY B 94 -12.55 6.22 8.73
CA GLY B 94 -11.55 6.73 9.67
C GLY B 94 -10.17 6.19 9.38
N VAL B 95 -9.18 7.09 9.38
CA VAL B 95 -7.80 6.71 9.13
C VAL B 95 -7.20 6.00 10.35
N ASN B 96 -6.12 5.25 10.11
CA ASN B 96 -5.43 4.50 11.16
C ASN B 96 -4.50 3.46 10.56
N TRP B 97 -3.55 2.95 11.38
CA TRP B 97 -2.60 1.94 10.90
C TRP B 97 -3.31 0.88 10.08
N GLY B 98 -4.36 0.29 10.64
CA GLY B 98 -5.11 -0.73 9.93
C GLY B 98 -5.53 -0.27 8.55
N ARG B 99 -5.89 1.02 8.46
CA ARG B 99 -6.29 1.60 7.19
C ARG B 99 -5.08 1.82 6.30
N ILE B 100 -3.95 2.13 6.93
CA ILE B 100 -2.71 2.37 6.19
C ILE B 100 -2.15 1.05 5.66
N VAL B 101 -2.33 -0.02 6.44
CA VAL B 101 -1.86 -1.33 6.03
C VAL B 101 -2.62 -1.76 4.78
N ALA B 102 -3.91 -1.41 4.77
CA ALA B 102 -4.77 -1.71 3.64
C ALA B 102 -4.45 -0.76 2.49
N PHE B 103 -4.08 0.47 2.84
CA PHE B 103 -3.75 1.47 1.84
C PHE B 103 -2.64 0.95 0.94
N PHE B 104 -1.55 0.53 1.58
CA PHE B 104 -0.41 -0.02 0.85
C PHE B 104 -0.74 -1.40 0.30
N SER B 105 -1.70 -2.09 0.95
CA SER B 105 -2.10 -3.41 0.51
C SER B 105 -2.74 -3.38 -0.87
N PHE B 106 -3.86 -2.66 -1.00
CA PHE B 106 -4.55 -2.55 -2.28
C PHE B 106 -3.69 -1.84 -3.31
N GLY B 107 -2.91 -0.85 -2.85
CA GLY B 107 -2.05 -0.12 -3.77
C GLY B 107 -1.15 -1.05 -4.56
N GLY B 108 -0.41 -1.90 -3.85
CA GLY B 108 0.46 -2.85 -4.51
C GLY B 108 -0.32 -3.87 -5.30
N ALA B 109 -1.51 -4.20 -4.81
CA ALA B 109 -2.36 -5.17 -5.49
C ALA B 109 -2.89 -4.61 -6.81
N LEU B 110 -3.07 -3.30 -6.85
CA LEU B 110 -3.57 -2.63 -8.05
C LEU B 110 -2.49 -2.61 -9.12
N CYS B 111 -1.29 -2.20 -8.73
CA CYS B 111 -0.18 -2.14 -9.68
C CYS B 111 0.10 -3.51 -10.27
N VAL B 112 -0.07 -4.56 -9.46
CA VAL B 112 0.14 -5.93 -9.94
C VAL B 112 -0.93 -6.30 -10.96
N GLU B 113 -2.17 -5.95 -10.63
CA GLU B 113 -3.30 -6.24 -11.52
C GLU B 113 -3.14 -5.49 -12.84
N SER B 114 -2.52 -4.32 -12.78
CA SER B 114 -2.30 -3.51 -13.97
C SER B 114 -1.20 -4.13 -14.83
N VAL B 115 -0.22 -4.72 -14.18
CA VAL B 115 0.87 -5.36 -14.89
C VAL B 115 0.38 -6.66 -15.51
N ASP B 116 -0.54 -7.31 -14.81
CA ASP B 116 -1.12 -8.55 -15.29
C ASP B 116 -2.07 -8.28 -16.45
N LYS B 117 -2.67 -7.10 -16.45
CA LYS B 117 -3.60 -6.69 -17.50
C LYS B 117 -2.88 -6.05 -18.68
N GLU B 118 -1.55 -6.08 -18.65
CA GLU B 118 -0.73 -5.49 -19.72
C GLU B 118 -0.71 -3.97 -19.64
N MET B 119 -1.00 -3.47 -18.46
CA MET B 119 -1.00 -2.03 -18.21
C MET B 119 -0.13 -1.70 -17.01
N GLN B 120 1.03 -2.36 -16.93
CA GLN B 120 1.97 -2.17 -15.84
C GLN B 120 2.25 -0.68 -15.59
N VAL B 121 2.06 0.13 -16.62
CA VAL B 121 2.30 1.57 -16.52
C VAL B 121 1.51 2.15 -15.35
N LEU B 122 0.34 1.57 -15.08
CA LEU B 122 -0.49 2.02 -13.97
C LEU B 122 0.23 1.79 -12.64
N VAL B 123 1.29 0.98 -12.66
CA VAL B 123 2.06 0.72 -11.46
C VAL B 123 2.65 2.02 -10.93
N SER B 124 3.28 2.76 -11.84
CA SER B 124 3.89 4.04 -11.50
C SER B 124 2.80 5.09 -11.28
N ARG B 125 1.71 4.97 -12.03
CA ARG B 125 0.60 5.90 -11.90
C ARG B 125 0.00 5.78 -10.51
N ILE B 126 -0.32 4.54 -10.12
CA ILE B 126 -0.84 4.27 -8.80
C ILE B 126 0.21 4.62 -7.78
N ALA B 127 1.47 4.40 -8.14
CA ALA B 127 2.58 4.71 -7.25
C ALA B 127 2.53 6.17 -6.83
N ALA B 128 2.05 7.02 -7.74
CA ALA B 128 1.95 8.45 -7.46
C ALA B 128 0.63 8.80 -6.78
N TRP B 129 -0.40 7.99 -7.02
CA TRP B 129 -1.70 8.24 -6.40
C TRP B 129 -1.64 7.84 -4.94
N MET B 130 -1.08 6.66 -4.70
CA MET B 130 -0.96 6.13 -3.36
C MET B 130 0.09 6.91 -2.57
N ALA B 131 1.26 7.14 -3.17
CA ALA B 131 2.32 7.89 -2.51
C ALA B 131 1.84 9.29 -2.16
N THR B 132 1.10 9.89 -3.09
CA THR B 132 0.57 11.23 -2.89
C THR B 132 -0.51 11.23 -1.81
N TYR B 133 -1.49 10.34 -1.97
CA TYR B 133 -2.57 10.23 -1.00
C TYR B 133 -2.01 9.81 0.36
N LEU B 134 -0.94 9.03 0.34
CA LEU B 134 -0.30 8.56 1.56
C LEU B 134 0.43 9.68 2.26
N ASN B 135 1.10 10.53 1.49
CA ASN B 135 1.86 11.64 2.05
C ASN B 135 0.98 12.84 2.39
N ASP B 136 -0.17 12.95 1.73
CA ASP B 136 -1.07 14.07 1.97
C ASP B 136 -2.25 13.73 2.87
N HIS B 137 -2.71 12.48 2.84
CA HIS B 137 -3.88 12.09 3.64
C HIS B 137 -3.53 11.39 4.96
N LEU B 138 -2.75 10.31 4.91
CA LEU B 138 -2.44 9.57 6.13
C LEU B 138 -1.14 10.03 6.77
N GLU B 139 -0.20 10.51 5.96
CA GLU B 139 1.08 10.98 6.48
C GLU B 139 0.90 11.78 7.77
N PRO B 140 0.06 12.83 7.74
CA PRO B 140 -0.20 13.63 8.94
C PRO B 140 -0.66 12.77 10.09
N TRP B 141 -1.46 11.76 9.78
CA TRP B 141 -1.95 10.83 10.79
C TRP B 141 -0.80 10.01 11.32
N ILE B 142 0.16 9.71 10.44
CA ILE B 142 1.31 8.92 10.83
C ILE B 142 2.04 9.61 11.97
N GLN B 143 2.60 10.77 11.69
CA GLN B 143 3.33 11.53 12.70
C GLN B 143 2.42 11.90 13.87
N GLU B 144 1.11 11.88 13.63
CA GLU B 144 0.13 12.22 14.66
C GLU B 144 0.15 11.24 15.82
N ASN B 145 0.05 9.95 15.50
CA ASN B 145 0.01 8.91 16.53
C ASN B 145 1.37 8.26 16.76
N GLY B 146 2.43 9.00 16.49
CA GLY B 146 3.77 8.48 16.70
C GLY B 146 4.62 8.45 15.44
N GLY B 147 3.99 8.15 14.31
CA GLY B 147 4.72 8.11 13.06
C GLY B 147 5.12 6.70 12.65
N TRP B 148 6.01 6.61 11.67
CA TRP B 148 6.48 5.32 11.17
C TRP B 148 7.23 4.55 12.26
N ASP B 149 7.56 5.23 13.35
CA ASP B 149 8.25 4.58 14.46
C ASP B 149 7.27 3.71 15.20
N THR B 150 6.04 4.19 15.30
CA THR B 150 4.99 3.45 15.96
C THR B 150 4.56 2.28 15.09
N PHE B 151 4.44 2.51 13.78
CA PHE B 151 4.07 1.43 12.88
C PHE B 151 5.07 0.31 13.03
N VAL B 152 6.33 0.68 13.19
CA VAL B 152 7.39 -0.28 13.40
C VAL B 152 7.25 -0.92 14.78
N GLU B 153 6.68 -0.16 15.70
CA GLU B 153 6.48 -0.62 17.06
C GLU B 153 5.55 -1.83 17.10
N LEU B 154 4.42 -1.73 16.42
CA LEU B 154 3.44 -2.81 16.41
C LEU B 154 3.62 -3.76 15.23
N TYR B 155 4.09 -3.24 14.10
CA TYR B 155 4.30 -4.06 12.91
C TYR B 155 5.77 -4.37 12.70
N GLY B 156 6.61 -3.38 12.91
CA GLY B 156 8.05 -3.56 12.74
C GLY B 156 8.63 -4.57 13.71
N GLY A 1 -19.51 -2.17 -10.24
CA GLY A 1 -20.44 -1.58 -9.28
C GLY A 1 -20.23 -2.14 -7.89
N GLY A 2 -19.76 -3.38 -7.80
CA GLY A 2 -19.53 -4.00 -6.51
C GLY A 2 -18.16 -4.63 -6.40
N THR A 3 -17.13 -3.81 -6.53
CA THR A 3 -15.75 -4.30 -6.45
C THR A 3 -14.94 -3.49 -5.44
N MET A 4 -14.76 -2.21 -5.73
CA MET A 4 -13.99 -1.33 -4.86
C MET A 4 -14.64 -1.21 -3.49
N GLU A 5 -15.95 -0.99 -3.46
CA GLU A 5 -16.67 -0.85 -2.20
C GLU A 5 -16.48 -2.08 -1.31
N ASN A 6 -16.72 -3.26 -1.88
CA ASN A 6 -16.56 -4.51 -1.15
C ASN A 6 -15.11 -4.70 -0.76
N LEU A 7 -14.21 -4.22 -1.61
CA LEU A 7 -12.77 -4.34 -1.35
C LEU A 7 -12.40 -3.51 -0.13
N SER A 8 -12.72 -2.23 -0.18
CA SER A 8 -12.43 -1.32 0.93
C SER A 8 -12.95 -1.88 2.24
N ARG A 9 -14.10 -2.56 2.16
CA ARG A 9 -14.71 -3.17 3.33
C ARG A 9 -13.88 -4.36 3.81
N ARG A 10 -13.36 -5.14 2.86
CA ARG A 10 -12.55 -6.31 3.19
C ARG A 10 -11.25 -5.90 3.87
N LEU A 11 -10.48 -5.03 3.22
CA LEU A 11 -9.21 -4.58 3.78
C LEU A 11 -9.46 -3.85 5.10
N LYS A 12 -10.51 -3.02 5.12
CA LYS A 12 -10.86 -2.27 6.32
C LYS A 12 -11.02 -3.20 7.52
N VAL A 13 -11.63 -4.35 7.29
CA VAL A 13 -11.82 -5.33 8.35
C VAL A 13 -10.49 -5.88 8.82
N THR A 14 -9.63 -6.23 7.86
CA THR A 14 -8.31 -6.76 8.18
C THR A 14 -7.45 -5.69 8.85
N GLY A 15 -7.68 -4.43 8.49
CA GLY A 15 -6.94 -3.33 9.06
C GLY A 15 -7.18 -3.18 10.55
N ASP A 16 -8.45 -3.13 10.94
CA ASP A 16 -8.82 -2.99 12.34
C ASP A 16 -8.43 -4.24 13.13
N LEU A 17 -8.45 -5.38 12.46
CA LEU A 17 -8.11 -6.65 13.10
C LEU A 17 -6.61 -6.74 13.35
N PHE A 18 -5.82 -6.11 12.49
CA PHE A 18 -4.37 -6.12 12.62
C PHE A 18 -3.84 -4.77 13.09
N ASP A 19 -4.75 -3.86 13.45
CA ASP A 19 -4.35 -2.54 13.93
C ASP A 19 -3.74 -2.62 15.32
N ILE A 20 -4.54 -3.04 16.30
CA ILE A 20 -4.08 -3.17 17.68
C ILE A 20 -3.57 -1.84 18.22
N MET A 21 -3.53 -1.73 19.54
CA MET A 21 -3.07 -0.52 20.19
C MET A 21 -1.84 -0.80 21.06
N SER A 22 -1.69 -2.04 21.49
CA SER A 22 -0.56 -2.44 22.32
C SER A 22 0.76 -2.18 21.61
N GLY A 23 1.83 -2.02 22.39
CA GLY A 23 3.13 -1.77 21.81
C GLY A 23 3.72 -0.45 22.28
N MET B 1 10.86 12.71 11.86
CA MET B 1 10.36 11.65 11.01
C MET B 1 10.00 12.18 9.62
N SER B 2 9.42 11.32 8.79
CA SER B 2 9.02 11.70 7.43
C SER B 2 10.25 11.86 6.54
N GLN B 3 11.15 10.89 6.59
CA GLN B 3 12.37 10.92 5.78
C GLN B 3 12.02 10.89 4.30
N SER B 4 11.63 9.72 3.82
CA SER B 4 11.27 9.55 2.41
C SER B 4 10.07 8.62 2.27
N ASN B 5 8.88 9.21 2.16
CA ASN B 5 7.65 8.44 2.02
C ASN B 5 7.61 7.72 0.69
N ARG B 6 8.05 8.38 -0.36
CA ARG B 6 8.05 7.79 -1.69
C ARG B 6 8.97 6.58 -1.76
N GLU B 7 10.12 6.67 -1.10
CA GLU B 7 11.07 5.57 -1.08
C GLU B 7 10.40 4.33 -0.49
N LEU B 8 9.51 4.56 0.47
CA LEU B 8 8.78 3.47 1.11
C LEU B 8 7.71 2.94 0.15
N VAL B 9 7.17 3.83 -0.68
CA VAL B 9 6.16 3.45 -1.64
C VAL B 9 6.78 2.65 -2.79
N VAL B 10 7.94 3.12 -3.24
CA VAL B 10 8.67 2.47 -4.32
C VAL B 10 9.19 1.10 -3.91
N ASP B 11 9.65 1.00 -2.66
CA ASP B 11 10.18 -0.25 -2.14
C ASP B 11 9.08 -1.28 -1.92
N PHE B 12 8.10 -0.93 -1.09
CA PHE B 12 6.99 -1.84 -0.80
C PHE B 12 6.33 -2.34 -2.07
N LEU B 13 5.99 -1.40 -2.96
CA LEU B 13 5.36 -1.75 -4.22
C LEU B 13 6.28 -2.61 -5.07
N SER B 14 7.57 -2.27 -5.05
CA SER B 14 8.56 -3.00 -5.83
C SER B 14 8.79 -4.41 -5.27
N TYR B 15 8.69 -4.55 -3.95
CA TYR B 15 8.89 -5.85 -3.33
C TYR B 15 7.65 -6.70 -3.47
N LYS B 16 6.50 -6.09 -3.20
CA LYS B 16 5.22 -6.78 -3.32
C LYS B 16 5.09 -7.40 -4.71
N LEU B 17 5.36 -6.57 -5.72
CA LEU B 17 5.30 -7.02 -7.10
C LEU B 17 6.33 -8.10 -7.35
N SER B 18 7.52 -7.95 -6.75
CA SER B 18 8.59 -8.92 -6.91
C SER B 18 8.14 -10.29 -6.40
N GLN B 19 7.24 -10.29 -5.41
CA GLN B 19 6.72 -11.52 -4.85
C GLN B 19 5.62 -12.09 -5.73
N LYS B 20 4.92 -11.21 -6.42
CA LYS B 20 3.84 -11.62 -7.31
C LYS B 20 4.40 -12.11 -8.64
N GLY B 21 5.66 -11.79 -8.90
CA GLY B 21 6.29 -12.20 -10.14
C GLY B 21 6.46 -11.05 -11.11
N TYR B 22 6.54 -9.84 -10.58
CA TYR B 22 6.71 -8.65 -11.41
C TYR B 22 7.91 -7.82 -10.97
N SER B 23 8.53 -7.13 -11.92
CA SER B 23 9.70 -6.31 -11.63
C SER B 23 9.32 -4.84 -11.57
N TRP B 24 9.83 -4.15 -10.54
CA TRP B 24 9.55 -2.73 -10.35
C TRP B 24 10.17 -1.90 -11.49
N SER B 25 11.46 -2.05 -11.69
CA SER B 25 12.17 -1.31 -12.74
C SER B 25 11.53 -1.52 -14.10
N GLN B 26 10.85 -2.65 -14.27
CA GLN B 26 10.17 -2.96 -15.53
C GLN B 26 9.14 -1.89 -15.88
N PHE B 27 8.59 -1.25 -14.85
CA PHE B 27 7.58 -0.21 -15.05
C PHE B 27 7.79 0.95 -14.09
N SER B 28 9.04 1.37 -13.91
CA SER B 28 9.36 2.48 -13.03
C SER B 28 10.30 3.47 -13.73
N ASP B 29 11.34 2.93 -14.36
CA ASP B 29 12.32 3.75 -15.06
C ASP B 29 13.23 4.46 -14.08
N VAL B 30 13.25 3.99 -12.84
CA VAL B 30 14.07 4.58 -11.80
C VAL B 30 14.74 3.52 -10.95
N GLU B 31 13.96 2.56 -10.46
CA GLU B 31 14.46 1.46 -9.64
C GLU B 31 15.51 1.91 -8.65
N GLU B 32 15.39 3.14 -8.15
CA GLU B 32 16.34 3.66 -7.18
C GLU B 32 15.89 4.99 -6.59
N ASN B 33 15.49 5.92 -7.45
CA ASN B 33 15.04 7.23 -7.00
C ASN B 33 16.09 7.88 -6.11
N ARG B 34 17.08 8.52 -6.75
CA ARG B 34 18.17 9.19 -6.01
C ARG B 34 18.94 8.17 -5.16
N THR B 35 18.34 7.77 -4.06
CA THR B 35 18.96 6.81 -3.16
C THR B 35 17.92 5.87 -2.57
N GLU B 36 18.13 4.57 -2.72
CA GLU B 36 17.20 3.59 -2.18
C GLU B 36 17.67 3.06 -0.84
N ALA B 37 16.81 3.22 0.16
CA ALA B 37 17.10 2.76 1.52
C ALA B 37 18.53 3.06 1.94
N PRO B 38 18.76 4.16 2.67
CA PRO B 38 20.11 4.52 3.14
C PRO B 38 20.72 3.44 4.02
N GLU B 39 19.88 2.52 4.50
CA GLU B 39 20.31 1.42 5.34
C GLU B 39 20.72 1.90 6.73
N GLY B 40 20.11 1.31 7.74
CA GLY B 40 20.41 1.66 9.12
C GLY B 40 19.86 3.01 9.52
N THR B 41 18.67 3.35 9.03
CA THR B 41 18.05 4.63 9.36
C THR B 41 16.63 4.45 9.89
N GLU B 42 15.95 5.58 10.10
CA GLU B 42 14.59 5.57 10.60
C GLU B 42 13.63 5.02 9.56
N SER B 43 13.61 5.66 8.40
CA SER B 43 12.75 5.24 7.31
C SER B 43 13.06 3.79 6.92
N GLU B 44 14.28 3.36 7.25
CA GLU B 44 14.71 2.00 6.96
C GLU B 44 13.91 1.00 7.76
N ALA B 45 13.96 1.11 9.07
CA ALA B 45 13.19 0.21 9.93
C ALA B 45 11.71 0.31 9.60
N VAL B 46 11.30 1.47 9.12
CA VAL B 46 9.92 1.71 8.75
C VAL B 46 9.53 0.87 7.55
N LYS B 47 10.32 0.97 6.48
CA LYS B 47 10.05 0.21 5.27
C LYS B 47 10.00 -1.29 5.56
N GLN B 48 10.82 -1.73 6.51
CA GLN B 48 10.84 -3.14 6.89
C GLN B 48 9.49 -3.54 7.47
N ALA B 49 9.01 -2.74 8.42
CA ALA B 49 7.72 -2.99 9.05
C ALA B 49 6.59 -2.96 8.03
N LEU B 50 6.75 -2.17 6.99
CA LEU B 50 5.74 -2.07 5.94
C LEU B 50 5.72 -3.34 5.10
N ARG B 51 6.89 -3.79 4.69
CA ARG B 51 7.01 -5.01 3.89
C ARG B 51 6.55 -6.21 4.70
N GLU B 52 6.88 -6.22 5.98
CA GLU B 52 6.50 -7.32 6.87
C GLU B 52 4.99 -7.29 7.14
N ALA B 53 4.47 -6.10 7.41
CA ALA B 53 3.06 -5.93 7.70
C ALA B 53 2.23 -6.25 6.46
N GLY B 54 2.58 -5.66 5.33
CA GLY B 54 1.86 -5.90 4.10
C GLY B 54 1.83 -7.37 3.72
N ASP B 55 2.96 -8.04 3.90
CA ASP B 55 3.07 -9.46 3.59
C ASP B 55 2.04 -10.26 4.38
N GLU B 56 2.02 -10.05 5.69
CA GLU B 56 1.09 -10.75 6.56
C GLU B 56 -0.33 -10.22 6.36
N PHE B 57 -0.45 -8.94 5.98
CA PHE B 57 -1.74 -8.33 5.75
C PHE B 57 -2.49 -9.03 4.62
N GLU B 58 -1.79 -9.25 3.51
CA GLU B 58 -2.37 -9.90 2.35
C GLU B 58 -2.59 -11.39 2.61
N LEU B 59 -1.64 -12.01 3.33
CA LEU B 59 -1.73 -13.43 3.64
C LEU B 59 -3.01 -13.74 4.41
N ARG B 60 -3.28 -12.95 5.45
CA ARG B 60 -4.47 -13.14 6.26
C ARG B 60 -5.72 -12.77 5.48
N TYR B 61 -5.60 -11.75 4.64
CA TYR B 61 -6.71 -11.29 3.82
C TYR B 61 -7.10 -12.35 2.79
N ARG B 62 -6.10 -12.97 2.18
CA ARG B 62 -6.34 -14.00 1.17
C ARG B 62 -6.89 -15.26 1.83
N ARG B 63 -6.48 -15.51 3.06
CA ARG B 63 -6.94 -16.68 3.79
C ARG B 63 -8.41 -16.52 4.21
N ALA B 64 -8.81 -15.28 4.44
CA ALA B 64 -10.18 -14.99 4.84
C ALA B 64 -11.05 -14.66 3.63
N PHE B 65 -10.44 -14.11 2.59
CA PHE B 65 -11.17 -13.75 1.38
C PHE B 65 -10.41 -14.22 0.13
N SER B 66 -9.39 -13.46 -0.26
CA SER B 66 -8.60 -13.80 -1.45
C SER B 66 -7.61 -12.67 -1.76
N ASP B 67 -6.81 -12.87 -2.80
CA ASP B 67 -5.83 -11.86 -3.20
C ASP B 67 -6.53 -10.62 -3.75
N LEU B 68 -5.98 -9.45 -3.41
CA LEU B 68 -6.56 -8.18 -3.86
C LEU B 68 -6.63 -8.12 -5.38
N THR B 69 -5.66 -8.75 -6.05
CA THR B 69 -5.62 -8.74 -7.50
C THR B 69 -6.77 -9.57 -8.09
N SER B 70 -7.19 -10.61 -7.37
CA SER B 70 -8.28 -11.47 -7.83
C SER B 70 -9.60 -11.05 -7.20
N GLN B 71 -9.73 -9.76 -6.89
CA GLN B 71 -10.94 -9.24 -6.28
C GLN B 71 -11.35 -7.92 -6.92
N LEU B 72 -10.37 -7.05 -7.12
CA LEU B 72 -10.62 -5.74 -7.73
C LEU B 72 -10.82 -5.87 -9.24
N HIS B 73 -10.91 -4.73 -9.91
CA HIS B 73 -11.10 -4.72 -11.36
C HIS B 73 -10.80 -3.33 -11.94
N ILE B 74 -9.52 -3.06 -12.18
CA ILE B 74 -9.09 -1.79 -12.74
C ILE B 74 -8.99 -1.86 -14.25
N THR B 75 -9.21 -0.71 -14.89
CA THR B 75 -9.15 -0.61 -16.34
C THR B 75 -8.54 0.72 -16.74
N PRO B 76 -8.00 0.82 -17.97
CA PRO B 76 -7.38 2.06 -18.45
C PRO B 76 -8.38 3.21 -18.47
N GLY B 77 -8.68 3.75 -17.29
CA GLY B 77 -9.62 4.85 -17.18
C GLY B 77 -10.31 4.90 -15.83
N THR B 78 -10.33 3.77 -15.12
CA THR B 78 -10.97 3.72 -13.82
C THR B 78 -9.99 3.22 -12.75
N ALA B 79 -8.71 3.23 -13.07
CA ALA B 79 -7.68 2.79 -12.14
C ALA B 79 -7.52 3.78 -10.99
N TYR B 80 -7.38 5.06 -11.33
CA TYR B 80 -7.24 6.11 -10.34
C TYR B 80 -8.54 6.29 -9.56
N GLN B 81 -9.65 5.93 -10.21
CA GLN B 81 -10.96 6.04 -9.58
C GLN B 81 -11.19 4.87 -8.65
N SER B 82 -10.87 3.67 -9.14
CA SER B 82 -11.03 2.47 -8.34
C SER B 82 -10.22 2.57 -7.06
N PHE B 83 -9.00 3.11 -7.19
CA PHE B 83 -8.12 3.28 -6.04
C PHE B 83 -8.72 4.25 -5.05
N GLU B 84 -9.09 5.43 -5.54
CA GLU B 84 -9.69 6.45 -4.70
C GLU B 84 -10.93 5.91 -3.99
N GLN B 85 -11.66 5.05 -4.69
CA GLN B 85 -12.88 4.45 -4.17
C GLN B 85 -12.61 3.60 -2.94
N VAL B 86 -11.63 2.72 -3.03
CA VAL B 86 -11.29 1.84 -1.92
C VAL B 86 -10.58 2.64 -0.84
N VAL B 87 -9.76 3.59 -1.25
CA VAL B 87 -9.02 4.41 -0.33
C VAL B 87 -9.95 5.38 0.39
N ASN B 88 -11.00 5.81 -0.30
CA ASN B 88 -11.96 6.74 0.27
C ASN B 88 -12.83 6.04 1.31
N GLU B 89 -13.51 4.97 0.89
CA GLU B 89 -14.39 4.22 1.78
C GLU B 89 -13.60 3.62 2.94
N LEU B 90 -12.33 3.30 2.67
CA LEU B 90 -11.46 2.71 3.68
C LEU B 90 -11.12 3.72 4.77
N PHE B 91 -10.63 4.89 4.35
CA PHE B 91 -10.27 5.95 5.27
C PHE B 91 -11.45 6.86 5.55
N ARG B 92 -12.62 6.49 5.04
CA ARG B 92 -13.83 7.26 5.25
C ARG B 92 -14.28 7.13 6.69
N ASP B 93 -14.35 5.89 7.15
CA ASP B 93 -14.74 5.60 8.52
C ASP B 93 -13.69 6.16 9.48
N GLY B 94 -12.49 6.40 8.95
CA GLY B 94 -11.42 6.93 9.79
C GLY B 94 -10.07 6.36 9.44
N VAL B 95 -9.06 7.22 9.37
CA VAL B 95 -7.71 6.80 9.05
C VAL B 95 -7.06 6.07 10.23
N ASN B 96 -6.03 5.29 9.95
CA ASN B 96 -5.32 4.52 10.98
C ASN B 96 -4.40 3.49 10.35
N TRP B 97 -3.44 2.97 11.14
CA TRP B 97 -2.50 1.97 10.65
C TRP B 97 -3.22 0.87 9.87
N GLY B 98 -4.24 0.28 10.49
CA GLY B 98 -5.00 -0.77 9.85
C GLY B 98 -5.49 -0.35 8.48
N ARG B 99 -5.89 0.90 8.35
CA ARG B 99 -6.37 1.43 7.09
C ARG B 99 -5.21 1.65 6.13
N ILE B 100 -4.06 2.02 6.68
CA ILE B 100 -2.86 2.25 5.89
C ILE B 100 -2.26 0.94 5.40
N VAL B 101 -2.34 -0.10 6.23
CA VAL B 101 -1.82 -1.40 5.83
C VAL B 101 -2.52 -1.88 4.58
N ALA B 102 -3.81 -1.55 4.50
CA ALA B 102 -4.62 -1.91 3.34
C ALA B 102 -4.36 -0.97 2.19
N PHE B 103 -4.20 0.32 2.51
CA PHE B 103 -3.92 1.32 1.50
C PHE B 103 -2.68 0.94 0.70
N PHE B 104 -1.65 0.54 1.43
CA PHE B 104 -0.39 0.12 0.83
C PHE B 104 -0.56 -1.25 0.15
N SER B 105 -1.37 -2.11 0.77
CA SER B 105 -1.60 -3.44 0.23
C SER B 105 -2.46 -3.37 -1.03
N PHE B 106 -3.30 -2.34 -1.12
CA PHE B 106 -4.17 -2.17 -2.27
C PHE B 106 -3.37 -1.73 -3.49
N GLY B 107 -2.52 -0.73 -3.30
CA GLY B 107 -1.71 -0.25 -4.40
C GLY B 107 -0.85 -1.35 -4.98
N GLY B 108 -0.12 -2.05 -4.11
CA GLY B 108 0.72 -3.13 -4.57
C GLY B 108 -0.06 -4.16 -5.37
N ALA B 109 -1.21 -4.56 -4.83
CA ALA B 109 -2.07 -5.53 -5.51
C ALA B 109 -2.57 -4.97 -6.84
N LEU B 110 -2.98 -3.70 -6.82
CA LEU B 110 -3.48 -3.05 -8.03
C LEU B 110 -2.42 -3.07 -9.13
N CYS B 111 -1.20 -2.71 -8.77
CA CYS B 111 -0.10 -2.70 -9.72
C CYS B 111 0.05 -4.07 -10.37
N VAL B 112 -0.03 -5.10 -9.55
CA VAL B 112 0.08 -6.47 -10.04
C VAL B 112 -1.10 -6.80 -10.96
N GLU B 113 -2.28 -6.30 -10.61
CA GLU B 113 -3.48 -6.53 -11.39
C GLU B 113 -3.40 -5.83 -12.75
N SER B 114 -2.88 -4.60 -12.74
CA SER B 114 -2.74 -3.83 -13.96
C SER B 114 -1.68 -4.44 -14.86
N VAL B 115 -0.64 -5.00 -14.23
CA VAL B 115 0.44 -5.63 -14.97
C VAL B 115 -0.01 -6.96 -15.52
N ASP B 116 -0.88 -7.64 -14.76
CA ASP B 116 -1.39 -8.94 -15.16
C ASP B 116 -2.41 -8.78 -16.28
N LYS B 117 -3.08 -7.63 -16.30
CA LYS B 117 -4.09 -7.36 -17.33
C LYS B 117 -3.42 -6.87 -18.61
N GLU B 118 -2.90 -5.64 -18.56
CA GLU B 118 -2.24 -5.04 -19.71
C GLU B 118 -2.04 -3.54 -19.51
N MET B 119 -1.63 -3.16 -18.30
CA MET B 119 -1.40 -1.76 -17.97
C MET B 119 -0.28 -1.63 -16.95
N GLN B 120 0.91 -2.09 -17.33
CA GLN B 120 2.09 -2.02 -16.46
C GLN B 120 2.33 -0.57 -16.05
N VAL B 121 2.01 0.34 -16.95
CA VAL B 121 2.18 1.77 -16.70
C VAL B 121 1.42 2.19 -15.45
N LEU B 122 0.27 1.57 -15.22
CA LEU B 122 -0.55 1.88 -14.06
C LEU B 122 0.22 1.64 -12.77
N VAL B 123 1.27 0.82 -12.84
CA VAL B 123 2.08 0.54 -11.67
C VAL B 123 2.70 1.84 -11.15
N SER B 124 3.26 2.62 -12.06
CA SER B 124 3.87 3.89 -11.72
C SER B 124 2.80 4.92 -11.40
N ARG B 125 1.65 4.80 -12.06
CA ARG B 125 0.55 5.73 -11.83
C ARG B 125 0.04 5.56 -10.41
N ILE B 126 -0.28 4.32 -10.04
CA ILE B 126 -0.73 4.01 -8.70
C ILE B 126 0.36 4.37 -7.71
N ALA B 127 1.62 4.19 -8.14
CA ALA B 127 2.76 4.51 -7.30
C ALA B 127 2.70 5.96 -6.88
N ALA B 128 2.21 6.81 -7.78
CA ALA B 128 2.10 8.23 -7.50
C ALA B 128 0.81 8.56 -6.75
N TRP B 129 -0.21 7.73 -6.94
CA TRP B 129 -1.48 7.94 -6.25
C TRP B 129 -1.34 7.54 -4.79
N MET B 130 -0.66 6.43 -4.57
CA MET B 130 -0.45 5.93 -3.22
C MET B 130 0.54 6.81 -2.45
N ALA B 131 1.68 7.10 -3.08
CA ALA B 131 2.69 7.94 -2.44
C ALA B 131 2.16 9.34 -2.18
N THR B 132 1.28 9.81 -3.06
CA THR B 132 0.70 11.13 -2.91
C THR B 132 -0.36 11.14 -1.82
N TYR B 133 -1.23 10.14 -1.84
CA TYR B 133 -2.28 10.04 -0.82
C TYR B 133 -1.64 9.73 0.52
N LEU B 134 -0.56 8.96 0.49
CA LEU B 134 0.15 8.60 1.69
C LEU B 134 0.79 9.83 2.32
N ASN B 135 1.39 10.66 1.49
CA ASN B 135 2.07 11.86 1.96
C ASN B 135 1.12 13.04 2.17
N ASP B 136 0.02 13.08 1.42
CA ASP B 136 -0.92 14.18 1.52
C ASP B 136 -2.19 13.85 2.31
N HIS B 137 -2.66 12.60 2.27
CA HIS B 137 -3.90 12.25 2.95
C HIS B 137 -3.71 11.59 4.32
N LEU B 138 -2.81 10.61 4.43
CA LEU B 138 -2.63 9.92 5.70
C LEU B 138 -1.33 10.29 6.41
N GLU B 139 -0.37 10.87 5.68
CA GLU B 139 0.90 11.27 6.27
C GLU B 139 0.68 12.02 7.59
N PRO B 140 -0.21 13.03 7.58
CA PRO B 140 -0.52 13.82 8.77
C PRO B 140 -0.91 12.92 9.93
N TRP B 141 -1.68 11.88 9.62
CA TRP B 141 -2.11 10.94 10.64
C TRP B 141 -0.93 10.16 11.18
N ILE B 142 0.02 9.89 10.29
CA ILE B 142 1.21 9.16 10.67
C ILE B 142 1.94 9.87 11.79
N GLN B 143 2.46 11.06 11.48
CA GLN B 143 3.18 11.86 12.45
C GLN B 143 2.27 12.22 13.63
N GLU B 144 0.96 12.15 13.42
CA GLU B 144 -0.01 12.48 14.46
C GLU B 144 0.08 11.52 15.64
N ASN B 145 0.02 10.23 15.35
CA ASN B 145 0.05 9.22 16.40
C ASN B 145 1.45 8.65 16.62
N GLY B 146 2.46 9.44 16.30
CA GLY B 146 3.83 9.01 16.51
C GLY B 146 4.62 8.90 15.22
N GLY B 147 3.96 8.48 14.14
CA GLY B 147 4.64 8.35 12.87
C GLY B 147 5.01 6.92 12.53
N TRP B 148 5.85 6.77 11.51
CA TRP B 148 6.30 5.45 11.07
C TRP B 148 7.02 4.71 12.19
N ASP B 149 7.44 5.44 13.22
CA ASP B 149 8.12 4.83 14.34
C ASP B 149 7.13 3.99 15.12
N THR B 150 5.93 4.53 15.25
CA THR B 150 4.86 3.84 15.94
C THR B 150 4.46 2.61 15.16
N PHE B 151 4.27 2.77 13.85
CA PHE B 151 3.91 1.63 13.00
C PHE B 151 4.90 0.51 13.24
N VAL B 152 6.16 0.88 13.43
CA VAL B 152 7.21 -0.09 13.68
C VAL B 152 7.07 -0.67 15.07
N GLU B 153 6.50 0.11 15.99
CA GLU B 153 6.31 -0.35 17.37
C GLU B 153 5.28 -1.47 17.43
N LEU B 154 4.20 -1.32 16.69
CA LEU B 154 3.12 -2.30 16.68
C LEU B 154 3.30 -3.35 15.58
N TYR B 155 3.82 -2.94 14.44
CA TYR B 155 4.03 -3.85 13.33
C TYR B 155 5.48 -4.29 13.23
N GLY B 156 6.40 -3.34 13.42
CA GLY B 156 7.81 -3.65 13.34
C GLY B 156 8.30 -4.40 14.56
N GLY A 1 -20.51 -4.20 -9.86
CA GLY A 1 -21.27 -3.99 -8.65
C GLY A 1 -20.70 -4.77 -7.46
N GLY A 2 -19.60 -4.27 -6.92
CA GLY A 2 -18.97 -4.93 -5.78
C GLY A 2 -17.53 -5.32 -6.05
N THR A 3 -16.74 -4.36 -6.56
CA THR A 3 -15.35 -4.60 -6.86
C THR A 3 -14.44 -3.92 -5.83
N MET A 4 -14.35 -2.60 -5.92
CA MET A 4 -13.52 -1.83 -5.00
C MET A 4 -14.18 -1.73 -3.64
N GLU A 5 -15.49 -1.52 -3.63
CA GLU A 5 -16.24 -1.41 -2.38
C GLU A 5 -16.07 -2.66 -1.53
N ASN A 6 -16.28 -3.83 -2.14
CA ASN A 6 -16.14 -5.09 -1.44
C ASN A 6 -14.70 -5.30 -0.98
N LEU A 7 -13.76 -5.03 -1.88
CA LEU A 7 -12.34 -5.18 -1.56
C LEU A 7 -11.96 -4.34 -0.35
N SER A 8 -12.32 -3.06 -0.38
CA SER A 8 -12.02 -2.14 0.70
C SER A 8 -12.60 -2.65 2.02
N ARG A 9 -13.82 -3.18 1.96
CA ARG A 9 -14.49 -3.70 3.14
C ARG A 9 -13.65 -4.77 3.85
N ARG A 10 -13.21 -5.77 3.07
CA ARG A 10 -12.42 -6.85 3.63
C ARG A 10 -11.11 -6.35 4.23
N LEU A 11 -10.33 -5.64 3.42
CA LEU A 11 -9.06 -5.09 3.88
C LEU A 11 -9.27 -4.13 5.05
N LYS A 12 -10.40 -3.44 5.06
CA LYS A 12 -10.72 -2.49 6.12
C LYS A 12 -10.78 -3.19 7.48
N VAL A 13 -11.55 -4.27 7.55
CA VAL A 13 -11.67 -5.01 8.80
C VAL A 13 -10.34 -5.61 9.22
N THR A 14 -9.56 -6.06 8.24
CA THR A 14 -8.25 -6.63 8.51
C THR A 14 -7.35 -5.58 9.15
N GLY A 15 -7.56 -4.32 8.77
CA GLY A 15 -6.77 -3.24 9.32
C GLY A 15 -7.14 -2.93 10.75
N ASP A 16 -8.44 -2.97 11.05
CA ASP A 16 -8.92 -2.69 12.40
C ASP A 16 -8.38 -3.73 13.38
N LEU A 17 -8.25 -4.96 12.90
CA LEU A 17 -7.74 -6.05 13.74
C LEU A 17 -6.22 -5.96 13.88
N PHE A 18 -5.56 -5.52 12.82
CA PHE A 18 -4.10 -5.40 12.82
C PHE A 18 -3.65 -4.07 13.40
N ASP A 19 -4.55 -3.09 13.39
CA ASP A 19 -4.23 -1.76 13.91
C ASP A 19 -3.83 -1.84 15.39
N ILE A 20 -4.74 -2.33 16.22
CA ILE A 20 -4.48 -2.45 17.65
C ILE A 20 -4.18 -1.08 18.26
N MET A 21 -4.31 -0.99 19.58
CA MET A 21 -4.05 0.26 20.28
C MET A 21 -2.73 0.20 21.05
N SER A 22 -2.53 -0.88 21.78
CA SER A 22 -1.31 -1.06 22.56
C SER A 22 -1.15 0.07 23.58
N GLY A 23 0.08 0.27 24.06
CA GLY A 23 0.33 1.31 25.03
C GLY A 23 1.55 2.15 24.68
N MET B 1 6.66 17.14 8.17
CA MET B 1 7.17 15.78 8.06
C MET B 1 7.41 15.41 6.60
N SER B 2 8.38 14.53 6.38
CA SER B 2 8.72 14.07 5.03
C SER B 2 9.86 13.07 5.07
N GLN B 3 9.62 11.92 5.68
CA GLN B 3 10.64 10.88 5.79
C GLN B 3 10.64 9.97 4.56
N SER B 4 10.83 10.58 3.39
CA SER B 4 10.86 9.84 2.13
C SER B 4 9.68 8.87 2.03
N ASN B 5 8.49 9.41 1.80
CA ASN B 5 7.29 8.59 1.68
C ASN B 5 7.30 7.77 0.40
N ARG B 6 7.77 8.39 -0.69
CA ARG B 6 7.82 7.71 -1.98
C ARG B 6 8.73 6.49 -1.94
N GLU B 7 9.85 6.60 -1.23
CA GLU B 7 10.78 5.48 -1.12
C GLU B 7 10.07 4.28 -0.50
N LEU B 8 9.15 4.56 0.41
CA LEU B 8 8.37 3.52 1.06
C LEU B 8 7.34 2.97 0.10
N VAL B 9 6.84 3.83 -0.78
CA VAL B 9 5.85 3.42 -1.76
C VAL B 9 6.49 2.59 -2.86
N VAL B 10 7.68 2.98 -3.27
CA VAL B 10 8.42 2.27 -4.31
C VAL B 10 8.86 0.89 -3.83
N ASP B 11 9.23 0.81 -2.56
CA ASP B 11 9.68 -0.45 -1.99
C ASP B 11 8.54 -1.44 -1.82
N PHE B 12 7.54 -1.07 -1.01
CA PHE B 12 6.39 -1.94 -0.77
C PHE B 12 5.76 -2.38 -2.08
N LEU B 13 5.55 -1.42 -2.98
CA LEU B 13 4.96 -1.71 -4.27
C LEU B 13 5.82 -2.70 -5.06
N SER B 14 7.13 -2.48 -5.02
CA SER B 14 8.06 -3.35 -5.72
C SER B 14 8.16 -4.72 -5.06
N TYR B 15 7.99 -4.75 -3.74
CA TYR B 15 8.07 -6.00 -2.99
C TYR B 15 6.88 -6.89 -3.32
N LYS B 16 5.66 -6.38 -3.09
CA LYS B 16 4.46 -7.13 -3.38
C LYS B 16 4.47 -7.64 -4.82
N LEU B 17 4.71 -6.73 -5.75
CA LEU B 17 4.77 -7.08 -7.17
C LEU B 17 5.83 -8.16 -7.40
N SER B 18 6.90 -8.11 -6.61
CA SER B 18 7.97 -9.08 -6.71
C SER B 18 7.52 -10.45 -6.21
N GLN B 19 6.52 -10.45 -5.33
CA GLN B 19 5.99 -11.68 -4.78
C GLN B 19 5.03 -12.32 -5.78
N LYS B 20 4.39 -11.47 -6.59
CA LYS B 20 3.46 -11.93 -7.60
C LYS B 20 4.20 -12.41 -8.84
N GLY B 21 5.41 -11.90 -9.03
CA GLY B 21 6.21 -12.27 -10.18
C GLY B 21 6.39 -11.11 -11.14
N TYR B 22 6.28 -9.89 -10.63
CA TYR B 22 6.42 -8.70 -11.45
C TYR B 22 7.64 -7.89 -11.04
N SER B 23 8.14 -7.07 -11.98
CA SER B 23 9.31 -6.24 -11.71
C SER B 23 8.95 -4.76 -11.72
N TRP B 24 9.17 -4.10 -10.59
CA TRP B 24 8.86 -2.68 -10.45
C TRP B 24 9.75 -1.85 -11.37
N SER B 25 11.06 -2.09 -11.31
CA SER B 25 12.02 -1.36 -12.13
C SER B 25 11.66 -1.45 -13.62
N GLN B 26 10.95 -2.51 -14.00
CA GLN B 26 10.57 -2.71 -15.39
C GLN B 26 9.56 -1.66 -15.84
N PHE B 27 8.76 -1.16 -14.89
CA PHE B 27 7.75 -0.16 -15.20
C PHE B 27 7.75 0.96 -14.15
N SER B 28 8.92 1.54 -13.91
CA SER B 28 9.05 2.61 -12.94
C SER B 28 10.30 3.45 -13.22
N ASP B 29 10.10 4.75 -13.42
CA ASP B 29 11.22 5.66 -13.69
C ASP B 29 12.12 5.75 -12.47
N VAL B 30 11.54 5.56 -11.30
CA VAL B 30 12.29 5.62 -10.05
C VAL B 30 13.27 4.45 -9.92
N GLU B 31 13.10 3.45 -10.78
CA GLU B 31 13.98 2.28 -10.79
C GLU B 31 14.06 1.65 -9.40
N GLU B 32 12.90 1.32 -8.86
CA GLU B 32 12.79 0.69 -7.54
C GLU B 32 13.65 1.39 -6.49
N ASN B 33 14.02 2.66 -6.74
CA ASN B 33 14.83 3.43 -5.80
C ASN B 33 15.47 4.64 -6.47
N ARG B 34 14.97 5.82 -6.15
CA ARG B 34 15.51 7.06 -6.70
C ARG B 34 16.81 7.43 -5.99
N THR B 35 16.87 7.08 -4.71
CA THR B 35 18.05 7.34 -3.90
C THR B 35 18.22 6.24 -2.85
N GLU B 36 17.13 5.91 -2.16
CA GLU B 36 17.13 4.88 -1.13
C GLU B 36 18.36 4.98 -0.23
N ALA B 37 18.60 3.94 0.56
CA ALA B 37 19.73 3.91 1.46
C ALA B 37 20.41 2.55 1.47
N PRO B 38 21.73 2.53 1.69
CA PRO B 38 22.52 1.30 1.72
C PRO B 38 22.32 0.50 3.00
N GLU B 39 21.94 1.19 4.08
CA GLU B 39 21.72 0.54 5.36
C GLU B 39 20.27 0.65 5.79
N GLY B 40 19.97 0.12 6.98
CA GLY B 40 18.62 0.18 7.50
C GLY B 40 18.31 1.50 8.16
N THR B 41 18.44 2.58 7.41
CA THR B 41 18.19 3.92 7.92
C THR B 41 16.80 4.03 8.56
N GLU B 42 16.48 5.20 9.10
CA GLU B 42 15.19 5.42 9.74
C GLU B 42 14.06 5.12 8.78
N SER B 43 14.05 5.82 7.64
CA SER B 43 13.03 5.61 6.63
C SER B 43 13.03 4.16 6.17
N GLU B 44 14.21 3.54 6.24
CA GLU B 44 14.37 2.14 5.85
C GLU B 44 13.56 1.24 6.77
N ALA B 45 13.78 1.39 8.07
CA ALA B 45 13.04 0.59 9.05
C ALA B 45 11.55 0.79 8.88
N VAL B 46 11.16 2.00 8.47
CA VAL B 46 9.76 2.30 8.25
C VAL B 46 9.20 1.41 7.14
N LYS B 47 9.87 1.41 5.99
CA LYS B 47 9.46 0.58 4.87
C LYS B 47 9.57 -0.89 5.28
N GLN B 48 10.54 -1.18 6.14
CA GLN B 48 10.76 -2.52 6.64
C GLN B 48 9.48 -3.04 7.29
N ALA B 49 8.88 -2.21 8.14
CA ALA B 49 7.65 -2.57 8.82
C ALA B 49 6.53 -2.75 7.81
N LEU B 50 6.52 -1.90 6.79
CA LEU B 50 5.50 -1.98 5.74
C LEU B 50 5.62 -3.30 5.00
N ARG B 51 6.85 -3.75 4.79
CA ARG B 51 7.11 -5.01 4.11
C ARG B 51 6.53 -6.17 4.91
N GLU B 52 6.90 -6.23 6.19
CA GLU B 52 6.42 -7.29 7.07
C GLU B 52 4.90 -7.20 7.23
N ALA B 53 4.40 -5.98 7.37
CA ALA B 53 2.97 -5.74 7.52
C ALA B 53 2.23 -6.15 6.25
N GLY B 54 2.81 -5.83 5.10
CA GLY B 54 2.18 -6.17 3.83
C GLY B 54 1.95 -7.66 3.70
N ASP B 55 2.99 -8.44 3.95
CA ASP B 55 2.90 -9.90 3.87
C ASP B 55 1.86 -10.43 4.84
N GLU B 56 1.82 -9.84 6.04
CA GLU B 56 0.87 -10.25 7.06
C GLU B 56 -0.54 -9.80 6.70
N PHE B 57 -0.63 -8.66 6.02
CA PHE B 57 -1.92 -8.12 5.61
C PHE B 57 -2.52 -8.95 4.49
N GLU B 58 -1.70 -9.27 3.49
CA GLU B 58 -2.13 -10.05 2.34
C GLU B 58 -2.62 -11.42 2.78
N LEU B 59 -1.80 -12.11 3.57
CA LEU B 59 -2.15 -13.45 4.05
C LEU B 59 -3.45 -13.41 4.85
N ARG B 60 -3.55 -12.44 5.76
CA ARG B 60 -4.75 -12.31 6.59
C ARG B 60 -5.97 -12.03 5.72
N TYR B 61 -5.79 -11.19 4.71
CA TYR B 61 -6.87 -10.83 3.80
C TYR B 61 -7.37 -12.05 3.04
N ARG B 62 -6.43 -12.83 2.51
CA ARG B 62 -6.77 -14.03 1.76
C ARG B 62 -7.33 -15.11 2.67
N ARG B 63 -6.73 -15.24 3.85
CA ARG B 63 -7.17 -16.24 4.82
C ARG B 63 -8.61 -15.97 5.26
N ALA B 64 -9.00 -14.69 5.23
CA ALA B 64 -10.33 -14.30 5.64
C ALA B 64 -11.28 -14.16 4.45
N PHE B 65 -10.73 -13.88 3.27
CA PHE B 65 -11.55 -13.72 2.07
C PHE B 65 -11.02 -14.54 0.90
N SER B 66 -10.07 -13.97 0.15
CA SER B 66 -9.49 -14.67 -1.01
C SER B 66 -8.65 -13.70 -1.85
N ASP B 67 -7.39 -13.54 -1.47
CA ASP B 67 -6.48 -12.66 -2.18
C ASP B 67 -7.08 -11.27 -2.36
N LEU B 68 -6.29 -10.35 -2.93
CA LEU B 68 -6.77 -8.99 -3.15
C LEU B 68 -6.75 -8.65 -4.64
N THR B 69 -5.65 -8.99 -5.31
CA THR B 69 -5.51 -8.73 -6.74
C THR B 69 -6.51 -9.54 -7.54
N SER B 70 -6.87 -10.72 -7.03
CA SER B 70 -7.82 -11.58 -7.71
C SER B 70 -9.26 -11.26 -7.29
N GLN B 71 -9.61 -9.98 -7.36
CA GLN B 71 -10.95 -9.54 -6.98
C GLN B 71 -11.32 -8.26 -7.73
N LEU B 72 -10.50 -7.22 -7.56
CA LEU B 72 -10.74 -5.95 -8.22
C LEU B 72 -10.67 -6.10 -9.74
N HIS B 73 -10.73 -4.98 -10.45
CA HIS B 73 -10.69 -5.00 -11.91
C HIS B 73 -10.40 -3.61 -12.46
N ILE B 74 -9.14 -3.19 -12.43
CA ILE B 74 -8.74 -1.89 -12.94
C ILE B 74 -8.51 -1.93 -14.44
N THR B 75 -8.73 -0.80 -15.09
CA THR B 75 -8.52 -0.69 -16.53
C THR B 75 -7.94 0.68 -16.88
N PRO B 76 -7.43 0.84 -18.10
CA PRO B 76 -6.85 2.11 -18.55
C PRO B 76 -7.88 3.22 -18.63
N GLY B 77 -8.41 3.62 -17.48
CA GLY B 77 -9.40 4.67 -17.44
C GLY B 77 -10.10 4.79 -16.09
N THR B 78 -10.15 3.68 -15.33
CA THR B 78 -10.80 3.70 -14.03
C THR B 78 -9.82 3.32 -12.92
N ALA B 79 -8.53 3.25 -13.26
CA ALA B 79 -7.52 2.91 -12.27
C ALA B 79 -7.48 3.96 -11.16
N TYR B 80 -7.47 5.23 -11.56
CA TYR B 80 -7.45 6.33 -10.60
C TYR B 80 -8.71 6.34 -9.74
N GLN B 81 -9.79 5.80 -10.30
CA GLN B 81 -11.06 5.74 -9.59
C GLN B 81 -11.06 4.58 -8.62
N SER B 82 -10.62 3.42 -9.10
CA SER B 82 -10.56 2.23 -8.26
C SER B 82 -9.68 2.48 -7.05
N PHE B 83 -8.56 3.18 -7.27
CA PHE B 83 -7.64 3.51 -6.19
C PHE B 83 -8.30 4.46 -5.20
N GLU B 84 -8.85 5.55 -5.73
CA GLU B 84 -9.52 6.55 -4.90
C GLU B 84 -10.69 5.91 -4.14
N GLN B 85 -11.36 4.98 -4.80
CA GLN B 85 -12.49 4.28 -4.23
C GLN B 85 -12.09 3.38 -3.06
N VAL B 86 -10.91 2.77 -3.17
CA VAL B 86 -10.42 1.89 -2.12
C VAL B 86 -9.89 2.69 -0.95
N VAL B 87 -9.21 3.80 -1.25
CA VAL B 87 -8.65 4.65 -0.23
C VAL B 87 -9.74 5.50 0.42
N ASN B 88 -10.75 5.85 -0.36
CA ASN B 88 -11.83 6.66 0.15
C ASN B 88 -12.72 5.87 1.11
N GLU B 89 -13.26 4.76 0.63
CA GLU B 89 -14.11 3.90 1.43
C GLU B 89 -13.35 3.36 2.64
N LEU B 90 -12.09 3.02 2.42
CA LEU B 90 -11.24 2.48 3.48
C LEU B 90 -10.99 3.51 4.57
N PHE B 91 -10.55 4.70 4.17
CA PHE B 91 -10.26 5.76 5.11
C PHE B 91 -11.49 6.64 5.36
N ARG B 92 -12.63 6.22 4.81
CA ARG B 92 -13.87 6.95 4.98
C ARG B 92 -14.34 6.83 6.42
N ASP B 93 -14.29 5.62 6.93
CA ASP B 93 -14.69 5.35 8.30
C ASP B 93 -13.65 5.91 9.26
N GLY B 94 -12.44 6.16 8.75
CA GLY B 94 -11.38 6.71 9.58
C GLY B 94 -10.00 6.20 9.19
N VAL B 95 -9.01 7.08 9.27
CA VAL B 95 -7.65 6.73 8.93
C VAL B 95 -6.90 6.17 10.14
N ASN B 96 -5.93 5.30 9.88
CA ASN B 96 -5.13 4.68 10.94
C ASN B 96 -4.29 3.53 10.38
N TRP B 97 -3.32 3.07 11.18
CA TRP B 97 -2.44 1.97 10.77
C TRP B 97 -3.20 0.90 9.98
N GLY B 98 -4.30 0.42 10.56
CA GLY B 98 -5.10 -0.59 9.89
C GLY B 98 -5.46 -0.20 8.47
N ARG B 99 -5.88 1.05 8.30
CA ARG B 99 -6.26 1.55 6.99
C ARG B 99 -5.01 1.78 6.13
N ILE B 100 -3.92 2.18 6.77
CA ILE B 100 -2.67 2.43 6.07
C ILE B 100 -2.05 1.13 5.57
N VAL B 101 -2.21 0.06 6.34
CA VAL B 101 -1.68 -1.23 5.95
C VAL B 101 -2.40 -1.69 4.69
N ALA B 102 -3.69 -1.38 4.62
CA ALA B 102 -4.51 -1.73 3.48
C ALA B 102 -4.23 -0.78 2.32
N PHE B 103 -3.96 0.49 2.65
CA PHE B 103 -3.66 1.48 1.63
C PHE B 103 -2.51 1.00 0.78
N PHE B 104 -1.44 0.59 1.46
CA PHE B 104 -0.26 0.08 0.79
C PHE B 104 -0.55 -1.28 0.15
N SER B 105 -1.42 -2.05 0.80
CA SER B 105 -1.79 -3.37 0.29
C SER B 105 -2.48 -3.27 -1.06
N PHE B 106 -3.60 -2.58 -1.11
CA PHE B 106 -4.36 -2.42 -2.34
C PHE B 106 -3.50 -1.75 -3.42
N GLY B 107 -2.66 -0.81 -3.01
CA GLY B 107 -1.80 -0.13 -3.96
C GLY B 107 -0.96 -1.10 -4.78
N GLY B 108 -0.23 -1.96 -4.08
CA GLY B 108 0.60 -2.94 -4.75
C GLY B 108 -0.23 -3.89 -5.58
N ALA B 109 -1.42 -4.22 -5.10
CA ALA B 109 -2.32 -5.12 -5.82
C ALA B 109 -2.75 -4.50 -7.14
N LEU B 110 -3.22 -3.26 -7.09
CA LEU B 110 -3.67 -2.57 -8.29
C LEU B 110 -2.57 -2.59 -9.35
N CYS B 111 -1.34 -2.33 -8.93
CA CYS B 111 -0.21 -2.33 -9.84
C CYS B 111 -0.05 -3.70 -10.49
N VAL B 112 -0.24 -4.75 -9.70
CA VAL B 112 -0.11 -6.12 -10.20
C VAL B 112 -1.21 -6.43 -11.21
N GLU B 113 -2.44 -6.03 -10.88
CA GLU B 113 -3.57 -6.27 -11.77
C GLU B 113 -3.44 -5.48 -13.06
N SER B 114 -2.79 -4.33 -12.99
CA SER B 114 -2.57 -3.49 -14.16
C SER B 114 -1.48 -4.07 -15.05
N VAL B 115 -0.48 -4.66 -14.42
CA VAL B 115 0.62 -5.27 -15.13
C VAL B 115 0.19 -6.59 -15.75
N ASP B 116 -0.67 -7.30 -15.04
CA ASP B 116 -1.18 -8.58 -15.51
C ASP B 116 -2.11 -8.39 -16.69
N LYS B 117 -2.89 -7.31 -16.65
CA LYS B 117 -3.82 -7.00 -17.73
C LYS B 117 -3.07 -6.56 -18.97
N GLU B 118 -2.48 -5.37 -18.90
CA GLU B 118 -1.73 -4.80 -20.03
C GLU B 118 -1.51 -3.31 -19.83
N MET B 119 -1.17 -2.92 -18.61
CA MET B 119 -0.94 -1.52 -18.29
C MET B 119 0.10 -1.39 -17.18
N GLN B 120 1.32 -1.82 -17.46
CA GLN B 120 2.40 -1.75 -16.49
C GLN B 120 2.63 -0.30 -16.07
N VAL B 121 2.39 0.60 -17.01
CA VAL B 121 2.54 2.03 -16.77
C VAL B 121 1.69 2.47 -15.59
N LEU B 122 0.52 1.86 -15.44
CA LEU B 122 -0.38 2.20 -14.35
C LEU B 122 0.31 1.98 -13.00
N VAL B 123 1.34 1.15 -12.98
CA VAL B 123 2.07 0.88 -11.76
C VAL B 123 2.68 2.18 -11.23
N SER B 124 3.28 2.95 -12.13
CA SER B 124 3.89 4.22 -11.78
C SER B 124 2.80 5.25 -11.49
N ARG B 125 1.69 5.15 -12.20
CA ARG B 125 0.58 6.08 -12.00
C ARG B 125 0.02 5.90 -10.60
N ILE B 126 -0.29 4.66 -10.25
CA ILE B 126 -0.78 4.35 -8.92
C ILE B 126 0.31 4.65 -7.91
N ALA B 127 1.55 4.43 -8.33
CA ALA B 127 2.69 4.69 -7.47
C ALA B 127 2.70 6.15 -7.02
N ALA B 128 2.19 7.03 -7.88
CA ALA B 128 2.13 8.44 -7.56
C ALA B 128 0.86 8.78 -6.77
N TRP B 129 -0.21 8.02 -7.00
CA TRP B 129 -1.45 8.25 -6.29
C TRP B 129 -1.30 7.78 -4.86
N MET B 130 -0.59 6.67 -4.70
CA MET B 130 -0.36 6.09 -3.39
C MET B 130 0.63 6.92 -2.60
N ALA B 131 1.79 7.19 -3.17
CA ALA B 131 2.81 7.98 -2.51
C ALA B 131 2.29 9.36 -2.15
N THR B 132 1.39 9.89 -2.98
CA THR B 132 0.82 11.20 -2.77
C THR B 132 -0.24 11.16 -1.65
N TYR B 133 -1.19 10.24 -1.77
CA TYR B 133 -2.23 10.11 -0.76
C TYR B 133 -1.62 9.70 0.57
N LEU B 134 -0.58 8.88 0.49
CA LEU B 134 0.12 8.40 1.66
C LEU B 134 0.79 9.56 2.40
N ASN B 135 1.44 10.42 1.63
CA ASN B 135 2.16 11.56 2.19
C ASN B 135 1.23 12.75 2.49
N ASP B 136 0.10 12.82 1.80
CA ASP B 136 -0.81 13.93 1.98
C ASP B 136 -2.02 13.61 2.88
N HIS B 137 -2.49 12.36 2.85
CA HIS B 137 -3.67 12.00 3.63
C HIS B 137 -3.35 11.30 4.95
N LEU B 138 -2.53 10.26 4.94
CA LEU B 138 -2.22 9.53 6.16
C LEU B 138 -0.95 10.04 6.85
N GLU B 139 0.00 10.54 6.07
CA GLU B 139 1.26 11.04 6.63
C GLU B 139 1.00 11.84 7.91
N PRO B 140 0.09 12.83 7.86
CA PRO B 140 -0.25 13.64 9.02
C PRO B 140 -0.69 12.76 10.18
N TRP B 141 -1.46 11.72 9.85
CA TRP B 141 -1.92 10.78 10.85
C TRP B 141 -0.75 10.00 11.41
N ILE B 142 0.25 9.77 10.57
CA ILE B 142 1.43 9.03 10.99
C ILE B 142 2.07 9.71 12.18
N GLN B 143 2.59 10.91 11.95
CA GLN B 143 3.23 11.68 13.01
C GLN B 143 2.24 12.01 14.12
N GLU B 144 0.95 11.95 13.80
CA GLU B 144 -0.09 12.26 14.77
C GLU B 144 -0.12 11.28 15.94
N ASN B 145 -0.13 9.98 15.63
CA ASN B 145 -0.21 8.97 16.67
C ASN B 145 1.14 8.29 16.94
N GLY B 146 2.22 9.01 16.69
CA GLY B 146 3.54 8.45 16.96
C GLY B 146 4.46 8.44 15.75
N GLY B 147 3.90 8.16 14.58
CA GLY B 147 4.71 8.14 13.38
C GLY B 147 5.11 6.74 12.95
N TRP B 148 6.02 6.66 11.99
CA TRP B 148 6.51 5.38 11.48
C TRP B 148 7.22 4.58 12.57
N ASP B 149 7.55 5.23 13.68
CA ASP B 149 8.22 4.55 14.78
C ASP B 149 7.21 3.68 15.50
N THR B 150 5.98 4.17 15.56
CA THR B 150 4.90 3.44 16.19
C THR B 150 4.49 2.28 15.32
N PHE B 151 4.33 2.53 14.02
CA PHE B 151 3.96 1.46 13.10
C PHE B 151 4.95 0.32 13.25
N VAL B 152 6.21 0.68 13.42
CA VAL B 152 7.27 -0.30 13.60
C VAL B 152 7.14 -0.95 14.98
N GLU B 153 6.60 -0.19 15.94
CA GLU B 153 6.42 -0.70 17.29
C GLU B 153 5.40 -1.83 17.33
N LEU B 154 4.29 -1.64 16.62
CA LEU B 154 3.22 -2.63 16.62
C LEU B 154 3.36 -3.63 15.46
N TYR B 155 3.91 -3.17 14.34
CA TYR B 155 4.08 -4.04 13.17
C TYR B 155 5.53 -4.49 13.05
N GLY B 156 6.46 -3.56 13.21
CA GLY B 156 7.87 -3.88 13.11
C GLY B 156 8.26 -4.32 11.71
N GLY A 1 -20.02 -2.65 -8.84
CA GLY A 1 -20.98 -3.61 -8.33
C GLY A 1 -20.35 -4.61 -7.37
N GLY A 2 -19.86 -4.12 -6.24
CA GLY A 2 -19.23 -4.99 -5.26
C GLY A 2 -17.79 -5.29 -5.60
N THR A 3 -17.14 -4.37 -6.32
CA THR A 3 -15.75 -4.54 -6.71
C THR A 3 -14.83 -3.66 -5.86
N MET A 4 -14.93 -2.36 -6.05
CA MET A 4 -14.11 -1.41 -5.32
C MET A 4 -14.62 -1.24 -3.88
N GLU A 5 -15.92 -1.00 -3.75
CA GLU A 5 -16.53 -0.82 -2.43
C GLU A 5 -16.33 -2.06 -1.57
N ASN A 6 -16.68 -3.22 -2.12
CA ASN A 6 -16.54 -4.47 -1.40
C ASN A 6 -15.08 -4.76 -1.07
N LEU A 7 -14.20 -4.50 -2.03
CA LEU A 7 -12.77 -4.72 -1.83
C LEU A 7 -12.25 -3.87 -0.67
N SER A 8 -12.59 -2.59 -0.69
CA SER A 8 -12.17 -1.67 0.37
C SER A 8 -12.75 -2.11 1.71
N ARG A 9 -13.91 -2.75 1.66
CA ARG A 9 -14.58 -3.23 2.86
C ARG A 9 -13.80 -4.39 3.49
N ARG A 10 -13.43 -5.37 2.68
CA ARG A 10 -12.69 -6.52 3.17
C ARG A 10 -11.37 -6.09 3.80
N LEU A 11 -10.56 -5.36 3.04
CA LEU A 11 -9.27 -4.89 3.54
C LEU A 11 -9.47 -4.02 4.77
N LYS A 12 -10.60 -3.31 4.83
CA LYS A 12 -10.92 -2.47 5.97
C LYS A 12 -10.98 -3.30 7.25
N VAL A 13 -11.64 -4.45 7.15
CA VAL A 13 -11.77 -5.36 8.29
C VAL A 13 -10.40 -5.83 8.75
N THR A 14 -9.59 -6.26 7.79
CA THR A 14 -8.24 -6.73 8.10
C THR A 14 -7.43 -5.63 8.77
N GLY A 15 -7.74 -4.39 8.43
CA GLY A 15 -7.04 -3.25 9.01
C GLY A 15 -7.33 -3.13 10.50
N ASP A 16 -8.60 -3.14 10.85
CA ASP A 16 -9.01 -3.02 12.25
C ASP A 16 -8.40 -4.15 13.08
N LEU A 17 -8.30 -5.34 12.48
CA LEU A 17 -7.74 -6.50 13.15
C LEU A 17 -6.24 -6.32 13.37
N PHE A 18 -5.55 -5.85 12.34
CA PHE A 18 -4.11 -5.64 12.43
C PHE A 18 -3.79 -4.16 12.61
N ASP A 19 -4.68 -3.43 13.28
CA ASP A 19 -4.50 -2.01 13.52
C ASP A 19 -3.56 -1.77 14.70
N ILE A 20 -3.90 -2.36 15.84
CA ILE A 20 -3.09 -2.20 17.05
C ILE A 20 -3.09 -0.75 17.53
N MET A 21 -2.32 0.10 16.87
CA MET A 21 -2.24 1.51 17.22
C MET A 21 -1.70 1.70 18.64
N SER A 22 -2.56 1.54 19.63
CA SER A 22 -2.16 1.71 21.02
C SER A 22 -2.53 0.47 21.84
N GLY A 23 -2.34 0.56 23.15
CA GLY A 23 -2.65 -0.55 24.03
C GLY A 23 -1.41 -1.24 24.56
N MET B 1 7.21 16.69 9.13
CA MET B 1 6.70 15.94 8.00
C MET B 1 7.75 15.84 6.90
N SER B 2 7.40 15.15 5.81
CA SER B 2 8.32 14.98 4.69
C SER B 2 9.59 14.26 5.12
N GLN B 3 9.55 12.92 5.08
CA GLN B 3 10.70 12.11 5.47
C GLN B 3 11.17 11.24 4.30
N SER B 4 10.31 10.33 3.88
CA SER B 4 10.62 9.42 2.78
C SER B 4 9.44 8.51 2.48
N ASN B 5 8.24 9.08 2.53
CA ASN B 5 7.02 8.32 2.27
C ASN B 5 7.05 7.67 0.89
N ARG B 6 7.58 8.40 -0.09
CA ARG B 6 7.68 7.89 -1.45
C ARG B 6 8.60 6.67 -1.51
N GLU B 7 9.69 6.72 -0.76
CA GLU B 7 10.63 5.61 -0.74
C GLU B 7 9.92 4.35 -0.24
N LEU B 8 8.97 4.55 0.67
CA LEU B 8 8.20 3.44 1.20
C LEU B 8 7.19 2.96 0.17
N VAL B 9 6.71 3.89 -0.66
CA VAL B 9 5.76 3.55 -1.70
C VAL B 9 6.45 2.82 -2.84
N VAL B 10 7.64 3.29 -3.18
CA VAL B 10 8.44 2.69 -4.25
C VAL B 10 8.95 1.32 -3.83
N ASP B 11 9.38 1.20 -2.58
CA ASP B 11 9.91 -0.05 -2.06
C ASP B 11 8.81 -1.10 -1.89
N PHE B 12 7.82 -0.78 -1.05
CA PHE B 12 6.72 -1.70 -0.79
C PHE B 12 6.08 -2.16 -2.09
N LEU B 13 5.78 -1.21 -2.97
CA LEU B 13 5.16 -1.52 -4.25
C LEU B 13 6.07 -2.43 -5.09
N SER B 14 7.36 -2.14 -5.05
CA SER B 14 8.34 -2.92 -5.81
C SER B 14 8.60 -4.28 -5.18
N TYR B 15 8.45 -4.37 -3.86
CA TYR B 15 8.67 -5.63 -3.18
C TYR B 15 7.48 -6.55 -3.34
N LYS B 16 6.29 -5.98 -3.20
CA LYS B 16 5.05 -6.73 -3.36
C LYS B 16 4.97 -7.29 -4.76
N LEU B 17 5.23 -6.43 -5.75
CA LEU B 17 5.20 -6.84 -7.14
C LEU B 17 6.30 -7.87 -7.41
N SER B 18 7.43 -7.72 -6.73
CA SER B 18 8.54 -8.64 -6.89
C SER B 18 8.18 -10.02 -6.37
N GLN B 19 7.26 -10.05 -5.40
CA GLN B 19 6.81 -11.30 -4.83
C GLN B 19 5.74 -11.94 -5.72
N LYS B 20 5.02 -11.10 -6.46
CA LYS B 20 3.98 -11.58 -7.36
C LYS B 20 4.59 -12.05 -8.69
N GLY B 21 5.80 -11.58 -8.97
CA GLY B 21 6.47 -11.96 -10.19
C GLY B 21 6.60 -10.80 -11.16
N TYR B 22 6.60 -9.58 -10.63
CA TYR B 22 6.72 -8.39 -11.44
C TYR B 22 7.91 -7.53 -11.00
N SER B 23 8.39 -6.70 -11.91
CA SER B 23 9.53 -5.83 -11.62
C SER B 23 9.12 -4.37 -11.63
N TRP B 24 9.36 -3.70 -10.51
CA TRP B 24 9.03 -2.28 -10.37
C TRP B 24 9.85 -1.42 -11.34
N SER B 25 11.17 -1.48 -11.20
CA SER B 25 12.07 -0.71 -12.06
C SER B 25 11.77 -0.96 -13.53
N GLN B 26 11.17 -2.11 -13.84
CA GLN B 26 10.84 -2.45 -15.22
C GLN B 26 9.86 -1.44 -15.80
N PHE B 27 9.01 -0.88 -14.96
CA PHE B 27 8.03 0.09 -15.41
C PHE B 27 7.84 1.22 -14.39
N SER B 28 8.96 1.74 -13.89
CA SER B 28 8.91 2.83 -12.91
C SER B 28 9.81 3.98 -13.35
N ASP B 29 9.25 5.19 -13.36
CA ASP B 29 9.99 6.37 -13.75
C ASP B 29 11.19 6.58 -12.85
N VAL B 30 10.99 6.24 -11.58
CA VAL B 30 12.05 6.37 -10.57
C VAL B 30 13.08 5.26 -10.71
N GLU B 31 12.63 4.08 -11.12
CA GLU B 31 13.49 2.93 -11.29
C GLU B 31 14.09 2.49 -9.95
N GLU B 32 13.24 1.94 -9.11
CA GLU B 32 13.64 1.46 -7.78
C GLU B 32 14.57 2.44 -7.08
N ASN B 33 14.45 3.71 -7.42
CA ASN B 33 15.29 4.73 -6.82
C ASN B 33 16.71 4.68 -7.37
N ARG B 34 17.59 5.46 -6.78
CA ARG B 34 19.00 5.50 -7.19
C ARG B 34 19.89 5.09 -6.03
N THR B 35 19.59 5.61 -4.85
CA THR B 35 20.36 5.29 -3.65
C THR B 35 19.53 5.55 -2.38
N GLU B 36 18.20 5.49 -2.52
CA GLU B 36 17.31 5.72 -1.39
C GLU B 36 17.78 5.00 -0.14
N ALA B 37 17.99 5.77 0.91
CA ALA B 37 18.44 5.25 2.18
C ALA B 37 19.77 4.49 2.04
N PRO B 38 20.77 4.84 2.87
CA PRO B 38 22.08 4.18 2.83
C PRO B 38 21.97 2.68 3.06
N GLU B 39 21.69 2.29 4.30
CA GLU B 39 21.56 0.88 4.66
C GLU B 39 20.89 0.73 6.03
N GLY B 40 19.78 0.00 6.05
CA GLY B 40 19.06 -0.22 7.30
C GLY B 40 18.83 1.05 8.09
N THR B 41 18.78 2.18 7.38
CA THR B 41 18.56 3.47 8.02
C THR B 41 17.17 3.54 8.65
N GLU B 42 16.77 4.74 9.07
CA GLU B 42 15.46 4.94 9.68
C GLU B 42 14.35 4.58 8.70
N SER B 43 14.35 5.24 7.55
CA SER B 43 13.35 4.97 6.52
C SER B 43 13.40 3.51 6.11
N GLU B 44 14.63 2.97 6.10
CA GLU B 44 14.85 1.58 5.73
C GLU B 44 14.06 0.66 6.66
N ALA B 45 14.22 0.90 7.97
CA ALA B 45 13.52 0.09 8.97
C ALA B 45 12.01 0.17 8.76
N VAL B 46 11.54 1.34 8.35
CA VAL B 46 10.12 1.54 8.09
C VAL B 46 9.62 0.57 7.03
N LYS B 47 10.35 0.47 5.93
CA LYS B 47 9.97 -0.43 4.85
C LYS B 47 9.91 -1.86 5.37
N GLN B 48 10.84 -2.22 6.23
CA GLN B 48 10.88 -3.55 6.81
C GLN B 48 9.56 -3.88 7.49
N ALA B 49 9.08 -2.95 8.32
CA ALA B 49 7.83 -3.16 9.02
C ALA B 49 6.66 -3.24 8.04
N LEU B 50 6.76 -2.48 6.96
CA LEU B 50 5.72 -2.48 5.93
C LEU B 50 5.70 -3.81 5.19
N ARG B 51 6.89 -4.33 4.90
CA ARG B 51 7.02 -5.60 4.21
C ARG B 51 6.44 -6.73 5.06
N GLU B 52 6.79 -6.73 6.35
CA GLU B 52 6.31 -7.75 7.27
C GLU B 52 4.82 -7.58 7.52
N ALA B 53 4.38 -6.32 7.61
CA ALA B 53 2.98 -6.01 7.84
C ALA B 53 2.13 -6.42 6.64
N GLY B 54 2.53 -6.00 5.46
CA GLY B 54 1.80 -6.34 4.25
C GLY B 54 1.70 -7.83 4.05
N ASP B 55 2.79 -8.55 4.34
CA ASP B 55 2.82 -9.99 4.19
C ASP B 55 1.75 -10.64 5.06
N GLU B 56 1.73 -10.26 6.34
CA GLU B 56 0.75 -10.81 7.28
C GLU B 56 -0.65 -10.25 6.99
N PHE B 57 -0.69 -9.02 6.48
CA PHE B 57 -1.95 -8.37 6.16
C PHE B 57 -2.66 -9.09 5.01
N GLU B 58 -1.96 -9.23 3.90
CA GLU B 58 -2.51 -9.90 2.73
C GLU B 58 -2.75 -11.38 2.98
N LEU B 59 -1.81 -12.00 3.70
CA LEU B 59 -1.92 -13.43 4.02
C LEU B 59 -3.19 -13.70 4.79
N ARG B 60 -3.38 -12.98 5.89
CA ARG B 60 -4.57 -13.15 6.73
C ARG B 60 -5.83 -12.85 5.93
N TYR B 61 -5.75 -11.85 5.07
CA TYR B 61 -6.87 -11.45 4.23
C TYR B 61 -7.27 -12.59 3.30
N ARG B 62 -6.29 -13.17 2.63
CA ARG B 62 -6.54 -14.27 1.71
C ARG B 62 -6.99 -15.52 2.46
N ARG B 63 -6.60 -15.62 3.72
CA ARG B 63 -6.96 -16.77 4.55
C ARG B 63 -8.42 -16.69 4.98
N ALA B 64 -8.93 -15.48 5.13
CA ALA B 64 -10.30 -15.27 5.53
C ALA B 64 -11.22 -15.05 4.33
N PHE B 65 -10.95 -14.00 3.58
CA PHE B 65 -11.77 -13.67 2.40
C PHE B 65 -11.14 -14.24 1.13
N SER B 66 -10.11 -13.56 0.63
CA SER B 66 -9.44 -13.99 -0.59
C SER B 66 -8.35 -13.01 -0.98
N ASP B 67 -7.64 -13.32 -2.07
CA ASP B 67 -6.56 -12.46 -2.55
C ASP B 67 -7.10 -11.07 -2.90
N LEU B 68 -6.18 -10.10 -2.97
CA LEU B 68 -6.57 -8.73 -3.29
C LEU B 68 -6.76 -8.55 -4.80
N THR B 69 -5.71 -8.81 -5.56
CA THR B 69 -5.76 -8.68 -7.01
C THR B 69 -6.88 -9.52 -7.60
N SER B 70 -7.18 -10.64 -6.94
CA SER B 70 -8.23 -11.54 -7.41
C SER B 70 -9.59 -11.16 -6.79
N GLN B 71 -9.92 -9.88 -6.86
CA GLN B 71 -11.18 -9.40 -6.32
C GLN B 71 -11.49 -7.98 -6.80
N LEU B 72 -11.00 -7.64 -7.99
CA LEU B 72 -11.22 -6.32 -8.57
C LEU B 72 -10.94 -6.32 -10.07
N HIS B 73 -11.05 -5.14 -10.68
CA HIS B 73 -10.81 -5.01 -12.11
C HIS B 73 -10.51 -3.57 -12.49
N ILE B 74 -9.24 -3.29 -12.77
CA ILE B 74 -8.80 -1.95 -13.15
C ILE B 74 -8.42 -1.90 -14.62
N THR B 75 -8.59 -0.74 -15.23
CA THR B 75 -8.25 -0.57 -16.64
C THR B 75 -7.53 0.76 -16.84
N PRO B 76 -6.93 0.98 -18.02
CA PRO B 76 -6.20 2.22 -18.32
C PRO B 76 -7.14 3.42 -18.41
N GLY B 77 -7.78 3.75 -17.28
CA GLY B 77 -8.68 4.87 -17.25
C GLY B 77 -9.52 4.91 -15.99
N THR B 78 -9.79 3.73 -15.41
CA THR B 78 -10.60 3.66 -14.19
C THR B 78 -9.75 3.25 -12.99
N ALA B 79 -8.43 3.17 -13.18
CA ALA B 79 -7.52 2.81 -12.09
C ALA B 79 -7.51 3.87 -11.01
N TYR B 80 -7.34 5.13 -11.42
CA TYR B 80 -7.31 6.25 -10.49
C TYR B 80 -8.65 6.38 -9.78
N GLN B 81 -9.71 5.93 -10.44
CA GLN B 81 -11.04 6.00 -9.87
C GLN B 81 -11.25 4.84 -8.90
N SER B 82 -10.76 3.68 -9.27
CA SER B 82 -10.87 2.51 -8.43
C SER B 82 -10.05 2.70 -7.17
N PHE B 83 -8.89 3.33 -7.32
CA PHE B 83 -7.99 3.59 -6.20
C PHE B 83 -8.57 4.66 -5.27
N GLU B 84 -9.18 5.67 -5.86
CA GLU B 84 -9.75 6.78 -5.09
C GLU B 84 -10.97 6.30 -4.30
N GLN B 85 -11.72 5.40 -4.90
CA GLN B 85 -12.93 4.87 -4.28
C GLN B 85 -12.60 3.90 -3.15
N VAL B 86 -11.54 3.13 -3.33
CA VAL B 86 -11.12 2.15 -2.33
C VAL B 86 -10.38 2.85 -1.20
N VAL B 87 -9.57 3.86 -1.55
CA VAL B 87 -8.82 4.59 -0.55
C VAL B 87 -9.74 5.51 0.25
N ASN B 88 -10.78 6.00 -0.40
CA ASN B 88 -11.73 6.89 0.25
C ASN B 88 -12.62 6.12 1.23
N GLU B 89 -13.25 5.05 0.74
CA GLU B 89 -14.12 4.24 1.57
C GLU B 89 -13.34 3.59 2.71
N LEU B 90 -12.07 3.29 2.43
CA LEU B 90 -11.21 2.66 3.42
C LEU B 90 -10.90 3.62 4.58
N PHE B 91 -10.53 4.85 4.23
CA PHE B 91 -10.22 5.86 5.24
C PHE B 91 -11.43 6.73 5.55
N ARG B 92 -12.58 6.35 4.99
CA ARG B 92 -13.81 7.09 5.23
C ARG B 92 -14.27 6.85 6.66
N ASP B 93 -14.30 5.59 7.05
CA ASP B 93 -14.68 5.21 8.40
C ASP B 93 -13.68 5.76 9.40
N GLY B 94 -12.49 6.11 8.91
CA GLY B 94 -11.46 6.65 9.79
C GLY B 94 -10.08 6.11 9.49
N VAL B 95 -9.11 7.02 9.34
CA VAL B 95 -7.75 6.63 9.06
C VAL B 95 -7.11 5.92 10.26
N ASN B 96 -6.03 5.19 9.99
CA ASN B 96 -5.31 4.44 11.03
C ASN B 96 -4.35 3.44 10.42
N TRP B 97 -3.41 2.92 11.21
CA TRP B 97 -2.45 1.94 10.72
C TRP B 97 -3.14 0.86 9.92
N GLY B 98 -4.15 0.24 10.52
CA GLY B 98 -4.89 -0.82 9.84
C GLY B 98 -5.40 -0.38 8.48
N ARG B 99 -5.78 0.89 8.39
CA ARG B 99 -6.28 1.45 7.14
C ARG B 99 -5.12 1.66 6.17
N ILE B 100 -3.98 2.08 6.71
CA ILE B 100 -2.79 2.31 5.92
C ILE B 100 -2.20 0.99 5.42
N VAL B 101 -2.32 -0.05 6.24
CA VAL B 101 -1.80 -1.36 5.86
C VAL B 101 -2.52 -1.84 4.61
N ALA B 102 -3.81 -1.50 4.53
CA ALA B 102 -4.62 -1.88 3.38
C ALA B 102 -4.37 -0.93 2.22
N PHE B 103 -4.09 0.33 2.54
CA PHE B 103 -3.82 1.32 1.52
C PHE B 103 -2.63 0.88 0.69
N PHE B 104 -1.57 0.46 1.39
CA PHE B 104 -0.36 0.00 0.74
C PHE B 104 -0.57 -1.37 0.10
N SER B 105 -1.36 -2.22 0.75
CA SER B 105 -1.62 -3.55 0.23
C SER B 105 -2.49 -3.50 -1.02
N PHE B 106 -3.42 -2.55 -1.03
CA PHE B 106 -4.31 -2.36 -2.16
C PHE B 106 -3.54 -1.88 -3.39
N GLY B 107 -2.71 -0.86 -3.19
CA GLY B 107 -1.93 -0.33 -4.30
C GLY B 107 -1.07 -1.41 -4.94
N GLY B 108 -0.27 -2.07 -4.12
CA GLY B 108 0.58 -3.13 -4.64
C GLY B 108 -0.20 -4.12 -5.49
N ALA B 109 -1.36 -4.52 -4.98
CA ALA B 109 -2.21 -5.46 -5.70
C ALA B 109 -2.67 -4.86 -7.03
N LEU B 110 -3.07 -3.59 -6.99
CA LEU B 110 -3.53 -2.91 -8.19
C LEU B 110 -2.48 -2.97 -9.28
N CYS B 111 -1.24 -2.63 -8.92
CA CYS B 111 -0.14 -2.65 -9.87
C CYS B 111 0.00 -4.03 -10.49
N VAL B 112 -0.13 -5.06 -9.66
CA VAL B 112 -0.02 -6.44 -10.12
C VAL B 112 -1.19 -6.78 -11.05
N GLU B 113 -2.37 -6.28 -10.72
CA GLU B 113 -3.56 -6.53 -11.53
C GLU B 113 -3.48 -5.78 -12.86
N SER B 114 -2.96 -4.56 -12.81
CA SER B 114 -2.82 -3.75 -14.02
C SER B 114 -1.75 -4.33 -14.92
N VAL B 115 -0.71 -4.88 -14.31
CA VAL B 115 0.38 -5.48 -15.05
C VAL B 115 -0.05 -6.82 -15.62
N ASP B 116 -0.90 -7.52 -14.87
CA ASP B 116 -1.41 -8.81 -15.29
C ASP B 116 -2.37 -8.66 -16.45
N LYS B 117 -3.06 -7.52 -16.51
CA LYS B 117 -4.01 -7.25 -17.57
C LYS B 117 -3.31 -6.66 -18.80
N GLU B 118 -2.86 -5.41 -18.68
CA GLU B 118 -2.17 -4.73 -19.77
C GLU B 118 -2.03 -3.24 -19.47
N MET B 119 -1.65 -2.92 -18.25
CA MET B 119 -1.47 -1.55 -17.82
C MET B 119 -0.30 -1.44 -16.84
N GLN B 120 0.83 -2.00 -17.21
CA GLN B 120 2.02 -1.96 -16.36
C GLN B 120 2.28 -0.52 -15.94
N VAL B 121 1.84 0.41 -16.78
CA VAL B 121 1.99 1.83 -16.53
C VAL B 121 1.31 2.23 -15.23
N LEU B 122 0.17 1.60 -14.97
CA LEU B 122 -0.60 1.90 -13.78
C LEU B 122 0.22 1.65 -12.51
N VAL B 123 1.30 0.89 -12.63
CA VAL B 123 2.15 0.64 -11.49
C VAL B 123 2.73 1.95 -10.98
N SER B 124 3.29 2.73 -11.90
CA SER B 124 3.85 4.03 -11.57
C SER B 124 2.75 5.05 -11.31
N ARG B 125 1.64 4.93 -12.04
CA ARG B 125 0.52 5.83 -11.89
C ARG B 125 -0.05 5.70 -10.49
N ILE B 126 -0.37 4.47 -10.10
CA ILE B 126 -0.88 4.20 -8.77
C ILE B 126 0.18 4.56 -7.75
N ALA B 127 1.43 4.34 -8.12
CA ALA B 127 2.55 4.65 -7.25
C ALA B 127 2.53 6.12 -6.86
N ALA B 128 2.05 6.95 -7.78
CA ALA B 128 1.97 8.38 -7.54
C ALA B 128 0.69 8.76 -6.80
N TRP B 129 -0.36 7.98 -7.00
CA TRP B 129 -1.63 8.25 -6.33
C TRP B 129 -1.53 7.83 -4.87
N MET B 130 -0.99 6.64 -4.65
CA MET B 130 -0.82 6.11 -3.32
C MET B 130 0.22 6.91 -2.56
N ALA B 131 1.33 7.21 -3.22
CA ALA B 131 2.38 7.99 -2.60
C ALA B 131 1.87 9.39 -2.29
N THR B 132 1.32 10.05 -3.29
CA THR B 132 0.78 11.39 -3.13
C THR B 132 -0.32 11.41 -2.07
N TYR B 133 -1.23 10.44 -2.14
CA TYR B 133 -2.31 10.36 -1.16
C TYR B 133 -1.74 9.97 0.19
N LEU B 134 -0.63 9.26 0.18
CA LEU B 134 0.04 8.83 1.40
C LEU B 134 0.67 10.01 2.13
N ASN B 135 1.38 10.84 1.39
CA ASN B 135 2.04 12.02 1.97
C ASN B 135 1.04 13.11 2.28
N ASP B 136 -0.09 13.08 1.62
CA ASP B 136 -1.12 14.10 1.80
C ASP B 136 -2.25 13.68 2.75
N HIS B 137 -2.70 12.43 2.65
CA HIS B 137 -3.81 11.98 3.48
C HIS B 137 -3.37 11.18 4.72
N LEU B 138 -2.31 10.39 4.59
CA LEU B 138 -1.86 9.58 5.73
C LEU B 138 -0.75 10.27 6.51
N GLU B 139 0.24 10.80 5.81
CA GLU B 139 1.37 11.49 6.43
C GLU B 139 0.95 12.23 7.70
N PRO B 140 -0.07 13.09 7.62
CA PRO B 140 -0.55 13.84 8.78
C PRO B 140 -0.91 12.92 9.94
N TRP B 141 -1.66 11.87 9.63
CA TRP B 141 -2.07 10.89 10.63
C TRP B 141 -0.86 10.12 11.14
N ILE B 142 0.10 9.90 10.25
CA ILE B 142 1.29 9.16 10.61
C ILE B 142 1.98 9.81 11.80
N GLN B 143 2.50 11.01 11.59
CA GLN B 143 3.18 11.74 12.65
C GLN B 143 2.22 12.07 13.79
N GLU B 144 0.92 12.05 13.49
CA GLU B 144 -0.10 12.36 14.49
C GLU B 144 -0.08 11.37 15.65
N ASN B 145 -0.12 10.09 15.34
CA ASN B 145 -0.15 9.05 16.37
C ASN B 145 1.20 8.39 16.61
N GLY B 146 2.27 9.12 16.35
CA GLY B 146 3.61 8.58 16.58
C GLY B 146 4.48 8.56 15.35
N GLY B 147 3.87 8.28 14.19
CA GLY B 147 4.63 8.23 12.96
C GLY B 147 5.04 6.82 12.56
N TRP B 148 5.81 6.73 11.48
CA TRP B 148 6.27 5.44 10.98
C TRP B 148 7.09 4.71 12.03
N ASP B 149 7.57 5.45 13.03
CA ASP B 149 8.36 4.85 14.10
C ASP B 149 7.46 4.04 15.01
N THR B 150 6.22 4.49 15.14
CA THR B 150 5.25 3.80 15.96
C THR B 150 4.80 2.54 15.24
N PHE B 151 4.40 2.69 13.98
CA PHE B 151 3.97 1.54 13.18
C PHE B 151 5.03 0.45 13.26
N VAL B 152 6.28 0.89 13.27
CA VAL B 152 7.41 -0.03 13.36
C VAL B 152 7.53 -0.57 14.78
N GLU B 153 7.11 0.22 15.76
CA GLU B 153 7.20 -0.20 17.15
C GLU B 153 6.13 -1.24 17.47
N LEU B 154 4.97 -1.12 16.84
CA LEU B 154 3.87 -2.05 17.07
C LEU B 154 3.95 -3.24 16.13
N TYR B 155 4.36 -2.99 14.88
CA TYR B 155 4.47 -4.06 13.88
C TYR B 155 5.86 -4.68 13.92
N GLY B 156 6.87 -3.85 14.16
CA GLY B 156 8.23 -4.34 14.21
C GLY B 156 8.76 -4.44 15.63
#